data_9MHH
#
_entry.id   9MHH
#
_cell.length_a   1.00
_cell.length_b   1.00
_cell.length_c   1.00
_cell.angle_alpha   90.00
_cell.angle_beta   90.00
_cell.angle_gamma   90.00
#
_symmetry.space_group_name_H-M   'P 1'
#
loop_
_entity.id
_entity.type
_entity.pdbx_description
1 polymer 'Phosphoinositide 3-kinase regulatory subunit 4'
2 polymer 'Phosphatidylinositol 3-kinase catalytic subunit type 3'
3 polymer 'Beclin 1-associated autophagy-related key regulator'
4 polymer Beclin-1
5 polymer 'Ras-related protein Rab-1A'
6 non-polymer "GUANOSINE-5'-TRIPHOSPHATE"
7 non-polymer 'MAGNESIUM ION'
#
loop_
_entity_poly.entity_id
_entity_poly.type
_entity_poly.pdbx_seq_one_letter_code
_entity_poly.pdbx_strand_id
1 'polypeptide(L)'
;MGNQLAGIAPSQILSVESYFSDIHDFEYDKSLGSTRFFKVARAKHREGLVVVKVFAIQDPTLPLTSYKQELEELKIRLNS
AQNCLPFQKASEKASEKAAMLFRQYVRDNLYDRISTRPFLNNIEKRWIAFQILTAVDQAHKSGVRHGDIKTENVMVTSWN
WVLLTDFASFKPTYLPEDNPADFNYFFDTSRRRTCYIAPERFVDGGMFATELEYMRDPSTPLVDLNSNQRTRGELKRAMD
IFSAGCVIAELFTEGVPLFDLSQLLAYRNGHFFPEQVLNKIEDHSIRELVTQMIHREPDKRLEAEDYLKQQRGNAFPEIF
YTFLQPYMAQFAKETFLSADERILVIRKDLGNIIHNLCGHDLPEKAEGEPKENGLVILVSVITSCLQTLKYCDSKLAALE
LILHLAPRLSVEILLDRITPYLLHFSNDSVPRVRAEALRTLTKVLALVKEVPRNDINIYPEYILPGIAHLAQDDATIVRL
AYAENIALLAETALRFLELVQLKNLNMENDPNNEEIDEVTHPNGNYDTELQALHEMVQQKVVTLLSDPENIVKQTLMENG
ITRLCVFFGRQKANDVLLSHMITFLNDKNDWHLRGAFFDSIVGVAAYVGWQSSSILKPLLQQGLSDAEEFVIVKALYALT
CMCQLGLLQKPHVYEFASDIAPFLCHPNLWIRYGAVGFITVVARQISTADVYCKLMPYLDPYITQPIIQIERKLVLLSVL
KEPVSRSIFDYALRSKDITSLFRHLHMRQKKRNGSLPDCPPPEDPAIAQLLKKLLSQGMTEEEEDKLLALKDFMMKSNKA
KANIVDQSHLHDSSQKGVIDLAALGITGRQVDLVKTKQEPDDKRARKHVKQDSNVNEEWKSMFGSLDPPNMPQALPKGSD
QEVIQTGKPPRSESSAGICVPLSTSSQVPEVTTVQNKKPVIPVLSSTILPSTYQIRITTCKTELQQLIQQKREQCNAERI
AKQMMENAEWESKPPPPGWRPKGLLVAHLHEHKSAVNRIRVSDEHSLFATCSNDGTVKIWNSQKMEGKTTTTRSILTYSR
IGGRVKTLTFCQGSHYLAIASDNGAVQLLGIEASKLPKSPKIHPLQSRILDQKEDGCVVDMHHFNSGAQSVLAYATVNGS
LVGWDLRSSSNAWTLKHDLKSGLITSFAVDIHQCWLCIGTSSGTMACWDMRFQLPISSHCHPSRARIRRLSMHPLYQSWV
IAAVQGNNEVSMWDMETGDRRFTLWASSAPPLSELQPSPHSVHGIYCSPADGNPILLTAGSDMKIRFWDLAYPERSYVVA
GSTSSPSVSYYRKIIEGTEVVQEIQNKQKVGPSDDTPRRGPESLPVGHHDIITDVATFQTTQGFIVTASRDGIVKVWKGT
ENLYFQSGMAAWSHPQFEKGGGARGGSGGGSWSHPQFEKGFDYKDDDDK
;
A
2 'polypeptide(L)'
;MGEAEKFHYIYSCDLDINVQLKIGSLEGKREQKSYKAVLEDPMLKFSGLYQETCSDLYVTCQVFAEGKPLALPVRTSYKA
FSTRWNWNEWLKLPVKYPDLPRNAQVALTIWDVYGPGKAVPVGGTTVSLFGKYGMFRQGMHDLKVWPNVEADGSEPTKTP
GRTSSTLSEDQMSRLAKLTKAHRQGHMVKVDWLDRLTFREIEMINESEKRSSNFMYLMVEFRCVKCDDKEYGIVYYEKDG
DESSPILTSFELVKVPDPQMSMENLVESKHHKLARSLRSGPSDHDLKPNAATRDQLNIIVSYPPTKQLTYEEQDLVWKFR
YYLTNQEKALTKFLKCVNWDLPQEAKQALELLGKWKPMDVEDSLELLSSHYTNPTVRRYAVARLRQADDEDLLMYLLQLV
QALKYENFDDIKNGLEPTKKDSQSSVSENVSNSGINSAEIDSSQIITSPLPSVSSPPPASKTKEVPDGENLEQDLCTFLI
SRACKNSTLANYLYWYVIVECEDQDTQQRDPKTHEMYLNVMRRFSQALLKGDKSVRVMRSLLAAQQTFVDRLVHLMKAVQ
RESGNRKKKNERLQALLGDNEKMNLSDVELIPLPLEPQVKIRGIIPETATLFKSALMPAQLFFKTEDGGKYPVIFKHGDD
LRQDQLILQIISLMDKLLRKENLDLKLTPYKVLATSTKHGFMQFIQSVPVAEVLDTEGSIQNFFRKYAPSENGPNGISAE
VMDTYVKSCAGYCVITYILGVGDRHLDNLLLTKTGKLFHIDFGYILGRDPKPLPPPMKLNKEMVEGMGGTQSEQYQEFRK
QCYTAFLHLRRYSNLILNLFSLMVDANIPDIALEPDKTVKKVQDKFRLDLSDEEAVHYMQSLIDESVHALFAAVVEQIHK
FAQYWRK
;
B
3 'polypeptide(L)'
;MASPSGKGARALEAPGCGPRPLARDLVDSVDDAEGLYVAVERCPLCNTTRRRLTCAKCVQSGDFVYFDGRDRERFIDKKE
RLSRLKSKQEEFQKEVLKAMEGKWITDQLRWKIMSCKMRIEQLKQTICKGNEEMEKNSEGLLKTKEKNQKLYSRAQRHQE
KKEKIQRHNRKLGDLVEKKTIDLRSHYERLANLRRSHILELTSVIFPIEEVKTGVRDPADVSSESDSAMTSSTVSKLAEA
RRTTYLSGRWVCDDHNGDTSISITGPWISLPNNGDYSAYYSWVEEKKTTQGPDMEQSNPAYTISAALCYATQLVNILSHI
LDVNLPKKLCNSEFCGENLSKQKFTRAVKKLNANILYLCFSQHVNLDQLQPLHTLRNLMYLVSPSSEHLGRSGPFEVRAD
LEESMEFVDPGVAGESDESGDERVSDEETDLGTDWENLPSPRFCDIPSQSVEVSQSQSTQASPPIASSSAGGMISSAAAS
VTSWFKAYTGHR
;
C
4 'polypeptide(L)'
;MEGSKTSNNSTMQVSFVCQRCSQPLKLDTSFKILDRVTIQELTAPLLTTAQAKPGETQEEETNSGEEPFIETPRQDGVSR
RFIPPARMMSTESANSFTLIGEASDGGTMENLSRRLKVTGDLFDIMSGQTDVDHPLCEECTDTLLDQLDTQLNVTENECQ
NYKRCLEILEQMNEDDSEQLQMELKELALEEERLIQELEDVEKNRKIVAENLEKVQAEAERLDQEEAQYQREYSEFKRQQ
LELDDELKSVENQMRYAQTQLDKLKKTNVFNATFHIWHSGQFGTINNFRLGRLPSVPVEWNEINAAWGQTVLLLHALANK
MGLKFQRYRLVPYGNHSYLESLTDKSKELPLYCSGGLRFFWDNKFDHAMVAFLDCVQQFKEEVEKGETRFCLPYRMDVEK
GKIEDTGGSGGSYSIKTQFNSEEQWTKALKFMLTNLKWGLAWVSSQFYNK
;
D
5 'polypeptide(L)'
;MKSSHHHHHHENLYFQSNAMGMSSMNPEYDYLFKLLLIGDSGVGKSCLLLRFADDTYTESYISTIGVDFKIRTIELDGKT
IKLQIWDTAGLERFRTITSSYYRGAHGIIVVYDVTDQESFNNVKQWLQEIDRYASENVNKLLVGNKCDLTTKKVVDYTTA
KEFADSLGIPFLETSAKNATNVEQSFMTMAAEIKKRMGPGATAGGAEKSNVKIQSTPVKQSGGGCC
;
E
#
loop_
_chem_comp.id
_chem_comp.type
_chem_comp.name
_chem_comp.formula
GTP non-polymer GUANOSINE-5'-TRIPHOSPHATE 'C10 H16 N5 O14 P3'
MG non-polymer 'MAGNESIUM ION' 'Mg 2'
#
# COMPACT_ATOMS: atom_id res chain seq x y z
N VAL A 16 -44.83 7.46 -23.33
CA VAL A 16 -43.70 8.29 -22.94
C VAL A 16 -42.40 7.74 -23.51
N GLU A 17 -42.28 6.41 -23.51
CA GLU A 17 -41.08 5.77 -24.03
C GLU A 17 -40.82 6.14 -25.48
N SER A 18 -41.88 6.41 -26.24
CA SER A 18 -41.70 6.76 -27.65
C SER A 18 -40.93 8.06 -27.81
N TYR A 19 -40.99 8.95 -26.82
CA TYR A 19 -40.27 10.20 -26.92
C TYR A 19 -38.77 10.03 -26.75
N PHE A 20 -38.33 8.94 -26.14
CA PHE A 20 -36.91 8.70 -25.97
C PHE A 20 -36.23 8.18 -27.23
N SER A 21 -37.02 7.72 -28.21
CA SER A 21 -36.45 7.20 -29.46
C SER A 21 -35.65 8.25 -30.21
N ASP A 22 -35.88 9.53 -29.95
CA ASP A 22 -35.20 10.62 -30.62
C ASP A 22 -34.00 11.15 -29.84
N ILE A 23 -33.80 10.69 -28.61
CA ILE A 23 -32.70 11.10 -27.75
C ILE A 23 -31.73 9.93 -27.67
N HIS A 24 -30.64 10.01 -28.43
CA HIS A 24 -29.68 8.90 -28.48
C HIS A 24 -28.86 8.78 -27.21
N ASP A 25 -28.70 9.85 -26.45
CA ASP A 25 -27.91 9.80 -25.22
C ASP A 25 -28.70 9.25 -24.04
N PHE A 26 -30.01 9.06 -24.20
CA PHE A 26 -30.88 8.55 -23.14
C PHE A 26 -31.59 7.32 -23.68
N GLU A 27 -31.51 6.22 -22.96
CA GLU A 27 -32.17 4.97 -23.34
C GLU A 27 -33.34 4.77 -22.38
N TYR A 28 -34.53 4.61 -22.94
CA TYR A 28 -35.71 4.47 -22.09
C TYR A 28 -35.58 3.23 -21.22
N ASP A 29 -35.97 3.39 -19.96
CA ASP A 29 -35.94 2.30 -19.00
C ASP A 29 -37.32 1.94 -18.50
N LYS A 30 -38.01 2.89 -17.87
CA LYS A 30 -39.31 2.63 -17.26
C LYS A 30 -40.12 3.91 -17.28
N SER A 31 -41.44 3.76 -17.19
CA SER A 31 -42.34 4.90 -17.08
C SER A 31 -42.57 5.17 -15.61
N LEU A 32 -42.44 6.43 -15.19
CA LEU A 32 -42.64 6.83 -13.81
C LEU A 32 -44.00 7.47 -13.53
N GLY A 33 -44.77 7.80 -14.53
CA GLY A 33 -46.06 8.43 -14.32
C GLY A 33 -46.50 9.25 -15.51
N SER A 34 -47.82 9.36 -15.69
CA SER A 34 -48.40 10.11 -16.78
C SER A 34 -49.52 11.01 -16.27
N THR A 35 -49.45 12.29 -16.60
CA THR A 35 -50.52 13.24 -16.27
C THR A 35 -50.75 14.10 -17.50
N ARG A 36 -51.81 14.89 -17.47
CA ARG A 36 -52.07 15.80 -18.57
C ARG A 36 -50.96 16.84 -18.72
N PHE A 37 -50.33 17.23 -17.61
CA PHE A 37 -49.29 18.24 -17.67
C PHE A 37 -47.91 17.67 -18.02
N PHE A 38 -47.41 16.75 -17.20
CA PHE A 38 -46.10 16.14 -17.43
C PHE A 38 -46.13 14.62 -17.35
N LYS A 39 -45.47 13.97 -18.31
CA LYS A 39 -45.26 12.54 -18.31
C LYS A 39 -43.81 12.30 -17.87
N VAL A 40 -43.62 11.54 -16.79
CA VAL A 40 -42.31 11.33 -16.19
C VAL A 40 -41.89 9.88 -16.41
N ALA A 41 -40.67 9.70 -16.90
CA ALA A 41 -40.12 8.38 -17.18
C ALA A 41 -38.64 8.39 -16.80
N ARG A 42 -38.12 7.22 -16.44
CA ARG A 42 -36.72 7.05 -16.13
C ARG A 42 -35.96 6.50 -17.34
N ALA A 43 -34.78 7.07 -17.59
CA ALA A 43 -33.96 6.68 -18.73
C ALA A 43 -32.52 6.54 -18.28
N LYS A 44 -31.76 5.77 -19.04
CA LYS A 44 -30.34 5.54 -18.78
C LYS A 44 -29.54 6.48 -19.65
N HIS A 45 -28.52 7.10 -19.05
CA HIS A 45 -27.64 8.05 -19.71
C HIS A 45 -26.22 7.72 -19.33
N ARG A 46 -25.27 8.28 -20.10
CA ARG A 46 -23.86 8.03 -19.83
C ARG A 46 -23.49 8.40 -18.40
N GLU A 47 -24.22 9.32 -17.77
CA GLU A 47 -23.96 9.72 -16.40
C GLU A 47 -24.71 8.86 -15.38
N GLY A 48 -25.68 8.07 -15.82
CA GLY A 48 -26.45 7.20 -14.94
C GLY A 48 -27.93 7.25 -15.22
N LEU A 49 -28.75 7.13 -14.18
CA LEU A 49 -30.19 7.15 -14.35
C LEU A 49 -30.66 8.58 -14.23
N VAL A 50 -31.63 8.95 -15.07
CA VAL A 50 -32.14 10.31 -15.12
C VAL A 50 -33.66 10.24 -15.19
N VAL A 51 -34.32 11.24 -14.60
CA VAL A 51 -35.77 11.36 -14.66
C VAL A 51 -36.05 12.39 -15.74
N VAL A 52 -36.92 12.06 -16.68
CA VAL A 52 -37.28 12.94 -17.79
C VAL A 52 -38.77 13.23 -17.72
N LYS A 53 -39.11 14.52 -17.60
CA LYS A 53 -40.49 14.96 -17.63
C LYS A 53 -40.71 15.53 -19.02
N VAL A 54 -41.65 14.95 -19.76
CA VAL A 54 -41.90 15.33 -21.15
C VAL A 54 -43.21 16.10 -21.21
N PHE A 55 -43.14 17.34 -21.70
CA PHE A 55 -44.31 18.19 -21.90
C PHE A 55 -44.59 18.17 -23.39
N ALA A 56 -45.74 17.61 -23.76
CA ALA A 56 -46.12 17.53 -25.17
C ALA A 56 -46.57 18.90 -25.65
N ILE A 57 -45.92 19.39 -26.70
CA ILE A 57 -46.25 20.70 -27.25
C ILE A 57 -47.43 20.49 -28.19
N GLN A 58 -48.61 20.93 -27.77
CA GLN A 58 -49.82 20.87 -28.59
C GLN A 58 -49.97 22.11 -29.45
N ASP A 59 -49.68 23.27 -28.87
CA ASP A 59 -49.75 24.55 -29.58
C ASP A 59 -48.32 25.08 -29.68
N PRO A 60 -47.72 25.08 -30.86
CA PRO A 60 -46.34 25.58 -30.99
C PRO A 60 -46.21 27.07 -30.75
N THR A 61 -47.31 27.81 -30.67
CA THR A 61 -47.21 29.25 -30.45
C THR A 61 -46.97 29.59 -29.00
N LEU A 62 -46.90 28.59 -28.12
CA LEU A 62 -46.65 28.84 -26.71
C LEU A 62 -45.21 29.34 -26.55
N PRO A 63 -45.00 30.38 -25.74
CA PRO A 63 -43.64 30.93 -25.60
C PRO A 63 -42.74 30.04 -24.75
N LEU A 64 -42.44 28.83 -25.25
CA LEU A 64 -41.59 27.91 -24.52
C LEU A 64 -40.17 28.44 -24.35
N THR A 65 -39.73 29.34 -25.23
CA THR A 65 -38.40 29.91 -25.08
C THR A 65 -38.31 30.71 -23.79
N SER A 66 -39.37 31.43 -23.44
CA SER A 66 -39.37 32.18 -22.20
C SER A 66 -39.26 31.26 -21.00
N TYR A 67 -39.93 30.10 -21.05
CA TYR A 67 -39.85 29.15 -19.96
C TYR A 67 -38.49 28.47 -19.92
N LYS A 68 -37.91 28.16 -21.09
CA LYS A 68 -36.58 27.58 -21.15
C LYS A 68 -35.56 28.53 -20.54
N GLN A 69 -35.66 29.82 -20.84
CA GLN A 69 -34.75 30.79 -20.25
C GLN A 69 -34.91 30.82 -18.74
N GLU A 70 -36.16 30.72 -18.26
CA GLU A 70 -36.40 30.68 -16.82
C GLU A 70 -35.76 29.46 -16.21
N LEU A 71 -35.85 28.31 -16.89
CA LEU A 71 -35.24 27.09 -16.38
C LEU A 71 -33.73 27.19 -16.36
N GLU A 72 -33.13 27.79 -17.39
CA GLU A 72 -31.68 27.98 -17.41
C GLU A 72 -31.25 28.88 -16.27
N GLU A 73 -32.06 29.90 -15.98
CA GLU A 73 -31.78 30.77 -14.83
C GLU A 73 -31.84 29.97 -13.55
N LEU A 74 -32.83 29.08 -13.43
CA LEU A 74 -32.92 28.23 -12.25
C LEU A 74 -31.68 27.35 -12.11
N LYS A 75 -31.19 26.79 -13.21
CA LYS A 75 -29.99 25.96 -13.15
C LYS A 75 -28.80 26.74 -12.63
N ILE A 76 -28.60 27.96 -13.13
CA ILE A 76 -27.48 28.78 -12.69
C ILE A 76 -27.63 29.19 -11.23
N ARG A 77 -28.86 29.52 -10.81
CA ARG A 77 -29.08 29.94 -9.44
C ARG A 77 -28.94 28.79 -8.46
N LEU A 78 -29.37 27.59 -8.86
CA LEU A 78 -29.32 26.44 -7.97
C LEU A 78 -28.10 25.54 -8.15
N ASN A 79 -27.16 25.89 -9.03
CA ASN A 79 -26.01 25.03 -9.26
C ASN A 79 -25.18 24.80 -8.00
N SER A 80 -25.08 25.80 -7.12
CA SER A 80 -24.27 25.71 -5.91
C SER A 80 -25.00 25.13 -4.70
N ALA A 81 -26.30 24.89 -4.77
CA ALA A 81 -27.00 24.35 -3.62
C ALA A 81 -26.77 22.85 -3.48
N GLN A 82 -26.30 22.43 -2.31
CA GLN A 82 -26.00 21.01 -2.11
C GLN A 82 -27.26 20.18 -1.90
N ASN A 83 -28.29 20.78 -1.30
CA ASN A 83 -29.55 20.10 -1.03
C ASN A 83 -30.63 20.50 -2.01
N CYS A 84 -30.24 21.09 -3.14
CA CYS A 84 -31.17 21.56 -4.15
C CYS A 84 -30.76 20.98 -5.49
N LEU A 85 -31.73 20.43 -6.22
CA LEU A 85 -31.50 19.77 -7.50
C LEU A 85 -32.34 20.45 -8.58
N PRO A 86 -31.81 21.44 -9.27
CA PRO A 86 -32.57 22.08 -10.35
C PRO A 86 -32.54 21.23 -11.60
N PHE A 87 -33.39 21.60 -12.56
CA PHE A 87 -33.39 20.93 -13.85
C PHE A 87 -32.10 21.28 -14.57
N GLN A 88 -31.28 20.26 -14.81
CA GLN A 88 -29.97 20.49 -15.42
C GLN A 88 -30.07 20.73 -16.92
N LYS A 89 -31.10 20.21 -17.57
CA LYS A 89 -31.24 20.40 -19.00
C LYS A 89 -32.69 20.66 -19.36
N ALA A 90 -32.89 21.62 -20.26
CA ALA A 90 -34.20 21.97 -20.79
C ALA A 90 -34.02 22.01 -22.30
N SER A 91 -34.81 21.23 -23.01
CA SER A 91 -34.72 21.16 -24.47
C SER A 91 -36.01 21.71 -25.06
N GLU A 92 -35.89 22.84 -25.76
CA GLU A 92 -37.07 23.45 -26.37
C GLU A 92 -37.61 22.57 -27.49
N LYS A 93 -36.76 22.29 -28.49
CA LYS A 93 -37.18 21.47 -29.61
C LYS A 93 -36.48 20.12 -29.63
N ALA A 94 -36.51 19.40 -28.51
CA ALA A 94 -35.94 18.05 -28.47
C ALA A 94 -36.54 17.20 -29.57
N SER A 95 -37.83 17.37 -29.81
CA SER A 95 -38.55 16.76 -30.91
C SER A 95 -39.58 17.80 -31.35
N GLU A 96 -39.99 17.72 -32.61
CA GLU A 96 -41.01 18.66 -33.06
C GLU A 96 -42.31 18.55 -32.29
N LYS A 97 -42.47 17.50 -31.48
CA LYS A 97 -43.72 17.28 -30.76
C LYS A 97 -43.68 17.64 -29.28
N ALA A 98 -42.50 17.67 -28.65
CA ALA A 98 -42.48 17.89 -27.21
C ALA A 98 -41.18 18.50 -26.73
N ALA A 99 -41.29 19.27 -25.65
CA ALA A 99 -40.16 19.83 -24.93
C ALA A 99 -39.90 18.93 -23.73
N MET A 100 -38.63 18.71 -23.41
CA MET A 100 -38.23 17.76 -22.38
C MET A 100 -37.26 18.41 -21.39
N LEU A 101 -37.44 18.05 -20.12
CA LEU A 101 -36.61 18.51 -19.01
C LEU A 101 -35.87 17.31 -18.44
N PHE A 102 -34.59 17.48 -18.13
CA PHE A 102 -33.74 16.40 -17.66
C PHE A 102 -33.08 16.79 -16.34
N ARG A 103 -33.02 15.82 -15.43
CA ARG A 103 -32.37 15.99 -14.14
C ARG A 103 -31.88 14.62 -13.67
N GLN A 104 -30.97 14.65 -12.69
CA GLN A 104 -30.41 13.42 -12.14
C GLN A 104 -31.50 12.59 -11.46
N TYR A 105 -31.39 11.27 -11.61
CA TYR A 105 -32.26 10.34 -10.92
C TYR A 105 -31.73 10.05 -9.53
N VAL A 106 -32.64 10.06 -8.55
CA VAL A 106 -32.34 9.72 -7.17
C VAL A 106 -33.01 8.38 -6.89
N ARG A 107 -32.33 7.56 -6.09
CA ARG A 107 -32.81 6.21 -5.82
C ARG A 107 -34.28 6.19 -5.42
N ASP A 108 -34.65 6.97 -4.41
CA ASP A 108 -36.01 6.95 -3.90
C ASP A 108 -36.59 8.35 -3.81
N ASN A 109 -37.90 8.43 -4.05
CA ASN A 109 -38.67 9.62 -3.74
C ASN A 109 -39.19 9.45 -2.32
N LEU A 110 -39.46 10.56 -1.65
CA LEU A 110 -39.92 10.48 -0.26
C LEU A 110 -41.19 9.67 -0.14
N TYR A 111 -42.06 9.70 -1.15
CA TYR A 111 -43.31 8.95 -1.09
C TYR A 111 -43.07 7.44 -0.98
N ASP A 112 -42.10 6.93 -1.73
CA ASP A 112 -41.74 5.52 -1.65
C ASP A 112 -40.87 5.20 -0.44
N ARG A 113 -39.91 6.07 -0.13
CA ARG A 113 -38.98 5.82 0.97
C ARG A 113 -39.65 5.50 2.29
N ILE A 114 -40.82 6.10 2.56
CA ILE A 114 -41.51 5.83 3.83
C ILE A 114 -41.92 4.36 3.99
N SER A 115 -42.24 3.67 2.88
CA SER A 115 -42.71 2.28 2.91
C SER A 115 -41.66 1.23 2.54
N THR A 116 -40.43 1.64 2.28
CA THR A 116 -39.34 0.74 1.89
C THR A 116 -38.42 0.49 3.08
N ARG A 117 -38.15 -0.78 3.35
CA ARG A 117 -37.31 -1.14 4.49
C ARG A 117 -35.85 -0.84 4.23
N PRO A 118 -35.07 -0.53 5.27
CA PRO A 118 -35.42 -0.44 6.70
C PRO A 118 -36.34 0.73 7.03
N PHE A 119 -37.31 0.56 7.90
CA PHE A 119 -38.20 1.67 8.23
C PHE A 119 -37.40 2.75 8.93
N LEU A 120 -37.65 4.01 8.57
CA LEU A 120 -36.87 5.11 9.10
C LEU A 120 -37.09 5.22 10.60
N ASN A 121 -35.99 5.21 11.35
CA ASN A 121 -36.05 5.36 12.79
C ASN A 121 -36.30 6.82 13.15
N ASN A 122 -36.55 7.06 14.44
CA ASN A 122 -36.78 8.43 14.90
C ASN A 122 -35.63 9.34 14.50
N ILE A 123 -34.39 8.83 14.64
CA ILE A 123 -33.21 9.62 14.28
C ILE A 123 -33.15 9.84 12.78
N GLU A 124 -33.61 8.88 11.99
CA GLU A 124 -33.65 9.08 10.55
C GLU A 124 -34.76 10.06 10.17
N LYS A 125 -35.91 9.97 10.85
CA LYS A 125 -37.01 10.90 10.61
C LYS A 125 -36.60 12.34 10.93
N ARG A 126 -35.92 12.54 12.05
CA ARG A 126 -35.42 13.87 12.38
C ARG A 126 -34.45 14.34 11.31
N TRP A 127 -33.55 13.46 10.88
CA TRP A 127 -32.57 13.82 9.86
C TRP A 127 -33.22 14.17 8.54
N ILE A 128 -34.24 13.42 8.13
CA ILE A 128 -34.93 13.75 6.88
C ILE A 128 -35.63 15.10 6.98
N ALA A 129 -36.28 15.37 8.11
CA ALA A 129 -36.91 16.68 8.30
C ALA A 129 -35.88 17.81 8.27
N PHE A 130 -34.77 17.63 9.00
CA PHE A 130 -33.69 18.61 9.02
C PHE A 130 -33.19 18.93 7.62
N GLN A 131 -32.99 17.91 6.79
CA GLN A 131 -32.50 18.16 5.44
C GLN A 131 -33.54 18.88 4.60
N ILE A 132 -34.83 18.63 4.81
CA ILE A 132 -35.85 19.35 4.07
C ILE A 132 -35.76 20.85 4.36
N LEU A 133 -35.69 21.20 5.65
CA LEU A 133 -35.55 22.61 6.05
C LEU A 133 -34.29 23.22 5.49
N THR A 134 -33.18 22.48 5.54
CA THR A 134 -31.92 22.98 4.98
C THR A 134 -32.06 23.21 3.49
N ALA A 135 -32.82 22.35 2.80
CA ALA A 135 -33.02 22.57 1.38
C ALA A 135 -33.80 23.85 1.12
N VAL A 136 -34.84 24.12 1.92
CA VAL A 136 -35.60 25.35 1.76
C VAL A 136 -34.74 26.58 2.10
N ASP A 137 -33.99 26.52 3.20
CA ASP A 137 -33.12 27.63 3.57
C ASP A 137 -32.13 27.95 2.47
N GLN A 138 -31.47 26.93 1.94
CA GLN A 138 -30.50 27.09 0.86
C GLN A 138 -31.15 27.65 -0.40
N ALA A 139 -32.33 27.16 -0.75
CA ALA A 139 -33.01 27.67 -1.94
C ALA A 139 -33.37 29.15 -1.80
N HIS A 140 -33.83 29.56 -0.63
CA HIS A 140 -34.17 30.97 -0.43
C HIS A 140 -32.95 31.86 -0.54
N LYS A 141 -31.84 31.49 0.10
CA LYS A 141 -30.61 32.27 -0.01
C LYS A 141 -30.05 32.26 -1.43
N SER A 142 -30.29 31.20 -2.19
CA SER A 142 -29.88 31.11 -3.58
C SER A 142 -30.84 31.78 -4.53
N GLY A 143 -31.93 32.37 -4.04
CA GLY A 143 -32.89 33.04 -4.89
C GLY A 143 -33.86 32.14 -5.62
N VAL A 144 -34.05 30.90 -5.17
CA VAL A 144 -35.00 29.98 -5.79
C VAL A 144 -36.13 29.65 -4.82
N ARG A 145 -37.36 29.65 -5.32
CA ARG A 145 -38.57 29.29 -4.60
C ARG A 145 -39.12 28.04 -5.27
N HIS A 146 -39.59 27.07 -4.50
CA HIS A 146 -40.02 25.84 -5.16
C HIS A 146 -41.39 25.95 -5.81
N GLY A 147 -42.41 26.32 -5.05
CA GLY A 147 -43.76 26.44 -5.57
C GLY A 147 -44.53 25.15 -5.69
N ASP A 148 -43.92 24.01 -5.43
CA ASP A 148 -44.58 22.71 -5.51
C ASP A 148 -43.92 21.77 -4.50
N ILE A 149 -43.79 22.23 -3.26
CA ILE A 149 -43.13 21.45 -2.21
C ILE A 149 -44.10 20.42 -1.66
N LYS A 150 -43.83 19.15 -1.97
CA LYS A 150 -44.67 18.02 -1.54
C LYS A 150 -43.75 16.84 -1.27
N THR A 151 -44.28 15.87 -0.52
CA THR A 151 -43.52 14.67 -0.16
C THR A 151 -43.02 13.91 -1.40
N GLU A 152 -43.68 14.06 -2.53
CA GLU A 152 -43.28 13.44 -3.77
C GLU A 152 -42.11 14.10 -4.45
N ASN A 153 -41.75 15.31 -4.03
CA ASN A 153 -40.60 16.00 -4.61
C ASN A 153 -39.38 16.01 -3.70
N VAL A 154 -39.51 15.65 -2.43
CA VAL A 154 -38.37 15.57 -1.52
C VAL A 154 -37.81 14.17 -1.68
N MET A 155 -36.69 14.08 -2.38
CA MET A 155 -35.99 12.83 -2.65
C MET A 155 -35.03 12.49 -1.52
N VAL A 156 -34.79 11.20 -1.33
CA VAL A 156 -33.84 10.72 -0.32
C VAL A 156 -32.93 9.70 -1.00
N THR A 157 -31.62 9.94 -0.92
CA THR A 157 -30.58 9.09 -1.46
C THR A 157 -30.38 7.85 -0.58
N SER A 158 -29.58 6.91 -1.10
CA SER A 158 -29.30 5.67 -0.38
C SER A 158 -28.64 5.91 0.97
N TRP A 159 -27.99 7.06 1.17
CA TRP A 159 -27.37 7.39 2.45
C TRP A 159 -28.20 8.38 3.25
N ASN A 160 -29.50 8.44 2.99
CA ASN A 160 -30.40 9.35 3.70
C ASN A 160 -30.05 10.81 3.47
N TRP A 161 -29.46 11.13 2.33
CA TRP A 161 -29.20 12.51 1.94
C TRP A 161 -30.44 13.02 1.20
N VAL A 162 -31.03 14.12 1.65
CA VAL A 162 -32.26 14.61 1.04
C VAL A 162 -31.92 15.58 -0.08
N LEU A 163 -32.53 15.40 -1.24
CA LEU A 163 -32.35 16.30 -2.37
C LEU A 163 -33.71 16.73 -2.91
N LEU A 164 -34.06 18.01 -2.76
CA LEU A 164 -35.30 18.50 -3.36
C LEU A 164 -35.09 18.64 -4.86
N THR A 165 -35.95 18.00 -5.66
CA THR A 165 -35.77 17.93 -7.10
C THR A 165 -37.03 18.38 -7.81
N ASP A 166 -36.99 18.38 -9.14
CA ASP A 166 -38.14 18.75 -9.96
C ASP A 166 -38.61 20.19 -9.73
N PHE A 167 -37.69 21.14 -9.88
CA PHE A 167 -38.06 22.56 -9.81
C PHE A 167 -38.92 22.87 -11.03
N ALA A 168 -40.22 23.06 -10.80
CA ALA A 168 -41.21 23.26 -11.86
C ALA A 168 -41.75 24.67 -11.94
N SER A 169 -40.85 25.62 -12.21
CA SER A 169 -41.25 27.02 -12.31
C SER A 169 -42.21 27.26 -13.47
N PHE A 170 -42.40 26.28 -14.33
CA PHE A 170 -43.38 26.39 -15.38
C PHE A 170 -44.79 26.14 -14.87
N LYS A 171 -44.96 25.59 -13.68
CA LYS A 171 -46.31 25.38 -13.22
C LYS A 171 -46.95 26.69 -12.82
N PRO A 172 -48.27 26.80 -12.95
CA PRO A 172 -48.93 28.06 -12.62
C PRO A 172 -48.84 28.32 -11.13
N THR A 173 -48.51 29.56 -10.78
CA THR A 173 -48.40 29.85 -9.37
C THR A 173 -49.77 29.93 -8.71
N TYR A 174 -50.66 30.75 -9.28
CA TYR A 174 -51.98 31.02 -8.70
C TYR A 174 -53.09 30.25 -9.39
N LEU A 175 -54.00 29.73 -8.59
CA LEU A 175 -55.13 28.96 -9.07
C LEU A 175 -56.42 29.64 -8.60
N PRO A 176 -57.48 29.66 -9.40
CA PRO A 176 -58.72 30.26 -8.92
C PRO A 176 -59.41 29.36 -7.90
N GLU A 177 -59.88 29.97 -6.82
CA GLU A 177 -60.54 29.21 -5.77
C GLU A 177 -61.90 28.69 -6.23
N ASP A 178 -62.62 29.49 -7.00
CA ASP A 178 -63.97 29.15 -7.45
C ASP A 178 -64.01 28.17 -8.62
N ASN A 179 -62.94 28.07 -9.40
CA ASN A 179 -62.88 27.15 -10.53
C ASN A 179 -61.59 26.36 -10.43
N PRO A 180 -61.47 25.48 -9.43
CA PRO A 180 -60.22 24.74 -9.25
C PRO A 180 -59.99 23.65 -10.27
N ALA A 181 -61.00 23.30 -11.08
CA ALA A 181 -60.85 22.17 -11.99
C ALA A 181 -59.66 22.38 -12.93
N ASP A 182 -59.34 23.64 -13.22
CA ASP A 182 -58.22 24.03 -14.07
C ASP A 182 -56.87 23.71 -13.44
N PHE A 183 -56.85 23.22 -12.21
CA PHE A 183 -55.64 22.83 -11.51
C PHE A 183 -55.27 21.37 -11.68
N ASN A 184 -56.10 20.59 -12.39
CA ASN A 184 -55.78 19.18 -12.55
C ASN A 184 -54.55 18.98 -13.41
N TYR A 185 -54.35 19.83 -14.42
CA TYR A 185 -53.14 19.70 -15.24
C TYR A 185 -51.96 20.45 -14.67
N PHE A 186 -52.20 21.54 -13.94
CA PHE A 186 -51.12 22.30 -13.34
C PHE A 186 -50.64 21.71 -12.02
N PHE A 187 -51.54 21.27 -11.16
CA PHE A 187 -51.13 20.82 -9.85
C PHE A 187 -51.38 19.34 -9.54
N ASP A 188 -52.38 18.70 -10.14
CA ASP A 188 -52.74 17.32 -9.79
C ASP A 188 -52.29 16.23 -10.79
N THR A 189 -51.10 16.34 -11.39
CA THR A 189 -50.66 15.35 -12.37
C THR A 189 -50.75 13.91 -11.86
N SER A 190 -50.50 13.67 -10.56
CA SER A 190 -50.46 12.33 -9.98
C SER A 190 -51.78 11.74 -9.49
N ARG A 191 -52.91 12.44 -9.61
CA ARG A 191 -54.22 11.93 -9.24
C ARG A 191 -54.34 11.46 -7.79
N ARG A 192 -53.40 11.82 -6.92
CA ARG A 192 -53.49 11.48 -5.51
C ARG A 192 -54.37 12.42 -4.70
N ARG A 193 -54.82 13.52 -5.28
CA ARG A 193 -55.62 14.57 -4.64
C ARG A 193 -54.93 15.22 -3.44
N THR A 194 -53.62 15.08 -3.35
CA THR A 194 -52.83 15.68 -2.27
C THR A 194 -52.42 17.07 -2.72
N CYS A 195 -52.60 18.06 -1.87
CA CYS A 195 -52.30 19.44 -2.24
C CYS A 195 -51.33 20.06 -1.24
N TYR A 196 -50.08 20.25 -1.67
CA TYR A 196 -49.05 20.86 -0.82
C TYR A 196 -48.76 22.29 -1.25
N ILE A 197 -49.71 22.93 -1.96
CA ILE A 197 -49.62 24.32 -2.35
C ILE A 197 -49.90 25.21 -1.15
N ALA A 198 -49.20 26.34 -1.08
CA ALA A 198 -49.46 27.30 -0.01
C ALA A 198 -50.88 27.83 -0.11
N PRO A 199 -51.57 28.06 1.01
CA PRO A 199 -52.97 28.51 0.94
C PRO A 199 -53.15 29.82 0.18
N GLU A 200 -52.21 30.74 0.31
CA GLU A 200 -52.27 32.03 -0.38
C GLU A 200 -52.18 31.91 -1.88
N ARG A 201 -51.80 30.76 -2.43
CA ARG A 201 -51.74 30.60 -3.87
C ARG A 201 -53.09 30.31 -4.51
N PHE A 202 -54.06 29.85 -3.74
CA PHE A 202 -55.44 29.89 -4.19
C PHE A 202 -55.97 31.32 -4.04
N VAL A 203 -56.52 31.87 -5.12
CA VAL A 203 -56.98 33.25 -5.17
C VAL A 203 -58.41 33.29 -5.70
N ASP A 204 -59.15 34.31 -5.28
CA ASP A 204 -60.58 34.37 -5.52
C ASP A 204 -60.86 34.50 -7.02
N GLY A 205 -61.74 33.63 -7.52
CA GLY A 205 -61.91 33.47 -8.96
C GLY A 205 -62.40 34.71 -9.69
N GLY A 206 -62.97 35.68 -8.97
CA GLY A 206 -63.28 36.96 -9.58
C GLY A 206 -62.07 37.70 -10.09
N MET A 207 -60.89 37.44 -9.52
CA MET A 207 -59.65 37.97 -10.07
C MET A 207 -59.17 37.20 -11.29
N PHE A 208 -59.55 35.92 -11.41
CA PHE A 208 -58.86 35.01 -12.31
C PHE A 208 -59.62 34.77 -13.61
N ALA A 209 -60.95 34.77 -13.57
CA ALA A 209 -61.76 34.51 -14.76
C ALA A 209 -61.55 35.57 -15.84
N GLN A 229 -50.40 37.42 -14.49
CA GLN A 229 -49.27 36.53 -14.68
C GLN A 229 -49.14 35.56 -13.50
N ARG A 230 -50.29 35.15 -12.95
CA ARG A 230 -50.29 34.25 -11.80
C ARG A 230 -49.70 32.89 -12.11
N THR A 231 -49.59 32.51 -13.39
CA THR A 231 -48.77 31.36 -13.76
C THR A 231 -47.35 31.45 -13.20
N ARG A 232 -46.83 32.66 -13.00
CA ARG A 232 -45.47 32.83 -12.50
C ARG A 232 -45.37 34.11 -11.68
N GLY A 233 -46.39 34.38 -10.89
CA GLY A 233 -46.28 35.44 -9.90
C GLY A 233 -45.16 35.13 -8.92
N GLU A 234 -44.41 36.16 -8.54
CA GLU A 234 -43.17 35.95 -7.82
C GLU A 234 -43.51 35.37 -6.45
N LEU A 235 -42.98 34.18 -6.17
CA LEU A 235 -43.33 33.46 -4.96
C LEU A 235 -42.70 34.12 -3.75
N LYS A 236 -43.52 34.32 -2.72
CA LYS A 236 -43.03 34.72 -1.41
C LYS A 236 -42.38 33.52 -0.72
N ARG A 237 -41.28 33.80 -0.01
CA ARG A 237 -40.63 32.76 0.76
C ARG A 237 -41.61 32.07 1.70
N ALA A 238 -42.55 32.82 2.26
CA ALA A 238 -43.54 32.19 3.14
C ALA A 238 -44.34 31.12 2.42
N MET A 239 -44.40 31.19 1.08
CA MET A 239 -45.11 30.18 0.30
C MET A 239 -44.39 28.84 0.35
N ASP A 240 -43.06 28.86 0.18
CA ASP A 240 -42.28 27.63 0.23
C ASP A 240 -42.34 27.01 1.61
N ILE A 241 -42.31 27.84 2.65
CA ILE A 241 -42.41 27.32 4.02
C ILE A 241 -43.70 26.54 4.19
N PHE A 242 -44.78 27.01 3.57
CA PHE A 242 -46.04 26.28 3.61
C PHE A 242 -45.92 24.93 2.93
N SER A 243 -45.35 24.91 1.72
CA SER A 243 -45.14 23.68 0.97
C SER A 243 -44.27 22.70 1.74
N ALA A 244 -43.17 23.19 2.31
CA ALA A 244 -42.30 22.33 3.11
C ALA A 244 -43.05 21.75 4.30
N GLY A 245 -43.94 22.51 4.92
CA GLY A 245 -44.70 21.97 6.03
C GLY A 245 -45.58 20.79 5.65
N CYS A 246 -46.21 20.85 4.48
CA CYS A 246 -46.98 19.71 4.00
C CYS A 246 -46.09 18.50 3.70
N VAL A 247 -44.92 18.74 3.10
CA VAL A 247 -43.99 17.63 2.81
C VAL A 247 -43.43 17.05 4.10
N ILE A 248 -43.02 17.93 5.02
CA ILE A 248 -42.51 17.51 6.33
C ILE A 248 -43.59 16.79 7.12
N ALA A 249 -44.85 17.20 6.96
CA ALA A 249 -45.97 16.54 7.62
C ALA A 249 -46.21 15.13 7.11
N GLU A 250 -46.18 14.92 5.78
CA GLU A 250 -46.40 13.58 5.24
C GLU A 250 -45.37 12.60 5.76
N LEU A 251 -44.11 13.04 5.92
CA LEU A 251 -43.08 12.21 6.49
C LEU A 251 -43.40 11.81 7.93
N PHE A 252 -43.95 12.74 8.71
CA PHE A 252 -44.32 12.46 10.10
C PHE A 252 -45.68 11.81 10.25
N THR A 253 -46.47 11.68 9.18
CA THR A 253 -47.77 11.03 9.23
C THR A 253 -47.77 9.65 8.57
N GLU A 254 -46.60 9.00 8.55
CA GLU A 254 -46.44 7.62 8.03
C GLU A 254 -46.91 7.46 6.59
N GLY A 255 -46.84 8.52 5.80
CA GLY A 255 -47.27 8.50 4.43
C GLY A 255 -48.65 9.07 4.26
N VAL A 256 -49.27 9.46 5.36
CA VAL A 256 -50.57 10.10 5.46
C VAL A 256 -50.44 11.53 4.95
N PRO A 257 -51.23 11.94 3.96
CA PRO A 257 -51.11 13.32 3.47
C PRO A 257 -51.60 14.29 4.53
N LEU A 258 -51.05 15.51 4.50
CA LEU A 258 -51.45 16.52 5.47
C LEU A 258 -52.77 17.18 5.08
N PHE A 259 -52.98 17.46 3.80
CA PHE A 259 -54.20 18.11 3.37
C PHE A 259 -54.71 17.44 2.10
N ASP A 260 -56.02 17.25 2.02
CA ASP A 260 -56.68 16.87 0.78
C ASP A 260 -57.25 18.14 0.17
N LEU A 261 -57.64 18.05 -1.10
CA LEU A 261 -58.12 19.25 -1.78
C LEU A 261 -59.28 19.90 -1.01
N SER A 262 -60.21 19.08 -0.52
CA SER A 262 -61.32 19.63 0.24
C SER A 262 -60.87 20.21 1.57
N GLN A 263 -59.95 19.53 2.26
CA GLN A 263 -59.49 20.03 3.55
C GLN A 263 -58.62 21.28 3.40
N LEU A 264 -57.78 21.30 2.36
CA LEU A 264 -56.93 22.45 2.09
C LEU A 264 -57.72 23.69 1.64
N LEU A 265 -58.67 23.51 0.71
CA LEU A 265 -59.47 24.64 0.27
C LEU A 265 -60.30 25.14 1.42
N ALA A 266 -60.80 24.19 2.21
CA ALA A 266 -61.49 24.53 3.44
C ALA A 266 -60.53 25.20 4.39
N TYR A 267 -59.25 24.86 4.33
CA TYR A 267 -58.33 25.58 5.20
C TYR A 267 -58.24 27.05 4.81
N ARG A 268 -58.03 27.33 3.52
CA ARG A 268 -58.00 28.72 3.07
C ARG A 268 -59.28 29.47 3.42
N ASN A 269 -60.43 28.83 3.22
CA ASN A 269 -61.72 29.41 3.53
C ASN A 269 -62.14 29.21 4.97
N GLY A 270 -61.32 28.55 5.78
CA GLY A 270 -61.60 28.34 7.18
C GLY A 270 -62.61 27.23 7.43
N HIS A 271 -62.99 26.48 6.40
CA HIS A 271 -63.90 25.36 6.51
C HIS A 271 -63.21 24.03 6.80
N PHE A 272 -61.89 23.96 6.71
CA PHE A 272 -61.19 22.71 6.95
C PHE A 272 -59.94 22.96 7.79
N PHE A 273 -59.63 21.99 8.62
CA PHE A 273 -58.41 21.99 9.41
C PHE A 273 -57.99 20.53 9.54
N PRO A 274 -56.78 20.16 9.13
CA PRO A 274 -56.36 18.75 9.22
C PRO A 274 -55.94 18.36 10.63
N GLU A 275 -56.82 18.56 11.60
CA GLU A 275 -56.49 18.27 12.98
C GLU A 275 -56.20 16.79 13.19
N GLN A 276 -56.91 15.91 12.48
CA GLN A 276 -56.69 14.48 12.65
C GLN A 276 -55.29 14.10 12.19
N VAL A 277 -54.85 14.63 11.05
CA VAL A 277 -53.54 14.26 10.54
C VAL A 277 -52.46 14.92 11.37
N LEU A 278 -52.66 16.18 11.77
CA LEU A 278 -51.66 16.83 12.60
C LEU A 278 -51.58 16.18 13.98
N ASN A 279 -52.71 15.72 14.50
CA ASN A 279 -52.67 15.02 15.77
C ASN A 279 -51.93 13.71 15.61
N LYS A 280 -51.72 13.28 14.37
CA LYS A 280 -51.00 12.07 14.03
C LYS A 280 -49.49 12.23 14.12
N ILE A 281 -48.96 13.44 14.26
CA ILE A 281 -47.53 13.58 14.46
C ILE A 281 -47.24 13.21 15.92
N GLU A 282 -46.69 12.00 16.12
CA GLU A 282 -46.42 11.50 17.47
C GLU A 282 -45.32 12.28 18.17
N ASP A 283 -44.29 12.73 17.44
CA ASP A 283 -43.17 13.45 18.05
C ASP A 283 -43.56 14.90 18.32
N HIS A 284 -43.61 15.26 19.61
CA HIS A 284 -44.04 16.61 19.96
C HIS A 284 -43.10 17.67 19.38
N SER A 285 -41.79 17.41 19.44
CA SER A 285 -40.83 18.37 18.88
C SER A 285 -40.98 18.53 17.37
N ILE A 286 -41.22 17.42 16.66
CA ILE A 286 -41.39 17.49 15.22
C ILE A 286 -42.75 18.08 14.85
N ARG A 287 -43.76 17.76 15.65
CA ARG A 287 -45.11 18.29 15.44
C ARG A 287 -45.18 19.82 15.48
N GLU A 288 -44.50 20.44 16.44
CA GLU A 288 -44.52 21.90 16.51
C GLU A 288 -43.95 22.52 15.25
N LEU A 289 -42.80 22.03 14.79
CA LEU A 289 -42.19 22.56 13.57
C LEU A 289 -43.13 22.43 12.38
N VAL A 290 -43.74 21.25 12.22
CA VAL A 290 -44.66 21.02 11.11
C VAL A 290 -45.86 21.96 11.16
N THR A 291 -46.50 22.07 12.33
CA THR A 291 -47.70 22.91 12.47
C THR A 291 -47.48 24.36 12.00
N GLN A 292 -46.36 24.96 12.40
CA GLN A 292 -46.06 26.33 12.03
C GLN A 292 -45.76 26.51 10.54
N MET A 293 -45.04 25.58 9.93
CA MET A 293 -44.67 25.74 8.53
C MET A 293 -45.84 25.68 7.54
N ILE A 294 -46.89 24.91 7.82
CA ILE A 294 -47.98 24.84 6.84
C ILE A 294 -49.07 25.86 7.14
N HIS A 295 -48.71 26.89 7.91
CA HIS A 295 -49.68 27.91 8.32
C HIS A 295 -50.34 28.62 7.14
N ARG A 296 -51.64 28.82 7.26
CA ARG A 296 -52.45 29.46 6.23
C ARG A 296 -52.10 30.92 6.00
N GLU A 297 -51.70 31.64 7.05
CA GLU A 297 -51.37 33.06 6.93
C GLU A 297 -49.88 33.25 6.68
N PRO A 298 -49.51 33.83 5.54
CA PRO A 298 -48.07 33.99 5.22
C PRO A 298 -47.29 34.77 6.26
N ASP A 299 -47.90 35.73 6.94
CA ASP A 299 -47.14 36.52 7.90
C ASP A 299 -46.69 35.69 9.09
N LYS A 300 -47.29 34.54 9.34
CA LYS A 300 -46.88 33.67 10.43
C LYS A 300 -45.76 32.69 10.05
N ARG A 301 -45.46 32.54 8.75
CA ARG A 301 -44.39 31.65 8.33
C ARG A 301 -43.04 32.33 8.45
N LEU A 302 -42.09 31.67 9.14
CA LEU A 302 -40.75 32.17 9.37
C LEU A 302 -39.86 31.84 8.17
N GLU A 303 -38.59 32.23 8.25
CA GLU A 303 -37.66 31.85 7.21
C GLU A 303 -37.05 30.49 7.55
N ALA A 304 -36.60 29.78 6.52
CA ALA A 304 -36.05 28.44 6.71
C ALA A 304 -34.94 28.41 7.77
N GLU A 305 -34.06 29.41 7.74
CA GLU A 305 -32.97 29.46 8.71
C GLU A 305 -33.48 29.60 10.13
N ASP A 306 -34.59 30.30 10.32
CA ASP A 306 -35.15 30.49 11.65
C ASP A 306 -35.68 29.18 12.24
N TYR A 307 -36.36 28.37 11.43
CA TYR A 307 -36.84 27.09 11.96
C TYR A 307 -35.68 26.20 12.41
N LEU A 308 -34.61 26.13 11.61
CA LEU A 308 -33.46 25.33 12.00
C LEU A 308 -32.88 25.81 13.32
N LYS A 309 -32.83 27.13 13.51
CA LYS A 309 -32.35 27.70 14.77
C LYS A 309 -33.33 27.46 15.90
N GLN A 310 -34.63 27.58 15.64
CA GLN A 310 -35.61 27.40 16.69
C GLN A 310 -35.61 25.97 17.22
N GLN A 311 -35.49 24.99 16.32
CA GLN A 311 -35.49 23.58 16.69
C GLN A 311 -34.08 23.03 16.95
N ARG A 312 -33.04 23.85 16.81
CA ARG A 312 -31.69 23.37 17.04
C ARG A 312 -31.55 22.96 18.50
N GLY A 313 -31.29 21.68 18.71
CA GLY A 313 -31.18 21.09 20.01
C GLY A 313 -32.48 20.51 20.52
N ASN A 314 -33.59 20.77 19.84
CA ASN A 314 -34.88 20.25 20.22
C ASN A 314 -35.29 19.19 19.21
N ALA A 315 -35.98 19.56 18.12
CA ALA A 315 -36.38 18.59 17.11
C ALA A 315 -35.20 18.03 16.34
N PHE A 316 -34.12 18.81 16.23
CA PHE A 316 -32.93 18.35 15.53
C PHE A 316 -31.80 18.37 16.55
N PRO A 317 -31.17 17.24 16.85
CA PRO A 317 -30.07 17.27 17.82
C PRO A 317 -28.91 18.06 17.25
N GLU A 318 -28.11 18.62 18.16
CA GLU A 318 -26.97 19.44 17.75
C GLU A 318 -26.04 18.70 16.80
N ILE A 319 -25.94 17.38 16.94
CA ILE A 319 -25.02 16.59 16.12
C ILE A 319 -25.30 16.74 14.64
N PHE A 320 -26.56 17.01 14.28
CA PHE A 320 -26.89 17.16 12.86
C PHE A 320 -26.18 18.36 12.24
N TYR A 321 -26.17 19.49 12.94
CA TYR A 321 -25.59 20.70 12.37
C TYR A 321 -24.07 20.68 12.39
N THR A 322 -23.48 20.27 13.52
CA THR A 322 -22.05 20.39 13.70
C THR A 322 -21.24 19.34 12.96
N PHE A 323 -21.75 18.12 12.83
CA PHE A 323 -20.93 17.09 12.20
C PHE A 323 -21.66 16.36 11.09
N LEU A 324 -22.92 15.99 11.32
CA LEU A 324 -23.61 15.20 10.31
C LEU A 324 -23.72 15.98 9.01
N GLN A 325 -24.25 17.20 9.07
CA GLN A 325 -24.34 18.02 7.87
C GLN A 325 -23.00 18.33 7.24
N PRO A 326 -21.98 18.81 7.98
CA PRO A 326 -20.70 19.08 7.31
C PRO A 326 -19.97 17.85 6.82
N TYR A 327 -19.97 16.77 7.60
CA TYR A 327 -19.27 15.55 7.18
C TYR A 327 -19.98 14.92 6.00
N MET A 328 -21.29 14.74 6.12
CA MET A 328 -22.08 14.08 5.08
C MET A 328 -22.04 14.87 3.79
N ALA A 329 -21.88 16.18 3.86
CA ALA A 329 -21.86 16.98 2.64
C ALA A 329 -20.74 16.53 1.72
N GLN A 330 -19.68 15.95 2.25
CA GLN A 330 -18.59 15.51 1.38
C GLN A 330 -19.05 14.44 0.41
N PHE A 331 -19.98 13.57 0.85
CA PHE A 331 -20.45 12.48 0.01
C PHE A 331 -21.48 12.90 -1.03
N ALA A 332 -22.12 14.05 -0.88
CA ALA A 332 -23.08 14.52 -1.86
C ALA A 332 -22.44 15.48 -2.85
N LYS A 333 -21.12 15.63 -2.80
CA LYS A 333 -20.40 16.54 -3.68
C LYS A 333 -20.29 15.98 -5.09
N GLU A 334 -20.04 16.90 -6.03
CA GLU A 334 -19.92 16.56 -7.44
C GLU A 334 -18.78 15.59 -7.67
N THR A 335 -17.74 15.65 -6.85
CA THR A 335 -16.60 14.75 -6.98
C THR A 335 -17.05 13.37 -6.49
N PHE A 336 -17.16 12.45 -7.44
CA PHE A 336 -17.68 11.11 -7.17
C PHE A 336 -16.69 10.26 -6.38
N LEU A 337 -17.12 9.80 -5.21
CA LEU A 337 -16.38 8.84 -4.40
C LEU A 337 -16.97 7.47 -4.72
N SER A 338 -16.16 6.58 -5.27
CA SER A 338 -16.64 5.24 -5.56
C SER A 338 -17.00 4.53 -4.25
N ALA A 339 -17.78 3.46 -4.36
CA ALA A 339 -18.15 2.72 -3.14
C ALA A 339 -16.91 2.28 -2.38
N ASP A 340 -15.85 1.90 -3.10
CA ASP A 340 -14.60 1.52 -2.46
C ASP A 340 -13.99 2.70 -1.73
N GLU A 341 -13.97 3.86 -2.38
CA GLU A 341 -13.39 5.05 -1.77
C GLU A 341 -14.19 5.50 -0.57
N ARG A 342 -15.53 5.40 -0.64
CA ARG A 342 -16.36 5.79 0.48
C ARG A 342 -16.03 4.95 1.72
N ILE A 343 -15.87 3.65 1.54
CA ILE A 343 -15.55 2.78 2.68
C ILE A 343 -14.21 3.16 3.28
N LEU A 344 -13.20 3.41 2.44
CA LEU A 344 -11.91 3.80 2.98
C LEU A 344 -11.98 5.13 3.71
N VAL A 345 -12.74 6.09 3.16
CA VAL A 345 -12.88 7.38 3.82
C VAL A 345 -13.56 7.21 5.17
N ILE A 346 -14.60 6.38 5.22
CA ILE A 346 -15.29 6.16 6.49
C ILE A 346 -14.38 5.44 7.47
N ARG A 347 -13.62 4.45 6.97
CA ARG A 347 -12.67 3.74 7.82
C ARG A 347 -11.63 4.69 8.40
N LYS A 348 -11.08 5.56 7.57
CA LYS A 348 -10.08 6.51 8.04
C LYS A 348 -10.63 7.42 9.11
N ASP A 349 -11.88 7.83 8.98
CA ASP A 349 -12.50 8.74 9.91
C ASP A 349 -13.19 8.03 11.07
N LEU A 350 -13.18 6.70 11.09
CA LEU A 350 -13.95 5.95 12.07
C LEU A 350 -13.69 6.45 13.48
N GLY A 351 -12.43 6.64 13.85
CA GLY A 351 -12.11 7.11 15.18
C GLY A 351 -12.71 8.48 15.46
N ASN A 352 -12.67 9.37 14.47
CA ASN A 352 -13.25 10.70 14.62
C ASN A 352 -14.77 10.64 14.65
N ILE A 353 -15.36 9.75 13.86
CA ILE A 353 -16.82 9.63 13.85
C ILE A 353 -17.31 9.17 15.21
N ILE A 354 -16.68 8.17 15.79
CA ILE A 354 -17.10 7.68 17.11
C ILE A 354 -16.90 8.78 18.16
N HIS A 355 -15.79 9.53 18.08
CA HIS A 355 -15.58 10.61 19.02
C HIS A 355 -16.62 11.71 18.83
N ASN A 356 -16.96 12.02 17.58
CA ASN A 356 -17.93 13.07 17.31
C ASN A 356 -19.36 12.65 17.63
N LEU A 357 -19.70 11.37 17.44
CA LEU A 357 -21.05 10.88 17.67
C LEU A 357 -21.30 10.40 19.10
N CYS A 358 -20.34 9.70 19.69
CA CYS A 358 -20.49 9.18 21.05
C CYS A 358 -19.82 10.06 22.10
N GLY A 359 -18.96 10.99 21.69
CA GLY A 359 -18.10 11.65 22.64
C GLY A 359 -17.15 10.66 23.29
N HIS A 360 -16.69 11.00 24.50
CA HIS A 360 -15.96 10.05 25.31
C HIS A 360 -16.87 9.04 25.98
N ASP A 361 -18.18 9.25 25.95
CA ASP A 361 -19.13 8.47 26.74
C ASP A 361 -19.08 7.00 26.38
N PRO A 370 -28.26 9.44 24.96
CA PRO A 370 -28.88 9.62 23.64
C PRO A 370 -27.85 9.66 22.52
N LYS A 371 -26.58 9.41 22.87
CA LYS A 371 -25.53 9.43 21.85
C LYS A 371 -25.75 8.38 20.78
N GLU A 372 -26.48 7.31 21.08
CA GLU A 372 -26.75 6.30 20.08
C GLU A 372 -27.67 6.84 19.00
N ASN A 373 -28.35 7.95 19.28
CA ASN A 373 -29.30 8.48 18.30
C ASN A 373 -28.58 8.87 17.02
N GLY A 374 -27.35 9.35 17.13
CA GLY A 374 -26.61 9.72 15.95
C GLY A 374 -26.08 8.53 15.19
N LEU A 375 -25.79 7.43 15.88
CA LEU A 375 -25.19 6.29 15.21
C LEU A 375 -26.13 5.63 14.20
N VAL A 376 -27.44 5.74 14.39
CA VAL A 376 -28.34 5.13 13.41
C VAL A 376 -28.09 5.73 12.05
N ILE A 377 -27.86 7.04 12.02
CA ILE A 377 -27.61 7.75 10.76
C ILE A 377 -26.24 7.37 10.21
N LEU A 378 -25.26 7.15 11.09
CA LEU A 378 -23.92 6.80 10.63
C LEU A 378 -23.91 5.46 9.91
N VAL A 379 -24.62 4.47 10.44
CA VAL A 379 -24.65 3.14 9.82
C VAL A 379 -25.12 3.22 8.38
N SER A 380 -26.01 4.17 8.09
CA SER A 380 -26.55 4.33 6.75
C SER A 380 -25.48 4.65 5.72
N VAL A 381 -24.40 5.33 6.09
CA VAL A 381 -23.39 5.67 5.10
C VAL A 381 -22.65 4.41 4.67
N ILE A 382 -22.22 3.60 5.64
CA ILE A 382 -21.49 2.37 5.33
C ILE A 382 -22.37 1.42 4.52
N THR A 383 -23.56 1.12 5.03
CA THR A 383 -24.47 0.16 4.40
C THR A 383 -24.83 0.54 2.98
N SER A 384 -24.86 1.82 2.66
CA SER A 384 -25.16 2.21 1.28
C SER A 384 -24.04 1.83 0.32
N CYS A 385 -22.85 1.54 0.83
CA CYS A 385 -21.70 1.21 -0.02
C CYS A 385 -21.39 -0.27 -0.13
N LEU A 386 -21.78 -1.10 0.84
CA LEU A 386 -21.33 -2.49 0.86
C LEU A 386 -21.69 -3.25 -0.41
N GLN A 387 -22.79 -2.87 -1.07
CA GLN A 387 -23.19 -3.59 -2.27
C GLN A 387 -22.38 -3.25 -3.52
N THR A 388 -21.63 -2.15 -3.52
CA THR A 388 -20.87 -1.76 -4.71
C THR A 388 -19.35 -1.82 -4.53
N LEU A 389 -18.86 -2.40 -3.43
CA LEU A 389 -17.41 -2.46 -3.23
C LEU A 389 -16.74 -3.32 -4.29
N LYS A 390 -15.64 -2.80 -4.85
CA LYS A 390 -14.91 -3.48 -5.91
C LYS A 390 -13.57 -4.09 -5.51
N TYR A 391 -12.84 -3.47 -4.58
CA TYR A 391 -11.52 -3.94 -4.21
C TYR A 391 -11.54 -4.79 -2.94
N CYS A 392 -10.62 -5.77 -2.90
CA CYS A 392 -10.54 -6.63 -1.73
C CYS A 392 -10.12 -5.82 -0.51
N ASP A 393 -9.23 -4.85 -0.72
CA ASP A 393 -8.81 -3.97 0.37
C ASP A 393 -10.01 -3.26 0.97
N SER A 394 -10.92 -2.81 0.11
CA SER A 394 -12.13 -2.15 0.57
C SER A 394 -13.09 -3.13 1.22
N LYS A 395 -13.23 -4.33 0.65
CA LYS A 395 -14.15 -5.31 1.23
C LYS A 395 -13.75 -5.64 2.66
N LEU A 396 -12.46 -5.84 2.91
CA LEU A 396 -12.02 -6.09 4.27
C LEU A 396 -12.25 -4.86 5.14
N ALA A 397 -11.97 -3.68 4.60
CA ALA A 397 -12.19 -2.43 5.32
C ALA A 397 -13.66 -2.28 5.71
N ALA A 398 -14.57 -2.62 4.80
CA ALA A 398 -15.98 -2.53 5.12
C ALA A 398 -16.31 -3.42 6.31
N LEU A 399 -15.73 -4.61 6.34
CA LEU A 399 -15.93 -5.51 7.47
C LEU A 399 -15.33 -4.95 8.75
N GLU A 400 -14.18 -4.27 8.65
CA GLU A 400 -13.59 -3.68 9.83
C GLU A 400 -14.50 -2.62 10.42
N LEU A 401 -15.12 -1.81 9.57
CA LEU A 401 -16.05 -0.79 10.05
C LEU A 401 -17.21 -1.43 10.80
N ILE A 402 -17.79 -2.49 10.23
CA ILE A 402 -18.92 -3.16 10.86
C ILE A 402 -18.52 -3.72 12.20
N LEU A 403 -17.33 -4.31 12.29
CA LEU A 403 -16.88 -4.85 13.57
C LEU A 403 -16.71 -3.75 14.61
N HIS A 404 -16.19 -2.58 14.20
CA HIS A 404 -16.00 -1.53 15.18
C HIS A 404 -17.29 -0.83 15.56
N LEU A 405 -18.24 -0.74 14.63
CA LEU A 405 -19.50 -0.05 14.94
C LEU A 405 -20.49 -0.96 15.63
N ALA A 406 -20.41 -2.27 15.36
CA ALA A 406 -21.38 -3.22 15.91
C ALA A 406 -21.55 -3.12 17.42
N PRO A 407 -20.51 -3.01 18.23
CA PRO A 407 -20.72 -2.93 19.68
C PRO A 407 -21.40 -1.66 20.13
N ARG A 408 -21.51 -0.66 19.28
CA ARG A 408 -22.11 0.62 19.61
C ARG A 408 -23.49 0.85 19.00
N LEU A 409 -24.11 -0.15 18.39
CA LEU A 409 -25.43 0.03 17.82
C LEU A 409 -26.49 -0.68 18.66
N SER A 410 -27.72 -0.20 18.55
CA SER A 410 -28.84 -0.80 19.24
C SER A 410 -29.15 -2.18 18.65
N VAL A 411 -29.70 -3.06 19.47
CA VAL A 411 -29.93 -4.43 19.01
C VAL A 411 -30.86 -4.43 17.81
N GLU A 412 -31.85 -3.53 17.79
CA GLU A 412 -32.75 -3.46 16.66
C GLU A 412 -31.99 -3.10 15.39
N ILE A 413 -31.04 -2.15 15.52
CA ILE A 413 -30.27 -1.73 14.36
C ILE A 413 -29.31 -2.83 13.94
N LEU A 414 -28.76 -3.57 14.91
CA LEU A 414 -27.83 -4.64 14.57
C LEU A 414 -28.51 -5.72 13.75
N LEU A 415 -29.69 -6.16 14.19
CA LEU A 415 -30.39 -7.23 13.49
C LEU A 415 -31.02 -6.74 12.20
N ASP A 416 -31.41 -5.46 12.13
CA ASP A 416 -32.08 -5.03 10.92
C ASP A 416 -31.14 -4.46 9.87
N ARG A 417 -30.19 -3.61 10.26
CA ARG A 417 -29.39 -2.90 9.28
C ARG A 417 -28.00 -3.49 9.08
N ILE A 418 -27.44 -4.16 10.07
CA ILE A 418 -26.11 -4.73 9.92
C ILE A 418 -26.18 -6.19 9.47
N THR A 419 -26.97 -7.00 10.17
CA THR A 419 -27.08 -8.42 9.85
C THR A 419 -27.34 -8.73 8.38
N PRO A 420 -28.22 -8.03 7.68
CA PRO A 420 -28.44 -8.36 6.26
C PRO A 420 -27.24 -8.18 5.34
N TYR A 421 -26.35 -7.23 5.63
CA TYR A 421 -25.20 -6.99 4.76
C TYR A 421 -24.06 -8.00 4.92
N LEU A 422 -23.84 -8.53 6.13
CA LEU A 422 -22.77 -9.51 6.30
C LEU A 422 -23.03 -10.77 5.49
N LEU A 423 -24.28 -11.24 5.48
CA LEU A 423 -24.62 -12.39 4.66
C LEU A 423 -24.47 -12.08 3.18
N HIS A 424 -24.59 -10.82 2.78
CA HIS A 424 -24.35 -10.47 1.39
C HIS A 424 -22.88 -10.64 1.06
N PHE A 425 -22.00 -10.19 1.96
CA PHE A 425 -20.56 -10.31 1.76
C PHE A 425 -20.11 -11.76 1.72
N SER A 426 -20.84 -12.65 2.39
CA SER A 426 -20.53 -14.08 2.43
C SER A 426 -20.59 -14.72 1.06
N ASN A 427 -21.10 -14.01 0.05
CA ASN A 427 -21.11 -14.49 -1.32
C ASN A 427 -20.10 -13.76 -2.18
N ASP A 428 -19.13 -13.07 -1.56
CA ASP A 428 -18.14 -12.32 -2.32
C ASP A 428 -17.16 -13.28 -3.00
N SER A 429 -16.63 -12.81 -4.12
CA SER A 429 -15.68 -13.57 -4.93
C SER A 429 -14.31 -13.78 -4.27
N VAL A 430 -13.97 -13.03 -3.24
CA VAL A 430 -12.66 -13.15 -2.59
C VAL A 430 -12.78 -14.12 -1.41
N PRO A 431 -12.04 -15.23 -1.42
CA PRO A 431 -12.18 -16.20 -0.32
C PRO A 431 -11.84 -15.59 1.02
N ARG A 432 -10.84 -14.72 1.07
CA ARG A 432 -10.51 -14.04 2.32
C ARG A 432 -11.73 -13.29 2.84
N VAL A 433 -12.50 -12.69 1.92
CA VAL A 433 -13.70 -11.96 2.28
C VAL A 433 -14.77 -12.89 2.81
N ARG A 434 -14.94 -14.06 2.17
CA ARG A 434 -15.94 -15.01 2.65
C ARG A 434 -15.61 -15.45 4.07
N ALA A 435 -14.34 -15.72 4.35
CA ALA A 435 -13.94 -16.10 5.70
C ALA A 435 -14.21 -14.98 6.68
N GLU A 436 -13.76 -13.76 6.33
CA GLU A 436 -13.97 -12.62 7.21
C GLU A 436 -15.44 -12.34 7.41
N ALA A 437 -16.26 -12.57 6.37
CA ALA A 437 -17.69 -12.36 6.52
C ALA A 437 -18.22 -13.26 7.62
N LEU A 438 -17.77 -14.51 7.64
CA LEU A 438 -18.17 -15.42 8.69
C LEU A 438 -17.63 -14.98 10.04
N ARG A 439 -16.38 -14.52 10.08
CA ARG A 439 -15.82 -14.03 11.33
C ARG A 439 -16.60 -12.82 11.82
N THR A 440 -16.88 -11.88 10.93
CA THR A 440 -17.63 -10.69 11.29
C THR A 440 -19.03 -11.05 11.76
N LEU A 441 -19.73 -11.89 11.00
CA LEU A 441 -21.08 -12.28 11.37
C LEU A 441 -21.09 -12.97 12.73
N THR A 442 -20.11 -13.84 12.98
CA THR A 442 -20.05 -14.54 14.25
C THR A 442 -19.89 -13.58 15.42
N LYS A 443 -18.97 -12.61 15.28
CA LYS A 443 -18.75 -11.66 16.36
C LYS A 443 -19.91 -10.69 16.52
N VAL A 444 -20.48 -10.21 15.42
CA VAL A 444 -21.60 -9.28 15.49
C VAL A 444 -22.78 -9.92 16.22
N LEU A 445 -23.09 -11.17 15.86
CA LEU A 445 -24.23 -11.84 16.47
C LEU A 445 -24.01 -12.11 17.95
N ALA A 446 -22.77 -12.32 18.38
CA ALA A 446 -22.59 -12.56 19.80
C ALA A 446 -22.94 -11.34 20.65
N LEU A 447 -22.99 -10.16 20.05
CA LEU A 447 -23.35 -8.93 20.76
C LEU A 447 -24.86 -8.73 20.89
N VAL A 448 -25.67 -9.49 20.16
CA VAL A 448 -27.11 -9.31 20.22
C VAL A 448 -27.61 -9.84 21.56
N LYS A 449 -28.09 -8.94 22.41
CA LYS A 449 -28.60 -9.30 23.73
C LYS A 449 -30.12 -9.31 23.78
N GLU A 450 -30.77 -8.69 22.79
CA GLU A 450 -32.22 -8.65 22.67
C GLU A 450 -32.57 -8.91 21.22
N VAL A 451 -33.58 -9.74 21.00
CA VAL A 451 -34.01 -10.14 19.66
C VAL A 451 -35.27 -9.33 19.33
N PRO A 452 -35.29 -8.58 18.22
CA PRO A 452 -36.51 -7.85 17.88
C PRO A 452 -37.63 -8.80 17.49
N ARG A 453 -38.87 -8.32 17.68
CA ARG A 453 -40.04 -9.15 17.40
C ARG A 453 -40.06 -9.64 15.96
N ASN A 454 -39.52 -8.85 15.03
CA ASN A 454 -39.47 -9.20 13.62
C ASN A 454 -38.40 -10.24 13.30
N ASP A 455 -37.48 -10.50 14.24
CA ASP A 455 -36.38 -11.43 14.02
C ASP A 455 -36.41 -12.62 14.97
N ILE A 456 -37.58 -12.96 15.53
CA ILE A 456 -37.64 -14.10 16.44
C ILE A 456 -37.21 -15.37 15.73
N ASN A 457 -37.59 -15.53 14.47
CA ASN A 457 -37.21 -16.71 13.70
C ASN A 457 -36.06 -16.40 12.75
N ILE A 458 -35.27 -15.37 13.05
CA ILE A 458 -34.14 -14.97 12.24
C ILE A 458 -33.07 -16.05 12.23
N TYR A 459 -32.88 -16.72 13.37
CA TYR A 459 -31.85 -17.75 13.45
C TYR A 459 -32.11 -18.96 12.58
N PRO A 460 -33.24 -19.67 12.72
CA PRO A 460 -33.43 -20.86 11.89
C PRO A 460 -33.60 -20.56 10.41
N GLU A 461 -34.14 -19.40 10.05
CA GLU A 461 -34.42 -19.12 8.65
C GLU A 461 -33.46 -18.15 7.98
N TYR A 462 -32.69 -17.38 8.74
CA TYR A 462 -31.79 -16.41 8.13
C TYR A 462 -30.35 -16.59 8.58
N ILE A 463 -30.10 -16.70 9.88
CA ILE A 463 -28.71 -16.81 10.31
C ILE A 463 -28.21 -18.18 9.89
N LEU A 464 -28.74 -19.23 10.53
CA LEU A 464 -28.24 -20.58 10.26
C LEU A 464 -28.35 -20.94 8.78
N PRO A 465 -29.49 -20.76 8.13
CA PRO A 465 -29.56 -21.06 6.69
C PRO A 465 -28.71 -20.14 5.84
N GLY A 466 -28.39 -18.94 6.33
CA GLY A 466 -27.57 -18.02 5.56
C GLY A 466 -26.09 -18.33 5.50
N ILE A 467 -25.54 -18.96 6.55
CA ILE A 467 -24.13 -19.31 6.55
C ILE A 467 -23.93 -20.79 6.23
N ALA A 468 -25.00 -21.57 6.20
CA ALA A 468 -24.90 -23.00 5.95
C ALA A 468 -24.10 -23.30 4.69
N HIS A 469 -24.15 -22.41 3.70
CA HIS A 469 -23.42 -22.70 2.48
C HIS A 469 -21.92 -22.56 2.67
N LEU A 470 -21.49 -21.84 3.70
CA LEU A 470 -20.07 -21.64 3.98
C LEU A 470 -19.38 -22.92 4.46
N ALA A 471 -20.10 -23.79 5.17
CA ALA A 471 -19.53 -25.03 5.67
C ALA A 471 -19.03 -25.95 4.57
N GLN A 472 -19.45 -25.75 3.32
CA GLN A 472 -18.99 -26.55 2.19
C GLN A 472 -18.29 -25.73 1.13
N ASP A 473 -17.77 -24.55 1.46
CA ASP A 473 -17.15 -23.72 0.44
C ASP A 473 -15.92 -24.39 -0.17
N ASP A 474 -15.72 -24.14 -1.47
CA ASP A 474 -14.57 -24.68 -2.19
C ASP A 474 -13.23 -24.23 -1.63
N ALA A 475 -13.16 -23.01 -1.11
CA ALA A 475 -11.91 -22.45 -0.60
C ALA A 475 -11.63 -22.96 0.81
N THR A 476 -10.45 -23.55 0.99
CA THR A 476 -10.11 -24.11 2.29
C THR A 476 -10.13 -23.06 3.36
N ILE A 477 -9.78 -21.81 3.01
CA ILE A 477 -9.81 -20.75 4.01
C ILE A 477 -11.24 -20.55 4.49
N VAL A 478 -12.22 -20.72 3.60
CA VAL A 478 -13.63 -20.53 3.96
C VAL A 478 -14.09 -21.65 4.88
N ARG A 479 -13.76 -22.90 4.51
CA ARG A 479 -14.11 -24.03 5.36
C ARG A 479 -13.41 -23.90 6.70
N LEU A 480 -12.17 -23.40 6.69
CA LEU A 480 -11.45 -23.19 7.94
C LEU A 480 -12.17 -22.15 8.78
N ALA A 481 -12.55 -21.02 8.17
CA ALA A 481 -13.32 -20.02 8.90
C ALA A 481 -14.64 -20.60 9.36
N TYR A 482 -15.22 -21.51 8.58
CA TYR A 482 -16.45 -22.18 8.99
C TYR A 482 -16.20 -23.08 10.18
N ALA A 483 -15.19 -23.94 10.08
CA ALA A 483 -14.91 -24.85 11.20
C ALA A 483 -14.50 -24.08 12.44
N GLU A 484 -13.78 -22.98 12.26
CA GLU A 484 -13.37 -22.17 13.40
C GLU A 484 -14.54 -21.46 14.05
N ASN A 485 -15.61 -21.20 13.31
CA ASN A 485 -16.74 -20.45 13.84
C ASN A 485 -18.03 -21.23 13.97
N ILE A 486 -18.16 -22.39 13.30
CA ILE A 486 -19.40 -23.17 13.37
C ILE A 486 -19.80 -23.40 14.81
N ALA A 487 -18.81 -23.63 15.68
CA ALA A 487 -19.12 -23.84 17.09
C ALA A 487 -19.66 -22.56 17.72
N LEU A 488 -19.07 -21.42 17.35
CA LEU A 488 -19.53 -20.13 17.86
C LEU A 488 -20.89 -19.72 17.32
N LEU A 489 -21.13 -19.93 16.03
CA LEU A 489 -22.44 -19.61 15.45
C LEU A 489 -23.55 -20.38 16.16
N ALA A 490 -23.35 -21.69 16.33
CA ALA A 490 -24.35 -22.51 17.01
C ALA A 490 -24.59 -22.03 18.42
N GLU A 491 -23.51 -21.76 19.15
CA GLU A 491 -23.66 -21.29 20.53
C GLU A 491 -24.38 -19.95 20.57
N THR A 492 -24.14 -19.08 19.60
CA THR A 492 -24.82 -17.79 19.58
C THR A 492 -26.31 -17.97 19.30
N ALA A 493 -26.67 -18.82 18.34
CA ALA A 493 -28.07 -19.09 18.05
C ALA A 493 -28.77 -19.68 19.27
N LEU A 494 -28.09 -20.59 19.99
CA LEU A 494 -28.64 -21.16 21.20
C LEU A 494 -28.89 -20.10 22.25
N ARG A 495 -27.99 -19.13 22.39
CA ARG A 495 -28.24 -18.05 23.34
C ARG A 495 -29.50 -17.27 22.96
N PHE A 496 -29.70 -17.06 21.64
CA PHE A 496 -30.89 -16.37 21.17
C PHE A 496 -32.16 -17.13 21.53
N LEU A 497 -32.16 -18.44 21.26
CA LEU A 497 -33.34 -19.26 21.56
C LEU A 497 -33.67 -19.23 23.05
N GLU A 498 -32.65 -19.24 23.91
CA GLU A 498 -32.89 -19.18 25.34
C GLU A 498 -33.53 -17.84 25.73
N LEU A 499 -33.07 -16.75 25.12
CA LEU A 499 -33.66 -15.45 25.41
C LEU A 499 -35.10 -15.36 24.93
N VAL A 500 -35.38 -15.85 23.73
CA VAL A 500 -36.75 -15.85 23.21
C VAL A 500 -37.66 -16.65 24.13
N GLN A 501 -37.19 -17.79 24.62
CA GLN A 501 -38.00 -18.60 25.52
C GLN A 501 -38.24 -17.90 26.84
N LEU A 502 -37.21 -17.25 27.40
CA LEU A 502 -37.41 -16.51 28.64
C LEU A 502 -38.37 -15.36 28.44
N LYS A 503 -38.22 -14.63 27.33
CA LYS A 503 -39.12 -13.51 27.03
C LYS A 503 -40.55 -13.99 26.84
N ASN A 504 -40.73 -15.12 26.16
CA ASN A 504 -42.07 -15.67 25.97
C ASN A 504 -42.67 -16.08 27.30
N LEU A 505 -41.86 -16.68 28.18
CA LEU A 505 -42.36 -17.07 29.51
C LEU A 505 -42.77 -15.84 30.32
N ASN A 506 -41.97 -14.77 30.24
CA ASN A 506 -42.31 -13.53 30.95
C ASN A 506 -43.53 -12.87 30.33
N MET A 507 -43.62 -12.86 29.00
CA MET A 507 -44.77 -12.27 28.34
C MET A 507 -46.04 -13.06 28.61
N GLU A 508 -45.94 -14.38 28.78
CA GLU A 508 -47.12 -15.16 29.13
C GLU A 508 -47.55 -14.89 30.56
N ASN A 509 -46.60 -14.55 31.43
CA ASN A 509 -46.90 -14.22 32.82
C ASN A 509 -47.26 -12.76 33.02
N ASP A 510 -47.10 -11.93 31.99
CA ASP A 510 -47.48 -10.53 32.07
C ASP A 510 -48.98 -10.38 32.30
N GLY A 524 -43.90 -19.58 19.35
CA GLY A 524 -43.26 -20.81 18.95
C GLY A 524 -43.46 -21.95 19.94
N ASN A 525 -43.06 -23.15 19.54
CA ASN A 525 -43.13 -24.34 20.38
C ASN A 525 -41.71 -24.79 20.69
N TYR A 526 -41.37 -24.86 21.99
CA TYR A 526 -39.97 -24.84 22.37
C TYR A 526 -39.26 -26.09 21.89
N ASP A 527 -39.89 -27.24 22.03
CA ASP A 527 -39.26 -28.49 21.63
C ASP A 527 -39.09 -28.55 20.13
N THR A 528 -40.04 -28.01 19.38
CA THR A 528 -39.91 -28.00 17.93
C THR A 528 -38.79 -27.07 17.51
N GLU A 529 -38.61 -25.94 18.20
CA GLU A 529 -37.52 -25.04 17.85
C GLU A 529 -36.18 -25.60 18.30
N LEU A 530 -36.12 -26.16 19.51
CA LEU A 530 -34.89 -26.76 20.02
C LEU A 530 -34.46 -27.90 19.13
N GLN A 531 -35.40 -28.76 18.75
CA GLN A 531 -35.10 -29.85 17.83
C GLN A 531 -34.63 -29.32 16.49
N ALA A 532 -35.16 -28.17 16.07
CA ALA A 532 -34.66 -27.61 14.82
C ALA A 532 -33.21 -27.17 14.98
N LEU A 533 -32.88 -26.57 16.13
CA LEU A 533 -31.49 -26.17 16.38
C LEU A 533 -30.57 -27.38 16.40
N HIS A 534 -30.96 -28.43 17.11
CA HIS A 534 -30.13 -29.63 17.17
C HIS A 534 -29.94 -30.20 15.77
N GLU A 535 -31.00 -30.22 14.97
CA GLU A 535 -30.92 -30.74 13.62
C GLU A 535 -29.99 -29.90 12.77
N MET A 536 -30.02 -28.58 12.94
CA MET A 536 -29.16 -27.69 12.17
C MET A 536 -27.68 -27.86 12.54
N VAL A 537 -27.38 -27.99 13.83
CA VAL A 537 -25.99 -28.15 14.26
C VAL A 537 -25.48 -29.54 13.94
N GLN A 538 -26.31 -30.56 14.12
CA GLN A 538 -25.91 -31.92 13.79
C GLN A 538 -25.56 -32.06 12.32
N GLN A 539 -26.33 -31.44 11.43
CA GLN A 539 -26.02 -31.49 10.01
C GLN A 539 -24.66 -30.89 9.68
N LYS A 540 -24.32 -29.75 10.29
CA LYS A 540 -23.05 -29.09 9.98
C LYS A 540 -21.85 -29.79 10.61
N VAL A 541 -21.94 -30.19 11.88
CA VAL A 541 -20.83 -30.86 12.53
C VAL A 541 -20.42 -32.11 11.76
N VAL A 542 -21.41 -32.89 11.33
CA VAL A 542 -21.12 -34.07 10.51
C VAL A 542 -20.55 -33.65 9.17
N THR A 543 -21.02 -32.52 8.65
CA THR A 543 -20.49 -32.01 7.39
C THR A 543 -19.01 -31.65 7.54
N LEU A 544 -18.62 -31.12 8.70
CA LEU A 544 -17.23 -30.75 8.98
C LEU A 544 -16.33 -31.94 9.25
N LEU A 545 -16.80 -32.91 10.05
CA LEU A 545 -16.04 -34.11 10.36
C LEU A 545 -15.78 -34.97 9.14
N SER A 546 -16.40 -34.66 8.01
CA SER A 546 -16.21 -35.33 6.74
C SER A 546 -15.53 -34.45 5.69
N ASP A 547 -14.92 -33.33 6.08
CA ASP A 547 -14.34 -32.42 5.10
C ASP A 547 -13.15 -33.05 4.35
N PRO A 548 -13.00 -32.71 3.06
CA PRO A 548 -11.89 -33.25 2.28
C PRO A 548 -10.51 -32.83 2.71
N GLU A 549 -10.37 -31.70 3.40
CA GLU A 549 -9.08 -31.21 3.90
C GLU A 549 -8.95 -31.51 5.39
N ASN A 550 -7.92 -32.26 5.77
CA ASN A 550 -7.77 -32.67 7.15
C ASN A 550 -7.67 -31.49 8.11
N ILE A 551 -7.17 -30.34 7.63
CA ILE A 551 -7.03 -29.19 8.51
C ILE A 551 -8.38 -28.73 9.02
N VAL A 552 -9.45 -28.90 8.24
CA VAL A 552 -10.78 -28.52 8.69
C VAL A 552 -11.21 -29.37 9.87
N LYS A 553 -11.00 -30.68 9.79
CA LYS A 553 -11.32 -31.56 10.90
C LYS A 553 -10.53 -31.15 12.13
N GLN A 554 -9.22 -30.93 11.95
CA GLN A 554 -8.37 -30.55 13.07
C GLN A 554 -8.82 -29.22 13.67
N THR A 555 -9.21 -28.27 12.82
CA THR A 555 -9.64 -26.97 13.32
C THR A 555 -10.90 -27.11 14.14
N LEU A 556 -11.85 -27.91 13.65
CA LEU A 556 -13.07 -28.15 14.40
C LEU A 556 -12.77 -28.81 15.73
N MET A 557 -11.83 -29.75 15.75
CA MET A 557 -11.53 -30.45 16.99
C MET A 557 -10.97 -29.49 18.03
N GLU A 558 -10.13 -28.55 17.61
CA GLU A 558 -9.54 -27.64 18.57
C GLU A 558 -10.49 -26.49 18.94
N ASN A 559 -11.33 -26.05 18.01
CA ASN A 559 -12.17 -24.89 18.28
C ASN A 559 -13.56 -25.20 18.80
N GLY A 560 -14.03 -26.45 18.78
CA GLY A 560 -15.37 -26.66 19.28
C GLY A 560 -15.87 -28.05 19.65
N ILE A 561 -15.01 -29.07 19.74
CA ILE A 561 -15.55 -30.41 19.97
C ILE A 561 -16.28 -30.51 21.30
N THR A 562 -15.85 -29.75 22.32
CA THR A 562 -16.55 -29.78 23.59
C THR A 562 -17.93 -29.12 23.50
N ARG A 563 -18.03 -28.03 22.75
CA ARG A 563 -19.31 -27.33 22.58
C ARG A 563 -20.32 -28.17 21.81
N LEU A 564 -19.85 -28.91 20.81
CA LEU A 564 -20.72 -29.76 19.99
C LEU A 564 -21.34 -30.90 20.77
N CYS A 565 -20.66 -31.46 21.77
CA CYS A 565 -21.23 -32.57 22.54
C CYS A 565 -22.50 -32.12 23.28
N VAL A 566 -22.49 -30.92 23.84
CA VAL A 566 -23.71 -30.39 24.44
C VAL A 566 -24.78 -30.25 23.37
N PHE A 567 -24.37 -29.86 22.16
CA PHE A 567 -25.28 -29.66 21.03
C PHE A 567 -25.96 -30.95 20.57
N PHE A 568 -25.21 -32.04 20.43
CA PHE A 568 -25.81 -33.29 19.96
C PHE A 568 -26.54 -34.06 21.06
N GLY A 569 -26.16 -33.89 22.32
CA GLY A 569 -26.75 -34.64 23.41
C GLY A 569 -25.96 -35.89 23.75
N ARG A 570 -26.21 -36.42 24.96
CA ARG A 570 -25.42 -37.53 25.46
C ARG A 570 -25.52 -38.74 24.55
N GLN A 571 -26.74 -39.13 24.19
CA GLN A 571 -26.93 -40.32 23.38
C GLN A 571 -26.40 -40.11 21.97
N LYS A 572 -26.76 -38.98 21.35
CA LYS A 572 -26.35 -38.70 19.99
C LYS A 572 -24.85 -38.53 19.86
N ALA A 573 -24.21 -37.92 20.86
CA ALA A 573 -22.77 -37.68 20.79
C ALA A 573 -21.95 -38.95 20.65
N ASN A 574 -22.33 -40.04 21.33
CA ASN A 574 -21.58 -41.27 21.20
C ASN A 574 -21.81 -41.95 19.85
N ASP A 575 -23.06 -42.03 19.41
CA ASP A 575 -23.37 -42.70 18.15
C ASP A 575 -22.99 -41.88 16.93
N VAL A 576 -23.10 -40.56 17.02
CA VAL A 576 -22.86 -39.65 15.90
C VAL A 576 -21.49 -39.01 15.98
N LEU A 577 -21.14 -38.44 17.14
CA LEU A 577 -19.87 -37.74 17.25
C LEU A 577 -18.72 -38.74 17.41
N LEU A 578 -18.75 -39.55 18.47
CA LEU A 578 -17.65 -40.46 18.76
C LEU A 578 -17.41 -41.37 17.58
N SER A 579 -18.49 -41.88 16.98
CA SER A 579 -18.38 -42.72 15.80
C SER A 579 -17.66 -41.99 14.67
N HIS A 580 -17.83 -40.68 14.59
CA HIS A 580 -17.11 -39.94 13.56
C HIS A 580 -15.67 -39.67 13.99
N MET A 581 -15.47 -39.29 15.26
CA MET A 581 -14.13 -39.01 15.75
C MET A 581 -13.22 -40.23 15.67
N ILE A 582 -13.77 -41.42 15.89
CA ILE A 582 -12.97 -42.64 15.83
C ILE A 582 -12.41 -42.85 14.44
N THR A 583 -13.08 -42.34 13.40
CA THR A 583 -12.58 -42.53 12.05
C THR A 583 -11.29 -41.75 11.78
N PHE A 584 -10.94 -40.81 12.65
CA PHE A 584 -9.70 -40.05 12.47
C PHE A 584 -8.45 -40.88 12.72
N LEU A 585 -8.53 -41.86 13.63
CA LEU A 585 -7.39 -42.73 13.89
C LEU A 585 -7.07 -43.64 12.72
N ASN A 586 -7.94 -43.71 11.72
CA ASN A 586 -7.68 -44.48 10.51
C ASN A 586 -6.83 -43.74 9.49
N ASP A 587 -6.63 -42.43 9.64
CA ASP A 587 -5.75 -41.68 8.73
C ASP A 587 -4.30 -41.92 9.13
N LYS A 588 -3.62 -42.82 8.41
CA LYS A 588 -2.25 -43.20 8.69
C LYS A 588 -1.20 -42.34 8.00
N ASN A 589 -1.59 -41.45 7.09
CA ASN A 589 -0.61 -40.61 6.41
C ASN A 589 -0.37 -39.28 7.11
N ASP A 590 -1.37 -38.69 7.74
CA ASP A 590 -1.28 -37.40 8.42
C ASP A 590 -1.23 -37.66 9.93
N TRP A 591 -0.05 -37.57 10.52
CA TRP A 591 0.05 -37.85 11.94
C TRP A 591 -0.55 -36.73 12.77
N HIS A 592 -0.73 -35.55 12.19
CA HIS A 592 -1.28 -34.44 12.94
C HIS A 592 -2.72 -34.73 13.31
N LEU A 593 -3.46 -35.37 12.41
CA LEU A 593 -4.85 -35.71 12.64
C LEU A 593 -5.00 -36.71 13.78
N ARG A 594 -4.19 -37.76 13.76
CA ARG A 594 -4.23 -38.72 14.87
C ARG A 594 -3.92 -38.01 16.17
N GLY A 595 -2.97 -37.08 16.14
CA GLY A 595 -2.70 -36.31 17.34
C GLY A 595 -3.91 -35.51 17.73
N ALA A 596 -4.57 -34.87 16.76
CA ALA A 596 -5.74 -34.08 17.08
C ALA A 596 -6.85 -34.95 17.61
N PHE A 597 -6.91 -36.21 17.16
CA PHE A 597 -7.89 -37.14 17.71
C PHE A 597 -7.70 -37.32 19.19
N PHE A 598 -6.47 -37.57 19.63
CA PHE A 598 -6.22 -37.78 21.05
C PHE A 598 -6.41 -36.50 21.84
N ASP A 599 -6.16 -35.34 21.23
CA ASP A 599 -6.34 -34.07 21.90
C ASP A 599 -7.80 -33.76 22.19
N SER A 600 -8.71 -34.16 21.31
CA SER A 600 -10.11 -33.81 21.44
C SER A 600 -10.97 -34.95 21.98
N ILE A 601 -10.50 -36.20 21.88
CA ILE A 601 -11.30 -37.32 22.36
C ILE A 601 -11.60 -37.14 23.85
N VAL A 602 -10.71 -36.47 24.57
CA VAL A 602 -10.95 -36.25 26.00
C VAL A 602 -12.28 -35.56 26.21
N GLY A 603 -12.57 -34.53 25.41
CA GLY A 603 -13.82 -33.81 25.56
C GLY A 603 -15.05 -34.57 25.12
N VAL A 604 -14.94 -35.29 24.00
CA VAL A 604 -16.08 -36.07 23.51
C VAL A 604 -16.42 -37.16 24.50
N ALA A 605 -15.41 -37.87 24.98
CA ALA A 605 -15.63 -38.92 25.97
C ALA A 605 -16.26 -38.37 27.22
N ALA A 606 -15.86 -37.17 27.65
CA ALA A 606 -16.44 -36.59 28.85
C ALA A 606 -17.94 -36.40 28.70
N TYR A 607 -18.40 -36.10 27.49
CA TYR A 607 -19.82 -35.88 27.25
C TYR A 607 -20.58 -37.18 27.00
N VAL A 608 -20.00 -38.12 26.25
CA VAL A 608 -20.70 -39.38 26.02
C VAL A 608 -20.90 -40.12 27.33
N GLY A 609 -19.93 -40.05 28.23
CA GLY A 609 -20.05 -40.69 29.53
C GLY A 609 -19.28 -41.99 29.60
N TRP A 610 -19.36 -42.62 30.78
CA TRP A 610 -18.65 -43.88 30.95
C TRP A 610 -19.18 -44.95 30.00
N GLN A 611 -20.39 -44.77 29.48
CA GLN A 611 -20.95 -45.69 28.49
C GLN A 611 -20.16 -45.67 27.19
N SER A 612 -19.32 -44.68 26.97
CA SER A 612 -18.41 -44.63 25.84
C SER A 612 -17.06 -45.28 26.10
N SER A 613 -16.70 -45.47 27.37
CA SER A 613 -15.38 -45.97 27.73
C SER A 613 -15.05 -47.29 27.02
N SER A 614 -16.04 -48.17 26.86
CA SER A 614 -15.78 -49.42 26.18
C SER A 614 -15.40 -49.20 24.73
N ILE A 615 -15.86 -48.12 24.12
CA ILE A 615 -15.50 -47.85 22.74
C ILE A 615 -14.14 -47.17 22.67
N LEU A 616 -13.80 -46.36 23.68
CA LEU A 616 -12.52 -45.66 23.64
C LEU A 616 -11.37 -46.54 24.11
N LYS A 617 -11.60 -47.50 25.00
CA LYS A 617 -10.54 -48.37 25.50
C LYS A 617 -9.69 -48.97 24.39
N PRO A 618 -10.25 -49.61 23.36
CA PRO A 618 -9.41 -50.15 22.30
C PRO A 618 -8.68 -49.07 21.53
N LEU A 619 -9.29 -47.88 21.42
CA LEU A 619 -8.69 -46.77 20.68
C LEU A 619 -7.48 -46.19 21.40
N LEU A 620 -7.56 -46.07 22.73
CA LEU A 620 -6.44 -45.53 23.50
C LEU A 620 -5.21 -46.43 23.42
N GLN A 621 -5.40 -47.75 23.48
CA GLN A 621 -4.29 -48.67 23.31
C GLN A 621 -3.63 -48.52 21.95
N GLN A 622 -4.40 -48.17 20.91
CA GLN A 622 -3.84 -47.95 19.59
C GLN A 622 -2.96 -46.70 19.54
N GLY A 623 -3.29 -45.67 20.31
CA GLY A 623 -2.47 -44.47 20.33
C GLY A 623 -1.10 -44.65 20.97
N LEU A 624 -1.01 -45.43 22.05
CA LEU A 624 0.25 -45.68 22.71
C LEU A 624 1.25 -46.44 21.86
N SER A 625 0.87 -46.82 20.64
CA SER A 625 1.71 -47.52 19.67
C SER A 625 1.74 -46.80 18.33
N ASP A 626 1.50 -45.50 18.30
CA ASP A 626 1.48 -44.77 17.03
C ASP A 626 2.84 -44.71 16.34
N ALA A 627 2.77 -44.55 15.01
CA ALA A 627 3.94 -44.44 14.15
C ALA A 627 4.71 -43.15 14.33
N GLU A 628 4.02 -42.06 14.63
CA GLU A 628 4.64 -40.75 14.85
C GLU A 628 4.89 -40.64 16.35
N GLU A 629 6.15 -40.45 16.73
CA GLU A 629 6.48 -40.43 18.14
C GLU A 629 5.72 -39.34 18.87
N PHE A 630 5.35 -38.26 18.16
CA PHE A 630 4.55 -37.22 18.81
C PHE A 630 3.14 -37.68 19.10
N VAL A 631 2.58 -38.60 18.30
CA VAL A 631 1.26 -39.12 18.58
C VAL A 631 1.26 -39.90 19.87
N ILE A 632 2.36 -40.59 20.17
CA ILE A 632 2.47 -41.27 21.45
C ILE A 632 2.47 -40.26 22.58
N VAL A 633 3.16 -39.13 22.37
CA VAL A 633 3.19 -38.08 23.39
C VAL A 633 1.79 -37.54 23.64
N LYS A 634 1.04 -37.29 22.57
CA LYS A 634 -0.33 -36.79 22.72
C LYS A 634 -1.23 -37.85 23.34
N ALA A 635 -1.11 -39.10 22.89
CA ALA A 635 -1.90 -40.19 23.45
C ALA A 635 -1.61 -40.40 24.91
N LEU A 636 -0.33 -40.36 25.31
CA LEU A 636 0.00 -40.48 26.72
C LEU A 636 -0.61 -39.33 27.49
N TYR A 637 -0.52 -38.13 26.94
CA TYR A 637 -1.15 -36.97 27.58
C TYR A 637 -2.65 -37.16 27.64
N ALA A 638 -3.24 -37.69 26.57
CA ALA A 638 -4.67 -37.96 26.55
C ALA A 638 -5.04 -38.91 27.67
N LEU A 639 -4.28 -39.99 27.81
CA LEU A 639 -4.54 -40.92 28.90
C LEU A 639 -4.39 -40.22 30.24
N THR A 640 -3.44 -39.30 30.34
CA THR A 640 -3.29 -38.54 31.56
C THR A 640 -4.55 -37.73 31.83
N CYS A 641 -5.01 -37.01 30.81
CA CYS A 641 -6.21 -36.19 30.98
C CYS A 641 -7.44 -37.05 31.23
N MET A 642 -7.57 -38.15 30.50
CA MET A 642 -8.72 -39.03 30.69
C MET A 642 -8.72 -39.64 32.08
N CYS A 643 -7.56 -40.09 32.56
CA CYS A 643 -7.49 -40.64 33.91
C CYS A 643 -7.74 -39.57 34.96
N GLN A 644 -7.20 -38.36 34.74
CA GLN A 644 -7.40 -37.26 35.68
C GLN A 644 -8.87 -36.93 35.83
N LEU A 645 -9.63 -37.06 34.75
CA LEU A 645 -11.06 -36.80 34.77
C LEU A 645 -11.87 -38.00 35.24
N GLY A 646 -11.24 -39.15 35.45
CA GLY A 646 -11.97 -40.32 35.88
C GLY A 646 -12.83 -40.93 34.79
N LEU A 647 -12.38 -40.83 33.55
CA LEU A 647 -13.12 -41.36 32.41
C LEU A 647 -12.81 -42.83 32.13
N LEU A 648 -11.81 -43.40 32.81
CA LEU A 648 -11.43 -44.79 32.63
C LEU A 648 -11.94 -45.62 33.80
N GLN A 649 -12.51 -46.78 33.49
CA GLN A 649 -13.03 -47.66 34.52
C GLN A 649 -11.90 -48.24 35.36
N LYS A 650 -12.22 -48.61 36.59
CA LYS A 650 -11.23 -49.15 37.52
C LYS A 650 -10.38 -50.26 36.92
N PRO A 651 -10.93 -51.30 36.29
CA PRO A 651 -10.07 -52.31 35.69
C PRO A 651 -9.21 -51.76 34.58
N HIS A 652 -9.72 -50.80 33.82
CA HIS A 652 -8.97 -50.22 32.72
C HIS A 652 -7.79 -49.38 33.22
N VAL A 653 -7.97 -48.64 34.31
CA VAL A 653 -6.87 -47.83 34.83
C VAL A 653 -5.66 -48.69 35.17
N TYR A 654 -5.87 -49.83 35.81
CA TYR A 654 -4.73 -50.70 36.11
C TYR A 654 -4.17 -51.31 34.84
N GLU A 655 -5.03 -51.77 33.94
CA GLU A 655 -4.59 -52.38 32.69
C GLU A 655 -3.76 -51.41 31.86
N PHE A 656 -4.16 -50.14 31.80
CA PHE A 656 -3.38 -49.15 31.08
C PHE A 656 -2.04 -48.90 31.74
N ALA A 657 -2.01 -48.81 33.07
CA ALA A 657 -0.75 -48.60 33.78
C ALA A 657 0.25 -49.70 33.45
N SER A 658 -0.21 -50.94 33.33
CA SER A 658 0.69 -52.03 32.96
C SER A 658 1.24 -51.83 31.56
N ASP A 659 0.41 -51.34 30.63
CA ASP A 659 0.87 -51.09 29.27
C ASP A 659 1.75 -49.86 29.18
N ILE A 660 1.57 -48.88 30.08
CA ILE A 660 2.31 -47.62 30.00
C ILE A 660 3.58 -47.62 30.84
N ALA A 661 3.62 -48.37 31.93
CA ALA A 661 4.82 -48.42 32.76
C ALA A 661 6.09 -48.70 31.99
N PRO A 662 6.10 -49.51 30.93
CA PRO A 662 7.35 -49.73 30.19
C PRO A 662 7.90 -48.47 29.57
N PHE A 663 7.05 -47.49 29.27
CA PHE A 663 7.46 -46.23 28.66
C PHE A 663 8.33 -45.37 29.57
N LEU A 664 8.36 -45.66 30.88
CA LEU A 664 9.15 -44.89 31.83
C LEU A 664 10.63 -44.88 31.53
N CYS A 665 11.10 -45.81 30.71
CA CYS A 665 12.49 -45.88 30.27
C CYS A 665 12.66 -45.54 28.80
N HIS A 666 11.64 -45.06 28.12
CA HIS A 666 11.80 -44.77 26.71
C HIS A 666 12.80 -43.63 26.51
N PRO A 667 13.62 -43.72 25.46
CA PRO A 667 14.62 -42.67 25.22
C PRO A 667 14.04 -41.31 24.89
N ASN A 668 12.90 -41.25 24.23
CA ASN A 668 12.27 -39.99 23.83
C ASN A 668 11.82 -39.25 25.07
N LEU A 669 12.43 -38.08 25.31
CA LEU A 669 12.10 -37.31 26.52
C LEU A 669 10.63 -36.94 26.57
N TRP A 670 10.01 -36.68 25.41
CA TRP A 670 8.58 -36.35 25.42
C TRP A 670 7.79 -37.54 25.92
N ILE A 671 8.08 -38.73 25.36
CA ILE A 671 7.43 -39.96 25.80
C ILE A 671 7.81 -40.27 27.24
N ARG A 672 9.10 -40.15 27.55
CA ARG A 672 9.59 -40.42 28.89
C ARG A 672 8.85 -39.58 29.92
N TYR A 673 8.76 -38.27 29.68
CA TYR A 673 8.05 -37.44 30.64
C TYR A 673 6.56 -37.68 30.54
N GLY A 674 6.08 -38.01 29.34
CA GLY A 674 4.68 -38.38 29.19
C GLY A 674 4.32 -39.55 30.07
N ALA A 675 5.20 -40.55 30.14
CA ALA A 675 4.97 -41.68 31.01
C ALA A 675 4.92 -41.23 32.46
N VAL A 676 5.83 -40.35 32.85
CA VAL A 676 5.78 -39.82 34.21
C VAL A 676 4.44 -39.18 34.44
N GLY A 677 3.94 -38.46 33.44
CA GLY A 677 2.64 -37.83 33.57
C GLY A 677 1.54 -38.84 33.82
N PHE A 678 1.56 -39.95 33.08
CA PHE A 678 0.53 -40.97 33.28
C PHE A 678 0.67 -41.63 34.64
N ILE A 679 1.88 -42.03 35.00
CA ILE A 679 2.07 -42.75 36.25
C ILE A 679 1.71 -41.85 37.43
N THR A 680 2.09 -40.57 37.34
CA THR A 680 1.77 -39.63 38.42
C THR A 680 0.27 -39.38 38.53
N VAL A 681 -0.43 -39.27 37.40
CA VAL A 681 -1.88 -39.09 37.49
C VAL A 681 -2.55 -40.34 38.05
N VAL A 682 -2.13 -41.52 37.60
CA VAL A 682 -2.67 -42.76 38.13
C VAL A 682 -2.41 -42.83 39.63
N ALA A 683 -1.18 -42.53 40.04
CA ALA A 683 -0.82 -42.59 41.46
C ALA A 683 -1.68 -41.65 42.30
N ARG A 684 -2.12 -40.55 41.73
CA ARG A 684 -2.99 -39.65 42.47
C ARG A 684 -4.44 -40.13 42.50
N GLN A 685 -4.85 -40.93 41.51
CA GLN A 685 -6.23 -41.36 41.44
C GLN A 685 -6.57 -42.53 42.36
N ILE A 686 -5.63 -43.45 42.61
CA ILE A 686 -5.96 -44.61 43.41
C ILE A 686 -5.61 -44.42 44.88
N SER A 687 -6.22 -45.25 45.71
CA SER A 687 -6.00 -45.25 47.15
C SER A 687 -4.55 -45.61 47.48
N THR A 688 -4.06 -45.08 48.61
CA THR A 688 -2.70 -45.37 49.02
C THR A 688 -2.47 -46.87 49.20
N ALA A 689 -3.47 -47.59 49.68
CA ALA A 689 -3.33 -49.04 49.80
C ALA A 689 -3.14 -49.69 48.43
N ASP A 690 -3.98 -49.29 47.47
CA ASP A 690 -3.86 -49.82 46.12
C ASP A 690 -2.58 -49.37 45.44
N VAL A 691 -2.09 -48.17 45.76
CA VAL A 691 -0.82 -47.72 45.20
C VAL A 691 0.31 -48.65 45.61
N TYR A 692 0.37 -49.03 46.88
CA TYR A 692 1.44 -49.91 47.32
C TYR A 692 1.19 -51.37 46.92
N CYS A 693 -0.06 -51.81 46.93
CA CYS A 693 -0.34 -53.20 46.62
C CYS A 693 -0.45 -53.48 45.13
N LYS A 694 -0.94 -52.53 44.35
CA LYS A 694 -1.15 -52.72 42.92
C LYS A 694 -0.34 -51.80 42.03
N LEU A 695 -0.24 -50.52 42.34
CA LEU A 695 0.48 -49.61 41.46
C LEU A 695 1.98 -49.85 41.53
N MET A 696 2.53 -50.00 42.73
CA MET A 696 3.96 -50.23 42.87
C MET A 696 4.46 -51.43 42.07
N PRO A 697 3.79 -52.59 42.11
CA PRO A 697 4.28 -53.72 41.31
C PRO A 697 4.40 -53.46 39.82
N TYR A 698 3.58 -52.60 39.25
CA TYR A 698 3.75 -52.33 37.82
C TYR A 698 4.92 -51.40 37.55
N LEU A 699 5.27 -50.55 38.51
CA LEU A 699 6.32 -49.56 38.32
C LEU A 699 7.71 -50.08 38.69
N ASP A 700 7.80 -51.01 39.64
CA ASP A 700 9.03 -51.55 40.20
C ASP A 700 10.13 -51.86 39.18
N PRO A 701 9.80 -52.40 38.01
CA PRO A 701 10.87 -52.67 37.03
C PRO A 701 11.51 -51.45 36.44
N TYR A 702 10.91 -50.27 36.60
CA TYR A 702 11.41 -49.04 36.00
C TYR A 702 11.91 -48.00 37.00
N ILE A 703 11.74 -48.22 38.29
CA ILE A 703 12.14 -47.26 39.32
C ILE A 703 13.43 -47.69 39.98
N THR A 704 14.27 -46.71 40.32
CA THR A 704 15.52 -46.99 41.00
C THR A 704 15.34 -47.22 42.51
N GLN A 705 14.41 -46.52 43.16
CA GLN A 705 14.22 -46.77 44.58
C GLN A 705 12.75 -46.87 44.98
N PRO A 706 12.43 -47.74 45.95
CA PRO A 706 11.04 -47.86 46.39
C PRO A 706 10.62 -46.70 47.30
N ILE A 707 9.94 -45.70 46.74
CA ILE A 707 9.46 -44.55 47.50
C ILE A 707 7.94 -44.61 47.53
N ILE A 708 7.36 -44.44 48.73
CA ILE A 708 5.91 -44.52 48.86
C ILE A 708 5.25 -43.23 48.38
N GLN A 709 5.96 -42.11 48.41
CA GLN A 709 5.43 -40.83 47.95
C GLN A 709 5.53 -40.70 46.43
N ILE A 710 4.92 -41.64 45.73
CA ILE A 710 4.89 -41.61 44.27
C ILE A 710 3.94 -40.53 43.77
N GLU A 711 3.05 -40.05 44.64
CA GLU A 711 2.05 -39.03 44.30
C GLU A 711 2.64 -37.66 43.97
N ARG A 712 3.90 -37.42 44.29
CA ARG A 712 4.53 -36.13 44.00
C ARG A 712 5.30 -36.23 42.69
N LYS A 713 4.92 -35.42 41.71
CA LYS A 713 5.55 -35.45 40.39
C LYS A 713 7.06 -35.35 40.51
N LEU A 714 7.55 -34.50 41.42
CA LEU A 714 9.00 -34.34 41.58
C LEU A 714 9.64 -35.62 42.08
N VAL A 715 8.98 -36.35 42.98
CA VAL A 715 9.55 -37.58 43.53
C VAL A 715 9.70 -38.63 42.43
N LEU A 716 8.61 -38.93 41.72
CA LEU A 716 8.66 -39.96 40.68
C LEU A 716 9.67 -39.61 39.61
N LEU A 717 9.75 -38.34 39.21
CA LEU A 717 10.71 -37.97 38.19
C LEU A 717 12.14 -38.21 38.67
N SER A 718 12.37 -38.06 39.97
CA SER A 718 13.68 -38.29 40.57
C SER A 718 14.03 -39.76 40.76
N VAL A 719 13.04 -40.64 40.86
CA VAL A 719 13.28 -42.06 41.11
C VAL A 719 13.30 -42.89 39.84
N LEU A 720 13.15 -42.28 38.67
CA LEU A 720 13.12 -43.05 37.44
C LEU A 720 14.50 -43.56 37.10
N LYS A 721 14.54 -44.79 36.59
CA LYS A 721 15.78 -45.37 36.08
C LYS A 721 16.18 -44.67 34.79
N GLU A 722 17.47 -44.70 34.49
CA GLU A 722 17.94 -44.03 33.29
C GLU A 722 17.26 -44.65 32.07
N PRO A 723 16.91 -43.85 31.07
CA PRO A 723 16.23 -44.38 29.90
C PRO A 723 17.17 -45.19 29.02
N VAL A 724 16.56 -45.92 28.10
CA VAL A 724 17.33 -46.70 27.14
C VAL A 724 18.12 -45.73 26.27
N SER A 725 19.33 -46.13 25.93
CA SER A 725 20.16 -45.27 25.08
C SER A 725 19.51 -45.14 23.72
N ARG A 726 19.53 -43.93 23.18
CA ARG A 726 18.86 -43.69 21.91
C ARG A 726 19.48 -44.57 20.83
N SER A 727 20.79 -44.78 20.87
CA SER A 727 21.40 -45.64 19.88
C SER A 727 20.90 -47.08 20.02
N ILE A 728 20.76 -47.56 21.26
CA ILE A 728 20.26 -48.92 21.47
C ILE A 728 18.77 -49.02 21.10
N PHE A 729 17.96 -48.10 21.63
CA PHE A 729 16.52 -48.12 21.36
C PHE A 729 16.24 -47.96 19.88
N ASP A 730 16.87 -46.96 19.25
CA ASP A 730 16.65 -46.73 17.82
C ASP A 730 17.12 -47.91 16.99
N TYR A 731 18.27 -48.49 17.35
CA TYR A 731 18.77 -49.64 16.60
C TYR A 731 17.87 -50.87 16.72
N ALA A 732 17.24 -51.07 17.88
CA ALA A 732 16.32 -52.19 18.02
C ALA A 732 15.00 -51.95 17.28
N LEU A 733 14.43 -50.75 17.41
CA LEU A 733 13.17 -50.47 16.73
C LEU A 733 13.36 -50.46 15.23
N ARG A 734 14.53 -50.09 14.75
CA ARG A 734 14.84 -50.09 13.33
C ARG A 734 15.17 -51.46 12.79
N SER A 735 15.37 -52.46 13.64
CA SER A 735 15.71 -53.80 13.16
C SER A 735 14.52 -54.44 12.48
N LYS A 736 14.75 -54.99 11.28
CA LYS A 736 13.68 -55.64 10.52
C LYS A 736 13.22 -56.93 11.20
N ASP A 737 14.13 -57.64 11.83
CA ASP A 737 13.85 -58.92 12.47
C ASP A 737 13.60 -58.72 13.96
N ILE A 738 12.71 -57.77 14.28
CA ILE A 738 12.46 -57.45 15.68
C ILE A 738 11.90 -58.65 16.42
N THR A 739 11.19 -59.53 15.71
CA THR A 739 10.69 -60.73 16.38
C THR A 739 11.85 -61.63 16.78
N SER A 740 12.77 -61.86 15.84
CA SER A 740 13.94 -62.69 16.14
C SER A 740 14.84 -62.03 17.17
N LEU A 741 14.97 -60.70 17.09
CA LEU A 741 15.78 -59.97 18.06
C LEU A 741 15.19 -60.12 19.45
N PHE A 742 13.88 -59.90 19.59
CA PHE A 742 13.26 -60.05 20.89
C PHE A 742 13.27 -61.50 21.33
N ARG A 743 13.10 -62.43 20.39
CA ARG A 743 13.21 -63.85 20.74
C ARG A 743 14.59 -64.17 21.29
N HIS A 744 15.63 -63.65 20.64
CA HIS A 744 16.98 -63.87 21.13
C HIS A 744 17.18 -63.15 22.45
N LEU A 745 16.64 -61.93 22.54
CA LEU A 745 16.75 -61.19 23.79
C LEU A 745 16.02 -61.92 24.91
N HIS A 746 14.90 -62.56 24.59
CA HIS A 746 14.22 -63.31 25.63
C HIS A 746 15.08 -64.47 26.11
N MET A 747 15.87 -65.07 25.20
CA MET A 747 16.77 -66.13 25.63
C MET A 747 17.88 -65.57 26.52
N ARG A 748 18.39 -64.38 26.20
CA ARG A 748 19.41 -63.79 27.05
C ARG A 748 18.84 -63.42 28.41
N GLN A 749 17.60 -62.92 28.43
CA GLN A 749 16.96 -62.61 29.70
C GLN A 749 16.72 -63.87 30.51
N LYS A 750 16.31 -64.95 29.84
CA LYS A 750 16.12 -66.20 30.55
C LYS A 750 17.43 -66.67 31.17
N LYS A 751 18.56 -66.36 30.53
CA LYS A 751 19.85 -66.71 31.11
C LYS A 751 20.10 -65.92 32.39
N ARG A 752 19.83 -64.62 32.37
CA ARG A 752 20.01 -63.83 33.58
C ARG A 752 19.02 -64.22 34.66
N ASN A 753 17.83 -64.66 34.29
CA ASN A 753 16.85 -65.10 35.28
C ASN A 753 17.08 -66.51 35.78
N GLY A 754 18.06 -67.23 35.24
CA GLY A 754 18.33 -68.58 35.70
C GLY A 754 17.38 -69.62 35.16
N SER A 755 16.42 -69.23 34.33
CA SER A 755 15.48 -70.18 33.76
C SER A 755 16.13 -71.04 32.69
N LEU A 756 17.13 -70.51 32.00
CA LEU A 756 17.88 -71.23 30.99
C LEU A 756 19.34 -71.30 31.43
N PRO A 757 19.94 -72.48 31.45
CA PRO A 757 21.34 -72.58 31.91
C PRO A 757 22.31 -71.86 30.99
N ASP A 758 22.18 -72.06 29.68
CA ASP A 758 23.05 -71.39 28.73
C ASP A 758 22.22 -70.91 27.56
N CYS A 759 22.48 -69.68 27.13
CA CYS A 759 21.78 -69.13 25.99
C CYS A 759 22.49 -69.55 24.72
N PRO A 760 21.86 -70.30 23.82
CA PRO A 760 22.50 -70.65 22.57
C PRO A 760 22.76 -69.41 21.73
N PRO A 761 23.85 -69.38 20.96
CA PRO A 761 24.10 -68.23 20.09
C PRO A 761 22.97 -68.09 19.09
N PRO A 762 22.73 -66.89 18.57
CA PRO A 762 21.59 -66.72 17.65
C PRO A 762 21.68 -67.61 16.42
N GLU A 763 20.62 -68.38 16.21
CA GLU A 763 20.52 -69.28 15.06
C GLU A 763 20.55 -68.52 13.75
N ASP A 764 19.99 -67.32 13.73
CA ASP A 764 19.88 -66.51 12.52
C ASP A 764 21.05 -65.54 12.48
N PRO A 765 21.83 -65.53 11.40
CA PRO A 765 22.95 -64.58 11.36
C PRO A 765 22.52 -63.15 11.48
N ALA A 766 21.31 -62.81 11.05
CA ALA A 766 20.81 -61.45 11.20
C ALA A 766 20.70 -61.09 12.67
N ILE A 767 20.32 -62.06 13.50
CA ILE A 767 20.24 -61.83 14.93
C ILE A 767 21.64 -61.81 15.51
N ALA A 768 22.56 -62.60 14.96
CA ALA A 768 23.94 -62.54 15.42
C ALA A 768 24.55 -61.17 15.16
N GLN A 769 24.31 -60.60 13.98
CA GLN A 769 24.82 -59.27 13.68
C GLN A 769 24.22 -58.24 14.63
N LEU A 770 22.90 -58.29 14.80
CA LEU A 770 22.20 -57.36 15.68
C LEU A 770 22.67 -57.48 17.13
N LEU A 771 22.80 -58.70 17.63
CA LEU A 771 23.22 -58.85 19.02
C LEU A 771 24.64 -58.34 19.21
N LYS A 772 25.52 -58.61 18.24
CA LYS A 772 26.87 -58.07 18.31
C LYS A 772 26.87 -56.56 18.28
N LYS A 773 26.04 -55.97 17.41
CA LYS A 773 25.95 -54.52 17.29
C LYS A 773 25.39 -53.89 18.56
N LEU A 774 24.32 -54.45 19.13
CA LEU A 774 23.75 -53.88 20.34
C LEU A 774 24.74 -53.94 21.49
N LEU A 775 25.51 -55.03 21.60
CA LEU A 775 26.54 -55.11 22.63
C LEU A 775 27.71 -54.16 22.33
N SER A 776 28.06 -54.04 21.04
CA SER A 776 29.13 -53.14 20.61
C SER A 776 28.77 -51.68 20.80
N GLN A 777 27.48 -51.35 20.76
CA GLN A 777 26.99 -50.01 20.97
C GLN A 777 26.87 -49.65 22.44
N GLY A 778 27.18 -50.57 23.34
CA GLY A 778 27.12 -50.27 24.75
C GLY A 778 25.90 -50.81 25.45
N MET A 779 25.21 -51.78 24.86
CA MET A 779 24.03 -52.35 25.49
C MET A 779 24.43 -53.01 26.80
N THR A 780 23.95 -52.44 27.90
CA THR A 780 24.25 -52.97 29.21
C THR A 780 23.14 -53.92 29.64
N GLU A 781 23.37 -54.62 30.75
CA GLU A 781 22.33 -55.52 31.23
C GLU A 781 21.09 -54.75 31.63
N GLU A 782 21.26 -53.53 32.12
CA GLU A 782 20.10 -52.71 32.42
C GLU A 782 19.39 -52.31 31.14
N GLU A 783 20.14 -52.05 30.07
CA GLU A 783 19.51 -51.71 28.80
C GLU A 783 18.83 -52.90 28.15
N GLU A 784 19.35 -54.12 28.36
CA GLU A 784 18.66 -55.29 27.85
C GLU A 784 17.35 -55.51 28.60
N ASP A 785 17.35 -55.31 29.92
CA ASP A 785 16.13 -55.44 30.71
C ASP A 785 15.09 -54.40 30.30
N LYS A 786 15.54 -53.16 30.08
CA LYS A 786 14.64 -52.09 29.66
C LYS A 786 14.05 -52.37 28.29
N LEU A 787 14.84 -52.89 27.36
CA LEU A 787 14.30 -53.24 26.05
C LEU A 787 13.18 -54.27 26.18
N LEU A 788 13.37 -55.28 27.02
CA LEU A 788 12.34 -56.31 27.17
C LEU A 788 11.07 -55.73 27.80
N ALA A 789 11.20 -54.81 28.75
CA ALA A 789 10.02 -54.19 29.34
C ALA A 789 9.24 -53.41 28.30
N LEU A 790 9.95 -52.78 27.37
CA LEU A 790 9.38 -52.02 26.27
C LEU A 790 9.03 -52.89 25.08
N LYS A 791 9.16 -54.22 25.23
CA LYS A 791 8.96 -55.13 24.11
C LYS A 791 7.63 -54.89 23.41
N ASP A 792 6.53 -54.87 24.16
CA ASP A 792 5.21 -54.70 23.54
C ASP A 792 5.12 -53.39 22.76
N PHE A 793 5.60 -52.29 23.34
CA PHE A 793 5.56 -51.02 22.65
C PHE A 793 6.43 -51.05 21.39
N MET A 794 7.66 -51.56 21.51
CA MET A 794 8.56 -51.63 20.37
C MET A 794 8.04 -52.54 19.28
N MET A 795 7.43 -53.67 19.65
CA MET A 795 6.90 -54.58 18.65
C MET A 795 5.75 -53.96 17.88
N LYS A 796 4.77 -53.38 18.59
CA LYS A 796 3.64 -52.77 17.90
C LYS A 796 4.09 -51.60 17.03
N SER A 797 4.95 -50.74 17.57
CA SER A 797 5.44 -49.59 16.83
C SER A 797 6.16 -50.00 15.56
N ASN A 798 6.93 -51.08 15.62
CA ASN A 798 7.63 -51.54 14.43
C ASN A 798 6.64 -51.91 13.34
N LYS A 799 5.60 -52.67 13.71
CA LYS A 799 4.59 -53.04 12.73
C LYS A 799 3.90 -51.80 12.16
N ALA A 800 3.61 -50.82 13.02
CA ALA A 800 2.98 -49.60 12.56
C ALA A 800 3.84 -48.85 11.56
N LYS A 801 5.14 -48.77 11.84
CA LYS A 801 6.05 -48.11 10.91
C LYS A 801 6.08 -48.86 9.57
N ALA A 802 6.02 -50.19 9.61
CA ALA A 802 6.00 -50.95 8.37
C ALA A 802 4.73 -50.66 7.58
N ASN A 803 3.61 -50.48 8.27
CA ASN A 803 2.35 -50.19 7.60
C ASN A 803 2.39 -48.84 6.87
N ILE A 804 3.11 -47.87 7.42
CA ILE A 804 3.22 -46.56 6.77
C ILE A 804 4.08 -46.68 5.51
N VAL A 805 5.19 -47.41 5.62
CA VAL A 805 6.08 -47.60 4.46
C VAL A 805 5.33 -48.26 3.31
N ASP A 806 4.48 -49.24 3.62
CA ASP A 806 3.71 -49.93 2.60
C ASP A 806 2.78 -48.99 1.82
N GLN A 807 2.39 -47.87 2.42
CA GLN A 807 1.51 -46.93 1.73
C GLN A 807 2.27 -45.88 0.94
N SER A 808 3.46 -45.48 1.39
CA SER A 808 4.25 -44.48 0.68
C SER A 808 4.69 -44.97 -0.70
N SER A 814 6.82 -36.30 -5.59
CA SER A 814 7.37 -34.96 -5.45
C SER A 814 7.98 -34.75 -4.07
N GLN A 815 8.64 -35.80 -3.55
CA GLN A 815 9.31 -35.70 -2.27
C GLN A 815 10.31 -34.55 -2.24
N LYS A 816 10.86 -34.19 -3.40
CA LYS A 816 11.73 -33.03 -3.49
C LYS A 816 10.96 -31.78 -3.10
N GLY A 817 11.56 -30.95 -2.25
CA GLY A 817 11.04 -29.67 -1.83
C GLY A 817 10.63 -28.71 -2.94
N VAL A 818 10.57 -29.22 -4.17
CA VAL A 818 10.28 -28.43 -5.35
C VAL A 818 8.82 -28.63 -5.74
N ILE A 819 8.14 -27.52 -5.98
CA ILE A 819 6.76 -27.49 -6.45
C ILE A 819 6.84 -27.36 -7.96
N ASP A 820 6.26 -28.32 -8.68
CA ASP A 820 6.26 -28.32 -10.14
C ASP A 820 4.99 -27.63 -10.61
N LEU A 821 5.17 -26.47 -11.28
CA LEU A 821 4.03 -25.72 -11.78
C LEU A 821 3.37 -26.41 -12.96
N ALA A 822 4.13 -27.20 -13.72
CA ALA A 822 3.51 -27.95 -14.81
C ALA A 822 2.52 -28.95 -14.26
N ALA A 823 2.83 -29.52 -13.08
CA ALA A 823 1.93 -30.45 -12.42
C ALA A 823 0.68 -29.75 -11.87
N LEU A 824 0.76 -28.46 -11.59
CA LEU A 824 -0.40 -27.73 -11.10
C LEU A 824 -1.19 -27.06 -12.21
N GLY A 825 -0.64 -26.94 -13.41
CA GLY A 825 -1.35 -26.32 -14.51
C GLY A 825 -1.53 -24.84 -14.40
N ILE A 826 -0.64 -24.14 -13.71
CA ILE A 826 -0.76 -22.69 -13.49
C ILE A 826 0.16 -21.97 -14.46
N THR A 827 -0.38 -20.97 -15.15
CA THR A 827 0.42 -20.19 -16.09
C THR A 827 0.95 -18.94 -15.40
N GLY A 828 2.27 -18.89 -15.26
CA GLY A 828 2.92 -17.74 -14.66
C GLY A 828 3.17 -16.63 -15.67
N ARG A 829 3.29 -15.41 -15.16
CA ARG A 829 3.61 -14.29 -16.03
C ARG A 829 5.13 -14.11 -16.01
N GLN A 830 5.68 -13.70 -17.15
CA GLN A 830 7.12 -13.52 -17.26
C GLN A 830 7.41 -12.16 -17.85
N VAL A 831 8.42 -11.49 -17.30
CA VAL A 831 8.85 -10.18 -17.75
C VAL A 831 10.36 -10.21 -17.98
N ASP A 832 10.79 -9.63 -19.10
CA ASP A 832 12.22 -9.57 -19.42
C ASP A 832 12.87 -8.53 -18.53
N LEU A 833 13.98 -8.91 -17.89
CA LEU A 833 14.78 -7.97 -17.12
C LEU A 833 15.81 -7.23 -17.96
N VAL A 834 16.17 -7.75 -19.12
CA VAL A 834 17.08 -7.03 -20.00
C VAL A 834 16.30 -5.97 -20.75
N LYS A 835 16.97 -4.85 -21.05
CA LYS A 835 16.35 -3.76 -21.78
C LYS A 835 17.21 -3.31 -22.94
N THR A 938 -3.16 0.27 -8.69
CA THR A 938 -3.52 -0.52 -7.52
C THR A 938 -2.32 -0.74 -6.62
N THR A 939 -2.56 -0.92 -5.32
CA THR A 939 -1.46 -1.13 -4.38
C THR A 939 -0.64 -2.35 -4.78
N CYS A 940 -1.30 -3.42 -5.22
CA CYS A 940 -0.56 -4.61 -5.62
C CYS A 940 0.23 -4.34 -6.88
N LYS A 941 -0.32 -3.55 -7.80
CA LYS A 941 0.40 -3.22 -9.02
C LYS A 941 1.64 -2.40 -8.70
N THR A 942 1.54 -1.49 -7.71
CA THR A 942 2.70 -0.69 -7.32
C THR A 942 3.80 -1.55 -6.71
N GLU A 943 3.44 -2.45 -5.78
CA GLU A 943 4.45 -3.34 -5.21
C GLU A 943 5.04 -4.26 -6.28
N LEU A 944 4.20 -4.70 -7.22
CA LEU A 944 4.66 -5.51 -8.34
C LEU A 944 5.64 -4.72 -9.19
N GLN A 945 5.34 -3.45 -9.45
CA GLN A 945 6.27 -2.63 -10.22
C GLN A 945 7.58 -2.46 -9.46
N GLN A 946 7.50 -2.38 -8.13
CA GLN A 946 8.73 -2.30 -7.35
C GLN A 946 9.54 -3.58 -7.45
N LEU A 947 8.89 -4.74 -7.40
CA LEU A 947 9.64 -5.98 -7.55
C LEU A 947 10.30 -6.04 -8.92
N ILE A 948 9.55 -5.67 -9.97
CA ILE A 948 10.10 -5.66 -11.33
C ILE A 948 11.25 -4.68 -11.44
N GLN A 949 11.13 -3.51 -10.81
CA GLN A 949 12.23 -2.55 -10.79
C GLN A 949 13.45 -3.11 -10.06
N GLN A 950 13.25 -3.78 -8.93
CA GLN A 950 14.38 -4.32 -8.20
C GLN A 950 15.07 -5.43 -8.98
N LYS A 951 14.31 -6.34 -9.58
CA LYS A 951 14.90 -7.40 -10.37
C LYS A 951 15.61 -6.83 -11.60
N ARG A 952 15.01 -5.84 -12.25
CA ARG A 952 15.62 -5.24 -13.43
C ARG A 952 16.95 -4.58 -13.09
N GLU A 953 16.98 -3.81 -12.00
CA GLU A 953 18.21 -3.15 -11.60
C GLU A 953 19.25 -4.16 -11.14
N GLN A 954 18.85 -5.13 -10.33
CA GLN A 954 19.78 -6.12 -9.81
C GLN A 954 20.38 -6.98 -10.91
N CYS A 955 19.56 -7.36 -11.90
CA CYS A 955 20.09 -8.15 -13.01
C CYS A 955 21.14 -7.39 -13.81
N ASN A 956 20.88 -6.10 -14.12
CA ASN A 956 21.87 -5.34 -14.87
C ASN A 956 23.14 -5.15 -14.06
N ALA A 957 22.99 -4.89 -12.76
CA ALA A 957 24.14 -4.67 -11.88
C ALA A 957 25.05 -5.90 -11.83
N GLU A 958 24.48 -7.09 -11.77
CA GLU A 958 25.30 -8.29 -11.73
C GLU A 958 26.04 -8.50 -13.05
N ARG A 959 25.38 -8.22 -14.17
CA ARG A 959 26.03 -8.38 -15.47
C ARG A 959 27.20 -7.41 -15.62
N ILE A 960 27.02 -6.17 -15.17
CA ILE A 960 28.08 -5.17 -15.26
C ILE A 960 29.35 -5.60 -14.52
N ALA A 961 29.19 -6.17 -13.32
CA ALA A 961 30.36 -6.60 -12.56
C ALA A 961 31.15 -7.67 -13.30
N LYS A 962 30.47 -8.65 -13.89
CA LYS A 962 31.16 -9.66 -14.67
C LYS A 962 31.77 -9.06 -15.94
N GLN A 963 31.01 -8.21 -16.64
CA GLN A 963 31.48 -7.60 -17.87
C GLN A 963 32.71 -6.74 -17.63
N MET A 964 32.78 -6.08 -16.47
CA MET A 964 33.93 -5.26 -16.15
C MET A 964 35.21 -6.08 -15.97
N MET A 965 35.10 -7.30 -15.45
CA MET A 965 36.29 -8.14 -15.33
C MET A 965 36.83 -8.51 -16.70
N GLU A 966 35.96 -8.72 -17.68
CA GLU A 966 36.42 -9.06 -19.02
C GLU A 966 36.88 -7.84 -19.81
N ASN A 967 36.24 -6.69 -19.62
CA ASN A 967 36.61 -5.48 -20.35
C ASN A 967 37.57 -4.59 -19.57
N ALA A 968 38.52 -5.17 -18.84
CA ALA A 968 39.40 -4.44 -17.93
C ALA A 968 40.19 -3.35 -18.66
N GLU A 969 39.85 -2.10 -18.45
CA GLU A 969 40.60 -0.98 -19.00
C GLU A 969 41.24 -0.20 -17.87
N TRP A 970 42.58 -0.23 -17.80
CA TRP A 970 43.27 0.61 -16.83
C TRP A 970 43.28 2.08 -17.25
N GLU A 971 43.49 2.36 -18.52
CA GLU A 971 43.51 3.73 -19.02
C GLU A 971 42.62 3.89 -20.24
N SER A 972 41.91 5.01 -20.29
CA SER A 972 41.05 5.32 -21.43
C SER A 972 41.85 5.51 -22.71
N LYS A 973 43.12 5.89 -22.60
CA LYS A 973 43.98 6.10 -23.76
C LYS A 973 45.38 5.59 -23.46
N PRO A 974 45.74 4.38 -23.91
CA PRO A 974 47.06 3.87 -23.61
C PRO A 974 48.11 4.62 -24.41
N PRO A 975 49.33 4.74 -23.89
CA PRO A 975 50.36 5.47 -24.61
C PRO A 975 50.65 4.82 -25.96
N PRO A 976 51.09 5.60 -26.93
CA PRO A 976 51.37 5.03 -28.24
C PRO A 976 52.47 4.00 -28.12
N PRO A 977 52.48 3.00 -29.00
CA PRO A 977 53.48 1.93 -28.88
C PRO A 977 54.89 2.48 -29.00
N GLY A 978 55.76 2.04 -28.11
CA GLY A 978 57.13 2.50 -28.06
C GLY A 978 57.30 3.89 -27.50
N TRP A 979 56.28 4.43 -26.84
CA TRP A 979 56.37 5.76 -26.26
C TRP A 979 57.50 5.83 -25.23
N ARG A 980 58.50 6.64 -25.54
CA ARG A 980 59.64 6.89 -24.65
C ARG A 980 59.70 8.41 -24.53
N PRO A 981 59.30 8.99 -23.41
CA PRO A 981 59.30 10.46 -23.32
C PRO A 981 60.72 11.02 -23.40
N LYS A 982 60.91 11.94 -24.34
CA LYS A 982 62.21 12.56 -24.56
C LYS A 982 62.49 13.69 -23.58
N GLY A 983 61.48 14.15 -22.84
CA GLY A 983 61.64 15.24 -21.89
C GLY A 983 61.64 16.62 -22.50
N LEU A 984 61.18 16.76 -23.74
CA LEU A 984 61.14 18.07 -24.37
C LEU A 984 60.02 18.88 -23.72
N LEU A 985 60.36 20.05 -23.21
CA LEU A 985 59.35 20.91 -22.61
C LEU A 985 58.46 21.49 -23.69
N VAL A 986 57.15 21.28 -23.55
CA VAL A 986 56.19 21.76 -24.52
C VAL A 986 55.48 23.02 -24.03
N ALA A 987 55.07 23.04 -22.77
CA ALA A 987 54.42 24.21 -22.21
C ALA A 987 54.92 24.42 -20.78
N HIS A 988 55.20 25.66 -20.44
CA HIS A 988 55.63 26.02 -19.10
C HIS A 988 54.49 26.83 -18.52
N LEU A 989 53.84 26.28 -17.50
CA LEU A 989 52.67 26.90 -16.89
C LEU A 989 53.03 27.22 -15.45
N HIS A 990 53.03 28.50 -15.11
CA HIS A 990 53.37 28.93 -13.76
C HIS A 990 52.28 29.82 -13.20
N GLU A 991 51.06 29.33 -13.25
CA GLU A 991 49.91 30.09 -12.80
C GLU A 991 49.67 29.90 -11.31
N HIS A 992 50.08 28.78 -10.76
CA HIS A 992 49.83 28.49 -9.36
C HIS A 992 50.78 29.28 -8.49
N LYS A 993 50.25 29.82 -7.40
CA LYS A 993 51.05 30.61 -6.47
C LYS A 993 51.73 29.78 -5.40
N SER A 994 51.36 28.51 -5.24
CA SER A 994 51.98 27.67 -4.23
C SER A 994 52.20 26.27 -4.79
N ALA A 995 52.53 25.35 -3.90
CA ALA A 995 52.79 23.97 -4.28
C ALA A 995 51.57 23.35 -4.94
N VAL A 996 51.79 22.66 -6.05
CA VAL A 996 50.75 21.91 -6.74
C VAL A 996 50.67 20.55 -6.08
N ASN A 997 49.47 20.16 -5.66
CA ASN A 997 49.31 18.91 -4.93
C ASN A 997 48.95 17.72 -5.81
N ARG A 998 48.22 17.91 -6.91
CA ARG A 998 47.80 16.77 -7.71
C ARG A 998 47.66 17.15 -9.16
N ILE A 999 47.70 16.15 -10.02
CA ILE A 999 47.46 16.29 -11.44
C ILE A 999 46.51 15.15 -11.80
N ARG A 1000 45.47 15.46 -12.59
CA ARG A 1000 44.50 14.47 -13.05
C ARG A 1000 44.15 14.78 -14.49
N VAL A 1001 43.81 13.75 -15.25
CA VAL A 1001 43.45 13.91 -16.65
C VAL A 1001 41.99 13.46 -16.78
N SER A 1002 41.25 14.13 -17.65
CA SER A 1002 39.85 13.80 -17.85
C SER A 1002 39.71 12.47 -18.59
N ASP A 1003 38.53 11.86 -18.41
CA ASP A 1003 38.27 10.57 -19.07
C ASP A 1003 38.30 10.70 -20.59
N GLU A 1004 37.86 11.83 -21.13
CA GLU A 1004 37.91 12.04 -22.56
C GLU A 1004 39.28 12.54 -23.01
N HIS A 1005 40.17 12.82 -22.07
CA HIS A 1005 41.50 13.38 -22.29
C HIS A 1005 41.46 14.78 -22.90
N SER A 1006 40.30 15.46 -22.86
CA SER A 1006 40.21 16.81 -23.38
C SER A 1006 40.65 17.87 -22.38
N LEU A 1007 40.72 17.53 -21.10
CA LEU A 1007 41.09 18.49 -20.06
C LEU A 1007 41.86 17.77 -18.96
N PHE A 1008 42.65 18.54 -18.23
CA PHE A 1008 43.34 18.06 -17.04
C PHE A 1008 43.32 19.17 -16.00
N ALA A 1009 43.36 18.78 -14.73
CA ALA A 1009 43.26 19.76 -13.65
C ALA A 1009 44.36 19.57 -12.63
N THR A 1010 44.71 20.68 -12.00
CA THR A 1010 45.78 20.78 -11.03
C THR A 1010 45.23 21.57 -9.85
N CYS A 1011 45.63 21.21 -8.65
CA CYS A 1011 45.21 21.93 -7.47
C CYS A 1011 46.47 22.39 -6.74
N SER A 1012 46.35 23.47 -5.97
CA SER A 1012 47.51 24.03 -5.33
C SER A 1012 47.17 24.51 -3.93
N ASN A 1013 48.21 24.70 -3.13
CA ASN A 1013 48.07 25.26 -1.80
C ASN A 1013 47.58 26.70 -1.82
N ASP A 1014 47.59 27.34 -3.00
CA ASP A 1014 47.11 28.71 -3.11
C ASP A 1014 45.61 28.82 -2.97
N GLY A 1015 44.92 27.69 -2.86
CA GLY A 1015 43.48 27.70 -2.71
C GLY A 1015 42.70 27.71 -3.99
N THR A 1016 43.35 27.48 -5.12
CA THR A 1016 42.68 27.48 -6.40
C THR A 1016 42.85 26.12 -7.06
N VAL A 1017 41.85 25.75 -7.85
CA VAL A 1017 41.87 24.54 -8.66
C VAL A 1017 41.79 25.09 -10.07
N LYS A 1018 42.68 24.64 -10.94
CA LYS A 1018 42.68 25.18 -12.29
C LYS A 1018 42.57 24.06 -13.27
N ILE A 1019 41.69 24.23 -14.26
CA ILE A 1019 41.42 23.23 -15.27
C ILE A 1019 42.04 23.73 -16.56
N TRP A 1020 42.71 22.85 -17.27
CA TRP A 1020 43.47 23.18 -18.45
C TRP A 1020 42.96 22.34 -19.59
N ASN A 1021 42.99 22.90 -20.79
CA ASN A 1021 42.57 22.15 -21.97
C ASN A 1021 43.82 21.45 -22.48
N SER A 1022 43.83 20.13 -22.38
CA SER A 1022 45.00 19.38 -22.80
C SER A 1022 45.24 19.53 -24.30
N GLN A 1023 44.18 19.71 -25.08
CA GLN A 1023 44.40 19.90 -26.50
C GLN A 1023 45.14 21.19 -26.78
N LYS A 1024 44.95 22.21 -25.94
CA LYS A 1024 45.65 23.48 -26.15
C LYS A 1024 47.13 23.43 -25.79
N MET A 1025 47.59 22.42 -25.05
CA MET A 1025 49.00 22.39 -24.67
C MET A 1025 49.90 21.82 -25.76
N GLU A 1026 49.32 21.42 -26.89
CA GLU A 1026 50.08 20.84 -28.00
C GLU A 1026 50.93 21.86 -28.74
N GLY A 1027 50.98 23.11 -28.29
CA GLY A 1027 51.80 24.10 -28.94
C GLY A 1027 51.12 24.79 -30.11
N LYS A 1028 49.93 24.32 -30.50
CA LYS A 1028 49.21 24.93 -31.62
C LYS A 1028 48.65 26.28 -31.25
N THR A 1029 48.52 26.55 -29.95
CA THR A 1029 48.00 27.80 -29.44
C THR A 1029 49.16 28.65 -28.94
N THR A 1030 49.06 29.96 -29.17
CA THR A 1030 50.13 30.87 -28.76
C THR A 1030 50.29 30.91 -27.25
N THR A 1031 49.18 31.08 -26.51
CA THR A 1031 49.25 31.17 -25.06
C THR A 1031 48.35 30.13 -24.41
N THR A 1032 48.94 29.29 -23.57
CA THR A 1032 48.21 28.25 -22.85
C THR A 1032 48.10 28.73 -21.40
N ARG A 1033 46.87 29.02 -20.97
CA ARG A 1033 46.57 29.40 -19.60
C ARG A 1033 45.36 28.60 -19.15
N SER A 1034 45.12 28.60 -17.85
CA SER A 1034 44.04 27.80 -17.31
C SER A 1034 42.72 28.18 -17.99
N ILE A 1035 41.96 27.18 -18.41
CA ILE A 1035 40.69 27.42 -19.09
C ILE A 1035 39.66 27.94 -18.12
N LEU A 1036 39.71 27.46 -16.88
CA LEU A 1036 38.76 27.81 -15.84
C LEU A 1036 39.54 27.93 -14.54
N THR A 1037 39.11 28.83 -13.67
CA THR A 1037 39.74 28.97 -12.37
C THR A 1037 38.64 28.94 -11.33
N TYR A 1038 38.72 27.97 -10.43
CA TYR A 1038 37.79 27.86 -9.32
C TYR A 1038 38.58 28.23 -8.07
N SER A 1039 38.00 29.10 -7.25
CA SER A 1039 38.69 29.51 -6.03
C SER A 1039 37.75 29.54 -4.84
N ARG A 1040 36.53 29.04 -4.99
CA ARG A 1040 35.54 29.12 -3.94
C ARG A 1040 35.70 28.03 -2.89
N ILE A 1041 36.63 27.09 -3.06
CA ILE A 1041 36.79 26.07 -2.03
C ILE A 1041 37.46 26.61 -0.78
N GLY A 1042 38.35 27.59 -0.93
CA GLY A 1042 39.01 28.13 0.25
C GLY A 1042 40.04 27.20 0.86
N GLY A 1043 40.99 27.76 1.60
CA GLY A 1043 42.04 26.97 2.20
C GLY A 1043 43.04 26.54 1.16
N ARG A 1044 43.75 25.44 1.42
CA ARG A 1044 44.73 24.92 0.49
C ARG A 1044 44.07 23.75 -0.26
N VAL A 1045 43.97 23.85 -1.57
CA VAL A 1045 43.40 22.75 -2.34
C VAL A 1045 44.50 21.73 -2.53
N LYS A 1046 44.31 20.53 -2.00
CA LYS A 1046 45.37 19.53 -2.01
C LYS A 1046 45.24 18.51 -3.14
N THR A 1047 44.03 18.11 -3.50
CA THR A 1047 43.87 17.08 -4.53
C THR A 1047 42.57 17.28 -5.28
N LEU A 1048 42.54 16.73 -6.49
CA LEU A 1048 41.39 16.83 -7.37
C LEU A 1048 41.39 15.59 -8.25
N THR A 1049 40.21 15.24 -8.77
CA THR A 1049 40.12 14.12 -9.69
C THR A 1049 38.92 14.30 -10.60
N PHE A 1050 39.09 13.95 -11.87
CA PHE A 1050 38.00 13.94 -12.82
C PHE A 1050 37.12 12.72 -12.59
N CYS A 1051 35.85 12.87 -12.90
CA CYS A 1051 34.86 11.82 -12.80
C CYS A 1051 34.46 11.40 -14.20
N GLN A 1052 34.17 10.11 -14.36
CA GLN A 1052 33.82 9.53 -15.65
C GLN A 1052 32.94 10.44 -16.49
N GLY A 1053 33.29 10.58 -17.76
CA GLY A 1053 32.64 11.49 -18.68
C GLY A 1053 33.04 12.94 -18.61
N SER A 1054 34.08 13.29 -17.84
CA SER A 1054 34.63 14.65 -17.85
C SER A 1054 33.66 15.74 -17.41
N HIS A 1055 32.46 15.38 -16.97
CA HIS A 1055 31.45 16.35 -16.57
C HIS A 1055 31.52 16.82 -15.13
N TYR A 1056 32.27 16.14 -14.27
CA TYR A 1056 32.34 16.53 -12.88
C TYR A 1056 33.79 16.64 -12.43
N LEU A 1057 34.04 17.56 -11.50
CA LEU A 1057 35.36 17.76 -10.91
C LEU A 1057 35.18 17.80 -9.41
N ALA A 1058 35.92 16.97 -8.70
CA ALA A 1058 35.92 16.92 -7.25
C ALA A 1058 37.13 17.65 -6.70
N ILE A 1059 36.93 18.41 -5.62
CA ILE A 1059 38.02 19.17 -5.03
C ILE A 1059 37.92 19.08 -3.52
N ALA A 1060 39.06 19.22 -2.85
CA ALA A 1060 39.13 19.18 -1.40
C ALA A 1060 40.07 20.28 -0.94
N SER A 1061 39.80 20.84 0.22
CA SER A 1061 40.61 21.90 0.80
C SER A 1061 41.16 21.46 2.14
N ASP A 1062 42.23 22.11 2.58
CA ASP A 1062 42.78 21.78 3.89
C ASP A 1062 41.87 22.18 5.03
N ASN A 1063 40.84 22.99 4.77
CA ASN A 1063 39.87 23.32 5.81
C ASN A 1063 38.94 22.16 6.14
N GLY A 1064 38.94 21.12 5.32
CA GLY A 1064 38.04 20.00 5.47
C GLY A 1064 36.84 20.04 4.55
N ALA A 1065 36.77 21.03 3.67
CA ALA A 1065 35.65 21.19 2.76
C ALA A 1065 35.89 20.43 1.45
N VAL A 1066 34.92 19.63 1.06
CA VAL A 1066 34.95 18.92 -0.21
C VAL A 1066 33.75 19.38 -1.01
N GLN A 1067 34.00 19.83 -2.23
CA GLN A 1067 32.95 20.34 -3.10
C GLN A 1067 33.14 19.75 -4.47
N LEU A 1068 32.05 19.39 -5.13
CA LEU A 1068 32.10 18.92 -6.50
C LEU A 1068 31.66 20.07 -7.39
N LEU A 1069 32.55 20.50 -8.27
CA LEU A 1069 32.29 21.61 -9.18
C LEU A 1069 32.10 21.06 -10.58
N GLY A 1070 31.13 21.61 -11.30
CA GLY A 1070 30.86 21.18 -12.66
C GLY A 1070 31.59 22.06 -13.64
N ILE A 1071 32.33 21.43 -14.54
CA ILE A 1071 33.06 22.13 -15.58
C ILE A 1071 32.18 22.08 -16.82
N GLU A 1072 31.45 23.17 -17.06
CA GLU A 1072 30.55 23.26 -18.20
C GLU A 1072 31.34 23.55 -19.46
N ALA A 1073 31.36 22.60 -20.37
CA ALA A 1073 32.03 22.70 -21.66
C ALA A 1073 31.22 23.60 -22.57
N SER A 1074 31.02 24.85 -22.17
CA SER A 1074 30.24 25.78 -22.98
C SER A 1074 30.89 25.96 -24.34
N LYS A 1075 30.05 25.99 -25.37
CA LYS A 1075 30.49 26.21 -26.74
C LYS A 1075 31.28 27.51 -26.86
N LEU A 1076 32.26 27.50 -27.75
CA LEU A 1076 33.07 28.67 -27.97
C LEU A 1076 32.20 29.80 -28.52
N PRO A 1077 32.57 31.05 -28.29
CA PRO A 1077 33.77 31.50 -27.57
C PRO A 1077 33.61 31.61 -26.06
N LYS A 1078 32.41 31.39 -25.52
CA LYS A 1078 32.21 31.57 -24.09
C LYS A 1078 33.09 30.63 -23.26
N SER A 1079 33.74 31.20 -22.26
CA SER A 1079 34.59 30.42 -21.36
C SER A 1079 33.73 29.51 -20.50
N PRO A 1080 34.18 28.28 -20.24
CA PRO A 1080 33.41 27.41 -19.35
C PRO A 1080 33.28 28.03 -17.96
N LYS A 1081 32.11 27.83 -17.36
CA LYS A 1081 31.81 28.29 -16.01
C LYS A 1081 31.80 27.11 -15.05
N ILE A 1082 32.41 27.29 -13.88
CA ILE A 1082 32.43 26.27 -12.84
C ILE A 1082 31.54 26.79 -11.71
N HIS A 1083 30.60 25.96 -11.27
CA HIS A 1083 29.66 26.28 -10.22
C HIS A 1083 29.62 25.11 -9.26
N PRO A 1084 29.56 25.35 -7.95
CA PRO A 1084 29.50 24.22 -7.02
C PRO A 1084 28.14 23.52 -7.12
N LEU A 1085 28.19 22.24 -7.48
CA LEU A 1085 26.99 21.41 -7.65
C LEU A 1085 26.60 20.78 -6.33
N GLN A 1086 27.55 20.20 -5.62
CA GLN A 1086 27.30 19.56 -4.34
C GLN A 1086 28.44 19.94 -3.40
N SER A 1087 28.13 20.03 -2.12
CA SER A 1087 29.16 20.40 -1.17
C SER A 1087 29.01 19.55 0.09
N ARG A 1088 30.16 19.22 0.68
CA ARG A 1088 30.24 18.47 1.93
C ARG A 1088 31.30 19.15 2.76
N ILE A 1089 31.00 19.44 4.01
CA ILE A 1089 31.94 20.08 4.92
C ILE A 1089 32.25 19.08 6.02
N LEU A 1090 33.48 18.57 6.03
CA LEU A 1090 33.85 17.59 7.03
C LEU A 1090 34.19 18.34 8.32
N ASP A 1091 33.77 17.77 9.43
CA ASP A 1091 34.05 18.36 10.73
C ASP A 1091 35.54 18.24 11.01
N GLN A 1092 36.21 19.37 11.26
CA GLN A 1092 37.63 19.31 11.51
C GLN A 1092 37.95 18.54 12.79
N LYS A 1093 36.98 18.38 13.67
CA LYS A 1093 37.17 17.61 14.89
C LYS A 1093 36.83 16.14 14.73
N GLU A 1094 35.85 15.80 13.88
CA GLU A 1094 35.40 14.43 13.68
C GLU A 1094 36.00 13.74 12.46
N ASP A 1095 36.02 14.41 11.30
CA ASP A 1095 36.51 13.81 10.07
C ASP A 1095 37.86 14.34 9.63
N GLY A 1096 38.15 15.61 9.82
CA GLY A 1096 39.38 16.18 9.34
C GLY A 1096 39.39 16.45 7.85
N CYS A 1097 40.57 16.83 7.36
CA CYS A 1097 40.71 17.17 5.96
C CYS A 1097 40.94 15.92 5.12
N VAL A 1098 40.71 16.07 3.82
CA VAL A 1098 40.88 14.99 2.87
C VAL A 1098 42.37 14.79 2.61
N VAL A 1099 42.83 13.54 2.70
CA VAL A 1099 44.22 13.21 2.45
C VAL A 1099 44.40 12.70 1.02
N ASP A 1100 43.49 11.86 0.54
CA ASP A 1100 43.55 11.41 -0.84
C ASP A 1100 42.12 11.16 -1.30
N MET A 1101 41.91 11.21 -2.61
CA MET A 1101 40.57 11.04 -3.16
C MET A 1101 40.67 10.43 -4.55
N HIS A 1102 39.75 9.51 -4.84
CA HIS A 1102 39.65 8.80 -6.10
C HIS A 1102 38.16 8.63 -6.40
N HIS A 1103 37.82 8.52 -7.67
CA HIS A 1103 36.43 8.31 -8.06
C HIS A 1103 36.33 7.05 -8.88
N PHE A 1104 35.33 6.22 -8.57
CA PHE A 1104 35.04 5.00 -9.29
C PHE A 1104 33.53 4.88 -9.42
N ASN A 1105 33.08 4.52 -10.61
CA ASN A 1105 31.67 4.38 -10.95
C ASN A 1105 31.34 2.90 -11.07
N SER A 1106 30.49 2.42 -10.17
CA SER A 1106 30.00 1.05 -10.19
C SER A 1106 28.85 0.85 -11.15
N GLY A 1107 28.66 1.79 -12.05
CA GLY A 1107 27.56 1.82 -13.02
C GLY A 1107 26.28 2.34 -12.43
N ALA A 1108 25.83 1.76 -11.32
CA ALA A 1108 24.62 2.28 -10.71
C ALA A 1108 24.92 3.49 -9.84
N GLN A 1109 26.07 3.50 -9.17
CA GLN A 1109 26.45 4.58 -8.28
C GLN A 1109 27.83 5.08 -8.68
N SER A 1110 27.97 6.39 -8.87
CA SER A 1110 29.25 7.01 -9.18
C SER A 1110 29.75 7.48 -7.82
N VAL A 1111 30.70 6.75 -7.25
CA VAL A 1111 31.16 7.00 -5.88
C VAL A 1111 32.54 7.61 -5.91
N LEU A 1112 32.70 8.72 -5.20
CA LEU A 1112 33.99 9.39 -5.01
C LEU A 1112 34.49 8.95 -3.64
N ALA A 1113 35.59 8.21 -3.62
CA ALA A 1113 36.18 7.73 -2.37
C ALA A 1113 37.27 8.71 -1.97
N TYR A 1114 37.21 9.18 -0.73
CA TYR A 1114 38.16 10.11 -0.18
C TYR A 1114 38.46 9.69 1.26
N ALA A 1115 39.68 9.92 1.69
CA ALA A 1115 40.15 9.53 3.01
C ALA A 1115 40.38 10.77 3.85
N THR A 1116 39.97 10.70 5.10
CA THR A 1116 40.11 11.80 6.03
C THR A 1116 41.21 11.54 7.06
N VAL A 1117 41.57 12.60 7.75
CA VAL A 1117 42.61 12.54 8.79
C VAL A 1117 42.20 11.60 9.91
N ASN A 1118 40.92 11.56 10.25
CA ASN A 1118 40.52 10.68 11.33
C ASN A 1118 40.41 9.23 10.91
N GLY A 1119 40.91 8.89 9.72
CA GLY A 1119 40.92 7.52 9.23
C GLY A 1119 39.66 7.06 8.56
N SER A 1120 38.70 7.95 8.35
CA SER A 1120 37.46 7.60 7.70
C SER A 1120 37.65 7.64 6.19
N LEU A 1121 37.40 6.53 5.51
CA LEU A 1121 37.38 6.50 4.06
C LEU A 1121 35.91 6.39 3.70
N VAL A 1122 35.37 7.40 3.03
CA VAL A 1122 33.96 7.46 2.69
C VAL A 1122 33.82 7.58 1.19
N GLY A 1123 32.93 6.79 0.62
CA GLY A 1123 32.62 6.86 -0.79
C GLY A 1123 31.29 7.55 -0.98
N TRP A 1124 31.28 8.79 -1.44
CA TRP A 1124 30.03 9.52 -1.62
C TRP A 1124 29.53 9.26 -3.03
N ASP A 1125 28.37 8.63 -3.14
CA ASP A 1125 27.77 8.36 -4.45
C ASP A 1125 27.15 9.65 -4.98
N LEU A 1126 27.77 10.23 -6.00
CA LEU A 1126 27.33 11.49 -6.58
C LEU A 1126 26.00 11.38 -7.30
N ARG A 1127 25.48 10.17 -7.50
CA ARG A 1127 24.18 10.03 -8.14
C ARG A 1127 23.06 10.23 -7.13
N SER A 1128 23.14 9.56 -5.97
CA SER A 1128 22.09 9.62 -4.96
C SER A 1128 22.47 10.46 -3.74
N SER A 1129 23.64 11.06 -3.73
CA SER A 1129 24.15 11.87 -2.62
C SER A 1129 24.33 11.09 -1.33
N SER A 1130 24.11 9.78 -1.35
CA SER A 1130 24.30 8.96 -0.16
C SER A 1130 25.70 8.34 -0.14
N ASN A 1131 26.11 7.88 1.04
CA ASN A 1131 27.41 7.23 1.17
C ASN A 1131 27.22 5.81 0.65
N ALA A 1132 27.88 5.49 -0.46
CA ALA A 1132 27.83 4.13 -0.99
C ALA A 1132 28.45 3.13 -0.03
N TRP A 1133 29.60 3.46 0.54
CA TRP A 1133 30.27 2.58 1.49
C TRP A 1133 31.13 3.40 2.44
N THR A 1134 31.38 2.85 3.62
CA THR A 1134 32.18 3.54 4.62
C THR A 1134 33.14 2.54 5.24
N LEU A 1135 34.43 2.90 5.26
CA LEU A 1135 35.49 2.08 5.83
C LEU A 1135 36.16 2.90 6.92
N LYS A 1136 36.58 2.24 7.99
CA LYS A 1136 37.24 2.92 9.09
C LYS A 1136 38.62 2.29 9.25
N HIS A 1137 39.64 3.05 8.88
CA HIS A 1137 41.02 2.59 8.95
C HIS A 1137 41.54 2.68 10.36
N ASP A 1138 42.43 1.74 10.70
CA ASP A 1138 43.05 1.71 12.01
C ASP A 1138 44.14 2.77 12.02
N LEU A 1139 43.97 3.82 12.83
CA LEU A 1139 44.97 4.87 12.89
C LEU A 1139 46.28 4.37 13.48
N LYS A 1140 46.26 3.22 14.16
CA LYS A 1140 47.51 2.64 14.62
C LYS A 1140 48.40 2.27 13.44
N SER A 1141 47.81 2.11 12.26
CA SER A 1141 48.55 1.80 11.06
C SER A 1141 49.14 3.04 10.42
N GLY A 1142 48.94 4.21 11.02
CA GLY A 1142 49.47 5.44 10.49
C GLY A 1142 48.41 6.29 9.81
N LEU A 1143 48.80 7.53 9.52
CA LEU A 1143 47.93 8.46 8.83
C LEU A 1143 47.76 8.01 7.39
N ILE A 1144 46.56 8.14 6.85
CA ILE A 1144 46.35 7.77 5.45
C ILE A 1144 47.07 8.78 4.57
N THR A 1145 47.97 8.27 3.73
CA THR A 1145 48.74 9.11 2.81
C THR A 1145 48.33 8.97 1.36
N SER A 1146 47.84 7.81 0.93
CA SER A 1146 47.41 7.62 -0.45
C SER A 1146 46.59 6.34 -0.50
N PHE A 1147 45.82 6.18 -1.57
CA PHE A 1147 45.10 4.92 -1.75
C PHE A 1147 44.95 4.63 -3.24
N ALA A 1148 44.74 3.35 -3.54
CA ALA A 1148 44.53 2.86 -4.89
C ALA A 1148 43.34 1.93 -4.89
N VAL A 1149 42.54 2.00 -5.96
CA VAL A 1149 41.34 1.18 -6.10
C VAL A 1149 41.57 0.26 -7.28
N ASP A 1150 41.22 -1.02 -7.12
CA ASP A 1150 41.45 -1.99 -8.17
C ASP A 1150 40.65 -1.66 -9.41
N ILE A 1151 41.25 -1.93 -10.57
CA ILE A 1151 40.54 -1.70 -11.83
C ILE A 1151 39.30 -2.55 -11.87
N HIS A 1152 39.36 -3.75 -11.30
CA HIS A 1152 38.22 -4.64 -11.25
C HIS A 1152 37.25 -4.25 -10.15
N GLN A 1153 37.55 -3.16 -9.44
CA GLN A 1153 36.75 -2.59 -8.36
C GLN A 1153 36.45 -3.58 -7.25
N CYS A 1154 37.22 -4.66 -7.16
CA CYS A 1154 36.95 -5.63 -6.12
C CYS A 1154 37.54 -5.21 -4.78
N TRP A 1155 38.69 -4.53 -4.81
CA TRP A 1155 39.37 -4.18 -3.58
C TRP A 1155 40.14 -2.88 -3.75
N LEU A 1156 40.53 -2.30 -2.61
CA LEU A 1156 41.24 -1.04 -2.53
C LEU A 1156 42.31 -1.22 -1.47
N CYS A 1157 43.44 -0.54 -1.66
CA CYS A 1157 44.58 -0.59 -0.74
C CYS A 1157 44.91 0.81 -0.25
N ILE A 1158 45.08 0.95 1.07
CA ILE A 1158 45.35 2.22 1.71
C ILE A 1158 46.80 2.19 2.18
N GLY A 1159 47.53 3.23 1.85
CA GLY A 1159 48.91 3.40 2.27
C GLY A 1159 48.94 4.43 3.37
N THR A 1160 49.86 4.28 4.31
CA THR A 1160 49.90 5.21 5.42
C THR A 1160 51.28 5.84 5.58
N SER A 1161 51.32 6.87 6.44
CA SER A 1161 52.53 7.61 6.78
C SER A 1161 53.52 6.79 7.58
N SER A 1162 53.04 5.76 8.28
CA SER A 1162 53.90 4.90 9.07
C SER A 1162 54.45 3.75 8.24
N GLY A 1163 54.17 3.74 6.94
CA GLY A 1163 54.60 2.70 6.04
C GLY A 1163 53.72 1.48 5.97
N THR A 1164 52.57 1.50 6.62
CA THR A 1164 51.67 0.37 6.58
C THR A 1164 50.87 0.39 5.29
N MET A 1165 50.73 -0.77 4.68
CA MET A 1165 49.89 -0.93 3.50
C MET A 1165 48.80 -1.88 3.99
N ALA A 1166 47.57 -1.37 4.06
CA ALA A 1166 46.41 -2.13 4.49
C ALA A 1166 45.56 -2.43 3.28
N CYS A 1167 45.14 -3.68 3.14
CA CYS A 1167 44.35 -4.12 2.01
C CYS A 1167 42.90 -4.21 2.45
N TRP A 1168 42.00 -3.67 1.64
CA TRP A 1168 40.58 -3.68 1.92
C TRP A 1168 39.87 -4.34 0.75
N ASP A 1169 38.99 -5.28 1.05
CA ASP A 1169 38.16 -5.92 0.05
C ASP A 1169 36.91 -5.07 -0.09
N MET A 1170 36.68 -4.53 -1.28
CA MET A 1170 35.49 -3.70 -1.49
C MET A 1170 34.22 -4.50 -1.71
N ARG A 1171 34.33 -5.76 -2.14
CA ARG A 1171 33.13 -6.57 -2.36
C ARG A 1171 32.44 -6.86 -1.04
N PHE A 1172 33.20 -7.13 0.01
CA PHE A 1172 32.64 -7.42 1.31
C PHE A 1172 32.74 -6.21 2.23
N GLN A 1173 33.56 -5.23 1.86
CA GLN A 1173 33.79 -4.04 2.66
C GLN A 1173 34.38 -4.39 4.03
N LEU A 1174 35.47 -5.16 4.00
CA LEU A 1174 36.16 -5.56 5.20
C LEU A 1174 37.66 -5.40 5.00
N PRO A 1175 38.39 -5.00 6.03
CA PRO A 1175 39.87 -4.96 5.96
C PRO A 1175 40.36 -6.38 6.11
N ILE A 1176 41.14 -6.86 5.14
CA ILE A 1176 41.58 -8.26 5.15
C ILE A 1176 42.97 -8.43 5.75
N SER A 1177 43.93 -7.62 5.34
CA SER A 1177 45.30 -7.80 5.83
C SER A 1177 45.96 -6.45 6.06
N SER A 1178 46.92 -6.42 6.98
CA SER A 1178 47.70 -5.23 7.29
C SER A 1178 49.16 -5.64 7.36
N HIS A 1179 49.98 -4.99 6.55
CA HIS A 1179 51.41 -5.27 6.48
C HIS A 1179 52.16 -3.96 6.58
N CYS A 1180 53.34 -3.98 7.20
CA CYS A 1180 54.11 -2.76 7.39
C CYS A 1180 55.46 -2.93 6.71
N HIS A 1181 55.90 -1.86 6.06
CA HIS A 1181 57.19 -1.86 5.40
C HIS A 1181 58.30 -2.11 6.42
N PRO A 1182 59.34 -2.87 6.06
CA PRO A 1182 60.38 -3.17 7.05
C PRO A 1182 61.01 -1.91 7.61
N SER A 1183 61.20 -0.89 6.77
CA SER A 1183 61.78 0.37 7.21
C SER A 1183 60.74 1.30 7.83
N ARG A 1184 59.47 0.94 7.79
CA ARG A 1184 58.37 1.78 8.25
C ARG A 1184 58.33 3.14 7.56
N ALA A 1185 58.91 3.27 6.37
CA ALA A 1185 58.92 4.56 5.69
C ALA A 1185 57.57 4.90 5.07
N ARG A 1186 57.27 6.20 5.06
CA ARG A 1186 56.00 6.72 4.56
C ARG A 1186 55.74 6.26 3.14
N ILE A 1187 54.48 5.90 2.87
CA ILE A 1187 54.06 5.55 1.52
C ILE A 1187 53.60 6.83 0.86
N ARG A 1188 54.18 7.14 -0.31
CA ARG A 1188 53.85 8.40 -0.97
C ARG A 1188 52.69 8.25 -1.94
N ARG A 1189 52.73 7.23 -2.79
CA ARG A 1189 51.68 7.01 -3.77
C ARG A 1189 51.46 5.52 -3.89
N LEU A 1190 50.22 5.12 -4.11
CA LEU A 1190 49.85 3.73 -4.25
C LEU A 1190 49.14 3.62 -5.57
N SER A 1191 49.36 2.51 -6.26
CA SER A 1191 48.69 2.24 -7.51
C SER A 1191 48.54 0.74 -7.63
N MET A 1192 47.48 0.29 -8.26
CA MET A 1192 47.34 -1.14 -8.45
C MET A 1192 48.33 -1.54 -9.54
N HIS A 1193 48.79 -2.75 -9.46
CA HIS A 1193 49.70 -3.13 -10.53
C HIS A 1193 48.91 -3.35 -11.81
N PRO A 1194 49.42 -2.88 -12.95
CA PRO A 1194 48.66 -3.07 -14.19
C PRO A 1194 48.61 -4.51 -14.64
N LEU A 1195 49.62 -5.33 -14.32
CA LEU A 1195 49.65 -6.74 -14.72
C LEU A 1195 49.22 -7.70 -13.63
N TYR A 1196 49.82 -7.61 -12.45
CA TYR A 1196 49.50 -8.52 -11.36
C TYR A 1196 48.28 -8.03 -10.62
N GLN A 1197 47.25 -8.86 -10.55
CA GLN A 1197 46.00 -8.43 -9.97
C GLN A 1197 46.08 -8.23 -8.46
N SER A 1198 47.05 -8.85 -7.79
CA SER A 1198 47.19 -8.69 -6.34
C SER A 1198 48.36 -7.81 -5.92
N TRP A 1199 49.10 -7.25 -6.88
CA TRP A 1199 50.25 -6.41 -6.61
C TRP A 1199 49.89 -4.93 -6.59
N VAL A 1200 50.51 -4.18 -5.70
CA VAL A 1200 50.28 -2.74 -5.56
C VAL A 1200 51.67 -2.10 -5.56
N ILE A 1201 51.84 -1.04 -6.35
CA ILE A 1201 53.10 -0.33 -6.45
C ILE A 1201 53.04 0.85 -5.50
N ALA A 1202 53.93 0.85 -4.51
CA ALA A 1202 54.02 1.89 -3.49
C ALA A 1202 55.41 2.49 -3.52
N ALA A 1203 55.48 3.80 -3.77
CA ALA A 1203 56.72 4.54 -3.70
C ALA A 1203 56.89 4.96 -2.24
N VAL A 1204 58.03 4.65 -1.66
CA VAL A 1204 58.26 4.85 -0.23
C VAL A 1204 59.26 5.98 -0.07
N GLN A 1205 59.15 6.68 1.06
CA GLN A 1205 60.02 7.81 1.36
C GLN A 1205 61.47 7.37 1.50
N GLY A 1206 62.35 7.96 0.71
CA GLY A 1206 63.76 7.69 0.74
C GLY A 1206 64.25 6.78 -0.37
N ASN A 1207 65.51 7.00 -0.74
CA ASN A 1207 66.25 6.24 -1.77
C ASN A 1207 65.54 6.21 -3.11
N ASN A 1208 64.57 7.09 -3.31
CA ASN A 1208 63.77 7.10 -4.54
C ASN A 1208 63.25 5.71 -4.85
N GLU A 1209 62.87 4.98 -3.80
CA GLU A 1209 62.42 3.60 -3.90
C GLU A 1209 60.97 3.51 -4.34
N VAL A 1210 60.72 2.72 -5.39
CA VAL A 1210 59.37 2.39 -5.82
C VAL A 1210 59.30 0.88 -5.76
N SER A 1211 58.50 0.34 -4.85
CA SER A 1211 58.44 -1.10 -4.61
C SER A 1211 57.04 -1.59 -4.91
N MET A 1212 56.96 -2.77 -5.52
CA MET A 1212 55.70 -3.42 -5.88
C MET A 1212 55.55 -4.60 -4.96
N TRP A 1213 54.44 -4.67 -4.24
CA TRP A 1213 54.21 -5.70 -3.24
C TRP A 1213 52.99 -6.51 -3.64
N ASP A 1214 53.08 -7.83 -3.51
CA ASP A 1214 51.97 -8.73 -3.75
C ASP A 1214 51.26 -8.87 -2.40
N MET A 1215 50.06 -8.30 -2.30
CA MET A 1215 49.34 -8.27 -1.03
C MET A 1215 48.83 -9.63 -0.57
N GLU A 1216 48.83 -10.66 -1.42
CA GLU A 1216 48.37 -11.96 -0.96
C GLU A 1216 49.36 -12.55 0.03
N THR A 1217 50.64 -12.55 -0.32
CA THR A 1217 51.70 -13.10 0.52
C THR A 1217 52.41 -12.02 1.32
N GLY A 1218 52.44 -10.79 0.82
CA GLY A 1218 53.14 -9.70 1.45
C GLY A 1218 54.59 -9.57 1.04
N ASP A 1219 55.02 -10.31 0.02
CA ASP A 1219 56.39 -10.29 -0.41
C ASP A 1219 56.60 -9.21 -1.46
N ARG A 1220 57.70 -8.49 -1.32
CA ARG A 1220 58.12 -7.48 -2.28
C ARG A 1220 58.66 -8.17 -3.51
N ARG A 1221 58.01 -7.97 -4.65
CA ARG A 1221 58.38 -8.71 -5.84
C ARG A 1221 59.32 -7.91 -6.74
N PHE A 1222 59.07 -6.61 -6.90
CA PHE A 1222 59.92 -5.77 -7.73
C PHE A 1222 60.17 -4.50 -6.94
N THR A 1223 61.41 -4.02 -6.92
CA THR A 1223 61.73 -2.80 -6.20
C THR A 1223 62.75 -2.04 -7.01
N LEU A 1224 62.57 -0.72 -7.08
CA LEU A 1224 63.52 0.17 -7.74
C LEU A 1224 64.35 0.89 -6.69
N TRP A 1225 65.67 0.89 -6.84
CA TRP A 1225 66.53 1.54 -5.86
C TRP A 1225 67.41 2.49 -6.65
N ALA A 1226 67.00 3.76 -6.68
CA ALA A 1226 67.64 4.88 -7.37
C ALA A 1226 68.27 5.78 -6.33
N SER A 1227 69.01 5.22 -5.38
CA SER A 1227 69.62 5.99 -4.31
C SER A 1227 71.09 5.62 -4.15
N SER A 1228 71.84 6.53 -3.54
CA SER A 1228 73.24 6.31 -3.27
C SER A 1228 73.47 5.39 -2.07
N ALA A 1229 72.45 5.15 -1.27
CA ALA A 1229 72.58 4.19 -0.18
C ALA A 1229 72.68 2.79 -0.77
N PRO A 1230 73.31 1.85 -0.06
CA PRO A 1230 73.44 0.48 -0.59
C PRO A 1230 72.06 -0.08 -0.89
N PRO A 1231 71.90 -0.81 -2.00
CA PRO A 1231 70.55 -1.27 -2.38
C PRO A 1231 69.86 -2.01 -1.24
N LEU A 1232 68.57 -1.73 -1.08
CA LEU A 1232 67.72 -2.29 -0.05
C LEU A 1232 68.19 -1.92 1.34
N SER A 1233 69.11 -0.97 1.46
CA SER A 1233 69.64 -0.56 2.75
C SER A 1233 68.55 0.02 3.61
N GLU A 1234 68.42 -0.49 4.83
CA GLU A 1234 67.47 0.08 5.78
C GLU A 1234 68.05 1.26 6.55
N LEU A 1235 69.37 1.39 6.56
CA LEU A 1235 70.09 2.46 7.24
C LEU A 1235 70.12 3.74 6.40
N GLN A 1236 70.29 4.87 7.09
CA GLN A 1236 70.41 6.23 6.57
C GLN A 1236 69.98 6.42 5.12
N PRO A 1237 68.69 6.42 4.82
CA PRO A 1237 68.26 6.54 3.43
C PRO A 1237 68.62 7.89 2.84
N SER A 1238 68.62 7.93 1.52
CA SER A 1238 68.86 9.11 0.69
C SER A 1238 67.65 10.04 0.71
N PRO A 1239 67.88 11.34 0.80
CA PRO A 1239 66.75 12.28 0.93
C PRO A 1239 65.92 12.43 -0.34
N HIS A 1240 66.24 11.74 -1.42
CA HIS A 1240 65.40 11.79 -2.60
C HIS A 1240 64.30 10.77 -2.40
N SER A 1241 63.09 11.10 -2.84
CA SER A 1241 61.96 10.19 -2.70
C SER A 1241 61.09 10.32 -3.93
N VAL A 1242 60.31 9.29 -4.21
CA VAL A 1242 59.39 9.31 -5.33
C VAL A 1242 58.11 9.92 -4.84
N HIS A 1243 57.59 10.88 -5.59
CA HIS A 1243 56.34 11.56 -5.26
C HIS A 1243 55.22 11.15 -6.18
N GLY A 1244 55.50 11.07 -7.46
CA GLY A 1244 54.52 10.71 -8.48
C GLY A 1244 54.82 9.33 -9.03
N ILE A 1245 53.78 8.54 -9.22
CA ILE A 1245 53.92 7.19 -9.77
C ILE A 1245 52.86 7.07 -10.84
N TYR A 1246 53.26 6.63 -12.02
CA TYR A 1246 52.36 6.35 -13.12
C TYR A 1246 52.71 4.98 -13.65
N CYS A 1247 51.73 4.08 -13.71
CA CYS A 1247 51.95 2.72 -14.17
C CYS A 1247 51.04 2.51 -15.36
N SER A 1248 51.61 2.06 -16.46
CA SER A 1248 50.87 1.75 -17.65
C SER A 1248 51.26 0.33 -18.03
N PRO A 1249 50.31 -0.54 -18.39
CA PRO A 1249 50.71 -1.86 -18.88
C PRO A 1249 51.50 -1.82 -20.17
N ALA A 1250 51.50 -0.68 -20.87
CA ALA A 1250 52.04 -0.64 -22.22
C ALA A 1250 51.33 -1.69 -23.04
N ASP A 1251 52.03 -2.79 -23.33
CA ASP A 1251 51.39 -3.96 -23.90
C ASP A 1251 52.12 -5.22 -23.41
N GLY A 1252 52.19 -5.38 -22.09
CA GLY A 1252 52.82 -6.53 -21.47
C GLY A 1252 54.08 -6.21 -20.69
N ASN A 1253 54.80 -5.18 -21.08
CA ASN A 1253 55.96 -4.66 -20.38
C ASN A 1253 55.58 -3.40 -19.64
N PRO A 1254 55.17 -3.49 -18.37
CA PRO A 1254 54.68 -2.29 -17.70
C PRO A 1254 55.80 -1.27 -17.51
N ILE A 1255 55.46 -0.02 -17.79
CA ILE A 1255 56.39 1.10 -17.68
C ILE A 1255 55.93 1.96 -16.50
N LEU A 1256 56.87 2.43 -15.71
CA LEU A 1256 56.57 3.29 -14.58
C LEU A 1256 57.42 4.54 -14.70
N LEU A 1257 56.77 5.70 -14.70
CA LEU A 1257 57.44 6.99 -14.71
C LEU A 1257 57.33 7.52 -13.30
N THR A 1258 58.47 7.89 -12.70
CA THR A 1258 58.51 8.40 -11.35
C THR A 1258 59.27 9.70 -11.30
N ALA A 1259 58.74 10.66 -10.54
CA ALA A 1259 59.36 11.96 -10.33
C ALA A 1259 59.17 12.29 -8.87
N GLY A 1260 60.13 12.98 -8.30
CA GLY A 1260 60.08 13.30 -6.88
C GLY A 1260 60.97 14.44 -6.45
N SER A 1261 61.40 14.37 -5.19
CA SER A 1261 62.22 15.41 -4.59
C SER A 1261 63.59 15.51 -5.24
N ASP A 1262 64.01 14.49 -5.99
CA ASP A 1262 65.28 14.61 -6.67
C ASP A 1262 65.15 15.38 -7.97
N MET A 1263 63.97 15.92 -8.23
CA MET A 1263 63.64 16.76 -9.38
C MET A 1263 63.84 16.07 -10.71
N LYS A 1264 64.02 14.75 -10.71
CA LYS A 1264 64.22 14.00 -11.93
C LYS A 1264 62.98 13.20 -12.26
N ILE A 1265 62.62 13.15 -13.54
CA ILE A 1265 61.52 12.31 -13.98
C ILE A 1265 62.22 11.12 -14.60
N ARG A 1266 62.04 9.95 -13.99
CA ARG A 1266 62.71 8.73 -14.42
C ARG A 1266 61.72 7.73 -14.96
N PHE A 1267 62.05 7.14 -16.10
CA PHE A 1267 61.23 6.10 -16.70
C PHE A 1267 61.91 4.78 -16.36
N TRP A 1268 61.25 3.95 -15.57
CA TRP A 1268 61.79 2.65 -15.21
C TRP A 1268 60.95 1.64 -15.98
N ASP A 1269 61.62 0.84 -16.81
CA ASP A 1269 60.99 -0.23 -17.59
C ASP A 1269 61.12 -1.55 -16.84
N LEU A 1270 60.02 -2.02 -16.28
CA LEU A 1270 60.08 -3.25 -15.49
C LEU A 1270 60.40 -4.48 -16.33
N ALA A 1271 60.20 -4.42 -17.65
CA ALA A 1271 60.55 -5.53 -18.51
C ALA A 1271 62.01 -5.53 -18.96
N TYR A 1272 62.54 -4.37 -19.35
CA TYR A 1272 63.92 -4.24 -19.78
C TYR A 1272 64.56 -3.14 -18.94
N PRO A 1273 64.94 -3.44 -17.69
CA PRO A 1273 65.49 -2.38 -16.84
C PRO A 1273 66.71 -1.72 -17.43
N GLU A 1274 67.47 -2.43 -18.25
CA GLU A 1274 68.65 -1.86 -18.89
C GLU A 1274 68.32 -0.66 -19.78
N ARG A 1275 67.09 -0.59 -20.27
CA ARG A 1275 66.64 0.51 -21.13
C ARG A 1275 66.03 1.68 -20.37
N SER A 1276 65.98 1.65 -19.05
CA SER A 1276 65.41 2.77 -18.31
C SER A 1276 66.29 4.01 -18.49
N TYR A 1277 65.67 5.18 -18.44
CA TYR A 1277 66.42 6.41 -18.65
C TYR A 1277 65.67 7.58 -18.03
N VAL A 1278 66.41 8.66 -17.82
CA VAL A 1278 65.89 9.90 -17.25
C VAL A 1278 65.23 10.75 -18.34
N VAL A 1279 63.95 11.03 -18.17
CA VAL A 1279 63.23 11.84 -19.15
C VAL A 1279 63.66 13.29 -19.06
N ALA A 1280 63.53 13.91 -17.88
CA ALA A 1280 63.93 15.28 -17.71
C ALA A 1280 64.60 15.48 -16.36
N GLY A 1281 65.66 16.28 -16.36
CA GLY A 1281 66.43 16.55 -15.16
C GLY A 1281 67.40 17.69 -15.41
N SER A 1282 68.36 17.83 -14.50
CA SER A 1282 69.38 18.86 -14.67
C SER A 1282 70.27 18.52 -15.86
N THR A 1283 70.52 19.53 -16.71
CA THR A 1283 71.32 19.33 -17.92
C THR A 1283 72.66 18.67 -17.64
N SER A 1284 73.29 19.02 -16.51
CA SER A 1284 74.60 18.50 -16.14
C SER A 1284 74.55 17.13 -15.46
N SER A 1285 73.43 16.45 -15.52
CA SER A 1285 73.32 15.16 -14.84
C SER A 1285 74.24 14.16 -15.53
N PRO A 1286 75.14 13.50 -14.80
CA PRO A 1286 75.99 12.49 -15.43
C PRO A 1286 75.17 11.32 -15.93
N SER A 1287 75.66 10.68 -16.99
CA SER A 1287 74.98 9.53 -17.54
C SER A 1287 74.82 8.44 -16.49
N VAL A 1288 73.64 7.83 -16.46
CA VAL A 1288 73.28 6.80 -15.49
C VAL A 1288 72.96 5.52 -16.24
N SER A 1289 73.29 4.38 -15.62
CA SER A 1289 72.99 3.08 -16.19
C SER A 1289 72.19 2.30 -15.16
N TYR A 1290 71.28 1.45 -15.64
CA TYR A 1290 70.41 0.66 -14.78
C TYR A 1290 70.75 -0.81 -14.97
N TYR A 1291 70.96 -1.50 -13.84
CA TYR A 1291 71.33 -2.90 -13.81
C TYR A 1291 70.30 -3.66 -12.99
N ARG A 1292 70.02 -4.90 -13.37
CA ARG A 1292 69.06 -5.72 -12.65
C ARG A 1292 69.81 -6.69 -11.76
N LYS A 1293 69.42 -6.74 -10.49
CA LYS A 1293 70.06 -7.59 -9.50
C LYS A 1293 69.00 -8.10 -8.54
N ILE A 1294 69.17 -9.31 -8.05
CA ILE A 1294 68.26 -9.89 -7.07
C ILE A 1294 68.94 -9.82 -5.71
N ILE A 1295 68.31 -9.12 -4.78
CA ILE A 1295 68.84 -8.89 -3.45
C ILE A 1295 67.77 -9.26 -2.45
N GLU A 1296 68.13 -10.11 -1.49
CA GLU A 1296 67.22 -10.58 -0.43
C GLU A 1296 65.89 -11.08 -0.97
N GLY A 1297 65.89 -11.66 -2.16
CA GLY A 1297 64.70 -12.19 -2.79
C GLY A 1297 63.85 -11.21 -3.57
N THR A 1298 64.18 -9.92 -3.54
CA THR A 1298 63.42 -8.91 -4.25
C THR A 1298 64.17 -8.59 -5.54
N GLU A 1299 63.47 -8.61 -6.67
CA GLU A 1299 64.12 -8.19 -7.91
C GLU A 1299 64.24 -6.68 -7.82
N VAL A 1300 65.48 -6.20 -7.75
CA VAL A 1300 65.75 -4.77 -7.61
C VAL A 1300 66.54 -4.28 -8.81
N VAL A 1301 66.05 -3.23 -9.44
CA VAL A 1301 66.74 -2.56 -10.52
C VAL A 1301 67.38 -1.34 -9.88
N GLN A 1302 68.70 -1.23 -9.96
CA GLN A 1302 69.39 -0.13 -9.30
C GLN A 1302 69.92 0.84 -10.33
N GLU A 1303 69.76 2.12 -10.02
CA GLU A 1303 70.28 3.20 -10.85
C GLU A 1303 71.69 3.50 -10.36
N ILE A 1304 72.66 3.34 -11.24
CA ILE A 1304 74.06 3.56 -10.91
C ILE A 1304 74.53 4.77 -11.70
N GLN A 1305 75.03 5.78 -10.99
CA GLN A 1305 75.53 6.98 -11.63
C GLN A 1305 76.89 6.66 -12.23
N ASN A 1306 77.01 6.79 -13.55
CA ASN A 1306 78.29 6.55 -14.20
C ASN A 1306 79.14 7.80 -14.03
N LYS A 1307 80.35 7.64 -13.50
CA LYS A 1307 81.25 8.75 -13.30
C LYS A 1307 81.72 9.38 -14.60
N GLN A 1308 81.12 10.52 -14.95
CA GLN A 1308 81.53 11.24 -16.15
C GLN A 1308 83.00 11.62 -16.02
N LYS A 1309 83.80 11.26 -17.02
CA LYS A 1309 85.24 11.51 -17.02
C LYS A 1309 85.59 12.95 -16.68
N ASP A 1315 86.55 24.31 -26.34
CA ASP A 1315 85.22 23.87 -25.94
C ASP A 1315 84.25 23.88 -27.13
N THR A 1316 83.17 23.12 -27.01
CA THR A 1316 82.17 23.07 -28.05
C THR A 1316 81.51 24.44 -28.16
N PRO A 1317 81.47 25.04 -29.35
CA PRO A 1317 80.84 26.36 -29.46
C PRO A 1317 79.35 26.30 -29.18
N ARG A 1318 78.89 27.27 -28.39
CA ARG A 1318 77.50 27.36 -27.97
C ARG A 1318 76.86 28.52 -28.71
N ARG A 1319 75.75 28.26 -29.40
CA ARG A 1319 74.99 29.35 -30.01
C ARG A 1319 74.22 30.03 -28.88
N GLY A 1320 74.71 31.19 -28.46
CA GLY A 1320 74.06 31.97 -27.43
C GLY A 1320 74.49 31.53 -26.06
N PRO A 1321 73.79 32.02 -25.02
CA PRO A 1321 74.11 31.61 -23.66
C PRO A 1321 73.86 30.13 -23.44
N GLU A 1322 74.50 29.59 -22.40
CA GLU A 1322 74.33 28.19 -22.02
C GLU A 1322 72.84 27.87 -21.90
N SER A 1323 72.42 26.79 -22.56
CA SER A 1323 70.99 26.44 -22.61
C SER A 1323 70.42 26.32 -21.20
N LEU A 1324 69.32 27.02 -20.97
CA LEU A 1324 68.70 27.04 -19.65
C LEU A 1324 68.17 25.67 -19.29
N PRO A 1325 68.28 25.26 -18.03
CA PRO A 1325 67.72 23.98 -17.61
C PRO A 1325 66.20 24.00 -17.73
N VAL A 1326 65.67 22.99 -18.41
CA VAL A 1326 64.22 22.87 -18.59
C VAL A 1326 63.55 22.15 -17.43
N GLY A 1327 64.31 21.45 -16.62
CA GLY A 1327 63.75 20.75 -15.48
C GLY A 1327 63.18 21.67 -14.44
N HIS A 1328 62.47 21.05 -13.49
CA HIS A 1328 61.91 21.77 -12.36
C HIS A 1328 63.01 22.14 -11.38
N HIS A 1329 62.78 23.22 -10.65
CA HIS A 1329 63.73 23.72 -9.67
C HIS A 1329 63.34 23.39 -8.24
N ASP A 1330 62.22 22.69 -8.06
CA ASP A 1330 61.73 22.30 -6.74
C ASP A 1330 61.17 20.89 -6.84
N ILE A 1331 60.83 20.32 -5.68
CA ILE A 1331 60.28 18.97 -5.61
C ILE A 1331 59.09 18.83 -6.55
N ILE A 1332 59.10 17.82 -7.41
CA ILE A 1332 57.94 17.54 -8.24
C ILE A 1332 56.96 16.78 -7.36
N THR A 1333 55.83 17.41 -7.05
CA THR A 1333 54.84 16.84 -6.13
C THR A 1333 53.93 15.80 -6.75
N ASP A 1334 53.66 15.86 -8.05
CA ASP A 1334 52.77 14.87 -8.64
C ASP A 1334 53.07 14.73 -10.13
N VAL A 1335 52.61 13.61 -10.69
CA VAL A 1335 52.82 13.28 -12.08
C VAL A 1335 51.50 12.75 -12.63
N ALA A 1336 51.20 13.09 -13.87
CA ALA A 1336 50.03 12.58 -14.56
C ALA A 1336 50.32 12.63 -16.04
N THR A 1337 49.46 11.97 -16.82
CA THR A 1337 49.62 11.95 -18.26
C THR A 1337 48.30 12.26 -18.93
N PHE A 1338 48.38 12.82 -20.13
CA PHE A 1338 47.24 13.07 -20.99
C PHE A 1338 47.70 12.83 -22.42
N GLN A 1339 46.78 12.43 -23.28
CA GLN A 1339 47.10 12.16 -24.68
C GLN A 1339 46.18 12.94 -25.61
N THR A 1340 46.76 13.64 -26.58
CA THR A 1340 45.97 14.31 -27.59
C THR A 1340 46.33 13.71 -28.94
N THR A 1341 47.08 14.43 -29.77
CA THR A 1341 47.62 13.82 -30.97
C THR A 1341 48.83 12.96 -30.64
N GLN A 1342 49.50 13.26 -29.54
CA GLN A 1342 50.67 12.56 -29.04
C GLN A 1342 50.47 12.36 -27.55
N GLY A 1343 51.26 11.46 -26.96
CA GLY A 1343 51.16 11.22 -25.54
C GLY A 1343 52.05 12.21 -24.82
N PHE A 1344 51.50 12.84 -23.79
CA PHE A 1344 52.22 13.85 -23.03
C PHE A 1344 52.19 13.50 -21.54
N ILE A 1345 53.26 13.87 -20.85
CA ILE A 1345 53.37 13.74 -19.42
C ILE A 1345 53.34 15.14 -18.85
N VAL A 1346 52.49 15.37 -17.86
CA VAL A 1346 52.39 16.67 -17.20
C VAL A 1346 52.91 16.49 -15.79
N THR A 1347 53.84 17.37 -15.38
CA THR A 1347 54.44 17.32 -14.07
C THR A 1347 54.38 18.69 -13.42
N ALA A 1348 54.06 18.69 -12.13
CA ALA A 1348 53.92 19.91 -11.34
C ALA A 1348 54.90 19.85 -10.18
N SER A 1349 55.42 21.01 -9.79
CA SER A 1349 56.42 21.04 -8.73
C SER A 1349 55.91 21.91 -7.58
N ARG A 1350 56.53 21.69 -6.42
CA ARG A 1350 56.16 22.38 -5.19
C ARG A 1350 56.48 23.86 -5.23
N ASP A 1351 57.19 24.33 -6.25
CA ASP A 1351 57.39 25.76 -6.40
C ASP A 1351 56.26 26.39 -7.20
N GLY A 1352 55.30 25.59 -7.63
CA GLY A 1352 54.14 26.04 -8.33
C GLY A 1352 54.25 26.02 -9.83
N ILE A 1353 55.26 25.39 -10.39
CA ILE A 1353 55.42 25.36 -11.83
C ILE A 1353 54.92 24.01 -12.33
N VAL A 1354 54.08 24.04 -13.35
CA VAL A 1354 53.61 22.84 -14.02
C VAL A 1354 54.19 22.87 -15.43
N LYS A 1355 54.83 21.80 -15.83
CA LYS A 1355 55.44 21.72 -17.15
C LYS A 1355 54.88 20.50 -17.85
N VAL A 1356 54.56 20.63 -19.13
CA VAL A 1356 54.03 19.53 -19.90
C VAL A 1356 55.14 19.10 -20.84
N TRP A 1357 55.49 17.83 -20.83
CA TRP A 1357 56.61 17.31 -21.60
C TRP A 1357 56.11 16.27 -22.59
N LYS A 1358 56.79 16.18 -23.73
CA LYS A 1358 56.45 15.22 -24.75
C LYS A 1358 57.37 14.02 -24.72
N MET B 1 29.49 -14.96 -11.35
CA MET B 1 28.28 -14.18 -11.50
C MET B 1 27.27 -14.88 -12.42
N GLY B 2 26.13 -15.27 -11.87
CA GLY B 2 25.11 -15.95 -12.64
C GLY B 2 24.40 -15.03 -13.61
N GLU B 3 23.39 -15.57 -14.27
CA GLU B 3 22.63 -14.82 -15.25
C GLU B 3 21.19 -15.31 -15.29
N ALA B 4 20.27 -14.41 -15.64
CA ALA B 4 18.86 -14.71 -15.82
C ALA B 4 18.19 -13.56 -16.58
N GLU B 5 18.06 -13.71 -17.90
CA GLU B 5 17.46 -12.63 -18.69
C GLU B 5 15.96 -12.47 -18.49
N LYS B 6 15.25 -13.47 -17.97
CA LYS B 6 13.82 -13.35 -17.78
C LYS B 6 13.42 -13.74 -16.36
N PHE B 7 12.54 -12.94 -15.79
CA PHE B 7 11.99 -13.17 -14.45
C PHE B 7 10.62 -13.83 -14.58
N HIS B 8 10.50 -15.07 -14.11
CA HIS B 8 9.23 -15.78 -14.16
C HIS B 8 8.57 -15.63 -12.80
N TYR B 9 7.32 -15.16 -12.78
CA TYR B 9 6.61 -14.92 -11.53
C TYR B 9 5.15 -15.34 -11.67
N ILE B 10 4.53 -15.59 -10.52
CA ILE B 10 3.14 -16.01 -10.45
C ILE B 10 2.50 -15.25 -9.30
N TYR B 11 1.22 -14.89 -9.47
CA TYR B 11 0.49 -14.17 -8.44
C TYR B 11 0.16 -15.15 -7.34
N SER B 12 0.32 -14.72 -6.08
CA SER B 12 0.02 -15.64 -4.98
C SER B 12 -1.40 -16.15 -5.04
N CYS B 13 -2.32 -15.41 -5.67
CA CYS B 13 -3.68 -15.88 -5.83
C CYS B 13 -3.80 -17.01 -6.84
N ASP B 14 -2.80 -17.18 -7.70
CA ASP B 14 -2.80 -18.21 -8.75
C ASP B 14 -2.14 -19.52 -8.35
N LEU B 15 -1.42 -19.57 -7.23
CA LEU B 15 -0.77 -20.81 -6.79
C LEU B 15 -1.71 -21.49 -5.80
N ASP B 16 -2.50 -22.44 -6.30
CA ASP B 16 -3.42 -23.20 -5.45
C ASP B 16 -2.80 -24.38 -4.72
N ILE B 17 -1.68 -24.18 -4.03
CA ILE B 17 -1.03 -25.26 -3.30
C ILE B 17 -0.72 -24.75 -1.91
N ASN B 18 -0.56 -25.67 -0.96
CA ASN B 18 -0.30 -25.23 0.40
C ASN B 18 1.10 -24.67 0.47
N VAL B 19 1.31 -23.70 1.37
CA VAL B 19 2.64 -23.15 1.55
C VAL B 19 3.39 -24.07 2.50
N GLN B 20 4.54 -24.57 2.07
CA GLN B 20 5.36 -25.45 2.89
C GLN B 20 6.68 -24.77 3.22
N LEU B 21 7.10 -24.90 4.48
CA LEU B 21 8.35 -24.33 4.97
C LEU B 21 9.05 -25.48 5.67
N LYS B 22 10.31 -25.71 5.35
CA LYS B 22 11.06 -26.79 5.98
C LYS B 22 11.85 -26.21 7.14
N ILE B 23 11.59 -26.69 8.34
CA ILE B 23 12.40 -26.25 9.46
C ILE B 23 13.61 -27.15 9.40
N GLY B 24 14.77 -26.54 9.15
CA GLY B 24 16.02 -27.28 9.00
C GLY B 24 16.71 -27.52 10.31
N SER B 25 17.85 -26.87 10.56
CA SER B 25 18.56 -27.14 11.79
C SER B 25 18.66 -25.84 12.57
N LEU B 26 18.80 -25.98 13.88
CA LEU B 26 19.04 -24.86 14.78
C LEU B 26 20.49 -24.96 15.19
N GLU B 27 21.27 -23.93 14.85
CA GLU B 27 22.70 -23.92 15.11
C GLU B 27 22.96 -22.84 16.15
N GLY B 28 23.62 -23.23 17.23
CA GLY B 28 23.90 -22.30 18.28
C GLY B 28 23.73 -22.96 19.63
N LYS B 29 24.16 -22.28 20.68
CA LYS B 29 24.15 -22.83 22.04
C LYS B 29 23.02 -22.25 22.87
N ARG B 30 22.37 -23.12 23.63
CA ARG B 30 21.29 -22.74 24.53
C ARG B 30 21.94 -22.73 25.91
N GLU B 31 21.88 -21.60 26.60
CA GLU B 31 22.57 -21.45 27.87
C GLU B 31 21.84 -22.14 29.01
N GLN B 32 22.61 -22.84 29.83
CA GLN B 32 22.14 -23.46 31.06
C GLN B 32 22.03 -22.45 32.18
N LYS B 33 21.05 -22.67 33.05
CA LYS B 33 20.80 -21.83 34.21
C LYS B 33 21.70 -22.24 35.38
N SER B 34 21.85 -21.31 36.31
CA SER B 34 22.65 -21.54 37.51
C SER B 34 21.97 -22.54 38.44
N TYR B 35 22.77 -23.08 39.36
CA TYR B 35 22.25 -23.99 40.37
C TYR B 35 21.21 -23.30 41.25
N LYS B 36 21.38 -22.01 41.51
CA LYS B 36 20.36 -21.28 42.26
C LYS B 36 19.03 -21.32 41.51
N ALA B 37 19.08 -21.30 40.18
CA ALA B 37 17.86 -21.44 39.40
C ALA B 37 17.26 -22.83 39.58
N VAL B 38 18.09 -23.84 39.72
CA VAL B 38 17.59 -25.19 39.97
C VAL B 38 17.05 -25.30 41.39
N LEU B 39 17.61 -24.53 42.32
CA LEU B 39 17.07 -24.50 43.68
C LEU B 39 15.74 -23.77 43.75
N GLU B 40 15.57 -22.72 42.95
CA GLU B 40 14.31 -21.98 42.95
C GLU B 40 13.15 -22.82 42.41
N ASP B 41 13.40 -23.60 41.35
CA ASP B 41 12.39 -24.46 40.76
C ASP B 41 13.02 -25.82 40.48
N PRO B 42 12.85 -26.78 41.39
CA PRO B 42 13.49 -28.10 41.20
C PRO B 42 13.08 -28.80 39.93
N MET B 43 11.94 -28.45 39.32
CA MET B 43 11.55 -29.11 38.09
C MET B 43 12.52 -28.78 36.98
N LEU B 44 13.33 -27.74 37.15
CA LEU B 44 14.31 -27.38 36.13
C LEU B 44 15.30 -28.52 35.89
N LYS B 45 15.61 -29.30 36.92
CA LYS B 45 16.56 -30.39 36.76
C LYS B 45 16.07 -31.39 35.72
N PHE B 46 14.76 -31.62 35.68
CA PHE B 46 14.15 -32.58 34.77
C PHE B 46 13.83 -31.97 33.42
N SER B 47 14.08 -30.68 33.25
CA SER B 47 13.86 -29.99 32.00
C SER B 47 14.86 -30.44 30.95
N GLY B 48 14.56 -30.15 29.69
CA GLY B 48 15.46 -30.48 28.62
C GLY B 48 16.77 -29.73 28.65
N LEU B 49 16.86 -28.69 29.50
CA LEU B 49 18.12 -27.97 29.64
C LEU B 49 19.17 -28.86 30.29
N TYR B 50 18.74 -29.86 31.07
CA TYR B 50 19.64 -30.76 31.76
C TYR B 50 19.89 -32.07 31.03
N GLN B 51 19.43 -32.22 29.78
CA GLN B 51 19.83 -33.36 28.98
C GLN B 51 21.13 -32.95 28.31
N GLU B 52 22.16 -33.78 28.42
CA GLU B 52 23.45 -33.42 27.86
C GLU B 52 23.47 -33.32 26.33
N THR B 53 22.71 -34.16 25.65
CA THR B 53 22.69 -34.09 24.20
C THR B 53 21.67 -33.07 23.74
N CYS B 54 21.69 -32.79 22.45
CA CYS B 54 20.75 -31.84 21.88
C CYS B 54 19.36 -32.42 22.16
N SER B 55 18.56 -31.73 22.95
CA SER B 55 17.22 -32.24 23.23
C SER B 55 16.42 -32.29 21.94
N ASP B 56 15.43 -33.19 21.91
CA ASP B 56 14.60 -33.40 20.73
C ASP B 56 13.59 -32.27 20.62
N LEU B 57 14.03 -31.16 20.05
CA LEU B 57 13.17 -30.00 19.98
C LEU B 57 12.37 -30.05 18.70
N TYR B 58 11.22 -29.38 18.72
CA TYR B 58 10.39 -29.25 17.55
C TYR B 58 9.93 -27.81 17.47
N VAL B 59 9.60 -27.39 16.27
CA VAL B 59 9.17 -26.03 16.02
C VAL B 59 7.72 -26.08 15.57
N THR B 60 6.89 -25.26 16.18
CA THR B 60 5.49 -25.15 15.76
C THR B 60 5.43 -23.88 14.95
N CYS B 61 4.98 -24.00 13.72
CA CYS B 61 4.90 -22.89 12.77
C CYS B 61 3.42 -22.58 12.54
N GLN B 62 3.05 -21.33 12.79
CA GLN B 62 1.70 -20.84 12.63
C GLN B 62 1.83 -19.53 11.88
N VAL B 63 0.96 -19.33 10.91
CA VAL B 63 1.00 -18.14 10.10
C VAL B 63 0.07 -17.13 10.74
N PHE B 64 0.55 -15.90 10.89
CA PHE B 64 -0.21 -14.83 11.48
C PHE B 64 -0.30 -13.76 10.41
N ALA B 65 -1.40 -13.02 10.42
CA ALA B 65 -1.59 -11.88 9.55
C ALA B 65 -2.31 -10.85 10.38
N GLU B 66 -1.82 -9.62 10.37
CA GLU B 66 -2.41 -8.56 11.18
C GLU B 66 -2.59 -8.98 12.64
N GLY B 67 -1.72 -9.85 13.12
CA GLY B 67 -1.78 -10.30 14.49
C GLY B 67 -2.75 -11.41 14.79
N LYS B 68 -3.51 -11.86 13.81
CA LYS B 68 -4.47 -12.94 14.03
C LYS B 68 -3.93 -14.20 13.39
N PRO B 69 -3.99 -15.35 14.06
CA PRO B 69 -3.46 -16.57 13.45
C PRO B 69 -4.34 -16.99 12.28
N LEU B 70 -3.71 -17.27 11.15
CA LEU B 70 -4.48 -17.72 10.01
C LEU B 70 -4.89 -19.19 10.14
N ALA B 71 -4.08 -20.01 10.80
CA ALA B 71 -4.36 -21.44 10.93
C ALA B 71 -3.74 -21.98 12.20
N LEU B 72 -4.03 -23.25 12.49
CA LEU B 72 -3.45 -23.91 13.64
C LEU B 72 -1.94 -24.09 13.46
N PRO B 73 -1.18 -24.16 14.55
CA PRO B 73 0.25 -24.37 14.42
C PRO B 73 0.56 -25.79 14.00
N VAL B 74 1.54 -25.95 13.10
CA VAL B 74 1.99 -27.25 12.64
C VAL B 74 3.32 -27.53 13.32
N ARG B 75 3.51 -28.75 13.82
CA ARG B 75 4.68 -29.13 14.57
C ARG B 75 5.51 -30.18 13.83
N THR B 76 6.82 -30.10 13.98
CA THR B 76 7.69 -31.09 13.36
C THR B 76 7.51 -32.40 14.12
N SER B 77 7.60 -33.52 13.41
CA SER B 77 7.50 -34.80 14.07
C SER B 77 8.65 -34.94 15.06
N TYR B 78 8.47 -35.82 16.05
CA TYR B 78 9.54 -36.00 17.02
C TYR B 78 10.70 -36.68 16.31
N LYS B 79 11.90 -36.13 16.51
CA LYS B 79 13.14 -36.67 15.98
C LYS B 79 14.19 -36.61 17.08
N ALA B 80 14.96 -37.69 17.23
CA ALA B 80 16.00 -37.73 18.24
C ALA B 80 17.26 -37.09 17.69
N PHE B 81 17.78 -36.10 18.40
CA PHE B 81 18.98 -35.38 18.03
C PHE B 81 20.15 -35.88 18.86
N SER B 82 21.29 -36.07 18.21
CA SER B 82 22.52 -36.54 18.86
C SER B 82 23.46 -35.38 19.15
N THR B 83 24.19 -34.92 18.13
CA THR B 83 25.15 -33.84 18.27
C THR B 83 24.66 -32.51 17.72
N ARG B 84 23.67 -32.50 16.84
CA ARG B 84 23.20 -31.26 16.25
C ARG B 84 21.69 -31.33 16.13
N TRP B 85 21.05 -30.17 16.30
CA TRP B 85 19.60 -30.05 16.09
C TRP B 85 19.42 -29.86 14.60
N ASN B 86 19.08 -30.94 13.90
CA ASN B 86 18.87 -30.93 12.45
C ASN B 86 17.56 -31.65 12.17
N TRP B 87 16.48 -30.89 11.92
CA TRP B 87 15.19 -31.49 11.62
C TRP B 87 15.10 -31.95 10.18
N ASN B 88 15.58 -31.16 9.23
CA ASN B 88 15.50 -31.50 7.81
C ASN B 88 14.11 -31.95 7.38
N GLU B 89 13.07 -31.36 7.98
CA GLU B 89 11.70 -31.79 7.76
C GLU B 89 10.92 -30.71 7.03
N TRP B 90 10.27 -31.09 5.93
CA TRP B 90 9.40 -30.18 5.19
C TRP B 90 8.06 -30.17 5.90
N LEU B 91 7.66 -29.01 6.40
CA LEU B 91 6.39 -28.84 7.09
C LEU B 91 5.36 -28.31 6.12
N LYS B 92 4.18 -28.95 6.11
CA LYS B 92 3.07 -28.53 5.27
C LYS B 92 2.23 -27.56 6.09
N LEU B 93 2.30 -26.29 5.72
CA LEU B 93 1.58 -25.28 6.49
C LEU B 93 0.10 -25.26 6.15
N PRO B 94 -0.74 -25.03 7.15
CA PRO B 94 -2.19 -24.97 6.93
C PRO B 94 -2.66 -23.68 6.28
N VAL B 95 -1.88 -23.10 5.38
CA VAL B 95 -2.24 -21.86 4.70
C VAL B 95 -1.95 -22.09 3.22
N LYS B 96 -2.87 -21.71 2.38
CA LYS B 96 -2.68 -21.85 0.95
C LYS B 96 -2.08 -20.57 0.38
N TYR B 97 -1.48 -20.69 -0.80
CA TYR B 97 -0.91 -19.51 -1.43
C TYR B 97 -1.95 -18.42 -1.68
N PRO B 98 -3.17 -18.72 -2.11
CA PRO B 98 -4.13 -17.63 -2.34
C PRO B 98 -4.70 -17.02 -1.09
N ASP B 99 -4.58 -17.68 0.06
CA ASP B 99 -5.17 -17.22 1.32
C ASP B 99 -4.24 -16.38 2.18
N LEU B 100 -3.00 -16.18 1.77
CA LEU B 100 -2.05 -15.39 2.56
C LEU B 100 -2.21 -13.90 2.27
N PRO B 101 -2.42 -13.05 3.27
CA PRO B 101 -2.43 -11.61 3.02
C PRO B 101 -1.02 -11.08 2.81
N ARG B 102 -0.97 -9.86 2.27
CA ARG B 102 0.31 -9.22 1.97
C ARG B 102 1.19 -9.05 3.21
N ASN B 103 0.60 -8.86 4.39
CA ASN B 103 1.37 -8.68 5.61
C ASN B 103 1.50 -9.98 6.40
N ALA B 104 1.41 -11.12 5.72
CA ALA B 104 1.51 -12.43 6.37
C ALA B 104 2.92 -12.75 6.83
N GLN B 105 3.03 -13.32 8.03
CA GLN B 105 4.31 -13.66 8.64
C GLN B 105 4.22 -15.09 9.18
N VAL B 106 5.35 -15.79 9.21
CA VAL B 106 5.41 -17.14 9.78
C VAL B 106 6.14 -17.06 11.11
N ALA B 107 5.49 -17.47 12.18
CA ALA B 107 6.09 -17.50 13.51
C ALA B 107 6.48 -18.93 13.85
N LEU B 108 7.77 -19.16 14.09
CA LEU B 108 8.31 -20.49 14.40
C LEU B 108 8.85 -20.41 15.82
N THR B 109 8.31 -21.24 16.71
CA THR B 109 8.74 -21.28 18.09
C THR B 109 9.31 -22.66 18.37
N ILE B 110 10.52 -22.69 18.92
CA ILE B 110 11.19 -23.95 19.27
C ILE B 110 10.88 -24.24 20.72
N TRP B 111 10.41 -25.46 20.99
CA TRP B 111 9.96 -25.85 22.31
C TRP B 111 10.79 -27.03 22.79
N ASP B 112 10.98 -27.09 24.10
CA ASP B 112 11.71 -28.17 24.76
C ASP B 112 10.88 -28.65 25.93
N VAL B 113 11.19 -29.85 26.41
CA VAL B 113 10.41 -30.43 27.50
C VAL B 113 10.74 -29.70 28.79
N TYR B 114 9.71 -29.42 29.58
CA TYR B 114 9.84 -28.76 30.87
C TYR B 114 9.02 -29.52 31.91
N GLY B 115 9.51 -30.70 32.29
CA GLY B 115 8.82 -31.57 33.21
C GLY B 115 7.74 -32.39 32.55
N PRO B 116 6.89 -33.01 33.36
CA PRO B 116 5.84 -33.87 32.79
C PRO B 116 4.73 -33.05 32.14
N GLY B 117 4.53 -33.26 30.84
CA GLY B 117 3.44 -32.65 30.11
C GLY B 117 3.50 -31.17 29.87
N LYS B 118 4.55 -30.48 30.29
CA LYS B 118 4.66 -29.03 30.14
C LYS B 118 5.78 -28.71 29.18
N ALA B 119 5.48 -27.92 28.15
CA ALA B 119 6.47 -27.50 27.18
C ALA B 119 6.76 -26.02 27.42
N VAL B 120 8.04 -25.67 27.36
CA VAL B 120 8.47 -24.28 27.56
C VAL B 120 9.21 -23.86 26.31
N PRO B 121 9.06 -22.62 25.85
CA PRO B 121 9.74 -22.23 24.63
C PRO B 121 11.23 -22.07 24.83
N VAL B 122 11.99 -22.62 23.89
CA VAL B 122 13.43 -22.36 23.84
C VAL B 122 13.68 -20.99 23.23
N GLY B 123 12.97 -20.65 22.17
CA GLY B 123 13.12 -19.36 21.53
C GLY B 123 12.27 -19.29 20.29
N GLY B 124 12.00 -18.07 19.86
CA GLY B 124 11.13 -17.85 18.73
C GLY B 124 11.71 -16.93 17.68
N THR B 125 11.18 -17.05 16.48
CA THR B 125 11.55 -16.18 15.38
C THR B 125 10.33 -15.99 14.49
N THR B 126 10.24 -14.83 13.85
CA THR B 126 9.13 -14.49 12.97
C THR B 126 9.74 -13.90 11.71
N VAL B 127 9.32 -14.37 10.55
CA VAL B 127 9.82 -13.88 9.27
C VAL B 127 8.62 -13.57 8.41
N SER B 128 8.70 -12.48 7.67
CA SER B 128 7.61 -12.15 6.76
C SER B 128 7.65 -13.11 5.57
N LEU B 129 6.47 -13.55 5.14
CA LEU B 129 6.43 -14.46 4.01
C LEU B 129 6.67 -13.73 2.71
N PHE B 130 6.29 -12.45 2.62
CA PHE B 130 6.56 -11.64 1.44
C PHE B 130 7.69 -10.68 1.77
N GLY B 131 8.59 -10.50 0.82
CA GLY B 131 9.71 -9.59 0.98
C GLY B 131 9.32 -8.13 0.89
N LYS B 132 10.34 -7.27 0.94
CA LYS B 132 10.12 -5.84 0.86
C LYS B 132 9.53 -5.44 -0.48
N TYR B 133 9.62 -6.28 -1.50
CA TYR B 133 9.05 -6.00 -2.82
C TYR B 133 7.87 -6.89 -3.14
N GLY B 134 7.29 -7.54 -2.14
CA GLY B 134 6.15 -8.40 -2.32
C GLY B 134 6.46 -9.79 -2.83
N MET B 135 7.73 -10.11 -3.04
CA MET B 135 8.12 -11.43 -3.51
C MET B 135 8.21 -12.39 -2.34
N PHE B 136 7.65 -13.59 -2.52
CA PHE B 136 7.69 -14.60 -1.48
C PHE B 136 9.13 -15.01 -1.27
N ARG B 137 9.48 -15.29 -0.02
CA ARG B 137 10.87 -15.64 0.27
C ARG B 137 11.23 -16.96 -0.41
N GLN B 138 12.48 -17.04 -0.83
CA GLN B 138 12.98 -18.22 -1.52
C GLN B 138 14.31 -18.63 -0.91
N GLY B 139 14.66 -19.89 -1.13
CA GLY B 139 15.95 -20.39 -0.70
C GLY B 139 16.01 -20.61 0.80
N MET B 140 17.23 -20.70 1.31
CA MET B 140 17.46 -20.95 2.72
C MET B 140 17.59 -19.60 3.42
N HIS B 141 16.93 -19.47 4.55
CA HIS B 141 16.98 -18.23 5.33
C HIS B 141 17.28 -18.59 6.77
N ASP B 142 18.25 -17.91 7.36
CA ASP B 142 18.65 -18.13 8.75
C ASP B 142 17.94 -17.09 9.58
N LEU B 143 17.10 -17.51 10.51
CA LEU B 143 16.31 -16.60 11.33
C LEU B 143 16.86 -16.58 12.74
N LYS B 144 17.12 -15.37 13.24
CA LYS B 144 17.62 -15.19 14.59
C LYS B 144 16.54 -15.59 15.59
N VAL B 145 16.89 -16.44 16.54
CA VAL B 145 15.95 -16.93 17.51
C VAL B 145 16.13 -16.11 18.78
N TRP B 146 15.05 -15.53 19.25
CA TRP B 146 15.10 -14.76 20.47
C TRP B 146 15.00 -15.73 21.63
N PRO B 147 15.97 -15.79 22.52
CA PRO B 147 15.92 -16.77 23.61
C PRO B 147 14.83 -16.47 24.63
N ASN B 148 14.28 -17.55 25.18
CA ASN B 148 13.27 -17.53 26.23
C ASN B 148 11.96 -16.82 25.87
N VAL B 149 11.65 -16.64 24.59
CA VAL B 149 10.39 -16.00 24.22
C VAL B 149 9.70 -16.79 23.10
N GLU B 150 8.38 -16.90 23.18
CA GLU B 150 7.58 -17.51 22.13
C GLU B 150 7.62 -16.64 20.88
N ALA B 151 7.50 -17.27 19.72
CA ALA B 151 7.47 -16.49 18.49
C ALA B 151 6.24 -15.61 18.49
N ASP B 152 6.43 -14.33 18.20
CA ASP B 152 5.40 -13.31 18.24
C ASP B 152 4.86 -13.01 16.85
N GLY B 153 3.55 -13.12 16.69
CA GLY B 153 2.90 -12.83 15.43
C GLY B 153 2.30 -11.46 15.22
N SER B 154 2.41 -10.54 16.18
CA SER B 154 1.83 -9.22 15.96
C SER B 154 2.63 -8.48 14.90
N GLU B 155 2.00 -7.47 14.29
CA GLU B 155 2.68 -6.68 13.27
C GLU B 155 2.85 -5.28 13.80
N PRO B 156 4.09 -4.78 14.00
CA PRO B 156 5.39 -5.40 13.77
C PRO B 156 5.71 -6.43 14.85
N THR B 157 6.43 -7.51 14.50
CA THR B 157 6.72 -8.56 15.47
C THR B 157 7.75 -8.09 16.49
N LYS B 158 7.53 -8.47 17.75
CA LYS B 158 8.49 -8.14 18.79
C LYS B 158 9.71 -9.04 18.77
N THR B 159 9.65 -10.14 18.03
CA THR B 159 10.75 -11.12 17.97
C THR B 159 11.09 -11.29 16.50
N PRO B 160 11.47 -10.22 15.81
CA PRO B 160 11.77 -10.33 14.39
C PRO B 160 12.97 -11.20 14.09
N GLY B 161 12.81 -12.06 13.10
CA GLY B 161 13.85 -12.95 12.65
C GLY B 161 14.81 -12.35 11.66
N ARG B 162 14.30 -11.54 10.74
CA ARG B 162 15.13 -10.84 9.77
C ARG B 162 15.24 -9.39 10.18
N THR B 163 16.35 -9.02 10.82
CA THR B 163 16.57 -7.63 11.22
C THR B 163 16.82 -6.79 9.99
N SER B 164 15.85 -5.95 9.63
CA SER B 164 15.95 -5.09 8.47
C SER B 164 17.13 -4.12 8.59
N SER B 165 17.47 -3.50 7.47
CA SER B 165 18.62 -2.60 7.41
C SER B 165 18.37 -1.29 8.15
N THR B 166 17.13 -1.05 8.57
CA THR B 166 16.79 0.20 9.25
C THR B 166 17.32 0.22 10.67
N LEU B 167 17.48 -0.94 11.29
CA LEU B 167 18.03 -1.03 12.64
C LEU B 167 19.55 -1.16 12.58
N SER B 168 20.16 -1.28 13.75
CA SER B 168 21.60 -1.42 13.88
C SER B 168 22.10 -2.59 13.05
N GLU B 169 22.95 -2.28 12.07
CA GLU B 169 23.45 -3.31 11.16
C GLU B 169 24.41 -4.21 11.93
N ASP B 170 23.97 -5.41 12.21
CA ASP B 170 24.79 -6.42 12.86
C ASP B 170 25.86 -6.88 11.89
N GLN B 171 27.13 -6.62 12.20
CA GLN B 171 28.19 -7.01 11.28
C GLN B 171 28.07 -8.49 10.95
N MET B 172 27.61 -9.31 11.90
CA MET B 172 27.44 -10.72 11.59
C MET B 172 26.32 -10.91 10.57
N SER B 173 25.20 -10.19 10.75
CA SER B 173 24.07 -10.33 9.84
C SER B 173 24.42 -9.83 8.45
N ARG B 174 25.13 -8.72 8.36
CA ARG B 174 25.55 -8.21 7.05
C ARG B 174 26.53 -9.16 6.39
N LEU B 175 27.48 -9.69 7.17
CA LEU B 175 28.45 -10.62 6.59
C LEU B 175 27.79 -11.95 6.23
N ALA B 176 26.82 -12.40 7.04
CA ALA B 176 26.13 -13.64 6.72
C ALA B 176 25.40 -13.52 5.38
N LYS B 177 24.72 -12.40 5.16
CA LYS B 177 24.05 -12.15 3.89
C LYS B 177 25.06 -12.12 2.76
N LEU B 178 26.24 -11.56 3.02
CA LEU B 178 27.26 -11.50 1.98
C LEU B 178 27.84 -12.88 1.69
N THR B 179 28.05 -13.70 2.72
CA THR B 179 28.55 -15.05 2.47
C THR B 179 27.57 -15.84 1.61
N LYS B 180 26.27 -15.71 1.91
CA LYS B 180 25.26 -16.39 1.12
C LYS B 180 25.19 -15.84 -0.29
N ALA B 181 25.22 -14.51 -0.43
CA ALA B 181 25.22 -13.91 -1.76
C ALA B 181 26.41 -14.38 -2.56
N HIS B 182 27.53 -14.63 -1.89
CA HIS B 182 28.68 -15.17 -2.58
C HIS B 182 28.45 -16.61 -3.00
N ARG B 183 27.89 -17.43 -2.10
CA ARG B 183 27.68 -18.84 -2.41
C ARG B 183 26.81 -19.03 -3.64
N GLN B 184 25.75 -18.24 -3.77
CA GLN B 184 24.85 -18.37 -4.91
C GLN B 184 25.48 -17.88 -6.20
N GLY B 185 26.63 -17.24 -6.13
CA GLY B 185 27.26 -16.69 -7.31
C GLY B 185 26.78 -15.30 -7.66
N HIS B 186 26.22 -14.58 -6.70
CA HIS B 186 25.80 -13.21 -6.91
C HIS B 186 26.89 -12.18 -6.62
N MET B 187 28.04 -12.61 -6.11
CA MET B 187 29.17 -11.72 -5.86
C MET B 187 30.34 -12.17 -6.72
N VAL B 188 31.14 -11.21 -7.17
CA VAL B 188 32.29 -11.53 -8.00
C VAL B 188 33.28 -12.37 -7.22
N LYS B 189 33.71 -13.46 -7.81
CA LYS B 189 34.67 -14.37 -7.19
C LYS B 189 36.07 -13.87 -7.50
N VAL B 190 36.84 -13.56 -6.46
CA VAL B 190 38.24 -13.18 -6.60
C VAL B 190 39.00 -14.20 -5.75
N ASP B 191 39.61 -15.20 -6.40
CA ASP B 191 40.20 -16.33 -5.69
C ASP B 191 41.12 -15.88 -4.55
N TRP B 192 42.06 -14.98 -4.85
CA TRP B 192 43.01 -14.55 -3.83
C TRP B 192 42.33 -13.76 -2.73
N LEU B 193 41.38 -12.90 -3.10
CA LEU B 193 40.67 -12.14 -2.09
C LEU B 193 39.80 -13.05 -1.24
N ASP B 194 39.16 -14.03 -1.87
CA ASP B 194 38.25 -14.92 -1.15
C ASP B 194 38.98 -15.63 -0.02
N ARG B 195 40.16 -16.20 -0.31
CA ARG B 195 40.87 -16.94 0.73
C ARG B 195 41.12 -16.05 1.94
N LEU B 196 41.48 -14.78 1.69
CA LEU B 196 41.77 -13.85 2.79
C LEU B 196 40.49 -13.30 3.39
N THR B 197 39.55 -12.88 2.55
CA THR B 197 38.31 -12.27 3.02
C THR B 197 37.50 -13.29 3.80
N PHE B 198 37.34 -14.49 3.25
CA PHE B 198 36.56 -15.51 3.94
C PHE B 198 37.25 -15.91 5.22
N ARG B 199 38.58 -15.88 5.23
CA ARG B 199 39.29 -16.16 6.47
C ARG B 199 39.01 -15.06 7.48
N GLU B 200 38.88 -13.83 7.00
CA GLU B 200 38.51 -12.74 7.89
C GLU B 200 37.09 -12.93 8.40
N ILE B 201 36.17 -13.34 7.52
CA ILE B 201 34.79 -13.59 7.94
C ILE B 201 34.75 -14.68 8.99
N GLU B 202 35.59 -15.70 8.82
CA GLU B 202 35.66 -16.79 9.80
C GLU B 202 36.07 -16.27 11.16
N MET B 203 37.01 -15.32 11.18
CA MET B 203 37.42 -14.74 12.44
C MET B 203 36.31 -13.91 13.06
N ILE B 204 35.60 -13.14 12.24
CA ILE B 204 34.51 -12.33 12.76
C ILE B 204 33.40 -13.23 13.31
N ASN B 205 33.03 -14.25 12.54
CA ASN B 205 31.98 -15.16 12.97
C ASN B 205 32.39 -15.93 14.21
N GLU B 206 33.66 -16.31 14.30
CA GLU B 206 34.13 -16.99 15.50
C GLU B 206 34.08 -16.06 16.70
N SER B 207 34.48 -14.80 16.53
CA SER B 207 34.43 -13.85 17.62
C SER B 207 33.01 -13.54 18.04
N GLU B 208 32.11 -13.37 17.07
CA GLU B 208 30.72 -13.06 17.38
C GLU B 208 30.03 -14.24 18.05
N LYS B 209 30.33 -15.47 17.61
CA LYS B 209 29.74 -16.62 18.25
C LYS B 209 30.12 -16.73 19.72
N ARG B 210 31.29 -16.25 20.09
CA ARG B 210 31.70 -16.31 21.49
C ARG B 210 31.00 -15.29 22.37
N SER B 211 30.71 -14.09 21.85
CA SER B 211 30.06 -13.05 22.63
C SER B 211 28.55 -13.00 22.48
N SER B 212 28.02 -13.19 21.28
CA SER B 212 26.59 -13.28 21.04
C SER B 212 26.25 -14.77 21.02
N ASN B 213 25.72 -15.26 22.12
CA ASN B 213 25.40 -16.68 22.22
C ASN B 213 24.03 -16.99 21.62
N PHE B 214 23.57 -16.16 20.69
CA PHE B 214 22.23 -16.32 20.15
C PHE B 214 22.21 -17.50 19.17
N MET B 215 21.09 -18.23 19.18
CA MET B 215 20.88 -19.36 18.29
C MET B 215 20.19 -18.88 17.02
N TYR B 216 20.51 -19.54 15.91
CA TYR B 216 19.94 -19.20 14.62
C TYR B 216 19.27 -20.46 14.09
N LEU B 217 17.97 -20.38 13.84
CA LEU B 217 17.20 -21.50 13.30
C LEU B 217 17.05 -21.30 11.80
N MET B 218 17.47 -22.29 11.05
CA MET B 218 17.38 -22.24 9.60
C MET B 218 16.03 -22.76 9.13
N VAL B 219 15.40 -22.01 8.25
CA VAL B 219 14.13 -22.37 7.62
C VAL B 219 14.36 -22.19 6.13
N GLU B 220 13.85 -23.12 5.35
CA GLU B 220 13.96 -23.09 3.90
C GLU B 220 12.57 -23.12 3.30
N PHE B 221 12.31 -22.25 2.33
CA PHE B 221 11.02 -22.24 1.67
C PHE B 221 11.12 -23.02 0.37
N ARG B 222 10.02 -23.65 -0.03
CA ARG B 222 10.02 -24.38 -1.28
C ARG B 222 10.11 -23.43 -2.46
N CYS B 223 10.65 -23.95 -3.56
CA CYS B 223 10.76 -23.22 -4.81
C CYS B 223 9.87 -23.87 -5.85
N VAL B 224 9.32 -23.07 -6.75
CA VAL B 224 8.40 -23.55 -7.76
C VAL B 224 9.14 -23.54 -9.09
N LYS B 225 9.04 -24.64 -9.83
CA LYS B 225 9.68 -24.75 -11.13
C LYS B 225 8.69 -25.32 -12.15
N CYS B 226 8.75 -24.76 -13.35
CA CYS B 226 7.98 -25.24 -14.48
C CYS B 226 8.90 -25.13 -15.69
N ASP B 227 9.00 -26.20 -16.47
CA ASP B 227 9.88 -26.25 -17.62
C ASP B 227 11.29 -25.78 -17.26
N ASP B 228 11.73 -26.16 -16.07
CA ASP B 228 13.04 -25.82 -15.51
C ASP B 228 13.20 -24.35 -15.14
N LYS B 229 12.14 -23.54 -15.21
CA LYS B 229 12.22 -22.14 -14.82
C LYS B 229 11.62 -21.94 -13.45
N GLU B 230 12.31 -21.16 -12.61
CA GLU B 230 11.84 -20.88 -11.26
C GLU B 230 10.84 -19.72 -11.28
N TYR B 231 9.73 -19.88 -10.56
CA TYR B 231 8.71 -18.84 -10.51
C TYR B 231 8.61 -18.27 -9.11
N GLY B 232 8.45 -16.95 -9.02
CA GLY B 232 8.29 -16.26 -7.76
C GLY B 232 6.85 -15.90 -7.46
N ILE B 233 6.42 -16.13 -6.23
CA ILE B 233 5.06 -15.83 -5.83
C ILE B 233 5.05 -14.40 -5.29
N VAL B 234 4.27 -13.52 -5.93
CA VAL B 234 4.17 -12.11 -5.55
C VAL B 234 2.76 -11.85 -5.04
N TYR B 235 2.66 -11.16 -3.90
CA TYR B 235 1.36 -10.83 -3.34
C TYR B 235 0.55 -9.98 -4.29
N TYR B 236 -0.63 -10.47 -4.67
CA TYR B 236 -1.52 -9.81 -5.61
C TYR B 236 -2.93 -10.20 -5.20
N GLU B 237 -3.87 -9.26 -5.34
CA GLU B 237 -5.25 -9.52 -5.01
C GLU B 237 -6.00 -10.01 -6.25
N LYS B 238 -6.97 -10.90 -6.01
CA LYS B 238 -7.70 -11.52 -7.11
C LYS B 238 -8.34 -10.47 -8.01
N ASP B 239 -8.80 -9.36 -7.45
CA ASP B 239 -9.42 -8.30 -8.23
C ASP B 239 -8.47 -7.15 -8.50
N GLY B 240 -7.16 -7.44 -8.53
CA GLY B 240 -6.18 -6.39 -8.73
C GLY B 240 -6.15 -5.84 -10.14
N ASP B 241 -6.55 -6.64 -11.12
CA ASP B 241 -6.60 -6.18 -12.50
C ASP B 241 -7.89 -5.42 -12.80
N LEU B 247 -15.14 8.11 -13.20
CA LEU B 247 -15.49 9.50 -13.49
C LEU B 247 -15.64 10.31 -12.20
N THR B 248 -14.78 11.30 -12.03
CA THR B 248 -14.80 12.16 -10.84
C THR B 248 -15.78 13.31 -10.96
N SER B 249 -16.10 13.73 -12.17
CA SER B 249 -17.03 14.84 -12.39
C SER B 249 -18.11 14.38 -13.36
N PHE B 250 -19.36 14.60 -12.98
CA PHE B 250 -20.51 14.20 -13.77
C PHE B 250 -21.26 15.43 -14.24
N GLU B 251 -21.76 15.36 -15.48
CA GLU B 251 -22.53 16.47 -16.01
C GLU B 251 -23.96 16.43 -15.49
N LEU B 252 -24.53 15.24 -15.38
CA LEU B 252 -25.92 15.03 -14.95
C LEU B 252 -26.03 14.47 -13.54
N VAL B 253 -25.16 13.54 -13.16
CA VAL B 253 -25.21 12.90 -11.85
C VAL B 253 -24.54 13.83 -10.85
N LYS B 254 -25.35 14.55 -10.06
CA LYS B 254 -24.84 15.49 -9.07
C LYS B 254 -24.28 14.78 -7.86
N VAL B 255 -24.98 13.76 -7.37
CA VAL B 255 -24.57 13.01 -6.19
C VAL B 255 -24.60 11.54 -6.56
N PRO B 256 -23.48 10.95 -6.99
CA PRO B 256 -23.50 9.53 -7.37
C PRO B 256 -23.79 8.64 -6.17
N ASP B 257 -24.80 7.80 -6.33
CA ASP B 257 -25.23 6.84 -5.33
C ASP B 257 -24.81 5.44 -5.76
N PRO B 258 -23.99 4.73 -4.98
CA PRO B 258 -23.56 3.39 -5.40
C PRO B 258 -24.68 2.36 -5.45
N GLN B 259 -25.66 2.43 -4.54
CA GLN B 259 -26.70 1.42 -4.41
C GLN B 259 -27.86 1.62 -5.36
N MET B 260 -27.66 2.37 -6.44
CA MET B 260 -28.75 2.74 -7.34
C MET B 260 -29.46 1.53 -7.93
N SER B 261 -28.71 0.57 -8.47
CA SER B 261 -29.30 -0.57 -9.15
C SER B 261 -29.15 -1.89 -8.39
N MET B 262 -28.93 -1.85 -7.09
CA MET B 262 -28.67 -3.07 -6.34
C MET B 262 -29.89 -3.48 -5.52
N GLU B 263 -29.98 -4.78 -5.26
CA GLU B 263 -31.11 -5.35 -4.53
C GLU B 263 -31.13 -4.78 -3.13
N ASN B 264 -32.33 -4.50 -2.61
CA ASN B 264 -32.44 -4.00 -1.25
C ASN B 264 -32.27 -5.19 -0.32
N LEU B 265 -31.08 -5.27 0.28
CA LEU B 265 -30.74 -6.37 1.19
C LEU B 265 -31.52 -6.30 2.49
N VAL B 266 -31.85 -5.11 2.98
CA VAL B 266 -32.63 -5.04 4.21
C VAL B 266 -34.05 -5.53 3.97
N GLU B 267 -34.64 -5.17 2.82
CA GLU B 267 -35.97 -5.66 2.46
C GLU B 267 -35.96 -7.16 2.21
N SER B 268 -34.93 -7.65 1.53
CA SER B 268 -34.81 -9.08 1.27
C SER B 268 -34.76 -9.87 2.58
N LYS B 269 -34.07 -9.35 3.59
CA LYS B 269 -34.03 -10.02 4.88
C LYS B 269 -35.42 -10.18 5.47
N HIS B 270 -36.17 -9.09 5.56
CA HIS B 270 -37.52 -9.18 6.14
C HIS B 270 -38.42 -10.07 5.31
N HIS B 271 -38.19 -10.14 4.00
CA HIS B 271 -38.94 -11.06 3.14
C HIS B 271 -38.72 -12.52 3.53
N LYS B 272 -37.48 -12.90 3.84
CA LYS B 272 -37.20 -14.28 4.22
C LYS B 272 -37.85 -14.64 5.55
N LEU B 273 -37.88 -13.71 6.50
CA LEU B 273 -38.55 -14.01 7.77
C LEU B 273 -40.07 -13.95 7.65
N ALA B 274 -40.60 -13.00 6.88
CA ALA B 274 -42.05 -12.91 6.72
C ALA B 274 -42.61 -14.03 5.86
N ARG B 275 -41.79 -14.60 4.97
CA ARG B 275 -42.21 -15.70 4.13
C ARG B 275 -42.10 -17.06 4.83
N SER B 276 -41.41 -17.11 5.95
CA SER B 276 -41.26 -18.36 6.69
C SER B 276 -42.59 -18.82 7.25
N LEU B 277 -42.96 -20.06 6.94
CA LEU B 277 -44.17 -20.65 7.47
C LEU B 277 -44.06 -20.98 8.94
N ARG B 278 -42.84 -21.04 9.48
CA ARG B 278 -42.67 -21.29 10.91
C ARG B 278 -43.03 -20.05 11.72
N SER B 279 -42.74 -18.87 11.18
CA SER B 279 -43.10 -17.61 11.85
C SER B 279 -44.62 -17.46 11.79
N GLY B 280 -45.26 -17.52 12.95
CA GLY B 280 -46.69 -17.35 13.05
C GLY B 280 -47.16 -15.95 12.70
N PRO B 281 -48.24 -15.89 11.90
CA PRO B 281 -48.73 -14.59 11.39
C PRO B 281 -48.87 -13.47 12.41
N SER B 282 -47.90 -12.56 12.42
CA SER B 282 -47.92 -11.37 13.27
C SER B 282 -48.52 -10.17 12.55
N ASP B 283 -49.69 -10.37 11.93
CA ASP B 283 -50.38 -9.35 11.14
C ASP B 283 -50.62 -8.01 11.86
N HIS B 284 -50.46 -7.99 13.19
CA HIS B 284 -50.67 -6.74 13.92
C HIS B 284 -49.61 -5.68 13.60
N ASP B 285 -48.35 -6.07 13.45
CA ASP B 285 -47.29 -5.10 13.24
C ASP B 285 -46.84 -4.99 11.79
N LEU B 286 -47.47 -5.74 10.88
CA LEU B 286 -47.07 -5.78 9.49
C LEU B 286 -47.45 -4.50 8.75
N LYS B 287 -46.45 -3.78 8.26
CA LYS B 287 -46.68 -2.59 7.46
C LYS B 287 -46.30 -2.97 6.03
N PRO B 288 -47.16 -2.73 5.05
CA PRO B 288 -46.83 -3.15 3.69
C PRO B 288 -45.69 -2.35 3.10
N ASN B 289 -44.86 -3.02 2.32
CA ASN B 289 -43.81 -2.38 1.56
C ASN B 289 -44.43 -1.61 0.40
N ALA B 290 -43.61 -0.77 -0.24
CA ALA B 290 -44.07 0.07 -1.34
C ALA B 290 -44.85 -0.70 -2.40
N ALA B 291 -44.33 -1.87 -2.80
CA ALA B 291 -45.03 -2.66 -3.81
C ALA B 291 -46.41 -3.07 -3.33
N THR B 292 -46.51 -3.50 -2.06
CA THR B 292 -47.80 -3.91 -1.52
C THR B 292 -48.74 -2.73 -1.39
N ARG B 293 -48.22 -1.57 -1.00
CA ARG B 293 -49.04 -0.38 -0.89
C ARG B 293 -49.63 0.04 -2.24
N ASP B 294 -48.82 0.01 -3.30
CA ASP B 294 -49.37 0.38 -4.59
C ASP B 294 -50.46 -0.58 -5.02
N GLN B 295 -50.26 -1.89 -4.83
CA GLN B 295 -51.32 -2.84 -5.16
C GLN B 295 -52.54 -2.65 -4.26
N LEU B 296 -52.29 -2.42 -2.97
CA LEU B 296 -53.36 -2.19 -1.99
C LEU B 296 -54.19 -0.96 -2.34
N ASN B 297 -53.55 0.09 -2.82
CA ASN B 297 -54.30 1.28 -3.19
C ASN B 297 -55.26 1.01 -4.33
N ILE B 298 -54.83 0.21 -5.30
CA ILE B 298 -55.73 -0.17 -6.39
C ILE B 298 -56.92 -0.96 -5.85
N ILE B 299 -56.66 -1.93 -4.98
CA ILE B 299 -57.72 -2.76 -4.38
C ILE B 299 -58.71 -1.95 -3.56
N VAL B 300 -58.23 -1.05 -2.70
CA VAL B 300 -59.15 -0.27 -1.87
C VAL B 300 -60.04 0.65 -2.70
N SER B 301 -59.59 1.03 -3.88
CA SER B 301 -60.31 1.89 -4.82
C SER B 301 -61.28 1.17 -5.77
N TYR B 302 -61.36 -0.15 -5.75
CA TYR B 302 -62.22 -0.84 -6.70
C TYR B 302 -63.69 -0.44 -6.58
N PRO B 303 -64.42 -0.36 -7.70
CA PRO B 303 -65.86 -0.08 -7.63
C PRO B 303 -66.59 -1.24 -7.01
N PRO B 304 -67.72 -0.98 -6.33
CA PRO B 304 -68.43 -2.07 -5.65
C PRO B 304 -68.93 -3.19 -6.56
N THR B 305 -69.03 -2.95 -7.88
CA THR B 305 -69.46 -3.98 -8.82
C THR B 305 -68.35 -4.94 -9.27
N LYS B 306 -67.08 -4.61 -9.03
CA LYS B 306 -65.96 -5.46 -9.46
C LYS B 306 -65.78 -6.66 -8.53
N GLN B 307 -65.75 -7.86 -9.12
CA GLN B 307 -65.63 -9.09 -8.34
C GLN B 307 -64.20 -9.25 -7.86
N LEU B 308 -64.04 -9.24 -6.54
CA LEU B 308 -62.75 -9.39 -5.88
C LEU B 308 -62.21 -10.81 -5.95
N THR B 309 -60.92 -10.94 -6.28
CA THR B 309 -60.24 -12.22 -6.25
C THR B 309 -59.87 -12.61 -4.81
N TYR B 310 -59.59 -13.91 -4.64
CA TYR B 310 -59.18 -14.48 -3.36
C TYR B 310 -57.89 -13.89 -2.82
N GLU B 311 -56.98 -13.50 -3.71
CA GLU B 311 -55.70 -12.94 -3.27
C GLU B 311 -55.85 -11.66 -2.46
N GLU B 312 -56.81 -10.80 -2.80
CA GLU B 312 -56.96 -9.57 -2.00
C GLU B 312 -57.42 -9.87 -0.58
N GLN B 313 -58.32 -10.83 -0.39
CA GLN B 313 -58.78 -11.11 0.98
C GLN B 313 -57.68 -11.68 1.86
N ASP B 314 -56.87 -12.60 1.32
CA ASP B 314 -55.78 -13.13 2.12
C ASP B 314 -54.71 -12.08 2.40
N LEU B 315 -54.42 -11.24 1.41
CA LEU B 315 -53.43 -10.19 1.62
C LEU B 315 -53.92 -9.20 2.67
N VAL B 316 -55.15 -8.72 2.51
CA VAL B 316 -55.70 -7.75 3.44
C VAL B 316 -55.75 -8.32 4.84
N TRP B 317 -56.12 -9.59 4.97
CA TRP B 317 -56.10 -10.23 6.28
C TRP B 317 -54.68 -10.32 6.80
N LYS B 318 -53.76 -10.77 5.94
CA LYS B 318 -52.36 -10.91 6.33
C LYS B 318 -51.83 -9.58 6.83
N PHE B 319 -52.23 -8.51 6.17
CA PHE B 319 -51.86 -7.13 6.46
C PHE B 319 -52.98 -6.42 7.20
N ARG B 320 -53.87 -7.17 7.85
CA ARG B 320 -55.03 -6.56 8.52
C ARG B 320 -54.60 -5.49 9.50
N TYR B 321 -53.53 -5.71 10.24
CA TYR B 321 -53.12 -4.67 11.17
C TYR B 321 -52.57 -3.46 10.44
N TYR B 322 -52.13 -3.61 9.20
CA TYR B 322 -51.70 -2.47 8.41
C TYR B 322 -52.87 -1.70 7.78
N LEU B 323 -53.88 -2.40 7.27
CA LEU B 323 -55.00 -1.72 6.62
C LEU B 323 -55.83 -0.89 7.59
N THR B 324 -55.67 -1.09 8.90
CA THR B 324 -56.37 -0.35 9.93
C THR B 324 -56.17 1.17 9.86
N ASN B 325 -55.18 1.65 9.13
CA ASN B 325 -54.99 3.08 8.99
C ASN B 325 -55.75 3.70 7.82
N GLN B 326 -56.36 2.92 6.95
CA GLN B 326 -57.17 3.47 5.87
C GLN B 326 -58.64 3.43 6.27
N GLU B 327 -59.25 4.60 6.42
CA GLU B 327 -60.67 4.70 6.80
C GLU B 327 -61.58 4.14 5.71
N LYS B 328 -61.16 4.24 4.46
CA LYS B 328 -61.93 3.76 3.31
C LYS B 328 -61.73 2.28 3.04
N ALA B 329 -60.75 1.64 3.69
CA ALA B 329 -60.42 0.24 3.49
C ALA B 329 -61.31 -0.70 4.29
N LEU B 330 -62.03 -0.18 5.29
CA LEU B 330 -62.89 -1.04 6.10
C LEU B 330 -63.94 -1.71 5.22
N THR B 331 -64.42 -1.00 4.20
CA THR B 331 -65.37 -1.58 3.27
C THR B 331 -64.76 -2.72 2.45
N LYS B 332 -63.51 -2.55 1.98
CA LYS B 332 -62.85 -3.60 1.20
C LYS B 332 -62.37 -4.77 2.06
N PHE B 333 -61.82 -4.48 3.24
CA PHE B 333 -61.38 -5.55 4.13
C PHE B 333 -62.52 -6.49 4.49
N LEU B 334 -63.64 -5.93 4.95
CA LEU B 334 -64.82 -6.72 5.32
C LEU B 334 -65.43 -7.49 4.15
N LYS B 335 -65.24 -7.01 2.91
CA LYS B 335 -65.71 -7.76 1.75
C LYS B 335 -64.81 -8.97 1.48
N CYS B 336 -63.55 -8.91 1.89
CA CYS B 336 -62.61 -10.01 1.73
C CYS B 336 -62.76 -11.09 2.80
N VAL B 337 -63.28 -10.72 3.97
CA VAL B 337 -63.38 -11.67 5.08
C VAL B 337 -64.38 -12.77 4.74
N ASN B 338 -63.94 -14.01 4.84
CA ASN B 338 -64.77 -15.20 4.64
C ASN B 338 -65.56 -15.49 5.92
N TRP B 339 -66.77 -14.94 6.00
CA TRP B 339 -67.61 -15.10 7.17
C TRP B 339 -67.92 -16.55 7.50
N ASP B 340 -67.65 -17.49 6.59
CA ASP B 340 -67.89 -18.90 6.88
C ASP B 340 -66.92 -19.49 7.89
N LEU B 341 -65.73 -18.92 8.06
CA LEU B 341 -64.78 -19.43 9.04
C LEU B 341 -64.97 -18.66 10.35
N PRO B 342 -65.43 -19.30 11.42
CA PRO B 342 -65.63 -18.55 12.68
C PRO B 342 -64.37 -17.93 13.21
N GLN B 343 -63.21 -18.58 13.01
CA GLN B 343 -61.95 -18.02 13.48
C GLN B 343 -61.65 -16.75 12.71
N GLU B 344 -61.82 -16.78 11.39
CA GLU B 344 -61.61 -15.60 10.57
C GLU B 344 -62.66 -14.55 10.90
N ALA B 345 -63.89 -14.96 11.16
CA ALA B 345 -64.93 -14.00 11.53
C ALA B 345 -64.58 -13.27 12.82
N LYS B 346 -64.11 -14.00 13.83
CA LYS B 346 -63.74 -13.34 15.09
C LYS B 346 -62.66 -12.31 14.83
N GLN B 347 -61.71 -12.64 13.96
CA GLN B 347 -60.68 -11.69 13.59
C GLN B 347 -61.28 -10.55 12.77
N ALA B 348 -62.16 -10.89 11.82
CA ALA B 348 -62.79 -9.88 10.99
C ALA B 348 -63.56 -8.88 11.82
N LEU B 349 -64.29 -9.37 12.82
CA LEU B 349 -65.01 -8.45 13.69
C LEU B 349 -64.05 -7.67 14.59
N GLU B 350 -62.91 -8.27 14.95
CA GLU B 350 -61.92 -7.57 15.76
C GLU B 350 -61.24 -6.44 15.00
N LEU B 351 -60.94 -6.66 13.71
CA LEU B 351 -60.34 -5.61 12.91
C LEU B 351 -61.29 -4.44 12.70
N LEU B 352 -62.57 -4.71 12.47
CA LEU B 352 -63.57 -3.66 12.27
C LEU B 352 -63.58 -2.62 13.39
N GLY B 353 -63.48 -3.07 14.64
CA GLY B 353 -63.51 -2.17 15.78
C GLY B 353 -62.33 -1.22 15.91
N LYS B 354 -61.22 -1.50 15.23
CA LYS B 354 -60.07 -0.63 15.36
C LYS B 354 -59.88 0.32 14.18
N TRP B 355 -60.57 0.09 13.06
CA TRP B 355 -60.40 0.95 11.89
C TRP B 355 -60.76 2.39 12.19
N LYS B 356 -60.04 3.30 11.56
CA LYS B 356 -60.34 4.73 11.63
C LYS B 356 -61.73 4.93 11.06
N PRO B 357 -62.67 5.57 11.80
CA PRO B 357 -64.04 5.72 11.29
C PRO B 357 -64.14 6.30 9.90
N MET B 358 -64.74 5.52 8.99
CA MET B 358 -64.85 5.88 7.58
C MET B 358 -65.82 7.03 7.38
N ASP B 359 -65.74 7.62 6.20
CA ASP B 359 -66.66 8.68 5.82
C ASP B 359 -68.10 8.18 5.70
N VAL B 360 -69.04 9.03 6.14
CA VAL B 360 -70.46 8.69 6.08
C VAL B 360 -70.89 8.40 4.66
N GLU B 361 -70.31 9.10 3.69
CA GLU B 361 -70.65 8.86 2.28
C GLU B 361 -70.41 7.40 1.93
N ASP B 362 -69.40 6.79 2.51
CA ASP B 362 -69.09 5.39 2.27
C ASP B 362 -69.90 4.46 3.17
N SER B 363 -70.30 4.94 4.36
CA SER B 363 -71.08 4.15 5.31
C SER B 363 -72.44 3.71 4.79
N LEU B 364 -72.97 4.37 3.77
CA LEU B 364 -74.22 3.90 3.18
C LEU B 364 -74.06 2.52 2.57
N GLU B 365 -72.85 2.19 2.09
CA GLU B 365 -72.60 0.87 1.51
C GLU B 365 -72.79 -0.28 2.50
N LEU B 366 -72.48 -0.06 3.77
CA LEU B 366 -72.63 -1.11 4.77
C LEU B 366 -74.08 -1.44 5.11
N LEU B 367 -75.03 -0.59 4.75
CA LEU B 367 -76.42 -0.91 5.01
C LEU B 367 -77.08 -1.64 3.85
N SER B 368 -76.38 -1.82 2.74
CA SER B 368 -76.95 -2.60 1.65
C SER B 368 -77.10 -4.06 2.05
N SER B 369 -77.89 -4.80 1.27
CA SER B 369 -78.17 -6.21 1.54
C SER B 369 -76.92 -7.07 1.63
N HIS B 370 -75.79 -6.60 1.09
CA HIS B 370 -74.58 -7.40 1.07
C HIS B 370 -73.98 -7.61 2.46
N TYR B 371 -74.24 -6.73 3.42
CA TYR B 371 -73.69 -6.89 4.77
C TYR B 371 -74.81 -7.45 5.64
N THR B 372 -74.71 -8.74 5.94
CA THR B 372 -75.68 -9.49 6.71
C THR B 372 -75.29 -9.75 8.16
N ASN B 373 -74.04 -9.54 8.52
CA ASN B 373 -73.61 -9.85 9.88
C ASN B 373 -74.23 -8.91 10.88
N PRO B 374 -74.93 -9.42 11.91
CA PRO B 374 -75.60 -8.53 12.87
C PRO B 374 -74.65 -7.62 13.60
N THR B 375 -73.43 -8.08 13.89
CA THR B 375 -72.47 -7.18 14.52
C THR B 375 -72.03 -6.13 13.51
N VAL B 376 -71.94 -6.52 12.24
CA VAL B 376 -71.60 -5.61 11.14
C VAL B 376 -72.72 -4.62 10.86
N ARG B 377 -73.99 -5.07 10.87
CA ARG B 377 -75.10 -4.16 10.64
C ARG B 377 -75.34 -3.21 11.81
N ARG B 378 -75.24 -3.71 13.04
CA ARG B 378 -75.33 -2.80 14.17
C ARG B 378 -74.20 -1.79 14.13
N TYR B 379 -73.03 -2.23 13.66
CA TYR B 379 -71.90 -1.34 13.39
C TYR B 379 -72.18 -0.35 12.26
N ALA B 380 -72.71 -0.83 11.14
CA ALA B 380 -73.04 0.06 10.03
C ALA B 380 -73.95 1.19 10.52
N VAL B 381 -74.90 0.85 11.39
CA VAL B 381 -75.74 1.88 11.98
C VAL B 381 -74.90 2.79 12.85
N ALA B 382 -73.90 2.23 13.53
CA ALA B 382 -72.97 3.04 14.31
C ALA B 382 -72.17 3.99 13.43
N ARG B 383 -71.91 3.63 12.17
CA ARG B 383 -71.26 4.59 11.29
C ARG B 383 -72.23 5.67 10.86
N LEU B 384 -73.45 5.30 10.46
CA LEU B 384 -74.44 6.29 10.09
C LEU B 384 -74.81 7.19 11.26
N ARG B 385 -74.67 6.66 12.48
CA ARG B 385 -74.94 7.38 13.72
C ARG B 385 -74.14 8.65 13.90
N GLN B 386 -73.01 8.78 13.20
CA GLN B 386 -72.21 9.99 13.30
C GLN B 386 -72.54 11.05 12.25
N ALA B 387 -73.34 10.73 11.24
CA ALA B 387 -73.63 11.72 10.22
C ALA B 387 -74.54 12.82 10.76
N ASP B 388 -74.34 14.03 10.25
CA ASP B 388 -75.22 15.16 10.57
C ASP B 388 -76.55 15.02 9.87
N ASP B 389 -77.60 15.54 10.51
CA ASP B 389 -78.94 15.45 9.94
C ASP B 389 -79.00 16.09 8.56
N GLU B 390 -78.20 17.14 8.34
CA GLU B 390 -78.19 17.80 7.05
C GLU B 390 -77.68 16.89 5.95
N ASP B 391 -76.75 15.99 6.28
CA ASP B 391 -76.34 15.00 5.28
C ASP B 391 -77.36 13.89 5.18
N LEU B 392 -77.90 13.44 6.32
CA LEU B 392 -78.90 12.37 6.31
C LEU B 392 -80.10 12.71 5.44
N LEU B 393 -80.54 13.97 5.45
CA LEU B 393 -81.67 14.37 4.62
C LEU B 393 -81.38 14.20 3.13
N MET B 394 -80.11 14.25 2.74
CA MET B 394 -79.74 14.01 1.34
C MET B 394 -79.74 12.53 1.00
N TYR B 395 -79.73 11.67 2.02
CA TYR B 395 -79.65 10.24 1.83
C TYR B 395 -80.87 9.46 2.33
N LEU B 396 -81.79 10.12 3.03
CA LEU B 396 -82.96 9.44 3.61
C LEU B 396 -83.71 8.63 2.56
N LEU B 397 -83.78 9.14 1.33
CA LEU B 397 -84.40 8.38 0.25
C LEU B 397 -83.70 7.03 0.09
N GLN B 398 -82.37 7.00 0.12
CA GLN B 398 -81.63 5.75 0.02
C GLN B 398 -81.69 4.92 1.31
N LEU B 399 -81.64 5.58 2.47
CA LEU B 399 -81.76 4.87 3.73
C LEU B 399 -83.08 4.10 3.87
N VAL B 400 -84.20 4.71 3.45
CA VAL B 400 -85.49 4.03 3.50
C VAL B 400 -85.52 2.85 2.54
N GLN B 401 -84.89 2.99 1.37
CA GLN B 401 -84.78 1.85 0.47
C GLN B 401 -83.95 0.77 1.12
N ALA B 402 -82.98 1.19 1.93
CA ALA B 402 -82.10 0.25 2.62
C ALA B 402 -82.90 -0.65 3.54
N LEU B 403 -84.11 -0.23 3.93
CA LEU B 403 -84.97 -1.10 4.72
C LEU B 403 -85.28 -2.38 3.98
N LYS B 404 -85.20 -2.37 2.65
CA LYS B 404 -85.35 -3.59 1.87
C LYS B 404 -84.32 -4.64 2.25
N TYR B 405 -83.16 -4.23 2.78
CA TYR B 405 -82.11 -5.16 3.16
C TYR B 405 -82.07 -5.52 4.64
N GLU B 406 -82.77 -4.76 5.50
CA GLU B 406 -82.75 -5.09 6.91
C GLU B 406 -83.58 -6.32 7.22
N ASN B 407 -83.34 -6.86 8.42
CA ASN B 407 -84.04 -8.03 8.96
C ASN B 407 -85.46 -7.63 9.41
N PHE B 408 -86.48 -8.10 8.72
CA PHE B 408 -87.85 -7.69 9.02
C PHE B 408 -88.28 -8.03 10.44
N ASP B 409 -87.72 -9.08 11.05
CA ASP B 409 -88.09 -9.51 12.40
C ASP B 409 -87.76 -8.52 13.51
N ASP B 410 -86.67 -7.78 13.42
CA ASP B 410 -86.38 -6.84 14.49
C ASP B 410 -87.40 -5.72 14.57
N ILE B 411 -87.98 -5.32 13.44
CA ILE B 411 -89.03 -4.31 13.44
C ILE B 411 -90.31 -4.86 14.03
N LYS B 412 -90.65 -6.11 13.69
CA LYS B 412 -91.87 -6.71 14.24
C LYS B 412 -91.74 -6.91 15.74
N ASN B 413 -90.53 -7.22 16.20
CA ASN B 413 -90.30 -7.39 17.63
C ASN B 413 -90.57 -6.09 18.37
N LEU B 475 -80.16 -1.12 14.41
CA LEU B 475 -80.09 -0.27 13.24
C LEU B 475 -81.38 0.51 13.13
N CYS B 476 -82.49 -0.18 13.36
CA CYS B 476 -83.81 0.43 13.25
C CYS B 476 -84.01 1.55 14.27
N THR B 477 -83.58 1.33 15.51
CA THR B 477 -83.68 2.34 16.55
C THR B 477 -82.88 3.60 16.22
N PHE B 478 -81.74 3.45 15.55
CA PHE B 478 -80.94 4.61 15.17
C PHE B 478 -81.66 5.53 14.19
N LEU B 479 -82.14 4.99 13.07
CA LEU B 479 -82.82 5.82 12.08
C LEU B 479 -83.99 6.58 12.69
N ILE B 480 -84.82 5.88 13.46
CA ILE B 480 -86.00 6.45 14.09
C ILE B 480 -85.66 7.49 15.16
N SER B 481 -84.59 7.28 15.91
CA SER B 481 -84.21 8.20 16.99
C SER B 481 -83.92 9.60 16.47
N ARG B 482 -83.26 9.72 15.32
CA ARG B 482 -82.95 11.04 14.78
C ARG B 482 -84.19 11.80 14.32
N ALA B 483 -85.13 11.12 13.67
CA ALA B 483 -86.36 11.78 13.18
C ALA B 483 -87.17 12.44 14.30
N CYS B 484 -87.21 11.84 15.48
CA CYS B 484 -87.97 12.43 16.57
C CYS B 484 -87.41 13.76 17.06
N LYS B 485 -86.17 14.08 16.71
CA LYS B 485 -85.59 15.36 17.14
C LYS B 485 -85.66 16.47 16.10
N ASN B 486 -85.58 16.14 14.81
CA ASN B 486 -85.56 17.13 13.75
C ASN B 486 -86.76 16.95 12.82
N SER B 487 -87.61 17.98 12.75
CA SER B 487 -88.81 17.94 11.93
C SER B 487 -88.53 17.87 10.43
N THR B 488 -87.43 18.49 9.96
CA THR B 488 -87.12 18.45 8.53
C THR B 488 -86.89 17.02 8.07
N LEU B 489 -86.17 16.23 8.86
CA LEU B 489 -85.94 14.84 8.52
C LEU B 489 -87.23 14.05 8.62
N ALA B 490 -88.00 14.28 9.69
CA ALA B 490 -89.25 13.57 9.90
C ALA B 490 -90.17 13.74 8.71
N ASN B 491 -90.23 14.93 8.16
CA ASN B 491 -91.06 15.17 6.98
C ASN B 491 -90.62 14.31 5.81
N TYR B 492 -89.34 14.39 5.43
CA TYR B 492 -88.86 13.58 4.31
C TYR B 492 -88.97 12.07 4.58
N LEU B 493 -88.66 11.63 5.80
CA LEU B 493 -88.81 10.22 6.18
C LEU B 493 -90.25 9.76 6.06
N TYR B 494 -91.17 10.53 6.64
CA TYR B 494 -92.60 10.22 6.66
C TYR B 494 -93.14 9.97 5.25
N TRP B 495 -92.89 10.90 4.33
CA TRP B 495 -93.43 10.72 2.98
C TRP B 495 -92.77 9.54 2.28
N TYR B 496 -91.49 9.29 2.55
CA TYR B 496 -90.84 8.13 1.95
C TYR B 496 -91.47 6.83 2.45
N VAL B 497 -91.77 6.75 3.75
CA VAL B 497 -92.39 5.55 4.30
C VAL B 497 -93.81 5.37 3.76
N ILE B 498 -94.53 6.49 3.63
CA ILE B 498 -95.90 6.42 3.10
C ILE B 498 -95.89 5.92 1.66
N VAL B 499 -94.91 6.37 0.86
CA VAL B 499 -94.82 5.96 -0.54
C VAL B 499 -94.66 4.45 -0.67
N GLU B 500 -93.81 3.85 0.18
CA GLU B 500 -93.62 2.41 0.15
C GLU B 500 -94.81 1.64 0.74
N CYS B 501 -95.52 2.23 1.70
CA CYS B 501 -96.70 1.59 2.27
C CYS B 501 -97.87 1.58 1.30
N GLU B 502 -97.86 2.44 0.29
CA GLU B 502 -98.88 2.46 -0.75
C GLU B 502 -98.49 1.75 -2.04
N ASP B 503 -97.23 1.33 -2.19
CA ASP B 503 -96.86 0.66 -3.42
C ASP B 503 -97.47 -0.73 -3.53
N GLN B 504 -98.65 -0.81 -4.15
CA GLN B 504 -99.35 -2.08 -4.32
C GLN B 504 -98.50 -3.11 -5.05
N ASP B 505 -97.62 -2.66 -5.94
CA ASP B 505 -96.74 -3.56 -6.67
C ASP B 505 -95.82 -4.32 -5.72
N THR B 506 -95.32 -3.65 -4.70
CA THR B 506 -94.50 -4.34 -3.72
C THR B 506 -95.32 -5.35 -2.93
N GLN B 507 -96.59 -5.03 -2.66
CA GLN B 507 -97.43 -5.99 -1.94
C GLN B 507 -97.62 -7.27 -2.74
N GLN B 508 -97.71 -7.15 -4.06
CA GLN B 508 -97.90 -8.32 -4.91
C GLN B 508 -96.58 -9.04 -5.16
N ARG B 509 -95.50 -8.31 -5.34
CA ARG B 509 -94.23 -8.94 -5.66
C ARG B 509 -93.50 -9.45 -4.42
N ASP B 510 -93.62 -8.77 -3.30
CA ASP B 510 -92.98 -9.18 -2.06
C ASP B 510 -93.92 -8.85 -0.90
N PRO B 511 -94.92 -9.71 -0.67
CA PRO B 511 -95.89 -9.39 0.40
C PRO B 511 -95.25 -9.28 1.76
N LYS B 512 -94.14 -9.98 2.01
CA LYS B 512 -93.49 -9.85 3.30
C LYS B 512 -92.98 -8.43 3.49
N THR B 513 -92.38 -7.86 2.43
CA THR B 513 -91.90 -6.49 2.45
C THR B 513 -93.04 -5.48 2.53
N HIS B 514 -94.15 -5.70 1.81
CA HIS B 514 -95.28 -4.78 1.88
C HIS B 514 -95.85 -4.78 3.30
N GLU B 515 -96.04 -5.96 3.88
CA GLU B 515 -96.48 -6.01 5.26
C GLU B 515 -95.43 -5.36 6.15
N MET B 516 -94.16 -5.53 5.78
CA MET B 516 -93.09 -4.89 6.50
C MET B 516 -93.25 -3.38 6.45
N TYR B 517 -93.49 -2.84 5.24
CA TYR B 517 -93.73 -1.41 5.10
C TYR B 517 -94.97 -0.95 5.88
N LEU B 518 -96.00 -1.80 5.95
CA LEU B 518 -97.13 -1.47 6.80
C LEU B 518 -96.66 -1.36 8.24
N ASN B 519 -95.79 -2.28 8.62
CA ASN B 519 -95.18 -2.25 9.94
C ASN B 519 -94.27 -1.04 10.08
N VAL B 520 -93.56 -0.67 9.03
CA VAL B 520 -92.70 0.51 9.08
C VAL B 520 -93.54 1.76 9.27
N MET B 521 -94.60 1.91 8.48
CA MET B 521 -95.44 3.10 8.65
C MET B 521 -96.03 3.11 10.06
N ARG B 522 -96.52 1.95 10.50
CA ARG B 522 -97.07 1.77 11.85
C ARG B 522 -96.04 2.01 12.94
N ARG B 523 -94.83 1.46 12.77
CA ARG B 523 -93.78 1.65 13.75
C ARG B 523 -93.44 3.12 13.89
N PHE B 524 -93.32 3.83 12.77
CA PHE B 524 -93.01 5.25 12.82
C PHE B 524 -94.07 5.98 13.63
N SER B 525 -95.34 5.65 13.40
CA SER B 525 -96.41 6.23 14.19
C SER B 525 -96.27 5.89 15.67
N GLN B 526 -95.91 4.65 16.00
CA GLN B 526 -95.77 4.27 17.40
C GLN B 526 -94.66 5.07 18.07
N ALA B 527 -93.53 5.26 17.38
CA ALA B 527 -92.44 6.03 17.99
C ALA B 527 -92.85 7.47 18.21
N LEU B 528 -93.52 8.07 17.23
CA LEU B 528 -93.98 9.44 17.39
C LEU B 528 -95.01 9.58 18.50
N LEU B 529 -95.86 8.56 18.66
CA LEU B 529 -96.91 8.58 19.68
C LEU B 529 -96.34 8.64 21.08
N LYS B 530 -95.22 7.95 21.29
CA LYS B 530 -94.64 7.97 22.62
C LYS B 530 -93.98 9.30 22.95
N GLY B 531 -93.83 10.20 21.98
CA GLY B 531 -93.24 11.47 22.29
C GLY B 531 -94.18 12.40 23.05
N ASP B 532 -93.63 13.56 23.41
CA ASP B 532 -94.34 14.60 24.15
C ASP B 532 -95.43 15.27 23.32
N LYS B 533 -96.16 16.17 23.98
CA LYS B 533 -97.23 16.94 23.34
C LYS B 533 -96.73 17.64 22.08
N SER B 534 -95.52 18.22 22.14
CA SER B 534 -94.97 18.87 20.96
C SER B 534 -94.76 17.85 19.85
N VAL B 535 -94.37 16.63 20.24
CA VAL B 535 -94.20 15.59 19.24
C VAL B 535 -95.56 15.11 18.79
N ARG B 536 -96.52 15.04 19.71
CA ARG B 536 -97.88 14.70 19.33
C ARG B 536 -98.42 15.78 18.41
N VAL B 537 -98.07 17.04 18.67
CA VAL B 537 -98.39 18.10 17.74
C VAL B 537 -97.73 17.81 16.41
N MET B 538 -96.48 17.36 16.45
CA MET B 538 -95.81 16.97 15.21
C MET B 538 -96.63 15.90 14.51
N ARG B 539 -97.14 14.94 15.28
CA ARG B 539 -98.01 13.90 14.74
C ARG B 539 -99.29 14.50 14.15
N SER B 540 -99.91 15.42 14.87
CA SER B 540 -101.15 16.03 14.39
C SER B 540 -100.90 16.72 13.06
N LEU B 541 -99.72 17.30 12.89
CA LEU B 541 -99.40 17.95 11.63
C LEU B 541 -99.32 16.92 10.52
N LEU B 542 -98.76 15.75 10.83
CA LEU B 542 -98.73 14.70 9.83
C LEU B 542 -100.14 14.24 9.51
N ALA B 543 -101.00 14.13 10.53
CA ALA B 543 -102.39 13.77 10.26
C ALA B 543 -103.04 14.84 9.39
N ALA B 544 -102.77 16.10 9.70
CA ALA B 544 -103.28 17.17 8.86
C ALA B 544 -102.71 17.05 7.46
N GLN B 545 -101.41 16.73 7.37
CA GLN B 545 -100.76 16.54 6.09
C GLN B 545 -101.46 15.46 5.28
N GLN B 546 -101.81 14.35 5.94
CA GLN B 546 -102.50 13.28 5.23
C GLN B 546 -103.81 13.75 4.64
N THR B 547 -104.60 14.51 5.40
CA THR B 547 -105.87 15.00 4.89
C THR B 547 -105.66 15.92 3.70
N PHE B 548 -104.65 16.79 3.76
CA PHE B 548 -104.41 17.72 2.67
C PHE B 548 -104.09 17.00 1.37
N VAL B 549 -103.18 16.03 1.42
CA VAL B 549 -102.85 15.29 0.20
C VAL B 549 -104.06 14.54 -0.30
N ASP B 550 -104.83 13.95 0.63
CA ASP B 550 -106.03 13.24 0.22
C ASP B 550 -106.99 14.19 -0.48
N ARG B 551 -107.10 15.42 0.01
CA ARG B 551 -107.97 16.39 -0.64
C ARG B 551 -107.49 16.70 -2.04
N LEU B 552 -106.18 16.86 -2.22
CA LEU B 552 -105.66 17.14 -3.56
C LEU B 552 -105.93 15.98 -4.50
N VAL B 553 -105.82 14.74 -4.02
CA VAL B 553 -106.10 13.60 -4.89
C VAL B 553 -107.57 13.57 -5.28
N HIS B 554 -108.47 13.78 -4.30
CA HIS B 554 -109.89 13.81 -4.60
C HIS B 554 -110.21 14.94 -5.55
N LEU B 555 -109.65 16.12 -5.30
CA LEU B 555 -109.82 17.25 -6.20
C LEU B 555 -109.35 16.88 -7.60
N MET B 556 -108.18 16.25 -7.69
CA MET B 556 -107.65 15.86 -8.99
C MET B 556 -108.60 14.89 -9.66
N LYS B 557 -109.22 14.00 -8.88
CA LYS B 557 -110.18 13.09 -9.50
C LYS B 557 -111.42 13.84 -9.96
N ALA B 558 -111.91 14.78 -9.16
CA ALA B 558 -113.06 15.58 -9.58
C ALA B 558 -112.72 16.41 -10.81
N VAL B 559 -111.54 17.01 -10.83
CA VAL B 559 -111.10 17.80 -11.97
C VAL B 559 -110.80 16.90 -13.16
N GLN B 560 -110.25 15.72 -12.90
CA GLN B 560 -109.94 14.79 -13.98
C GLN B 560 -111.20 14.23 -14.63
N ARG B 561 -112.27 14.06 -13.85
CA ARG B 561 -113.51 13.55 -14.42
C ARG B 561 -114.19 14.57 -15.33
N GLU B 562 -113.97 15.86 -15.11
CA GLU B 562 -114.60 16.88 -15.94
C GLU B 562 -114.05 16.83 -17.36
N SER B 563 -114.87 16.34 -18.29
CA SER B 563 -114.51 16.25 -19.69
C SER B 563 -114.70 17.63 -20.33
N GLY B 564 -113.62 18.20 -20.87
CA GLY B 564 -113.74 19.50 -21.48
C GLY B 564 -112.38 20.14 -21.71
N ASN B 565 -112.45 21.38 -22.18
CA ASN B 565 -111.25 22.15 -22.46
C ASN B 565 -110.59 22.61 -21.16
N ARG B 566 -109.30 22.95 -21.29
CA ARG B 566 -108.49 23.40 -20.15
C ARG B 566 -109.15 24.51 -19.35
N LYS B 567 -109.85 25.43 -20.01
CA LYS B 567 -110.50 26.51 -19.29
C LYS B 567 -111.57 26.01 -18.33
N LYS B 568 -112.41 25.07 -18.76
CA LYS B 568 -113.43 24.53 -17.87
C LYS B 568 -112.82 23.79 -16.69
N LYS B 569 -111.76 23.02 -16.95
CA LYS B 569 -111.08 22.32 -15.87
C LYS B 569 -110.41 23.29 -14.91
N ASN B 570 -109.83 24.36 -15.45
CA ASN B 570 -109.19 25.35 -14.60
C ASN B 570 -110.23 26.03 -13.72
N GLU B 571 -111.36 26.44 -14.31
CA GLU B 571 -112.40 27.06 -13.51
C GLU B 571 -112.90 26.10 -12.44
N ARG B 572 -113.07 24.82 -12.79
CA ARG B 572 -113.49 23.85 -11.79
C ARG B 572 -112.44 23.70 -10.69
N LEU B 573 -111.16 23.64 -11.07
CA LEU B 573 -110.08 23.53 -10.09
C LEU B 573 -110.06 24.72 -9.15
N GLN B 574 -110.11 25.93 -9.70
CA GLN B 574 -110.07 27.12 -8.86
C GLN B 574 -111.31 27.24 -8.00
N ALA B 575 -112.49 26.96 -8.57
CA ALA B 575 -113.73 27.01 -7.79
C ALA B 575 -113.71 25.97 -6.68
N LEU B 576 -113.25 24.76 -6.98
CA LEU B 576 -113.18 23.73 -5.94
C LEU B 576 -112.17 24.10 -4.87
N LEU B 577 -111.02 24.65 -5.28
CA LEU B 577 -110.05 25.08 -4.28
C LEU B 577 -110.62 26.23 -3.47
N GLY B 578 -111.39 27.08 -4.11
CA GLY B 578 -112.02 28.19 -3.42
C GLY B 578 -113.14 27.74 -2.50
N ASP B 579 -113.87 26.70 -2.90
CA ASP B 579 -114.99 26.18 -2.12
C ASP B 579 -114.50 25.46 -0.87
N ASN B 580 -114.12 26.26 0.13
CA ASN B 580 -113.61 25.73 1.38
C ASN B 580 -114.64 24.85 2.09
N GLU B 581 -115.93 25.10 1.84
CA GLU B 581 -116.97 24.32 2.53
C GLU B 581 -117.00 22.87 2.08
N LYS B 582 -116.68 22.58 0.83
CA LYS B 582 -116.73 21.21 0.30
C LYS B 582 -115.36 20.55 0.24
N MET B 583 -114.35 21.28 -0.20
CA MET B 583 -112.99 20.77 -0.40
C MET B 583 -112.03 21.15 0.71
N ASN B 584 -112.38 22.18 1.48
CA ASN B 584 -111.56 22.66 2.61
C ASN B 584 -110.10 22.79 2.21
N LEU B 585 -109.88 23.28 0.98
CA LEU B 585 -108.56 23.48 0.44
C LEU B 585 -108.20 24.96 0.36
N SER B 586 -109.20 25.84 0.37
CA SER B 586 -108.92 27.27 0.33
C SER B 586 -108.41 27.75 1.67
N ASP B 587 -108.91 27.13 2.75
CA ASP B 587 -108.52 27.47 4.12
C ASP B 587 -108.34 26.14 4.86
N VAL B 588 -107.10 25.77 5.13
CA VAL B 588 -106.82 24.52 5.82
C VAL B 588 -106.02 24.82 7.08
N GLU B 589 -106.02 23.88 8.00
CA GLU B 589 -105.21 24.03 9.20
C GLU B 589 -103.73 24.12 8.85
N LEU B 590 -102.95 24.65 9.79
CA LEU B 590 -101.51 24.80 9.59
C LEU B 590 -100.81 23.46 9.37
N ILE B 591 -100.26 23.24 8.18
CA ILE B 591 -99.58 22.00 7.85
C ILE B 591 -98.20 22.25 7.25
N PRO B 592 -97.17 21.46 7.60
CA PRO B 592 -95.89 21.62 6.92
C PRO B 592 -96.09 21.16 5.49
N LEU B 593 -95.53 21.92 4.55
CA LEU B 593 -95.71 21.61 3.14
C LEU B 593 -95.10 20.27 2.76
N PRO B 594 -95.86 19.38 2.10
CA PRO B 594 -95.28 18.08 1.72
C PRO B 594 -94.02 18.19 0.87
N LEU B 595 -93.99 19.14 -0.07
CA LEU B 595 -92.83 19.33 -0.93
C LEU B 595 -91.60 19.81 -0.16
N GLU B 596 -91.78 20.69 0.82
CA GLU B 596 -90.67 21.24 1.60
C GLU B 596 -91.02 21.40 3.08
N PRO B 597 -90.72 20.40 3.91
CA PRO B 597 -91.13 20.49 5.32
C PRO B 597 -90.55 21.66 6.12
N GLN B 598 -89.56 22.38 5.59
CA GLN B 598 -89.03 23.56 6.28
C GLN B 598 -89.96 24.77 6.20
N VAL B 599 -90.89 24.78 5.26
CA VAL B 599 -91.84 25.88 5.05
C VAL B 599 -93.20 25.46 5.62
N LYS B 600 -93.75 26.27 6.52
CA LYS B 600 -95.05 25.99 7.11
C LYS B 600 -96.12 26.74 6.32
N ILE B 601 -97.21 26.04 6.01
CA ILE B 601 -98.29 26.52 5.17
C ILE B 601 -99.62 26.55 5.90
N ARG B 602 -100.50 27.44 5.42
CA ARG B 602 -101.84 27.64 5.92
C ARG B 602 -102.93 27.21 4.95
N GLY B 603 -102.60 26.96 3.68
CA GLY B 603 -103.61 26.56 2.72
C GLY B 603 -103.15 26.78 1.28
N ILE B 604 -104.07 26.52 0.36
CA ILE B 604 -103.85 26.63 -1.08
C ILE B 604 -104.54 27.88 -1.63
N ILE B 605 -103.87 28.58 -2.54
CA ILE B 605 -104.48 29.73 -3.21
C ILE B 605 -105.34 29.20 -4.35
N PRO B 606 -106.66 29.36 -4.29
CA PRO B 606 -107.51 28.81 -5.37
C PRO B 606 -107.41 29.51 -6.72
N GLU B 607 -107.37 30.85 -6.73
CA GLU B 607 -107.41 31.64 -7.95
C GLU B 607 -106.26 31.39 -8.91
N THR B 608 -105.12 30.89 -8.43
CA THR B 608 -103.95 30.69 -9.28
C THR B 608 -103.76 29.25 -9.73
N ALA B 609 -104.56 28.31 -9.24
CA ALA B 609 -104.38 26.93 -9.65
C ALA B 609 -104.81 26.78 -11.10
N THR B 610 -103.94 26.20 -11.91
CA THR B 610 -104.20 26.02 -13.33
C THR B 610 -103.66 24.66 -13.76
N LEU B 611 -104.26 24.11 -14.81
CA LEU B 611 -103.86 22.81 -15.32
C LEU B 611 -102.98 23.05 -16.54
N PHE B 612 -101.85 22.37 -16.61
CA PHE B 612 -100.96 22.49 -17.75
C PHE B 612 -101.52 21.67 -18.92
N LYS B 613 -100.99 21.95 -20.12
CA LYS B 613 -101.45 21.25 -21.31
C LYS B 613 -100.72 19.94 -21.54
N SER B 614 -100.21 19.31 -20.49
CA SER B 614 -99.60 18.00 -20.63
C SER B 614 -100.68 16.92 -20.61
N ALA B 615 -100.32 15.74 -21.14
CA ALA B 615 -101.26 14.61 -21.16
C ALA B 615 -101.81 14.33 -19.77
N LEU B 616 -101.01 14.57 -18.73
CA LEU B 616 -101.45 14.36 -17.36
C LEU B 616 -101.97 15.63 -16.71
N MET B 617 -101.91 16.78 -17.40
CA MET B 617 -102.39 18.07 -16.94
C MET B 617 -101.96 18.38 -15.51
N PRO B 618 -100.68 18.65 -15.27
CA PRO B 618 -100.26 18.98 -13.90
C PRO B 618 -100.93 20.25 -13.39
N ALA B 619 -101.10 20.31 -12.07
CA ALA B 619 -101.76 21.43 -11.41
C ALA B 619 -100.72 22.37 -10.80
N GLN B 620 -100.80 23.65 -11.15
CA GLN B 620 -99.96 24.66 -10.53
C GLN B 620 -100.65 25.11 -9.26
N LEU B 621 -99.99 24.97 -8.12
CA LEU B 621 -100.58 25.29 -6.83
C LEU B 621 -99.68 26.27 -6.10
N PHE B 622 -100.27 27.32 -5.54
CA PHE B 622 -99.55 28.31 -4.77
C PHE B 622 -100.00 28.16 -3.33
N PHE B 623 -99.06 27.86 -2.44
CA PHE B 623 -99.37 27.62 -1.04
C PHE B 623 -99.12 28.88 -0.20
N LYS B 624 -100.07 29.16 0.67
CA LYS B 624 -100.02 30.31 1.58
C LYS B 624 -99.06 30.00 2.72
N THR B 625 -98.00 30.78 2.84
CA THR B 625 -97.04 30.54 3.90
C THR B 625 -97.47 31.22 5.18
N GLU B 626 -96.84 30.81 6.28
CA GLU B 626 -97.17 31.37 7.59
C GLU B 626 -97.03 32.88 7.59
N ASP B 627 -96.02 33.40 6.90
CA ASP B 627 -95.76 34.84 6.82
C ASP B 627 -96.58 35.53 5.74
N GLY B 628 -97.56 34.86 5.14
CA GLY B 628 -98.37 35.48 4.12
C GLY B 628 -97.81 35.44 2.72
N GLY B 629 -96.66 34.80 2.52
CA GLY B 629 -96.04 34.71 1.21
C GLY B 629 -96.62 33.58 0.40
N LYS B 630 -96.12 33.44 -0.82
CA LYS B 630 -96.56 32.41 -1.74
C LYS B 630 -95.39 31.47 -2.02
N TYR B 631 -95.63 30.18 -1.85
CA TYR B 631 -94.67 29.12 -2.15
C TYR B 631 -95.25 28.28 -3.27
N PRO B 632 -94.64 28.26 -4.45
CA PRO B 632 -95.21 27.49 -5.56
C PRO B 632 -94.81 26.02 -5.54
N VAL B 633 -95.79 25.15 -5.82
CA VAL B 633 -95.59 23.72 -5.86
C VAL B 633 -96.44 23.23 -7.02
N ILE B 634 -95.99 22.14 -7.63
CA ILE B 634 -96.70 21.42 -8.69
C ILE B 634 -97.16 20.05 -8.22
N PHE B 635 -98.43 19.75 -8.40
CA PHE B 635 -98.97 18.44 -8.07
C PHE B 635 -99.23 17.72 -9.39
N LYS B 636 -98.58 16.56 -9.57
CA LYS B 636 -98.70 15.75 -10.78
C LYS B 636 -99.54 14.52 -10.48
N HIS B 637 -100.48 14.21 -11.38
CA HIS B 637 -101.31 13.02 -11.28
C HIS B 637 -101.29 12.23 -12.57
N GLY B 638 -101.05 10.92 -12.48
CA GLY B 638 -100.99 10.03 -13.63
C GLY B 638 -99.59 9.63 -14.04
N ASP B 639 -98.58 10.10 -13.34
CA ASP B 639 -97.19 9.83 -13.63
C ASP B 639 -96.53 9.26 -12.38
N ASP B 640 -95.54 8.39 -12.57
CA ASP B 640 -94.83 7.80 -11.44
C ASP B 640 -93.65 8.71 -11.16
N LEU B 641 -93.80 9.56 -10.14
CA LEU B 641 -92.77 10.52 -9.78
C LEU B 641 -91.67 9.93 -8.90
N ARG B 642 -91.76 8.64 -8.53
CA ARG B 642 -90.70 8.05 -7.73
C ARG B 642 -89.38 8.05 -8.47
N GLN B 643 -89.42 7.80 -9.79
CA GLN B 643 -88.20 7.83 -10.59
C GLN B 643 -87.56 9.21 -10.53
N ASP B 644 -88.36 10.24 -10.73
CA ASP B 644 -87.84 11.61 -10.62
C ASP B 644 -87.38 11.90 -9.21
N GLN B 645 -88.09 11.40 -8.20
CA GLN B 645 -87.71 11.67 -6.82
C GLN B 645 -86.31 11.17 -6.54
N LEU B 646 -86.04 9.91 -6.92
CA LEU B 646 -84.70 9.36 -6.75
C LEU B 646 -83.68 10.13 -7.59
N ILE B 647 -84.00 10.30 -8.88
CA ILE B 647 -83.10 10.97 -9.83
C ILE B 647 -82.77 12.38 -9.35
N LEU B 648 -83.80 13.14 -8.97
CA LEU B 648 -83.57 14.50 -8.49
C LEU B 648 -82.79 14.46 -7.18
N GLN B 649 -82.91 13.38 -6.42
CA GLN B 649 -82.05 13.23 -5.27
C GLN B 649 -80.63 13.03 -5.75
N ILE B 650 -80.45 12.19 -6.77
CA ILE B 650 -79.13 11.96 -7.36
C ILE B 650 -78.56 13.26 -7.91
N ILE B 651 -79.40 14.06 -8.59
CA ILE B 651 -78.98 15.37 -9.10
C ILE B 651 -78.57 16.28 -7.95
N SER B 652 -79.33 16.25 -6.87
CA SER B 652 -78.98 17.05 -5.71
C SER B 652 -77.66 16.59 -5.15
N LEU B 653 -77.43 15.28 -5.10
CA LEU B 653 -76.17 14.75 -4.59
C LEU B 653 -75.00 15.10 -5.50
N MET B 654 -75.15 14.92 -6.83
CA MET B 654 -74.09 15.32 -7.74
C MET B 654 -73.71 16.78 -7.52
N ASP B 655 -74.71 17.63 -7.35
CA ASP B 655 -74.50 19.06 -7.10
C ASP B 655 -73.72 19.28 -5.80
N LYS B 656 -74.08 18.55 -4.75
CA LYS B 656 -73.37 18.67 -3.48
C LYS B 656 -71.91 18.26 -3.59
N LEU B 657 -71.62 17.19 -4.34
CA LEU B 657 -70.22 16.75 -4.48
C LEU B 657 -69.36 17.81 -5.18
N LEU B 658 -69.87 18.40 -6.27
CA LEU B 658 -69.12 19.43 -6.97
C LEU B 658 -68.84 20.61 -6.08
N ARG B 659 -69.83 21.02 -5.28
CA ARG B 659 -69.64 22.11 -4.33
C ARG B 659 -68.69 21.71 -3.20
N LYS B 660 -68.58 20.41 -2.92
CA LYS B 660 -67.62 19.97 -1.91
C LYS B 660 -66.20 20.36 -2.31
N GLU B 661 -65.87 20.28 -3.60
CA GLU B 661 -64.58 20.67 -4.16
C GLU B 661 -64.50 22.14 -4.55
N ASN B 662 -65.45 22.97 -4.10
CA ASN B 662 -65.55 24.38 -4.46
C ASN B 662 -65.89 24.60 -5.92
N LEU B 663 -66.24 23.55 -6.66
CA LEU B 663 -66.64 23.65 -8.06
C LEU B 663 -68.15 23.88 -8.05
N ASP B 664 -68.55 25.15 -8.05
CA ASP B 664 -69.96 25.54 -8.08
C ASP B 664 -70.44 25.57 -9.52
N LEU B 665 -71.00 24.47 -9.97
CA LEU B 665 -71.49 24.41 -11.34
C LEU B 665 -72.82 25.14 -11.50
N LYS B 666 -73.29 25.82 -10.46
CA LYS B 666 -74.54 26.56 -10.53
C LYS B 666 -75.69 25.65 -10.95
N LEU B 667 -75.72 24.45 -10.38
CA LEU B 667 -76.81 23.52 -10.64
C LEU B 667 -78.11 24.05 -10.05
N THR B 668 -79.23 23.62 -10.66
CA THR B 668 -80.58 24.01 -10.22
C THR B 668 -81.32 22.72 -9.87
N PRO B 669 -81.08 22.18 -8.68
CA PRO B 669 -81.80 20.95 -8.32
C PRO B 669 -83.20 21.22 -7.85
N TYR B 670 -84.18 21.03 -8.72
CA TYR B 670 -85.57 21.26 -8.33
C TYR B 670 -86.03 20.10 -7.48
N LYS B 671 -86.80 20.42 -6.46
CA LYS B 671 -87.25 19.42 -5.49
C LYS B 671 -88.38 18.59 -6.09
N VAL B 672 -88.37 17.29 -5.81
CA VAL B 672 -89.42 16.39 -6.25
C VAL B 672 -89.79 15.54 -5.04
N LEU B 673 -91.09 15.34 -4.85
CA LEU B 673 -91.61 14.53 -3.76
C LEU B 673 -92.75 13.68 -4.27
N ALA B 674 -92.62 12.37 -4.21
CA ALA B 674 -93.73 11.49 -4.56
C ALA B 674 -94.57 11.36 -3.30
N THR B 675 -95.85 11.68 -3.40
CA THR B 675 -96.80 11.56 -2.29
C THR B 675 -97.59 10.27 -2.35
N SER B 676 -97.52 9.57 -3.47
CA SER B 676 -98.17 8.28 -3.69
C SER B 676 -97.43 7.65 -4.85
N THR B 677 -97.74 6.39 -5.13
CA THR B 677 -97.09 5.81 -6.29
C THR B 677 -97.53 6.47 -7.60
N LYS B 678 -98.57 7.30 -7.58
CA LYS B 678 -99.05 7.95 -8.80
C LYS B 678 -99.09 9.47 -8.75
N HIS B 679 -98.91 10.09 -7.58
CA HIS B 679 -98.98 11.55 -7.50
C HIS B 679 -98.11 12.08 -6.37
N GLY B 680 -97.75 13.36 -6.49
CA GLY B 680 -96.90 14.00 -5.49
C GLY B 680 -96.67 15.46 -5.84
N PHE B 681 -95.93 16.13 -4.95
CA PHE B 681 -95.61 17.54 -5.13
C PHE B 681 -94.18 17.66 -5.66
N MET B 682 -93.98 18.68 -6.51
CA MET B 682 -92.71 19.00 -7.14
C MET B 682 -92.53 20.51 -7.12
N GLN B 683 -91.34 20.97 -6.76
CA GLN B 683 -91.05 22.40 -6.71
C GLN B 683 -90.96 23.00 -8.11
N PHE B 684 -91.55 24.19 -8.26
CA PHE B 684 -91.55 24.96 -9.50
C PHE B 684 -90.39 25.97 -9.49
N ILE B 685 -89.53 25.88 -10.50
CA ILE B 685 -88.40 26.79 -10.69
C ILE B 685 -88.67 27.68 -11.89
N GLN B 686 -88.60 29.00 -11.68
CA GLN B 686 -88.94 29.99 -12.68
C GLN B 686 -88.16 29.81 -13.98
N SER B 687 -88.86 29.46 -15.05
CA SER B 687 -88.21 29.14 -16.31
C SER B 687 -89.23 29.27 -17.43
N VAL B 688 -88.70 29.36 -18.64
CA VAL B 688 -89.51 29.52 -19.85
C VAL B 688 -89.22 28.30 -20.72
N PRO B 689 -90.23 27.65 -21.28
CA PRO B 689 -89.95 26.49 -22.12
C PRO B 689 -89.19 26.83 -23.39
N VAL B 690 -88.21 25.99 -23.70
CA VAL B 690 -87.36 26.18 -24.87
C VAL B 690 -88.18 26.21 -26.15
N ALA B 691 -89.27 25.44 -26.19
CA ALA B 691 -90.13 25.47 -27.36
C ALA B 691 -90.72 26.86 -27.57
N GLU B 692 -91.10 27.53 -26.48
CA GLU B 692 -91.60 28.88 -26.60
C GLU B 692 -90.48 29.86 -26.93
N VAL B 693 -89.32 29.68 -26.30
CA VAL B 693 -88.17 30.56 -26.58
C VAL B 693 -87.75 30.47 -28.04
N LEU B 694 -87.65 29.25 -28.58
CA LEU B 694 -87.25 29.09 -29.98
C LEU B 694 -88.31 29.59 -30.95
N ASP B 695 -89.59 29.45 -30.61
CA ASP B 695 -90.65 29.92 -31.49
C ASP B 695 -90.79 31.44 -31.47
N THR B 696 -90.58 32.05 -30.30
CA THR B 696 -90.75 33.49 -30.15
C THR B 696 -89.49 34.32 -30.42
N GLU B 697 -88.30 33.90 -29.95
CA GLU B 697 -87.12 34.72 -30.12
C GLU B 697 -86.13 34.25 -31.18
N GLY B 698 -86.29 33.06 -31.74
CA GLY B 698 -85.38 32.62 -32.78
C GLY B 698 -84.06 32.00 -32.36
N SER B 699 -83.39 32.60 -31.37
CA SER B 699 -82.12 32.08 -30.90
C SER B 699 -82.02 32.31 -29.40
N ILE B 700 -81.18 31.50 -28.74
CA ILE B 700 -80.98 31.65 -27.31
C ILE B 700 -80.34 32.98 -26.96
N GLN B 701 -79.52 33.53 -27.86
CA GLN B 701 -78.91 34.82 -27.58
C GLN B 701 -79.95 35.93 -27.56
N ASN B 702 -80.92 35.89 -28.48
CA ASN B 702 -81.99 36.89 -28.45
C ASN B 702 -82.77 36.79 -27.15
N PHE B 703 -83.01 35.57 -26.67
CA PHE B 703 -83.68 35.38 -25.39
C PHE B 703 -82.89 35.99 -24.24
N PHE B 704 -81.60 35.69 -24.16
CA PHE B 704 -80.79 36.25 -23.09
C PHE B 704 -80.65 37.76 -23.22
N ARG B 705 -80.50 38.27 -24.43
CA ARG B 705 -80.38 39.72 -24.61
C ARG B 705 -81.61 40.45 -24.09
N LYS B 706 -82.78 39.83 -24.24
CA LYS B 706 -84.01 40.43 -23.72
C LYS B 706 -84.08 40.40 -22.20
N TYR B 707 -83.59 39.34 -21.57
CA TYR B 707 -83.73 39.21 -20.12
C TYR B 707 -82.50 39.53 -19.29
N ALA B 708 -81.29 39.41 -19.83
CA ALA B 708 -80.08 39.76 -19.07
C ALA B 708 -79.14 40.58 -19.93
N PRO B 709 -79.59 41.75 -20.39
CA PRO B 709 -78.73 42.60 -21.22
C PRO B 709 -77.63 43.23 -20.39
N SER B 710 -76.39 43.09 -20.87
CA SER B 710 -75.23 43.73 -20.25
C SER B 710 -74.35 44.25 -21.35
N GLU B 711 -74.17 45.57 -21.40
CA GLU B 711 -73.36 46.18 -22.46
C GLU B 711 -71.90 45.75 -22.37
N ASN B 712 -71.41 45.42 -21.18
CA ASN B 712 -70.03 45.03 -20.98
C ASN B 712 -69.83 43.51 -20.96
N GLY B 713 -70.90 42.73 -21.06
CA GLY B 713 -70.79 41.30 -21.02
C GLY B 713 -70.63 40.60 -22.35
N PRO B 714 -70.25 39.33 -22.28
CA PRO B 714 -70.06 38.53 -23.49
C PRO B 714 -71.35 38.32 -24.27
N ASN B 715 -71.27 38.56 -25.59
CA ASN B 715 -72.42 38.40 -26.49
C ASN B 715 -73.61 39.27 -26.11
N GLY B 716 -73.37 40.36 -25.41
CA GLY B 716 -74.43 41.25 -24.98
C GLY B 716 -75.18 40.79 -23.76
N ILE B 717 -74.68 39.77 -23.07
CA ILE B 717 -75.30 39.24 -21.87
C ILE B 717 -74.31 39.52 -20.76
N SER B 718 -74.83 39.83 -19.57
CA SER B 718 -73.95 40.12 -18.45
C SER B 718 -72.94 39.00 -18.31
N ALA B 719 -71.68 39.36 -18.09
CA ALA B 719 -70.67 38.33 -17.94
C ALA B 719 -70.97 37.45 -16.74
N GLU B 720 -71.55 38.02 -15.69
CA GLU B 720 -71.91 37.19 -14.54
C GLU B 720 -73.07 36.28 -14.91
N VAL B 721 -74.06 36.82 -15.62
CA VAL B 721 -75.20 36.01 -16.07
C VAL B 721 -74.70 34.93 -17.03
N MET B 722 -73.80 35.30 -17.92
CA MET B 722 -73.25 34.32 -18.84
C MET B 722 -72.45 33.28 -18.08
N ASP B 723 -71.76 33.69 -17.02
CA ASP B 723 -71.02 32.73 -16.20
C ASP B 723 -71.93 31.71 -15.54
N THR B 724 -73.06 32.16 -14.97
CA THR B 724 -74.02 31.23 -14.40
C THR B 724 -74.58 30.32 -15.48
N TYR B 725 -74.86 30.88 -16.66
CA TYR B 725 -75.36 30.08 -17.77
C TYR B 725 -74.36 29.03 -18.20
N VAL B 726 -73.08 29.42 -18.37
CA VAL B 726 -72.05 28.47 -18.78
C VAL B 726 -71.85 27.37 -17.74
N LYS B 727 -71.71 27.76 -16.46
CA LYS B 727 -71.53 26.79 -15.39
C LYS B 727 -72.75 25.87 -15.26
N SER B 728 -73.94 26.46 -15.27
CA SER B 728 -75.18 25.69 -15.17
C SER B 728 -75.38 24.81 -16.39
N CYS B 729 -75.11 25.34 -17.58
CA CYS B 729 -75.23 24.52 -18.77
C CYS B 729 -74.27 23.34 -18.68
N ALA B 730 -73.03 23.60 -18.28
CA ALA B 730 -72.04 22.52 -18.12
C ALA B 730 -72.50 21.51 -17.07
N GLY B 731 -72.91 21.99 -15.89
CA GLY B 731 -73.39 21.09 -14.85
C GLY B 731 -74.54 20.20 -15.29
N TYR B 732 -75.54 20.78 -15.94
CA TYR B 732 -76.65 19.98 -16.45
C TYR B 732 -76.16 19.07 -17.58
N CYS B 733 -75.26 19.58 -18.43
CA CYS B 733 -74.72 18.81 -19.54
C CYS B 733 -73.98 17.57 -19.05
N VAL B 734 -73.19 17.72 -17.99
CA VAL B 734 -72.45 16.59 -17.44
C VAL B 734 -73.39 15.60 -16.76
N ILE B 735 -74.32 16.11 -15.94
CA ILE B 735 -75.24 15.24 -15.23
C ILE B 735 -76.12 14.47 -16.21
N THR B 736 -76.58 15.14 -17.27
CA THR B 736 -77.40 14.49 -18.28
C THR B 736 -76.61 13.44 -19.06
N TYR B 737 -75.31 13.63 -19.23
CA TYR B 737 -74.47 12.58 -19.82
C TYR B 737 -74.31 11.41 -18.86
N ILE B 738 -74.00 11.72 -17.59
CA ILE B 738 -73.83 10.71 -16.56
C ILE B 738 -75.07 9.85 -16.40
N LEU B 739 -76.25 10.50 -16.35
CA LEU B 739 -77.52 9.79 -16.22
C LEU B 739 -78.10 9.30 -17.54
N GLY B 740 -77.51 9.65 -18.68
CA GLY B 740 -78.00 9.14 -19.94
C GLY B 740 -79.44 9.47 -20.23
N VAL B 741 -79.83 10.74 -20.06
CA VAL B 741 -81.22 11.13 -20.29
C VAL B 741 -81.56 10.98 -21.77
N GLY B 742 -82.65 10.28 -22.04
CA GLY B 742 -83.11 9.95 -23.38
C GLY B 742 -84.13 10.90 -23.96
N ASP B 743 -85.09 11.32 -23.15
CA ASP B 743 -86.18 12.21 -23.55
C ASP B 743 -85.64 13.63 -23.72
N ARG B 744 -84.93 13.84 -24.83
CA ARG B 744 -84.25 15.09 -25.13
C ARG B 744 -85.09 16.04 -25.97
N HIS B 745 -86.41 15.97 -25.87
CA HIS B 745 -87.27 16.89 -26.59
C HIS B 745 -87.12 18.29 -26.02
N LEU B 746 -87.31 19.28 -26.90
CA LEU B 746 -87.16 20.68 -26.50
C LEU B 746 -88.10 21.09 -25.37
N ASP B 747 -89.16 20.33 -25.12
CA ASP B 747 -90.05 20.63 -24.00
C ASP B 747 -89.42 20.33 -22.64
N ASN B 748 -88.38 19.51 -22.59
CA ASN B 748 -87.80 19.17 -21.30
C ASN B 748 -86.63 20.04 -20.88
N LEU B 749 -86.22 21.02 -21.68
CA LEU B 749 -85.18 21.95 -21.27
C LEU B 749 -85.81 23.30 -20.93
N LEU B 750 -85.60 23.78 -19.70
CA LEU B 750 -86.12 25.07 -19.30
C LEU B 750 -84.96 26.04 -19.10
N LEU B 751 -85.11 27.26 -19.60
CA LEU B 751 -84.06 28.28 -19.48
C LEU B 751 -84.64 29.44 -18.69
N THR B 752 -83.90 29.92 -17.70
CA THR B 752 -84.31 31.05 -16.89
C THR B 752 -83.69 32.36 -17.37
N LYS B 753 -84.26 33.48 -16.90
CA LYS B 753 -83.71 34.77 -17.24
C LYS B 753 -82.37 35.04 -16.54
N THR B 754 -82.07 34.31 -15.47
CA THR B 754 -80.81 34.47 -14.75
C THR B 754 -79.71 33.55 -15.27
N GLY B 755 -79.98 32.81 -16.34
CA GLY B 755 -79.02 31.90 -16.92
C GLY B 755 -79.08 30.46 -16.42
N LYS B 756 -79.90 30.18 -15.41
CA LYS B 756 -79.99 28.82 -14.89
C LYS B 756 -80.70 27.90 -15.88
N LEU B 757 -80.14 26.71 -16.06
CA LEU B 757 -80.68 25.69 -16.95
C LEU B 757 -81.08 24.45 -16.15
N PHE B 758 -82.28 23.92 -16.39
CA PHE B 758 -82.70 22.71 -15.70
C PHE B 758 -83.53 21.83 -16.63
N HIS B 759 -83.54 20.54 -16.35
CA HIS B 759 -84.22 19.53 -17.17
C HIS B 759 -85.57 19.12 -16.58
N ILE B 760 -86.56 18.97 -17.45
CA ILE B 760 -87.89 18.52 -17.08
C ILE B 760 -88.27 17.25 -17.84
N ASP B 761 -89.21 16.50 -17.25
CA ASP B 761 -89.84 15.31 -17.83
C ASP B 761 -88.88 14.16 -18.11
N PHE B 762 -88.36 13.55 -17.03
CA PHE B 762 -87.38 12.49 -17.21
C PHE B 762 -88.08 11.17 -17.51
N GLY B 763 -88.97 11.17 -18.50
CA GLY B 763 -89.69 9.98 -18.95
C GLY B 763 -88.85 8.92 -19.61
N TYR B 764 -87.67 9.27 -20.09
CA TYR B 764 -86.75 8.31 -20.70
C TYR B 764 -85.39 8.51 -20.06
N ILE B 765 -84.95 7.52 -19.28
CA ILE B 765 -83.69 7.58 -18.58
C ILE B 765 -82.96 6.25 -18.78
N LEU B 766 -81.75 6.17 -18.25
CA LEU B 766 -80.93 4.97 -18.30
C LEU B 766 -80.71 4.47 -19.72
N GLY B 767 -80.69 5.38 -20.70
CA GLY B 767 -80.39 5.03 -22.07
C GLY B 767 -81.56 4.65 -22.94
N ARG B 768 -82.77 4.61 -22.40
CA ARG B 768 -83.94 4.29 -23.19
C ARG B 768 -84.25 5.43 -24.14
N ASP B 769 -84.06 5.20 -25.44
CA ASP B 769 -84.34 6.21 -26.44
C ASP B 769 -85.14 5.61 -27.58
N PRO B 770 -86.38 6.03 -27.78
CA PRO B 770 -87.17 5.52 -28.91
C PRO B 770 -86.64 5.93 -30.27
N LYS B 771 -85.83 6.99 -30.33
CA LYS B 771 -85.39 7.55 -31.59
C LYS B 771 -84.17 6.81 -32.16
N PRO B 772 -84.09 6.70 -33.49
CA PRO B 772 -82.94 6.06 -34.12
C PRO B 772 -81.70 6.95 -34.10
N LEU B 773 -80.58 6.36 -33.70
CA LEU B 773 -79.29 7.04 -33.61
C LEU B 773 -79.29 8.31 -32.76
N PRO B 774 -79.55 8.19 -31.45
CA PRO B 774 -79.59 9.37 -30.60
C PRO B 774 -78.19 9.94 -30.41
N PRO B 775 -78.07 11.25 -30.23
CA PRO B 775 -76.76 11.81 -29.90
C PRO B 775 -76.32 11.33 -28.53
N PRO B 776 -75.02 11.16 -28.32
CA PRO B 776 -74.54 10.66 -27.02
C PRO B 776 -74.73 11.60 -25.84
N MET B 777 -74.53 12.90 -26.03
CA MET B 777 -74.67 13.87 -24.95
C MET B 777 -75.64 14.97 -25.34
N LYS B 778 -76.42 15.41 -24.35
CA LYS B 778 -77.42 16.47 -24.50
C LYS B 778 -76.74 17.83 -24.67
N LEU B 779 -76.34 18.10 -25.91
CA LEU B 779 -75.75 19.38 -26.31
C LEU B 779 -76.39 19.66 -27.66
N ASN B 780 -77.38 20.54 -27.68
CA ASN B 780 -78.12 20.84 -28.89
C ASN B 780 -77.51 22.05 -29.61
N LYS B 781 -77.78 22.14 -30.91
CA LYS B 781 -77.24 23.24 -31.70
C LYS B 781 -77.70 24.58 -31.12
N GLU B 782 -78.94 24.63 -30.64
CA GLU B 782 -79.39 25.88 -30.03
C GLU B 782 -78.63 26.14 -28.74
N MET B 783 -78.30 25.07 -28.00
CA MET B 783 -77.55 25.21 -26.76
C MET B 783 -76.14 25.71 -27.04
N VAL B 784 -75.50 25.18 -28.09
CA VAL B 784 -74.17 25.63 -28.46
C VAL B 784 -74.23 27.06 -28.97
N GLU B 785 -75.26 27.40 -29.75
CA GLU B 785 -75.41 28.77 -30.20
C GLU B 785 -75.66 29.68 -29.02
N GLY B 786 -76.28 29.15 -27.97
CA GLY B 786 -76.48 29.92 -26.76
C GLY B 786 -75.17 30.31 -26.10
N MET B 787 -74.14 29.48 -26.24
CA MET B 787 -72.83 29.80 -25.67
C MET B 787 -71.96 30.67 -26.57
N GLY B 788 -72.43 31.04 -27.75
CA GLY B 788 -71.67 31.86 -28.67
C GLY B 788 -71.01 31.15 -29.83
N GLY B 789 -71.21 29.85 -29.98
CA GLY B 789 -70.67 29.10 -31.10
C GLY B 789 -69.33 28.46 -30.81
N THR B 790 -68.87 27.65 -31.78
CA THR B 790 -67.62 26.94 -31.64
C THR B 790 -66.41 27.87 -31.59
N GLN B 791 -66.58 29.14 -31.91
CA GLN B 791 -65.49 30.09 -31.83
C GLN B 791 -65.56 30.97 -30.59
N SER B 792 -66.54 30.77 -29.71
CA SER B 792 -66.66 31.62 -28.54
C SER B 792 -65.81 31.18 -27.35
N GLU B 793 -65.49 32.17 -26.51
CA GLU B 793 -64.75 31.94 -25.27
C GLU B 793 -65.58 31.16 -24.26
N GLN B 794 -66.89 31.39 -24.24
CA GLN B 794 -67.75 30.64 -23.33
C GLN B 794 -67.84 29.17 -23.70
N TYR B 795 -67.81 28.84 -24.99
CA TYR B 795 -67.87 27.44 -25.38
C TYR B 795 -66.65 26.70 -24.88
N GLN B 796 -65.50 27.35 -24.90
CA GLN B 796 -64.28 26.79 -24.31
C GLN B 796 -64.38 26.71 -22.79
N GLU B 797 -64.95 27.74 -22.15
CA GLU B 797 -65.16 27.71 -20.71
C GLU B 797 -66.13 26.61 -20.31
N PHE B 798 -67.14 26.37 -21.14
CA PHE B 798 -68.06 25.27 -20.89
C PHE B 798 -67.34 23.92 -20.92
N ARG B 799 -66.53 23.69 -21.96
CA ARG B 799 -65.79 22.43 -22.10
C ARG B 799 -64.83 22.23 -20.94
N LYS B 800 -64.12 23.28 -20.55
CA LYS B 800 -63.20 23.15 -19.42
C LYS B 800 -63.95 22.74 -18.16
N GLN B 801 -65.13 23.32 -17.92
CA GLN B 801 -65.93 22.91 -16.77
C GLN B 801 -66.39 21.45 -16.88
N CYS B 802 -66.69 20.99 -18.10
CA CYS B 802 -67.10 19.60 -18.28
C CYS B 802 -66.00 18.65 -17.87
N TYR B 803 -64.77 18.91 -18.33
CA TYR B 803 -63.63 18.09 -17.95
C TYR B 803 -63.44 18.11 -16.44
N THR B 804 -63.60 19.29 -15.83
CA THR B 804 -63.46 19.40 -14.39
C THR B 804 -64.50 18.52 -13.70
N ALA B 805 -65.77 18.69 -14.08
CA ALA B 805 -66.85 17.92 -13.48
C ALA B 805 -66.71 16.42 -13.75
N PHE B 806 -66.27 16.05 -14.96
CA PHE B 806 -66.11 14.63 -15.27
C PHE B 806 -65.12 14.01 -14.32
N LEU B 807 -63.97 14.67 -14.15
CA LEU B 807 -62.92 14.16 -13.27
C LEU B 807 -63.36 14.17 -11.81
N HIS B 808 -64.09 15.21 -11.39
CA HIS B 808 -64.57 15.25 -10.02
C HIS B 808 -65.56 14.12 -9.75
N LEU B 809 -66.51 13.93 -10.68
CA LEU B 809 -67.47 12.84 -10.50
C LEU B 809 -66.83 11.47 -10.67
N ARG B 810 -65.81 11.38 -11.55
CA ARG B 810 -65.09 10.12 -11.69
C ARG B 810 -64.49 9.71 -10.36
N ARG B 811 -64.04 10.71 -9.58
CA ARG B 811 -63.46 10.43 -8.28
C ARG B 811 -64.51 9.91 -7.30
N TYR B 812 -65.75 10.38 -7.41
CA TYR B 812 -66.83 9.92 -6.55
C TYR B 812 -67.69 8.84 -7.16
N SER B 813 -67.23 8.19 -8.25
CA SER B 813 -68.04 7.14 -8.87
C SER B 813 -68.39 6.06 -7.87
N ASN B 814 -67.56 5.89 -6.83
CA ASN B 814 -67.84 4.90 -5.80
C ASN B 814 -69.10 5.26 -5.02
N LEU B 815 -69.27 6.55 -4.70
CA LEU B 815 -70.46 6.99 -3.99
C LEU B 815 -71.71 6.79 -4.84
N ILE B 816 -71.64 7.16 -6.13
CA ILE B 816 -72.78 6.97 -7.03
C ILE B 816 -73.13 5.50 -7.15
N LEU B 817 -72.12 4.64 -7.31
CA LEU B 817 -72.38 3.21 -7.40
C LEU B 817 -72.89 2.65 -6.08
N ASN B 818 -72.45 3.21 -4.95
CA ASN B 818 -72.97 2.77 -3.66
C ASN B 818 -74.46 3.10 -3.51
N LEU B 819 -74.87 4.30 -3.93
CA LEU B 819 -76.27 4.70 -3.85
C LEU B 819 -77.16 3.91 -4.80
N PHE B 820 -76.73 3.74 -6.06
CA PHE B 820 -77.48 2.93 -7.02
C PHE B 820 -77.63 1.49 -6.56
N SER B 821 -76.64 0.97 -5.84
CA SER B 821 -76.73 -0.40 -5.34
C SER B 821 -77.90 -0.54 -4.36
N LEU B 822 -78.11 0.46 -3.51
CA LEU B 822 -79.23 0.44 -2.58
C LEU B 822 -80.59 0.58 -3.29
N MET B 823 -80.62 1.04 -4.54
CA MET B 823 -81.84 1.19 -5.30
C MET B 823 -82.14 0.02 -6.24
N VAL B 824 -81.36 -1.05 -6.19
CA VAL B 824 -81.63 -2.20 -7.05
C VAL B 824 -83.00 -2.80 -6.75
N ASP B 825 -83.37 -2.86 -5.48
CA ASP B 825 -84.67 -3.35 -5.04
C ASP B 825 -85.72 -2.24 -4.99
N ALA B 826 -85.40 -1.06 -5.51
CA ALA B 826 -86.34 0.05 -5.62
C ALA B 826 -86.96 0.04 -7.01
N ASN B 827 -88.28 -0.07 -7.07
CA ASN B 827 -89.01 -0.28 -8.32
C ASN B 827 -89.17 1.02 -9.10
N ILE B 828 -88.03 1.64 -9.38
CA ILE B 828 -87.99 2.79 -10.31
C ILE B 828 -88.05 2.25 -11.73
N PRO B 829 -88.99 2.71 -12.57
CA PRO B 829 -89.16 2.12 -13.90
C PRO B 829 -87.90 1.71 -14.64
N ASP B 830 -86.88 2.58 -14.70
CA ASP B 830 -85.64 2.21 -15.38
C ASP B 830 -84.74 1.31 -14.55
N ILE B 831 -84.84 1.36 -13.22
CA ILE B 831 -84.10 0.42 -12.39
C ILE B 831 -84.79 -0.95 -12.37
N ALA B 832 -86.11 -0.97 -12.22
CA ALA B 832 -86.87 -2.21 -12.18
C ALA B 832 -86.80 -2.97 -13.50
N LEU B 833 -86.48 -2.30 -14.60
CA LEU B 833 -86.33 -2.98 -15.88
C LEU B 833 -85.16 -3.95 -15.84
N GLU B 834 -84.05 -3.53 -15.22
CA GLU B 834 -82.85 -4.35 -15.08
C GLU B 834 -82.24 -4.05 -13.71
N PRO B 835 -82.88 -4.50 -12.63
CA PRO B 835 -82.39 -4.13 -11.30
C PRO B 835 -80.96 -4.57 -11.03
N ASP B 836 -80.59 -5.79 -11.44
CA ASP B 836 -79.23 -6.28 -11.19
C ASP B 836 -78.20 -5.41 -11.90
N LYS B 837 -78.59 -4.81 -13.02
CA LYS B 837 -77.70 -3.98 -13.84
C LYS B 837 -77.82 -2.50 -13.50
N THR B 838 -78.72 -2.13 -12.59
CA THR B 838 -78.89 -0.71 -12.25
C THR B 838 -77.59 -0.12 -11.73
N VAL B 839 -76.99 -0.76 -10.72
CA VAL B 839 -75.73 -0.25 -10.18
C VAL B 839 -74.64 -0.27 -11.25
N LYS B 840 -74.66 -1.30 -12.09
CA LYS B 840 -73.68 -1.43 -13.18
C LYS B 840 -73.79 -0.32 -14.21
N LYS B 841 -75.02 0.10 -14.55
CA LYS B 841 -75.21 1.16 -15.52
C LYS B 841 -74.56 2.47 -15.07
N VAL B 842 -74.63 2.78 -13.77
CA VAL B 842 -73.97 3.99 -13.28
C VAL B 842 -72.46 3.88 -13.41
N GLN B 843 -71.89 2.71 -13.11
CA GLN B 843 -70.44 2.52 -13.27
C GLN B 843 -70.01 2.76 -14.71
N ASP B 844 -70.78 2.26 -15.67
CA ASP B 844 -70.46 2.50 -17.08
C ASP B 844 -70.40 3.98 -17.42
N LYS B 845 -71.24 4.79 -16.77
CA LYS B 845 -71.22 6.23 -16.99
C LYS B 845 -70.05 6.92 -16.32
N PHE B 846 -69.50 6.34 -15.25
CA PHE B 846 -68.31 6.91 -14.65
C PHE B 846 -67.05 6.63 -15.47
N ARG B 847 -67.09 5.60 -16.33
CA ARG B 847 -65.96 5.20 -17.17
C ARG B 847 -64.65 5.12 -16.35
N LEU B 848 -64.74 4.45 -15.20
CA LEU B 848 -63.58 4.27 -14.35
C LEU B 848 -62.50 3.42 -15.00
N ASP B 849 -62.79 2.75 -16.11
CA ASP B 849 -61.79 1.93 -16.77
C ASP B 849 -60.78 2.76 -17.56
N LEU B 850 -61.09 4.00 -17.91
CA LEU B 850 -60.17 4.84 -18.65
C LEU B 850 -59.31 5.67 -17.70
N SER B 851 -58.10 5.97 -18.13
CA SER B 851 -57.24 6.89 -17.40
C SER B 851 -57.77 8.32 -17.53
N ASP B 852 -57.24 9.22 -16.69
CA ASP B 852 -57.71 10.60 -16.72
C ASP B 852 -57.49 11.22 -18.08
N GLU B 853 -56.35 10.93 -18.71
CA GLU B 853 -56.06 11.46 -20.04
C GLU B 853 -57.01 10.90 -21.09
N GLU B 854 -57.27 9.59 -21.03
CA GLU B 854 -58.20 8.99 -21.98
C GLU B 854 -59.63 9.47 -21.73
N ALA B 855 -60.02 9.67 -20.47
CA ALA B 855 -61.35 10.15 -20.18
C ALA B 855 -61.59 11.54 -20.76
N VAL B 856 -60.62 12.44 -20.58
CA VAL B 856 -60.74 13.77 -21.16
C VAL B 856 -60.69 13.70 -22.68
N HIS B 857 -59.79 12.87 -23.23
CA HIS B 857 -59.76 12.66 -24.67
C HIS B 857 -61.10 12.13 -25.14
N TYR B 858 -61.68 11.20 -24.38
CA TYR B 858 -63.00 10.65 -24.67
C TYR B 858 -64.08 11.72 -24.60
N MET B 859 -64.10 12.54 -23.54
CA MET B 859 -65.11 13.58 -23.44
C MET B 859 -65.03 14.55 -24.62
N GLN B 860 -63.80 14.93 -25.01
CA GLN B 860 -63.63 15.80 -26.17
C GLN B 860 -64.13 15.11 -27.43
N SER B 861 -63.75 13.85 -27.61
CA SER B 861 -64.25 13.07 -28.74
C SER B 861 -65.76 13.03 -28.71
N LEU B 862 -66.33 12.93 -27.50
CA LEU B 862 -67.77 12.88 -27.35
C LEU B 862 -68.43 14.15 -27.86
N ILE B 863 -67.85 15.31 -27.57
CA ILE B 863 -68.45 16.55 -28.07
C ILE B 863 -68.41 16.59 -29.59
N ASP B 864 -67.30 16.15 -30.19
CA ASP B 864 -67.22 16.11 -31.66
C ASP B 864 -68.23 15.12 -32.24
N GLU B 865 -68.37 13.95 -31.61
CA GLU B 865 -69.31 12.95 -32.09
C GLU B 865 -70.75 13.43 -31.92
N SER B 866 -71.03 14.22 -30.89
CA SER B 866 -72.37 14.74 -30.66
C SER B 866 -72.68 15.91 -31.58
N VAL B 867 -71.68 16.77 -31.83
CA VAL B 867 -71.88 17.93 -32.71
C VAL B 867 -72.08 17.52 -34.17
N HIS B 868 -71.46 16.43 -34.62
CA HIS B 868 -71.62 16.04 -36.01
C HIS B 868 -72.84 15.16 -36.27
N ALA B 869 -73.64 14.86 -35.24
CA ALA B 869 -74.84 14.04 -35.39
C ALA B 869 -75.94 14.86 -36.08
N LEU B 870 -75.86 14.93 -37.40
CA LEU B 870 -76.84 15.68 -38.18
C LEU B 870 -78.28 15.20 -37.93
N PHE B 871 -78.46 13.90 -37.74
CA PHE B 871 -79.78 13.30 -37.56
C PHE B 871 -80.57 13.81 -36.36
N ALA B 872 -79.90 14.39 -35.36
CA ALA B 872 -80.62 14.89 -34.18
C ALA B 872 -81.63 15.98 -34.54
N ALA B 873 -81.30 16.84 -35.51
CA ALA B 873 -82.21 17.90 -35.91
C ALA B 873 -83.47 17.36 -36.60
N VAL B 874 -83.35 16.27 -37.34
CA VAL B 874 -84.50 15.70 -38.05
C VAL B 874 -85.53 15.13 -37.10
N VAL B 875 -85.10 14.43 -36.04
CA VAL B 875 -86.05 13.83 -35.11
C VAL B 875 -86.82 14.90 -34.33
N GLU B 876 -86.18 16.02 -34.00
CA GLU B 876 -86.91 17.08 -33.31
C GLU B 876 -87.98 17.72 -34.17
N GLN B 877 -87.75 17.82 -35.48
CA GLN B 877 -88.77 18.36 -36.37
C GLN B 877 -89.95 17.40 -36.54
N ILE B 878 -89.69 16.10 -36.55
CA ILE B 878 -90.76 15.13 -36.63
C ILE B 878 -91.60 15.13 -35.36
N HIS B 879 -90.93 15.21 -34.20
CA HIS B 879 -91.67 15.28 -32.93
C HIS B 879 -92.48 16.56 -32.81
N LYS B 880 -91.92 17.69 -33.29
CA LYS B 880 -92.67 18.93 -33.29
C LYS B 880 -93.93 18.84 -34.15
N PHE B 881 -93.83 18.17 -35.30
CA PHE B 881 -95.01 18.00 -36.15
C PHE B 881 -96.07 17.13 -35.49
N ALA B 882 -95.65 16.09 -34.76
CA ALA B 882 -96.60 15.24 -34.06
C ALA B 882 -97.27 15.99 -32.90
N GLN B 883 -96.50 16.79 -32.16
CA GLN B 883 -97.08 17.57 -31.07
C GLN B 883 -98.05 18.62 -31.59
N TYR B 884 -97.74 19.22 -32.75
CA TYR B 884 -98.64 20.21 -33.33
C TYR B 884 -99.98 19.60 -33.69
N TRP B 885 -99.98 18.36 -34.20
CA TRP B 885 -101.23 17.69 -34.53
C TRP B 885 -102.00 17.26 -33.29
N ARG B 886 -101.30 16.97 -32.20
CA ARG B 886 -101.98 16.55 -30.97
C ARG B 886 -102.61 17.74 -30.25
N LYS B 887 -101.96 18.90 -30.28
CA LYS B 887 -102.49 20.09 -29.65
C LYS B 887 -103.78 20.55 -30.33
N ALA C 56 -39.70 -65.87 34.96
CA ALA C 56 -39.47 -64.55 35.49
C ALA C 56 -39.48 -64.55 37.01
N LYS C 57 -40.28 -65.45 37.59
CA LYS C 57 -40.34 -65.55 39.04
C LYS C 57 -39.00 -65.99 39.62
N CYS C 58 -38.32 -66.93 38.94
CA CYS C 58 -37.01 -67.38 39.40
C CYS C 58 -35.97 -66.28 39.30
N VAL C 59 -36.08 -65.41 38.28
CA VAL C 59 -35.11 -64.34 38.09
C VAL C 59 -35.26 -63.26 39.15
N GLN C 60 -36.50 -62.90 39.51
CA GLN C 60 -36.70 -61.87 40.52
C GLN C 60 -36.19 -62.31 41.88
N SER C 61 -36.44 -63.56 42.26
CA SER C 61 -35.96 -64.09 43.53
C SER C 61 -34.52 -64.59 43.44
N GLY C 62 -33.96 -64.68 42.24
CA GLY C 62 -32.62 -65.19 42.04
C GLY C 62 -32.47 -66.67 42.30
N ASP C 63 -33.58 -67.42 42.25
CA ASP C 63 -33.55 -68.85 42.52
C ASP C 63 -33.37 -69.62 41.20
N PHE C 64 -32.27 -69.31 40.52
CA PHE C 64 -31.94 -69.94 39.26
C PHE C 64 -30.45 -70.25 39.22
N VAL C 65 -30.10 -71.24 38.40
CA VAL C 65 -28.73 -71.71 38.25
C VAL C 65 -28.46 -71.87 36.75
N TYR C 66 -27.18 -72.02 36.42
CA TYR C 66 -26.79 -72.21 35.03
C TYR C 66 -27.50 -73.43 34.44
N PHE C 67 -27.95 -73.29 33.19
CA PHE C 67 -28.65 -74.38 32.54
C PHE C 67 -27.72 -75.53 32.16
N ASP C 68 -26.44 -75.25 31.95
CA ASP C 68 -25.48 -76.30 31.61
C ASP C 68 -24.97 -77.07 32.82
N GLY C 69 -25.33 -76.65 34.03
CA GLY C 69 -24.89 -77.37 35.22
C GLY C 69 -23.46 -77.14 35.62
N ARG C 70 -22.76 -76.18 34.98
CA ARG C 70 -21.36 -75.92 35.31
C ARG C 70 -21.18 -75.57 36.78
N ASP C 71 -22.17 -74.91 37.38
CA ASP C 71 -22.10 -74.52 38.79
C ASP C 71 -23.48 -74.62 39.40
N ARG C 72 -23.56 -75.28 40.56
CA ARG C 72 -24.82 -75.49 41.26
C ARG C 72 -25.17 -74.36 42.22
N GLU C 73 -24.28 -73.37 42.36
CA GLU C 73 -24.53 -72.24 43.24
C GLU C 73 -25.47 -71.24 42.58
N ARG C 74 -26.55 -70.91 43.27
CA ARG C 74 -27.55 -70.00 42.72
C ARG C 74 -26.99 -68.59 42.59
N PHE C 75 -27.65 -67.79 41.74
CA PHE C 75 -27.24 -66.41 41.54
C PHE C 75 -27.28 -65.62 42.83
N ILE C 76 -28.31 -65.82 43.65
CA ILE C 76 -28.39 -65.13 44.93
C ILE C 76 -27.27 -65.58 45.86
N ASP C 77 -26.96 -66.89 45.85
CA ASP C 77 -25.87 -67.40 46.68
C ASP C 77 -24.52 -66.83 46.25
N LYS C 78 -24.30 -66.73 44.94
CA LYS C 78 -23.06 -66.13 44.46
C LYS C 78 -22.98 -64.66 44.83
N LYS C 79 -24.11 -63.95 44.76
CA LYS C 79 -24.15 -62.55 45.16
C LYS C 79 -23.78 -62.38 46.63
N GLU C 80 -24.26 -63.27 47.49
CA GLU C 80 -23.91 -63.19 48.90
C GLU C 80 -22.43 -63.48 49.10
N ARG C 81 -21.90 -64.49 48.41
CA ARG C 81 -20.47 -64.79 48.52
C ARG C 81 -19.62 -63.61 48.04
N LEU C 82 -20.03 -62.98 46.93
CA LEU C 82 -19.30 -61.83 46.42
C LEU C 82 -19.27 -60.70 47.44
N SER C 83 -20.40 -60.44 48.10
CA SER C 83 -20.43 -59.40 49.13
C SER C 83 -19.53 -59.75 50.30
N ARG C 84 -19.55 -61.02 50.72
CA ARG C 84 -18.69 -61.46 51.81
C ARG C 84 -17.21 -61.31 51.45
N LEU C 85 -16.85 -61.69 50.23
CA LEU C 85 -15.46 -61.53 49.80
C LEU C 85 -15.07 -60.06 49.75
N LYS C 86 -15.99 -59.20 49.28
CA LYS C 86 -15.69 -57.77 49.25
C LYS C 86 -15.46 -57.23 50.65
N SER C 87 -16.22 -57.72 51.63
CA SER C 87 -16.01 -57.29 53.01
C SER C 87 -14.65 -57.74 53.55
N LYS C 88 -14.27 -58.98 53.29
CA LYS C 88 -12.96 -59.45 53.72
C LYS C 88 -11.84 -58.66 53.05
N GLN C 89 -12.00 -58.32 51.77
CA GLN C 89 -10.99 -57.53 51.07
C GLN C 89 -10.79 -56.17 51.74
N GLU C 90 -11.89 -55.51 52.11
CA GLU C 90 -11.78 -54.21 52.79
C GLU C 90 -11.14 -54.36 54.16
N GLU C 91 -11.42 -55.45 54.86
CA GLU C 91 -10.78 -55.66 56.16
C GLU C 91 -9.26 -55.79 55.97
N PHE C 92 -8.83 -56.57 55.00
CA PHE C 92 -7.41 -56.67 54.72
C PHE C 92 -6.84 -55.32 54.32
N GLN C 93 -7.58 -54.58 53.47
CA GLN C 93 -7.14 -53.26 53.03
C GLN C 93 -6.95 -52.32 54.22
N LYS C 94 -7.86 -52.37 55.19
CA LYS C 94 -7.75 -51.53 56.37
C LYS C 94 -6.55 -51.90 57.22
N GLU C 95 -6.33 -53.20 57.44
CA GLU C 95 -5.17 -53.62 58.21
C GLU C 95 -3.88 -53.24 57.48
N VAL C 96 -3.89 -53.35 56.16
CA VAL C 96 -2.76 -52.92 55.34
C VAL C 96 -2.55 -51.42 55.51
N LEU C 97 -3.63 -50.65 55.46
CA LEU C 97 -3.52 -49.20 55.65
C LEU C 97 -2.92 -48.87 57.00
N LYS C 98 -3.36 -49.58 58.05
CA LYS C 98 -2.79 -49.35 59.39
C LYS C 98 -1.31 -49.69 59.41
N ALA C 99 -0.94 -50.82 58.81
CA ALA C 99 0.45 -51.23 58.75
C ALA C 99 1.26 -50.32 57.82
N MET C 100 0.60 -49.72 56.83
CA MET C 100 1.30 -48.86 55.89
C MET C 100 1.56 -47.47 56.44
N GLU C 101 0.84 -47.05 57.49
CA GLU C 101 1.07 -45.73 58.08
C GLU C 101 2.55 -45.57 58.43
N GLY C 102 3.14 -46.62 59.01
CA GLY C 102 4.56 -46.58 59.32
C GLY C 102 5.41 -46.48 58.07
N LYS C 103 5.10 -47.31 57.06
CA LYS C 103 5.87 -47.28 55.82
C LYS C 103 5.76 -45.92 55.16
N TRP C 104 4.59 -45.29 55.24
CA TRP C 104 4.41 -43.95 54.68
C TRP C 104 5.38 -42.96 55.30
N ILE C 105 5.52 -43.02 56.63
CA ILE C 105 6.44 -42.11 57.32
C ILE C 105 7.88 -42.38 56.91
N THR C 106 8.24 -43.66 56.77
CA THR C 106 9.60 -44.01 56.34
C THR C 106 9.85 -43.51 54.93
N ASP C 107 8.89 -43.69 54.02
CA ASP C 107 9.05 -43.21 52.66
C ASP C 107 9.13 -41.69 52.60
N GLN C 108 8.44 -40.99 53.52
CA GLN C 108 8.59 -39.54 53.58
C GLN C 108 10.03 -39.17 53.88
N LEU C 109 10.67 -39.91 54.79
CA LEU C 109 12.07 -39.67 55.09
C LEU C 109 12.94 -40.00 53.89
N ARG C 110 12.65 -41.12 53.23
CA ARG C 110 13.42 -41.53 52.06
C ARG C 110 13.34 -40.53 50.92
N TRP C 111 12.19 -39.88 50.74
CA TRP C 111 12.12 -38.84 49.72
C TRP C 111 13.02 -37.67 50.08
N LYS C 112 12.94 -37.21 51.34
CA LYS C 112 13.81 -36.14 51.80
C LYS C 112 15.28 -36.50 51.64
N ILE C 113 15.64 -37.74 52.01
CA ILE C 113 17.02 -38.19 51.89
C ILE C 113 17.49 -38.17 50.44
N MET C 114 16.69 -38.74 49.53
CA MET C 114 17.10 -38.75 48.12
C MET C 114 17.14 -37.33 47.58
N SER C 115 16.16 -36.51 47.94
CA SER C 115 16.16 -35.11 47.56
C SER C 115 17.37 -34.38 48.13
N CYS C 116 17.65 -34.63 49.43
CA CYS C 116 18.80 -34.04 50.08
C CYS C 116 20.10 -34.45 49.40
N LYS C 117 20.24 -35.73 49.08
CA LYS C 117 21.45 -36.17 48.39
C LYS C 117 21.58 -35.46 47.05
N MET C 118 20.46 -35.33 46.33
CA MET C 118 20.46 -34.59 45.07
C MET C 118 20.79 -33.12 45.31
N ARG C 119 20.20 -32.52 46.34
CA ARG C 119 20.47 -31.12 46.66
C ARG C 119 21.91 -30.93 47.08
N ILE C 120 22.43 -31.82 47.92
CA ILE C 120 23.83 -31.73 48.35
C ILE C 120 24.74 -31.85 47.14
N GLU C 121 24.46 -32.83 46.28
CA GLU C 121 25.25 -33.01 45.06
C GLU C 121 25.14 -31.80 44.15
N GLN C 122 23.93 -31.28 43.96
CA GLN C 122 23.77 -30.09 43.13
C GLN C 122 24.49 -28.90 43.74
N LEU C 123 24.40 -28.76 45.07
CA LEU C 123 25.10 -27.67 45.74
C LEU C 123 26.60 -27.79 45.52
N LYS C 124 27.14 -29.00 45.71
CA LYS C 124 28.55 -29.23 45.48
C LYS C 124 28.94 -28.92 44.05
N GLN C 125 28.12 -29.34 43.09
CA GLN C 125 28.40 -29.03 41.69
C GLN C 125 28.34 -27.52 41.46
N THR C 126 27.38 -26.83 42.06
CA THR C 126 27.30 -25.39 41.89
C THR C 126 28.52 -24.71 42.51
N ILE C 127 28.90 -25.13 43.72
CA ILE C 127 30.07 -24.57 44.38
C ILE C 127 31.32 -24.81 43.54
N CYS C 128 31.45 -26.01 42.98
CA CYS C 128 32.57 -26.31 42.09
C CYS C 128 32.60 -25.38 40.90
N LYS C 129 31.44 -25.17 40.27
CA LYS C 129 31.38 -24.23 39.15
C LYS C 129 31.72 -22.81 39.61
N GLY C 130 31.21 -22.40 40.77
CA GLY C 130 31.51 -21.07 41.27
C GLY C 130 32.98 -20.84 41.52
N ASN C 131 33.67 -21.84 42.09
CA ASN C 131 35.10 -21.72 42.31
C ASN C 131 35.84 -21.66 40.97
N GLU C 132 35.39 -22.46 40.00
CA GLU C 132 35.99 -22.41 38.68
C GLU C 132 35.81 -21.03 38.04
N GLU C 133 34.61 -20.47 38.17
CA GLU C 133 34.36 -19.14 37.62
C GLU C 133 35.20 -18.09 38.35
N MET C 134 35.26 -18.16 39.68
CA MET C 134 36.09 -17.23 40.42
C MET C 134 37.55 -17.34 39.97
N GLU C 135 37.98 -18.57 39.66
CA GLU C 135 39.33 -18.77 39.15
C GLU C 135 39.49 -18.13 37.77
N LYS C 136 38.51 -18.33 36.89
CA LYS C 136 38.56 -17.71 35.57
C LYS C 136 38.55 -16.19 35.69
N ASN C 137 37.72 -15.67 36.61
CA ASN C 137 37.67 -14.23 36.84
C ASN C 137 38.98 -13.74 37.44
N SER C 138 39.57 -14.53 38.34
CA SER C 138 40.85 -14.16 38.93
C SER C 138 41.94 -14.16 37.88
N GLU C 139 41.98 -15.19 37.03
CA GLU C 139 42.96 -15.21 35.95
C GLU C 139 42.75 -14.03 35.03
N GLY C 140 41.49 -13.73 34.70
CA GLY C 140 41.19 -12.58 33.89
C GLY C 140 41.60 -11.29 34.57
N LEU C 141 41.29 -11.18 35.87
CA LEU C 141 41.65 -10.01 36.64
C LEU C 141 43.15 -9.77 36.63
N LEU C 142 43.94 -10.83 36.79
CA LEU C 142 45.39 -10.68 36.76
C LEU C 142 45.85 -10.18 35.40
N LYS C 143 45.33 -10.78 34.32
CA LYS C 143 45.71 -10.34 32.98
C LYS C 143 45.26 -8.89 32.75
N THR C 144 44.06 -8.55 33.21
CA THR C 144 43.54 -7.20 33.04
C THR C 144 44.32 -6.21 33.89
N LYS C 145 44.73 -6.62 35.10
CA LYS C 145 45.54 -5.73 35.93
C LYS C 145 46.87 -5.46 35.24
N GLU C 146 47.47 -6.49 34.65
CA GLU C 146 48.69 -6.31 33.88
C GLU C 146 48.41 -5.44 32.66
N LYS C 147 47.27 -5.68 32.01
CA LYS C 147 46.87 -4.88 30.86
C LYS C 147 46.67 -3.42 31.25
N ASN C 148 46.15 -3.15 32.45
CA ASN C 148 46.00 -1.76 32.88
C ASN C 148 47.36 -1.14 33.15
N GLN C 149 48.29 -1.90 33.71
CA GLN C 149 49.65 -1.38 33.87
C GLN C 149 50.31 -1.12 32.51
N LYS C 150 50.14 -2.04 31.57
CA LYS C 150 50.65 -1.87 30.20
C LYS C 150 49.97 -0.72 29.48
N LEU C 151 48.67 -0.54 29.70
CA LEU C 151 47.96 0.57 29.08
C LEU C 151 48.43 1.90 29.66
N TYR C 152 48.73 1.93 30.95
CA TYR C 152 49.22 3.16 31.56
C TYR C 152 50.59 3.52 31.00
N SER C 153 51.48 2.53 30.87
CA SER C 153 52.79 2.79 30.28
C SER C 153 52.67 3.25 28.83
N ARG C 154 51.74 2.67 28.09
CA ARG C 154 51.53 3.16 26.72
C ARG C 154 51.00 4.57 26.74
N ALA C 155 50.04 4.85 27.63
CA ALA C 155 49.48 6.20 27.75
C ALA C 155 50.56 7.23 28.10
N GLN C 156 51.50 6.85 28.97
CA GLN C 156 52.60 7.76 29.28
C GLN C 156 53.45 8.01 28.05
N ARG C 157 53.78 6.97 27.30
CA ARG C 157 54.57 7.14 26.08
C ARG C 157 53.83 8.00 25.07
N HIS C 158 52.51 7.86 24.99
CA HIS C 158 51.74 8.69 24.08
C HIS C 158 51.76 10.15 24.49
N GLN C 159 51.66 10.43 25.79
CA GLN C 159 51.73 11.82 26.24
C GLN C 159 53.07 12.45 25.86
N GLU C 160 54.15 11.69 26.03
CA GLU C 160 55.46 12.17 25.61
C GLU C 160 55.50 12.40 24.10
N LYS C 161 54.95 11.45 23.34
CA LYS C 161 54.92 11.56 21.88
C LYS C 161 54.14 12.77 21.41
N LYS C 162 53.04 13.10 22.09
CA LYS C 162 52.26 14.27 21.68
C LYS C 162 53.05 15.57 21.86
N GLU C 163 53.68 15.75 23.02
CA GLU C 163 54.48 16.96 23.23
C GLU C 163 55.69 16.97 22.30
N LYS C 164 56.30 15.80 22.10
CA LYS C 164 57.44 15.68 21.19
C LYS C 164 57.04 16.02 19.77
N ILE C 165 55.90 15.51 19.32
CA ILE C 165 55.44 15.81 17.96
C ILE C 165 55.06 17.28 17.83
N GLN C 166 54.50 17.86 18.88
CA GLN C 166 54.15 19.28 18.84
C GLN C 166 55.38 20.14 18.66
N ARG C 167 56.44 19.83 19.42
CA ARG C 167 57.70 20.57 19.30
C ARG C 167 58.31 20.45 17.92
N HIS C 168 58.31 19.25 17.34
CA HIS C 168 58.90 19.09 16.01
C HIS C 168 58.20 19.96 14.99
N ASN C 169 56.86 20.05 15.07
CA ASN C 169 56.15 20.91 14.15
C ASN C 169 56.48 22.39 14.39
N ARG C 170 56.59 22.79 15.65
CA ARG C 170 56.91 24.19 15.95
C ARG C 170 58.28 24.58 15.42
N LYS C 171 59.28 23.72 15.60
CA LYS C 171 60.62 24.00 15.08
C LYS C 171 60.60 24.16 13.57
N LEU C 172 59.91 23.26 12.87
CA LEU C 172 59.84 23.34 11.41
C LEU C 172 59.12 24.61 10.97
N GLY C 173 58.06 25.00 11.67
CA GLY C 173 57.36 26.22 11.29
C GLY C 173 58.24 27.45 11.38
N ASP C 174 59.03 27.57 12.45
CA ASP C 174 59.93 28.70 12.55
C ASP C 174 61.02 28.64 11.49
N LEU C 175 61.59 27.44 11.30
CA LEU C 175 62.63 27.25 10.30
C LEU C 175 62.13 27.55 8.90
N VAL C 176 60.90 27.14 8.60
CA VAL C 176 60.31 27.46 7.30
C VAL C 176 60.15 28.97 7.16
N GLU C 177 59.62 29.61 8.19
CA GLU C 177 59.45 31.07 8.12
C GLU C 177 60.79 31.77 7.88
N LYS C 178 61.82 31.35 8.61
CA LYS C 178 63.16 31.92 8.43
C LYS C 178 63.69 31.70 7.02
N LYS C 179 63.57 30.47 6.51
CA LYS C 179 64.03 30.22 5.15
C LYS C 179 63.19 30.99 4.14
N THR C 180 61.94 31.28 4.49
CA THR C 180 61.11 32.10 3.61
C THR C 180 61.62 33.54 3.60
N ILE C 181 62.03 34.05 4.76
CA ILE C 181 62.59 35.40 4.83
C ILE C 181 63.90 35.48 4.05
N ASP C 182 64.78 34.49 4.24
CA ASP C 182 66.02 34.46 3.49
C ASP C 182 65.74 34.33 2.01
N LEU C 183 64.74 33.53 1.65
CA LEU C 183 64.36 33.43 0.24
C LEU C 183 63.89 34.77 -0.28
N ARG C 184 63.08 35.49 0.52
CA ARG C 184 62.63 36.82 0.10
C ARG C 184 63.82 37.72 -0.17
N SER C 185 64.84 37.64 0.69
CA SER C 185 66.05 38.43 0.47
C SER C 185 66.73 37.98 -0.81
N HIS C 186 66.83 36.66 -1.02
CA HIS C 186 67.44 36.13 -2.22
C HIS C 186 66.72 36.62 -3.48
N TYR C 187 65.39 36.62 -3.44
CA TYR C 187 64.64 37.10 -4.60
C TYR C 187 64.92 38.58 -4.83
N GLU C 188 65.02 39.35 -3.76
CA GLU C 188 65.33 40.77 -3.91
C GLU C 188 66.72 40.95 -4.51
N ARG C 189 67.69 40.17 -4.02
CA ARG C 189 69.04 40.25 -4.57
C ARG C 189 69.03 39.88 -6.05
N LEU C 190 68.34 38.80 -6.39
CA LEU C 190 68.25 38.38 -7.79
C LEU C 190 67.61 39.49 -8.61
N ALA C 191 66.53 40.07 -8.09
CA ALA C 191 65.85 41.14 -8.81
C ALA C 191 66.77 42.34 -9.00
N ASN C 192 67.47 42.75 -7.96
CA ASN C 192 68.37 43.88 -8.10
C ASN C 192 69.51 43.57 -9.05
N LEU C 193 70.10 42.37 -8.93
CA LEU C 193 71.18 42.00 -9.85
C LEU C 193 70.68 41.93 -11.28
N ARG C 194 69.50 41.36 -11.47
CA ARG C 194 68.90 41.33 -12.80
C ARG C 194 68.64 42.73 -13.32
N ARG C 195 68.04 43.59 -12.49
CA ARG C 195 67.75 44.94 -12.92
C ARG C 195 69.02 45.66 -13.35
N SER C 196 70.11 45.48 -12.60
CA SER C 196 71.38 46.08 -12.98
C SER C 196 71.84 45.55 -14.33
N HIS C 197 71.85 44.23 -14.50
CA HIS C 197 72.27 43.64 -15.77
C HIS C 197 71.36 44.09 -16.91
N ILE C 198 70.06 44.18 -16.66
CA ILE C 198 69.14 44.57 -17.72
C ILE C 198 69.34 46.02 -18.12
N LEU C 199 69.50 46.92 -17.14
CA LEU C 199 69.74 48.31 -17.48
C LEU C 199 71.08 48.50 -18.16
N GLU C 200 72.10 47.76 -17.72
CA GLU C 200 73.39 47.81 -18.39
C GLU C 200 73.28 47.24 -19.80
N LEU C 201 72.65 46.08 -19.94
CA LEU C 201 72.47 45.45 -21.24
C LEU C 201 71.75 46.37 -22.21
N THR C 202 70.70 47.04 -21.76
CA THR C 202 69.93 47.94 -22.58
C THR C 202 70.51 49.35 -22.61
N SER C 203 71.51 49.65 -21.79
CA SER C 203 72.15 50.95 -21.85
C SER C 203 73.47 50.97 -22.63
N VAL C 204 74.21 49.87 -22.64
CA VAL C 204 75.52 49.83 -23.31
C VAL C 204 75.48 49.10 -24.64
N ILE C 205 74.87 47.92 -24.69
CA ILE C 205 74.88 47.08 -25.88
C ILE C 205 73.65 47.30 -26.75
N PHE C 206 72.45 47.15 -26.18
CA PHE C 206 71.19 47.24 -26.91
C PHE C 206 70.37 48.43 -26.42
N PRO C 207 70.83 49.65 -26.65
CA PRO C 207 70.03 50.81 -26.24
C PRO C 207 68.69 50.82 -26.94
N ILE C 208 67.63 50.96 -26.15
CA ILE C 208 66.27 51.03 -26.65
C ILE C 208 65.75 52.44 -26.40
N GLU C 209 65.42 53.15 -27.47
CA GLU C 209 64.96 54.52 -27.39
C GLU C 209 63.91 54.75 -28.46
N GLU C 210 62.89 55.55 -28.16
CA GLU C 210 61.84 55.87 -29.11
C GLU C 210 62.37 56.92 -30.08
N VAL C 211 62.65 56.51 -31.31
CA VAL C 211 63.17 57.41 -32.33
C VAL C 211 62.06 57.95 -33.25
N THR C 259 56.08 56.30 -36.42
CA THR C 259 57.40 56.45 -35.81
C THR C 259 58.21 55.18 -35.97
N SER C 260 59.43 55.20 -35.44
CA SER C 260 60.25 53.99 -35.37
C SER C 260 60.97 53.95 -34.04
N ILE C 261 61.23 52.74 -33.55
CA ILE C 261 61.93 52.51 -32.29
C ILE C 261 63.30 51.93 -32.63
N SER C 262 64.36 52.50 -32.07
CA SER C 262 65.70 52.00 -32.32
C SER C 262 66.12 51.03 -31.23
N ILE C 263 67.03 50.12 -31.60
CA ILE C 263 67.64 49.17 -30.68
C ILE C 263 69.14 49.16 -30.94
N THR C 264 69.91 49.05 -29.86
CA THR C 264 71.37 49.09 -29.90
C THR C 264 71.91 50.46 -30.28
N GLY C 265 71.19 51.18 -31.12
CA GLY C 265 71.54 52.52 -31.54
C GLY C 265 70.50 53.08 -32.49
N PRO C 266 70.52 54.40 -32.70
CA PRO C 266 69.54 55.00 -33.61
C PRO C 266 69.66 54.53 -35.06
N TRP C 267 70.73 53.84 -35.43
CA TRP C 267 70.91 53.36 -36.81
C TRP C 267 70.10 52.12 -37.15
N ILE C 268 69.55 51.40 -36.17
CA ILE C 268 68.71 50.23 -36.40
C ILE C 268 67.34 50.53 -35.79
N SER C 269 66.33 50.66 -36.64
CA SER C 269 64.98 50.97 -36.19
C SER C 269 63.96 50.12 -36.93
N LEU C 270 62.88 49.78 -36.23
CA LEU C 270 61.69 49.05 -36.67
C LEU C 270 60.46 49.95 -36.62
N PRO C 271 59.52 49.79 -37.55
CA PRO C 271 58.30 50.62 -37.49
C PRO C 271 57.51 50.36 -36.22
N ASN C 272 57.09 51.46 -35.58
CA ASN C 272 56.40 51.39 -34.29
C ASN C 272 55.10 50.60 -34.36
N ASN C 273 54.45 50.58 -35.52
CA ASN C 273 53.19 49.84 -35.65
C ASN C 273 53.39 48.34 -35.79
N GLY C 274 54.63 47.87 -35.86
CA GLY C 274 54.91 46.45 -35.97
C GLY C 274 54.70 45.88 -37.35
N ASP C 275 54.38 46.72 -38.33
CA ASP C 275 54.15 46.29 -39.70
C ASP C 275 55.51 46.03 -40.33
N TYR C 276 55.94 44.78 -40.35
CA TYR C 276 57.23 44.44 -40.91
C TYR C 276 57.10 43.99 -42.36
N SER C 277 56.03 44.42 -43.02
CA SER C 277 55.78 44.09 -44.42
C SER C 277 56.91 44.59 -45.32
N ALA C 278 57.71 45.54 -44.85
CA ALA C 278 58.84 46.01 -45.65
C ALA C 278 59.78 44.86 -45.96
N TYR C 279 59.86 43.86 -45.07
CA TYR C 279 60.71 42.72 -45.37
C TYR C 279 60.09 41.87 -46.46
N TYR C 280 58.78 41.63 -46.38
CA TYR C 280 58.11 40.87 -47.43
C TYR C 280 58.18 41.62 -48.75
N SER C 281 58.00 42.94 -48.72
CA SER C 281 58.06 43.75 -49.94
C SER C 281 59.45 43.72 -50.56
N TRP C 282 60.49 43.76 -49.73
CA TRP C 282 61.85 43.69 -50.24
C TRP C 282 62.16 42.32 -50.83
N VAL C 283 61.72 41.25 -50.15
CA VAL C 283 61.95 39.91 -50.65
C VAL C 283 61.25 39.71 -52.00
N GLU C 284 60.05 40.28 -52.14
CA GLU C 284 59.35 40.19 -53.42
C GLU C 284 60.00 41.07 -54.48
N GLU C 285 60.56 42.21 -54.06
CA GLU C 285 61.24 43.11 -54.99
C GLU C 285 62.51 42.47 -55.55
N SER C 297 71.53 51.72 -48.07
CA SER C 297 70.38 52.09 -47.27
C SER C 297 69.18 51.20 -47.58
N ASN C 298 69.45 49.93 -47.83
CA ASN C 298 68.38 49.00 -48.17
C ASN C 298 67.45 48.82 -46.97
N PRO C 299 66.14 49.03 -47.13
CA PRO C 299 65.25 48.89 -45.97
C PRO C 299 65.24 47.48 -45.39
N ALA C 300 65.50 46.47 -46.23
CA ALA C 300 65.51 45.10 -45.74
C ALA C 300 66.63 44.86 -44.74
N TYR C 301 67.78 45.50 -44.94
CA TYR C 301 68.86 45.36 -43.97
C TYR C 301 68.49 46.00 -42.63
N THR C 302 67.79 47.13 -42.67
CA THR C 302 67.38 47.78 -41.43
C THR C 302 66.41 46.92 -40.64
N ILE C 303 65.42 46.31 -41.31
CA ILE C 303 64.47 45.46 -40.62
C ILE C 303 65.14 44.18 -40.12
N SER C 304 65.96 43.56 -40.98
CA SER C 304 66.65 42.33 -40.60
C SER C 304 67.59 42.58 -39.43
N ALA C 305 68.29 43.71 -39.43
CA ALA C 305 69.20 44.03 -38.34
C ALA C 305 68.42 44.28 -37.05
N ALA C 306 67.29 44.98 -37.13
CA ALA C 306 66.51 45.24 -35.92
C ALA C 306 66.04 43.93 -35.31
N LEU C 307 65.57 43.00 -36.14
CA LEU C 307 65.11 41.72 -35.62
C LEU C 307 66.28 40.89 -35.08
N CYS C 308 67.46 40.99 -35.69
CA CYS C 308 68.62 40.28 -35.18
C CYS C 308 69.00 40.76 -33.78
N TYR C 309 69.14 42.08 -33.62
CA TYR C 309 69.47 42.63 -32.31
C TYR C 309 68.34 42.36 -31.33
N ALA C 310 67.10 42.40 -31.82
CA ALA C 310 65.97 42.08 -30.96
C ALA C 310 66.03 40.63 -30.51
N THR C 311 66.34 39.71 -31.42
CA THR C 311 66.45 38.30 -31.05
C THR C 311 67.57 38.10 -30.05
N GLN C 312 68.72 38.76 -30.27
CA GLN C 312 69.80 38.65 -29.31
C GLN C 312 69.39 39.21 -27.96
N LEU C 313 68.72 40.37 -27.96
CA LEU C 313 68.22 40.95 -26.72
C LEU C 313 67.22 40.04 -26.04
N VAL C 314 66.28 39.48 -26.80
CA VAL C 314 65.30 38.58 -26.22
C VAL C 314 65.99 37.37 -25.62
N ASN C 315 66.95 36.80 -26.36
CA ASN C 315 67.66 35.62 -25.86
C ASN C 315 68.44 35.97 -24.60
N ILE C 316 69.05 37.16 -24.56
CA ILE C 316 69.79 37.57 -23.39
C ILE C 316 68.83 37.87 -22.24
N LEU C 317 67.72 38.56 -22.55
CA LEU C 317 66.74 38.85 -21.52
C LEU C 317 66.19 37.57 -20.92
N SER C 318 65.95 36.56 -21.75
CA SER C 318 65.48 35.28 -21.23
C SER C 318 66.47 34.72 -20.23
N HIS C 319 67.75 34.73 -20.58
CA HIS C 319 68.75 34.18 -19.67
C HIS C 319 68.84 34.98 -18.37
N ILE C 320 68.85 36.30 -18.48
CA ILE C 320 68.96 37.12 -17.27
C ILE C 320 67.71 36.99 -16.41
N LEU C 321 66.53 36.99 -17.04
CA LEU C 321 65.30 36.88 -16.27
C LEU C 321 65.01 35.45 -15.83
N ASP C 322 65.72 34.47 -16.36
CA ASP C 322 65.44 33.06 -16.09
C ASP C 322 63.99 32.71 -16.40
N VAL C 323 63.57 33.08 -17.61
CA VAL C 323 62.24 32.79 -18.13
C VAL C 323 62.42 31.87 -19.31
N ASN C 324 61.83 30.68 -19.24
CA ASN C 324 61.91 29.74 -20.36
C ASN C 324 60.97 30.27 -21.43
N LEU C 325 61.52 30.61 -22.58
CA LEU C 325 60.72 31.21 -23.62
C LEU C 325 59.78 30.19 -24.23
N PRO C 326 58.54 30.58 -24.55
CA PRO C 326 57.60 29.62 -25.13
C PRO C 326 58.03 29.12 -26.50
N LYS C 327 58.79 29.91 -27.25
CA LYS C 327 59.20 29.54 -28.59
C LYS C 327 60.71 29.55 -28.67
N LYS C 328 61.28 28.53 -29.32
CA LYS C 328 62.71 28.44 -29.53
C LYS C 328 63.02 29.22 -30.79
N LEU C 329 63.77 30.32 -30.63
CA LEU C 329 64.14 31.17 -31.75
C LEU C 329 65.60 31.58 -31.59
N CYS C 330 66.37 31.42 -32.65
CA CYS C 330 67.77 31.79 -32.67
C CYS C 330 67.93 33.04 -33.51
N ASN C 331 68.80 33.96 -33.05
CA ASN C 331 69.04 35.18 -33.79
C ASN C 331 69.57 34.92 -35.18
N SER C 332 70.22 33.78 -35.41
CA SER C 332 70.73 33.48 -36.74
C SER C 332 69.63 33.31 -37.77
N GLU C 333 68.40 33.02 -37.33
CA GLU C 333 67.31 32.85 -38.29
C GLU C 333 67.00 34.15 -39.02
N PHE C 334 67.14 35.28 -38.33
CA PHE C 334 66.89 36.58 -38.94
C PHE C 334 68.10 37.11 -39.69
N CYS C 335 69.29 36.60 -39.40
CA CYS C 335 70.52 37.03 -40.05
C CYS C 335 71.05 36.05 -41.08
N GLY C 336 70.38 34.93 -41.30
CA GLY C 336 70.83 33.98 -42.29
C GLY C 336 70.30 34.26 -43.68
N GLU C 337 69.75 33.24 -44.34
CA GLU C 337 69.20 33.41 -45.66
C GLU C 337 67.91 34.24 -45.59
N ASN C 338 67.61 34.94 -46.68
CA ASN C 338 66.39 35.73 -46.75
C ASN C 338 65.20 34.84 -46.45
N LEU C 339 64.51 35.13 -45.35
CA LEU C 339 63.40 34.29 -44.91
C LEU C 339 62.18 34.48 -45.80
N SER C 340 61.54 33.36 -46.13
CA SER C 340 60.31 33.41 -46.89
C SER C 340 59.23 34.11 -46.06
N LYS C 341 58.20 34.59 -46.74
CA LYS C 341 57.11 35.27 -46.04
C LYS C 341 56.58 34.41 -44.90
N GLN C 342 56.39 33.11 -45.15
CA GLN C 342 55.90 32.22 -44.11
C GLN C 342 56.91 32.11 -42.96
N LYS C 343 58.19 31.91 -43.30
CA LYS C 343 59.20 31.76 -42.26
C LYS C 343 59.36 33.07 -41.48
N PHE C 344 59.31 34.19 -42.17
CA PHE C 344 59.41 35.49 -41.49
C PHE C 344 58.22 35.70 -40.57
N THR C 345 57.01 35.41 -41.07
CA THR C 345 55.83 35.56 -40.22
C THR C 345 55.91 34.67 -39.00
N ARG C 346 56.33 33.41 -39.19
CA ARG C 346 56.44 32.51 -38.05
C ARG C 346 57.49 33.00 -37.06
N ALA C 347 58.65 33.43 -37.58
CA ALA C 347 59.69 33.93 -36.69
C ALA C 347 59.25 35.17 -35.95
N VAL C 348 58.60 36.10 -36.65
CA VAL C 348 58.12 37.31 -35.99
C VAL C 348 57.05 36.97 -34.98
N LYS C 349 56.17 36.02 -35.31
CA LYS C 349 55.15 35.61 -34.37
C LYS C 349 55.79 35.01 -33.13
N LYS C 350 56.78 34.14 -33.33
CA LYS C 350 57.50 33.56 -32.20
C LYS C 350 58.15 34.64 -31.35
N LEU C 351 58.80 35.61 -32.00
CA LEU C 351 59.45 36.68 -31.26
C LEU C 351 58.43 37.47 -30.47
N ASN C 352 57.31 37.84 -31.11
CA ASN C 352 56.27 38.57 -30.40
C ASN C 352 55.76 37.75 -29.24
N ALA C 353 55.60 36.44 -29.45
CA ALA C 353 55.17 35.57 -28.35
C ALA C 353 56.20 35.58 -27.25
N ASN C 354 57.48 35.50 -27.61
CA ASN C 354 58.53 35.52 -26.60
C ASN C 354 58.52 36.82 -25.83
N ILE C 355 58.34 37.94 -26.52
CA ILE C 355 58.31 39.24 -25.83
C ILE C 355 57.12 39.29 -24.88
N LEU C 356 55.95 38.89 -25.38
CA LEU C 356 54.77 38.87 -24.54
C LEU C 356 54.97 37.95 -23.34
N TYR C 357 55.52 36.76 -23.58
CA TYR C 357 55.78 35.85 -22.47
C TYR C 357 56.70 36.49 -21.45
N LEU C 358 57.74 37.19 -21.91
CA LEU C 358 58.63 37.88 -20.99
C LEU C 358 57.88 38.95 -20.24
N CYS C 359 57.03 39.71 -20.93
CA CYS C 359 56.25 40.76 -20.28
C CYS C 359 55.37 40.17 -19.18
N PHE C 360 54.78 39.02 -19.43
CA PHE C 360 53.95 38.39 -18.41
C PHE C 360 54.80 37.95 -17.23
N SER C 361 55.94 37.31 -17.50
CA SER C 361 56.82 36.85 -16.44
C SER C 361 57.28 38.00 -15.55
N GLN C 362 57.40 39.21 -16.10
CA GLN C 362 57.83 40.34 -15.30
C GLN C 362 56.67 41.22 -14.84
N HIS C 363 55.44 40.75 -14.96
CA HIS C 363 54.28 41.48 -14.47
C HIS C 363 54.24 42.91 -15.03
N VAL C 364 54.62 43.04 -16.31
CA VAL C 364 54.55 44.34 -16.98
C VAL C 364 53.10 44.78 -17.09
N ASN C 365 52.88 46.09 -16.93
CA ASN C 365 51.53 46.66 -16.98
C ASN C 365 50.85 46.29 -18.29
N LEU C 366 49.81 45.44 -18.19
CA LEU C 366 49.09 44.94 -19.35
C LEU C 366 48.49 46.05 -20.20
N ASP C 367 48.23 47.22 -19.62
CA ASP C 367 47.64 48.31 -20.39
C ASP C 367 48.64 48.94 -21.34
N GLN C 368 49.93 48.73 -21.13
CA GLN C 368 50.95 49.26 -22.01
C GLN C 368 51.35 48.29 -23.11
N LEU C 369 51.01 47.01 -22.99
CA LEU C 369 51.43 45.99 -23.93
C LEU C 369 50.48 45.91 -25.12
N GLN C 370 51.05 45.91 -26.32
CA GLN C 370 50.30 45.71 -27.55
C GLN C 370 50.79 44.43 -28.22
N PRO C 371 49.89 43.50 -28.55
CA PRO C 371 50.35 42.22 -29.10
C PRO C 371 51.18 42.33 -30.37
N LEU C 372 50.98 43.38 -31.16
CA LEU C 372 51.75 43.55 -32.39
C LEU C 372 52.97 44.45 -32.26
N HIS C 373 53.12 45.17 -31.15
CA HIS C 373 54.26 46.08 -30.99
C HIS C 373 55.45 45.31 -30.41
N THR C 374 56.43 45.03 -31.27
CA THR C 374 57.57 44.23 -30.83
C THR C 374 58.47 45.04 -29.90
N LEU C 375 59.08 46.10 -30.43
CA LEU C 375 60.03 46.86 -29.64
C LEU C 375 59.35 47.71 -28.59
N ARG C 376 58.11 48.14 -28.84
CA ARG C 376 57.40 48.93 -27.84
C ARG C 376 57.16 48.13 -26.58
N ASN C 377 56.76 46.86 -26.73
CA ASN C 377 56.60 46.01 -25.56
C ASN C 377 57.94 45.78 -24.87
N LEU C 378 58.99 45.58 -25.65
CA LEU C 378 60.32 45.40 -25.08
C LEU C 378 60.77 46.65 -24.34
N MET C 379 60.48 47.83 -24.89
CA MET C 379 60.86 49.07 -24.23
C MET C 379 60.18 49.22 -22.89
N TYR C 380 58.91 48.84 -22.80
CA TYR C 380 58.24 48.89 -21.50
C TYR C 380 58.80 47.82 -20.57
N LEU C 381 59.11 46.65 -21.10
CA LEU C 381 59.68 45.58 -20.28
C LEU C 381 61.04 45.98 -19.72
N VAL C 382 61.93 46.47 -20.57
CA VAL C 382 63.28 46.81 -20.13
C VAL C 382 63.31 48.27 -19.70
N SER C 383 62.13 48.85 -19.56
CA SER C 383 62.02 50.23 -19.09
C SER C 383 62.52 50.30 -17.65
N PRO C 384 63.27 51.34 -17.28
CA PRO C 384 63.70 51.46 -15.89
C PRO C 384 62.55 51.62 -14.93
N SER C 385 61.38 52.03 -15.42
CA SER C 385 60.19 52.20 -14.61
C SER C 385 59.40 50.92 -14.38
N SER C 386 59.78 49.79 -14.97
CA SER C 386 59.04 48.56 -14.74
C SER C 386 59.31 48.10 -13.31
N GLU C 387 58.29 48.23 -12.46
CA GLU C 387 58.44 47.92 -11.04
C GLU C 387 58.59 46.44 -10.75
N HIS C 388 58.09 45.56 -11.61
CA HIS C 388 58.13 44.14 -11.35
C HIS C 388 59.22 43.41 -12.12
N LEU C 389 60.00 44.11 -12.94
CA LEU C 389 61.06 43.45 -13.68
C LEU C 389 62.06 42.83 -12.72
N GLY C 390 62.24 41.52 -12.82
CA GLY C 390 63.14 40.78 -11.97
C GLY C 390 62.49 39.97 -10.87
N ARG C 391 61.17 40.01 -10.75
CA ARG C 391 60.50 39.22 -9.71
C ARG C 391 60.59 37.74 -10.03
N SER C 392 60.66 36.94 -8.98
CA SER C 392 60.62 35.47 -9.10
C SER C 392 59.35 35.04 -8.40
N GLY C 393 58.36 34.61 -9.19
CA GLY C 393 57.10 34.20 -8.64
C GLY C 393 56.11 33.80 -9.71
N PRO C 394 54.89 33.50 -9.30
CA PRO C 394 53.89 33.05 -10.27
C PRO C 394 53.45 34.18 -11.16
N PHE C 395 52.99 33.82 -12.35
CA PHE C 395 52.48 34.82 -13.28
C PHE C 395 51.37 34.18 -14.08
N GLU C 396 50.42 35.02 -14.47
CA GLU C 396 49.25 34.63 -15.25
C GLU C 396 49.30 35.28 -16.62
N VAL C 397 48.88 34.54 -17.64
CA VAL C 397 48.83 35.06 -18.99
C VAL C 397 47.39 35.48 -19.19
N ARG C 398 47.20 36.78 -19.43
CA ARG C 398 45.88 37.36 -19.59
C ARG C 398 45.16 36.78 -20.80
N ALA C 399 43.90 36.37 -20.58
CA ALA C 399 43.12 35.77 -21.65
C ALA C 399 43.00 36.73 -22.83
N ASP C 400 42.89 38.03 -22.55
CA ASP C 400 42.81 39.01 -23.63
C ASP C 400 44.09 39.03 -24.43
N LEU C 401 45.24 38.90 -23.76
CA LEU C 401 46.51 38.82 -24.48
C LEU C 401 46.68 37.50 -25.20
N GLU C 402 46.20 36.41 -24.58
CA GLU C 402 46.22 35.11 -25.26
C GLU C 402 45.32 35.13 -26.49
N GLU C 403 44.12 35.68 -26.35
CA GLU C 403 43.17 35.79 -27.44
C GLU C 403 43.65 36.75 -28.51
N SER C 404 44.34 37.82 -28.12
CA SER C 404 44.83 38.78 -29.10
C SER C 404 45.92 38.17 -29.98
N MET C 405 46.68 37.22 -29.46
CA MET C 405 47.67 36.54 -30.30
C MET C 405 47.02 35.59 -31.31
N GLU C 406 45.87 35.04 -30.97
CA GLU C 406 45.16 34.13 -31.86
C GLU C 406 44.44 34.91 -32.97
N GLU D 138 -33.12 -68.41 28.37
CA GLU D 138 -32.02 -69.27 28.75
C GLU D 138 -30.68 -68.56 28.60
N GLU D 139 -30.52 -67.84 27.49
CA GLU D 139 -29.27 -67.12 27.24
C GLU D 139 -29.06 -65.99 28.26
N CYS D 140 -30.13 -65.25 28.57
CA CYS D 140 -30.01 -64.14 29.51
C CYS D 140 -29.62 -64.62 30.91
N THR D 141 -30.19 -65.75 31.35
CA THR D 141 -29.85 -66.29 32.66
C THR D 141 -28.39 -66.73 32.72
N ASP D 142 -27.91 -67.41 31.69
CA ASP D 142 -26.50 -67.83 31.67
C ASP D 142 -25.57 -66.63 31.61
N THR D 143 -25.94 -65.60 30.85
CA THR D 143 -25.11 -64.39 30.76
C THR D 143 -25.04 -63.69 32.11
N LEU D 144 -26.14 -63.67 32.85
CA LEU D 144 -26.15 -63.04 34.17
C LEU D 144 -25.25 -63.78 35.15
N LEU D 145 -25.32 -65.12 35.15
CA LEU D 145 -24.45 -65.90 36.02
C LEU D 145 -22.99 -65.73 35.63
N ASP D 146 -22.69 -65.67 34.34
CA ASP D 146 -21.32 -65.45 33.90
C ASP D 146 -20.77 -64.12 34.39
N GLN D 147 -21.56 -63.05 34.31
CA GLN D 147 -21.10 -61.76 34.80
C GLN D 147 -20.85 -61.79 36.30
N LEU D 148 -21.74 -62.44 37.06
CA LEU D 148 -21.55 -62.54 38.51
C LEU D 148 -20.35 -63.41 38.85
N ASP D 149 -20.11 -64.47 38.08
CA ASP D 149 -18.94 -65.31 38.33
C ASP D 149 -17.64 -64.54 38.12
N THR D 150 -17.60 -63.66 37.11
CA THR D 150 -16.41 -62.85 36.89
C THR D 150 -16.16 -61.89 38.04
N GLN D 151 -17.23 -61.27 38.57
CA GLN D 151 -17.08 -60.36 39.69
C GLN D 151 -16.55 -61.08 40.93
N LEU D 152 -17.02 -62.30 41.19
CA LEU D 152 -16.52 -63.07 42.32
C LEU D 152 -15.03 -63.30 42.22
N ASN D 153 -14.55 -63.71 41.04
CA ASN D 153 -13.12 -63.95 40.85
C ASN D 153 -12.32 -62.66 41.07
N VAL D 154 -12.81 -61.54 40.56
CA VAL D 154 -12.12 -60.27 40.75
C VAL D 154 -12.03 -59.92 42.22
N THR D 155 -13.08 -60.20 43.00
CA THR D 155 -13.02 -59.93 44.42
C THR D 155 -12.01 -60.83 45.12
N GLU D 156 -11.96 -62.10 44.71
CA GLU D 156 -11.01 -63.04 45.30
C GLU D 156 -9.57 -62.65 44.99
N ASN D 157 -9.30 -62.19 43.77
CA ASN D 157 -7.95 -61.76 43.43
C ASN D 157 -7.54 -60.54 44.23
N GLU D 158 -8.44 -59.56 44.40
CA GLU D 158 -8.12 -58.40 45.21
C GLU D 158 -7.94 -58.78 46.67
N CYS D 159 -8.73 -59.74 47.17
CA CYS D 159 -8.54 -60.20 48.53
C CYS D 159 -7.20 -60.89 48.69
N GLN D 160 -6.83 -61.73 47.71
CA GLN D 160 -5.54 -62.41 47.76
C GLN D 160 -4.39 -61.42 47.75
N ASN D 161 -4.51 -60.38 46.91
CA ASN D 161 -3.45 -59.37 46.83
C ASN D 161 -3.30 -58.63 48.15
N TYR D 162 -4.42 -58.31 48.81
CA TYR D 162 -4.31 -57.63 50.10
C TYR D 162 -3.72 -58.57 51.15
N LYS D 163 -4.10 -59.85 51.13
CA LYS D 163 -3.51 -60.81 52.06
C LYS D 163 -2.00 -60.90 51.85
N ARG D 164 -1.58 -60.98 50.58
CA ARG D 164 -0.16 -60.99 50.26
C ARG D 164 0.52 -59.69 50.67
N CYS D 165 -0.10 -58.55 50.37
CA CYS D 165 0.53 -57.27 50.69
C CYS D 165 0.68 -57.08 52.19
N LEU D 166 -0.33 -57.50 52.96
CA LEU D 166 -0.24 -57.40 54.41
C LEU D 166 0.90 -58.28 54.91
N GLU D 167 1.00 -59.49 54.37
CA GLU D 167 2.07 -60.39 54.76
C GLU D 167 3.43 -59.84 54.37
N ILE D 168 3.51 -59.15 53.24
CA ILE D 168 4.79 -58.58 52.81
C ILE D 168 5.18 -57.43 53.72
N LEU D 169 4.23 -56.57 54.06
CA LEU D 169 4.55 -55.45 54.95
C LEU D 169 4.90 -55.96 56.34
N GLU D 170 4.25 -57.03 56.78
CA GLU D 170 4.55 -57.63 58.09
C GLU D 170 5.90 -58.32 58.09
N GLN D 171 6.31 -58.87 56.94
CA GLN D 171 7.57 -59.57 56.83
C GLN D 171 8.75 -58.64 56.56
N MET D 172 8.50 -57.48 55.97
CA MET D 172 9.57 -56.52 55.75
C MET D 172 10.03 -56.00 57.10
N ASN D 173 11.31 -56.21 57.41
CA ASN D 173 11.88 -55.76 58.68
C ASN D 173 11.63 -54.26 58.87
N GLU D 174 11.21 -53.91 60.08
CA GLU D 174 10.91 -52.53 60.42
C GLU D 174 12.12 -51.62 60.29
N ASP D 175 12.18 -50.84 59.21
CA ASP D 175 13.30 -49.93 59.00
C ASP D 175 13.41 -48.97 60.17
N ASP D 176 14.62 -48.79 60.68
CA ASP D 176 14.84 -48.01 61.89
C ASP D 176 14.51 -46.55 61.60
N SER D 177 13.34 -46.11 62.08
CA SER D 177 12.96 -44.71 61.94
C SER D 177 13.97 -43.79 62.60
N GLU D 178 14.53 -44.22 63.73
CA GLU D 178 15.49 -43.39 64.44
C GLU D 178 16.80 -43.29 63.66
N GLN D 179 17.24 -44.39 63.04
CA GLN D 179 18.49 -44.36 62.29
C GLN D 179 18.38 -43.44 61.08
N LEU D 180 17.23 -43.46 60.40
CA LEU D 180 17.04 -42.58 59.25
C LEU D 180 16.95 -41.14 59.72
N GLN D 181 16.34 -40.91 60.88
CA GLN D 181 16.24 -39.55 61.41
C GLN D 181 17.62 -39.01 61.78
N MET D 182 18.49 -39.85 62.33
CA MET D 182 19.84 -39.40 62.63
C MET D 182 20.60 -39.06 61.35
N GLU D 183 20.45 -39.88 60.32
CA GLU D 183 21.09 -39.61 59.03
C GLU D 183 20.56 -38.30 58.44
N LEU D 184 19.25 -38.07 58.54
CA LEU D 184 18.67 -36.85 58.01
C LEU D 184 19.21 -35.61 58.72
N LYS D 185 19.41 -35.69 60.03
CA LYS D 185 19.98 -34.55 60.73
C LYS D 185 21.40 -34.27 60.26
N GLU D 186 22.15 -35.32 59.94
CA GLU D 186 23.50 -35.15 59.40
C GLU D 186 23.48 -34.52 58.02
N LEU D 187 22.57 -34.97 57.15
CA LEU D 187 22.49 -34.40 55.81
C LEU D 187 22.06 -32.94 55.85
N ALA D 188 21.17 -32.57 56.77
CA ALA D 188 20.77 -31.17 56.88
C ALA D 188 21.95 -30.30 57.28
N LEU D 189 22.81 -30.80 58.18
CA LEU D 189 24.00 -30.04 58.55
C LEU D 189 24.93 -29.86 57.37
N GLU D 190 25.10 -30.91 56.56
CA GLU D 190 25.93 -30.79 55.37
C GLU D 190 25.35 -29.77 54.40
N GLU D 191 24.03 -29.76 54.23
CA GLU D 191 23.40 -28.77 53.37
C GLU D 191 23.63 -27.36 53.89
N GLU D 192 23.43 -27.15 55.20
CA GLU D 192 23.67 -25.84 55.78
C GLU D 192 25.11 -25.41 55.58
N ARG D 193 26.04 -26.36 55.68
CA ARG D 193 27.44 -26.07 55.42
C ARG D 193 27.62 -25.65 53.96
N LEU D 194 27.02 -26.40 53.05
CA LEU D 194 27.12 -26.09 51.63
C LEU D 194 26.46 -24.76 51.30
N ILE D 195 25.38 -24.40 52.00
CA ILE D 195 24.75 -23.11 51.77
C ILE D 195 25.68 -21.97 52.17
N GLN D 196 26.33 -22.09 53.33
CA GLN D 196 27.31 -21.08 53.73
C GLN D 196 28.51 -21.06 52.78
N GLU D 197 28.97 -22.24 52.37
CA GLU D 197 30.09 -22.33 51.44
C GLU D 197 29.70 -21.77 50.07
N LEU D 198 28.49 -22.06 49.60
CA LEU D 198 28.02 -21.48 48.35
C LEU D 198 27.91 -19.97 48.46
N GLU D 199 27.42 -19.49 49.60
CA GLU D 199 27.37 -18.04 49.81
C GLU D 199 28.75 -17.45 49.73
N ASP D 200 29.73 -18.12 50.35
CA ASP D 200 31.11 -17.66 50.29
C ASP D 200 31.63 -17.67 48.86
N VAL D 201 31.30 -18.71 48.10
CA VAL D 201 31.72 -18.79 46.70
C VAL D 201 31.07 -17.68 45.89
N GLU D 202 29.79 -17.43 46.13
CA GLU D 202 29.10 -16.36 45.41
C GLU D 202 29.66 -14.99 45.77
N LYS D 203 29.92 -14.74 47.06
CA LYS D 203 30.49 -13.47 47.46
C LYS D 203 31.86 -13.25 46.83
N ASN D 204 32.72 -14.27 46.84
CA ASN D 204 34.03 -14.14 46.23
C ASN D 204 33.92 -13.95 44.72
N ARG D 205 33.01 -14.68 44.07
CA ARG D 205 32.80 -14.49 42.65
C ARG D 205 32.31 -13.09 42.34
N LYS D 206 31.40 -12.56 43.17
CA LYS D 206 30.91 -11.20 42.96
C LYS D 206 32.03 -10.18 43.10
N ILE D 207 32.89 -10.36 44.10
CA ILE D 207 34.02 -9.45 44.31
C ILE D 207 34.98 -9.49 43.13
N VAL D 208 35.32 -10.70 42.67
CA VAL D 208 36.22 -10.82 41.53
C VAL D 208 35.59 -10.23 40.27
N ALA D 209 34.28 -10.44 40.09
CA ALA D 209 33.61 -9.87 38.93
C ALA D 209 33.60 -8.36 39.00
N GLU D 210 33.35 -7.79 40.18
CA GLU D 210 33.37 -6.34 40.33
C GLU D 210 34.74 -5.76 40.00
N ASN D 211 35.80 -6.40 40.49
CA ASN D 211 37.15 -5.92 40.17
C ASN D 211 37.43 -6.01 38.67
N LEU D 212 36.99 -7.11 38.04
CA LEU D 212 37.20 -7.25 36.59
C LEU D 212 36.45 -6.18 35.83
N GLU D 213 35.21 -5.88 36.25
CA GLU D 213 34.44 -4.84 35.58
C GLU D 213 35.09 -3.47 35.76
N LYS D 214 35.56 -3.16 36.97
CA LYS D 214 36.22 -1.88 37.19
C LYS D 214 37.49 -1.77 36.34
N VAL D 215 38.29 -2.82 36.28
CA VAL D 215 39.50 -2.79 35.48
C VAL D 215 39.16 -2.72 33.99
N GLN D 216 38.07 -3.35 33.58
CA GLN D 216 37.67 -3.29 32.18
C GLN D 216 37.16 -1.90 31.81
N ALA D 217 36.43 -1.25 32.72
CA ALA D 217 35.95 0.10 32.44
C ALA D 217 37.12 1.05 32.22
N GLU D 218 38.17 0.90 33.02
CA GLU D 218 39.37 1.73 32.82
C GLU D 218 40.03 1.41 31.47
N ALA D 219 40.03 0.12 31.09
CA ALA D 219 40.62 -0.27 29.82
C ALA D 219 39.88 0.35 28.66
N GLU D 220 38.55 0.36 28.72
CA GLU D 220 37.78 0.98 27.64
C GLU D 220 38.03 2.49 27.58
N ARG D 221 38.13 3.14 28.73
CA ARG D 221 38.42 4.58 28.74
C ARG D 221 39.79 4.86 28.14
N LEU D 222 40.79 4.06 28.52
CA LEU D 222 42.13 4.22 27.97
C LEU D 222 42.14 3.96 26.47
N ASP D 223 41.35 3.00 26.01
CA ASP D 223 41.29 2.71 24.58
C ASP D 223 40.69 3.88 23.82
N GLN D 224 39.67 4.53 24.39
CA GLN D 224 39.09 5.69 23.72
C GLN D 224 40.09 6.85 23.70
N GLU D 225 40.79 7.05 24.80
CA GLU D 225 41.80 8.11 24.85
C GLU D 225 42.93 7.81 23.87
N GLU D 226 43.31 6.54 23.74
CA GLU D 226 44.34 6.16 22.79
C GLU D 226 43.88 6.43 21.37
N ALA D 227 42.60 6.19 21.08
CA ALA D 227 42.10 6.48 19.75
C ALA D 227 42.12 7.99 19.49
N GLN D 228 41.78 8.78 20.51
CA GLN D 228 41.83 10.23 20.35
C GLN D 228 43.25 10.71 20.12
N TYR D 229 44.21 10.13 20.83
CA TYR D 229 45.61 10.49 20.62
C TYR D 229 46.02 10.22 19.17
N GLN D 230 45.61 9.08 18.62
CA GLN D 230 45.94 8.76 17.24
C GLN D 230 45.33 9.79 16.30
N ARG D 231 44.12 10.26 16.60
CA ARG D 231 43.50 11.28 15.76
C ARG D 231 44.29 12.57 15.80
N GLU D 232 44.59 13.07 17.01
CA GLU D 232 45.33 14.31 17.13
C GLU D 232 46.71 14.16 16.52
N TYR D 233 47.38 13.04 16.82
CA TYR D 233 48.68 12.76 16.23
C TYR D 233 48.60 12.76 14.72
N SER D 234 47.51 12.22 14.17
CA SER D 234 47.35 12.22 12.73
C SER D 234 47.33 13.64 12.20
N GLU D 235 46.70 14.56 12.93
CA GLU D 235 46.71 15.95 12.50
C GLU D 235 48.11 16.54 12.58
N PHE D 236 48.84 16.26 13.66
CA PHE D 236 50.22 16.72 13.75
C PHE D 236 51.10 16.02 12.71
N LYS D 237 50.80 14.76 12.40
CA LYS D 237 51.57 14.02 11.41
C LYS D 237 51.35 14.57 10.02
N ARG D 238 50.11 14.94 9.69
CA ARG D 238 49.87 15.58 8.41
C ARG D 238 50.71 16.85 8.32
N GLN D 239 50.71 17.64 9.39
CA GLN D 239 51.51 18.86 9.42
C GLN D 239 52.98 18.57 9.26
N GLN D 240 53.48 17.55 9.97
CA GLN D 240 54.89 17.19 9.84
C GLN D 240 55.23 16.83 8.41
N LEU D 241 54.37 16.04 7.76
CA LEU D 241 54.62 15.67 6.38
C LEU D 241 54.53 16.88 5.47
N GLU D 242 53.60 17.78 5.77
CA GLU D 242 53.48 19.01 5.00
C GLU D 242 54.73 19.88 5.14
N LEU D 243 55.22 20.03 6.38
CA LEU D 243 56.38 20.86 6.62
C LEU D 243 57.63 20.29 5.98
N ASP D 244 57.81 18.96 6.04
CA ASP D 244 58.98 18.37 5.40
C ASP D 244 58.99 18.66 3.91
N ASP D 245 57.82 18.57 3.27
CA ASP D 245 57.73 18.89 1.86
C ASP D 245 57.92 20.39 1.65
N GLU D 246 57.40 21.21 2.56
CA GLU D 246 57.57 22.65 2.45
C GLU D 246 59.02 23.05 2.65
N LEU D 247 59.67 22.49 3.67
CA LEU D 247 61.08 22.80 3.95
C LEU D 247 61.95 22.46 2.76
N LYS D 248 61.75 21.28 2.18
CA LYS D 248 62.54 20.91 1.01
C LYS D 248 62.28 21.87 -0.13
N SER D 249 61.05 22.35 -0.27
CA SER D 249 60.74 23.31 -1.31
C SER D 249 61.47 24.63 -1.07
N VAL D 250 61.42 25.16 0.15
CA VAL D 250 62.14 26.40 0.45
C VAL D 250 63.63 26.21 0.26
N GLU D 251 64.17 25.13 0.82
CA GLU D 251 65.60 24.83 0.68
C GLU D 251 65.96 24.65 -0.78
N ASN D 252 65.08 24.01 -1.53
CA ASN D 252 65.30 23.82 -2.96
C ASN D 252 65.25 25.14 -3.68
N GLN D 253 64.37 26.04 -3.24
CA GLN D 253 64.32 27.38 -3.81
C GLN D 253 65.58 28.17 -3.48
N MET D 254 66.10 28.02 -2.26
CA MET D 254 67.33 28.72 -1.89
C MET D 254 68.48 28.26 -2.77
N ARG D 255 68.63 26.95 -2.92
CA ARG D 255 69.67 26.42 -3.80
C ARG D 255 69.47 26.94 -5.22
N TYR D 256 68.23 26.96 -5.70
CA TYR D 256 67.97 27.44 -7.05
C TYR D 256 68.30 28.92 -7.16
N ALA D 257 67.80 29.71 -6.21
CA ALA D 257 68.09 31.14 -6.20
C ALA D 257 69.58 31.42 -6.11
N GLN D 258 70.27 30.70 -5.23
CA GLN D 258 71.71 30.85 -5.09
C GLN D 258 72.43 30.47 -6.38
N THR D 259 71.97 29.41 -7.04
CA THR D 259 72.58 29.06 -8.31
C THR D 259 72.37 30.17 -9.32
N GLN D 260 71.18 30.76 -9.35
CA GLN D 260 70.97 31.86 -10.28
C GLN D 260 71.77 33.09 -9.86
N LEU D 261 71.84 33.37 -8.55
CA LEU D 261 72.60 34.50 -8.06
C LEU D 261 74.08 34.35 -8.37
N ASP D 262 74.64 33.19 -8.01
CA ASP D 262 76.05 32.90 -8.30
C ASP D 262 76.30 32.93 -9.79
N LYS D 263 75.37 32.42 -10.58
CA LYS D 263 75.57 32.46 -12.03
C LYS D 263 75.60 33.89 -12.51
N LEU D 264 74.67 34.72 -12.04
CA LEU D 264 74.66 36.12 -12.46
C LEU D 264 75.87 36.89 -11.96
N LYS D 265 76.39 36.56 -10.78
CA LYS D 265 77.60 37.23 -10.30
C LYS D 265 78.81 36.91 -11.18
N LYS D 266 78.89 35.70 -11.70
CA LYS D 266 79.97 35.33 -12.60
C LYS D 266 79.68 35.69 -14.04
N THR D 267 78.43 35.94 -14.37
CA THR D 267 78.04 36.33 -15.71
C THR D 267 78.28 37.83 -15.90
N ASN D 268 79.08 38.18 -16.89
CA ASN D 268 79.33 39.56 -17.25
C ASN D 268 78.48 39.87 -18.47
N VAL D 269 77.84 41.06 -18.46
CA VAL D 269 76.95 41.45 -19.55
C VAL D 269 77.64 41.30 -20.89
N PHE D 270 78.94 41.59 -20.95
CA PHE D 270 79.69 41.43 -22.19
C PHE D 270 79.84 39.96 -22.55
N ASN D 271 80.20 39.12 -21.58
CA ASN D 271 80.34 37.68 -21.84
C ASN D 271 79.03 37.06 -22.27
N ALA D 272 77.91 37.55 -21.72
CA ALA D 272 76.61 37.02 -22.12
C ALA D 272 76.29 37.39 -23.56
N THR D 273 76.71 38.59 -23.99
CA THR D 273 76.41 39.02 -25.35
C THR D 273 77.34 38.40 -26.37
N PHE D 274 78.62 38.22 -26.03
CA PHE D 274 79.60 37.66 -26.94
C PHE D 274 80.22 36.43 -26.28
N HIS D 275 79.95 35.26 -26.85
CA HIS D 275 80.53 34.00 -26.40
C HIS D 275 81.65 33.68 -27.39
N ILE D 276 82.89 33.92 -26.99
CA ILE D 276 84.05 33.69 -27.83
C ILE D 276 84.65 32.33 -27.53
N TRP D 277 84.76 31.49 -28.56
CA TRP D 277 85.29 30.15 -28.45
C TRP D 277 86.05 29.83 -29.73
N HIS D 278 86.39 28.56 -29.93
CA HIS D 278 87.09 28.15 -31.14
C HIS D 278 86.50 26.87 -31.68
N SER D 279 86.36 26.81 -33.01
CA SER D 279 85.91 25.63 -33.74
C SER D 279 87.08 25.23 -34.64
N GLY D 280 87.99 24.42 -34.10
CA GLY D 280 89.19 24.01 -34.78
C GLY D 280 90.09 25.20 -35.07
N GLN D 281 90.28 25.51 -36.34
CA GLN D 281 91.08 26.65 -36.76
C GLN D 281 90.27 27.93 -36.88
N PHE D 282 88.95 27.86 -36.70
CA PHE D 282 88.09 29.01 -36.83
C PHE D 282 87.74 29.59 -35.47
N GLY D 283 87.86 30.91 -35.34
CA GLY D 283 87.37 31.61 -34.15
C GLY D 283 85.89 31.84 -34.26
N THR D 284 85.15 31.54 -33.19
CA THR D 284 83.71 31.67 -33.21
C THR D 284 83.25 32.63 -32.11
N ILE D 285 82.32 33.50 -32.47
CA ILE D 285 81.69 34.45 -31.55
C ILE D 285 80.19 34.21 -31.59
N ASN D 286 79.62 33.85 -30.44
CA ASN D 286 78.19 33.52 -30.35
C ASN D 286 77.78 32.46 -31.35
N ASN D 287 78.67 31.50 -31.58
CA ASN D 287 78.48 30.41 -32.53
C ASN D 287 78.55 30.83 -33.99
N PHE D 288 78.98 32.05 -34.29
CA PHE D 288 79.19 32.48 -35.66
C PHE D 288 80.66 32.29 -35.99
N ARG D 289 80.94 31.56 -37.08
CA ARG D 289 82.33 31.33 -37.47
C ARG D 289 82.85 32.54 -38.22
N LEU D 290 83.97 33.09 -37.74
CA LEU D 290 84.61 34.24 -38.37
C LEU D 290 85.74 33.76 -39.28
N GLY D 291 85.40 33.42 -40.53
CA GLY D 291 86.41 32.96 -41.45
C GLY D 291 85.98 31.85 -42.39
N ARG D 292 86.89 31.46 -43.28
CA ARG D 292 86.64 30.39 -44.23
C ARG D 292 87.92 29.61 -44.43
N LEU D 293 87.83 28.29 -44.41
CA LEU D 293 88.96 27.40 -44.62
C LEU D 293 88.68 26.49 -45.81
N PRO D 294 89.72 26.10 -46.56
CA PRO D 294 89.47 25.20 -47.69
C PRO D 294 88.85 23.87 -47.25
N SER D 295 89.15 23.44 -46.03
CA SER D 295 88.57 22.22 -45.48
C SER D 295 87.17 22.44 -44.94
N VAL D 296 86.85 23.67 -44.54
CA VAL D 296 85.53 24.00 -44.00
C VAL D 296 85.08 25.32 -44.63
N PRO D 297 84.37 25.27 -45.76
CA PRO D 297 83.92 26.49 -46.44
C PRO D 297 82.73 27.14 -45.75
N VAL D 298 82.95 28.32 -45.19
CA VAL D 298 81.88 29.08 -44.52
C VAL D 298 81.28 30.02 -45.56
N GLU D 299 79.95 30.04 -45.62
CA GLU D 299 79.25 30.89 -46.57
C GLU D 299 79.45 32.37 -46.24
N TRP D 300 79.55 33.19 -47.29
CA TRP D 300 79.75 34.62 -47.11
C TRP D 300 78.69 35.23 -46.21
N ASN D 301 77.46 34.72 -46.29
CA ASN D 301 76.38 35.22 -45.43
C ASN D 301 76.70 34.97 -43.96
N GLU D 302 77.38 33.87 -43.67
CA GLU D 302 77.77 33.60 -42.29
C GLU D 302 78.93 34.50 -41.88
N ILE D 303 79.89 34.70 -42.77
CA ILE D 303 81.02 35.57 -42.45
C ILE D 303 80.55 37.00 -42.19
N ASN D 304 79.58 37.46 -42.98
CA ASN D 304 79.04 38.80 -42.76
C ASN D 304 78.38 38.90 -41.40
N ALA D 305 77.61 37.86 -41.02
CA ALA D 305 76.97 37.85 -39.71
C ALA D 305 77.99 37.74 -38.59
N ALA D 306 79.05 36.95 -38.78
CA ALA D 306 80.09 36.87 -37.77
C ALA D 306 80.75 38.22 -37.54
N TRP D 307 81.09 38.91 -38.63
CA TRP D 307 81.65 40.25 -38.52
C TRP D 307 80.68 41.17 -37.80
N GLY D 308 79.39 41.05 -38.09
CA GLY D 308 78.40 41.84 -37.40
C GLY D 308 78.44 41.68 -35.89
N GLN D 309 78.57 40.44 -35.42
CA GLN D 309 78.66 40.25 -33.97
C GLN D 309 79.94 40.85 -33.43
N THR D 310 81.03 40.80 -34.21
CA THR D 310 82.28 41.40 -33.78
C THR D 310 82.17 42.91 -33.68
N VAL D 311 81.55 43.53 -34.69
CA VAL D 311 81.37 44.98 -34.67
C VAL D 311 80.48 45.40 -33.50
N LEU D 312 79.38 44.66 -33.28
CA LEU D 312 78.51 44.98 -32.17
C LEU D 312 79.25 44.87 -30.85
N LEU D 313 80.08 43.83 -30.71
CA LEU D 313 80.87 43.65 -29.49
C LEU D 313 81.80 44.84 -29.25
N LEU D 314 82.66 45.13 -30.23
CA LEU D 314 83.63 46.22 -30.07
C LEU D 314 82.94 47.57 -29.88
N HIS D 315 81.86 47.82 -30.63
CA HIS D 315 81.14 49.08 -30.45
C HIS D 315 80.59 49.21 -29.04
N ALA D 316 80.01 48.14 -28.51
CA ALA D 316 79.48 48.17 -27.15
C ALA D 316 80.61 48.31 -26.13
N LEU D 317 81.71 47.57 -26.33
CA LEU D 317 82.84 47.68 -25.42
C LEU D 317 83.38 49.10 -25.40
N ALA D 318 83.53 49.71 -26.58
CA ALA D 318 84.02 51.08 -26.66
C ALA D 318 83.08 52.03 -25.93
N ASN D 319 81.77 51.84 -26.10
CA ASN D 319 80.81 52.69 -25.40
C ASN D 319 80.90 52.53 -23.90
N LYS D 320 81.16 51.31 -23.42
CA LYS D 320 81.29 51.11 -21.98
C LYS D 320 82.52 51.81 -21.43
N MET D 321 83.63 51.78 -22.16
CA MET D 321 84.87 52.41 -21.74
C MET D 321 84.94 53.89 -22.12
N GLY D 322 84.03 54.36 -22.96
CA GLY D 322 84.05 55.73 -23.44
C GLY D 322 85.10 56.01 -24.48
N LEU D 323 85.57 55.00 -25.19
CA LEU D 323 86.58 55.18 -26.22
C LEU D 323 85.91 55.72 -27.47
N LYS D 324 86.44 56.82 -28.01
CA LYS D 324 85.97 57.38 -29.26
C LYS D 324 87.05 57.11 -30.29
N PHE D 325 86.69 56.40 -31.36
CA PHE D 325 87.66 56.11 -32.40
C PHE D 325 88.01 57.39 -33.15
N GLN D 326 89.27 57.47 -33.61
CA GLN D 326 89.78 58.68 -34.22
C GLN D 326 89.48 58.75 -35.71
N ARG D 327 89.77 57.67 -36.44
CA ARG D 327 89.57 57.67 -37.88
C ARG D 327 88.22 57.09 -38.30
N TYR D 328 87.72 56.09 -37.59
CA TYR D 328 86.49 55.42 -37.97
C TYR D 328 85.60 55.20 -36.75
N ARG D 329 84.29 55.26 -37.00
CA ARG D 329 83.25 55.04 -36.00
C ARG D 329 82.60 53.69 -36.32
N LEU D 330 82.53 52.81 -35.32
CA LEU D 330 81.89 51.52 -35.50
C LEU D 330 80.38 51.67 -35.52
N VAL D 331 79.74 51.02 -36.49
CA VAL D 331 78.29 51.02 -36.63
C VAL D 331 77.78 49.59 -36.72
N PRO D 332 77.29 49.01 -35.63
CA PRO D 332 76.73 47.65 -35.71
C PRO D 332 75.46 47.66 -36.55
N TYR D 333 75.39 46.76 -37.53
CA TYR D 333 74.25 46.70 -38.43
C TYR D 333 73.92 45.26 -38.80
N GLY D 334 74.01 44.36 -37.83
CA GLY D 334 73.76 42.95 -38.10
C GLY D 334 74.74 42.38 -39.09
N ASN D 335 74.23 41.65 -40.08
CA ASN D 335 75.09 41.07 -41.09
C ASN D 335 75.69 42.09 -42.04
N HIS D 336 75.29 43.36 -41.94
CA HIS D 336 75.81 44.42 -42.79
C HIS D 336 76.52 45.49 -41.98
N SER D 337 77.17 45.10 -40.87
CA SER D 337 77.89 46.07 -40.07
C SER D 337 79.02 46.68 -40.87
N TYR D 338 79.33 47.94 -40.56
CA TYR D 338 80.34 48.67 -41.32
C TYR D 338 80.98 49.71 -40.42
N LEU D 339 82.09 50.26 -40.90
CA LEU D 339 82.79 51.34 -40.20
C LEU D 339 82.62 52.61 -41.01
N GLU D 340 82.26 53.70 -40.35
CA GLU D 340 82.07 55.00 -40.97
C GLU D 340 83.31 55.84 -40.71
N SER D 341 83.89 56.40 -41.77
CA SER D 341 85.06 57.23 -41.59
C SER D 341 84.64 58.58 -41.03
N LEU D 342 85.27 58.97 -39.92
CA LEU D 342 84.94 60.24 -39.28
C LEU D 342 85.53 61.42 -40.03
N THR D 343 86.63 61.20 -40.75
CA THR D 343 87.24 62.28 -41.52
C THR D 343 86.43 62.60 -42.77
N ASP D 344 85.90 61.56 -43.44
CA ASP D 344 85.07 61.74 -44.63
C ASP D 344 83.75 61.01 -44.42
N LYS D 345 82.78 61.75 -43.89
CA LYS D 345 81.48 61.18 -43.52
C LYS D 345 80.90 60.31 -44.63
N SER D 346 80.92 60.82 -45.86
CA SER D 346 80.48 60.09 -47.05
C SER D 346 81.24 58.81 -47.38
N LYS D 347 82.26 58.46 -46.61
CA LYS D 347 83.02 57.25 -46.87
C LYS D 347 82.53 56.15 -45.93
N GLU D 348 81.94 55.11 -46.52
CA GLU D 348 81.44 53.94 -45.79
C GLU D 348 82.30 52.73 -46.14
N LEU D 349 82.88 52.10 -45.11
CA LEU D 349 83.65 50.88 -45.33
C LEU D 349 82.73 49.71 -45.01
N PRO D 350 82.24 48.98 -46.02
CA PRO D 350 81.31 47.88 -45.74
C PRO D 350 82.03 46.67 -45.15
N LEU D 351 81.52 46.16 -44.03
CA LEU D 351 82.02 44.95 -43.41
C LEU D 351 81.29 43.70 -43.88
N TYR D 352 80.85 43.66 -45.13
CA TYR D 352 80.10 42.55 -45.68
C TYR D 352 80.51 42.33 -47.13
N CYS D 353 80.39 41.09 -47.59
CA CYS D 353 80.75 40.76 -48.97
C CYS D 353 79.64 39.89 -49.54
N SER D 354 79.25 40.20 -50.77
CA SER D 354 78.18 39.48 -51.46
C SER D 354 78.62 38.20 -52.15
N GLY D 355 79.89 37.86 -52.13
CA GLY D 355 80.30 36.62 -52.78
C GLY D 355 81.69 36.71 -53.37
N GLY D 356 82.17 35.54 -53.79
CA GLY D 356 83.55 35.38 -54.22
C GLY D 356 83.91 36.13 -55.49
N LEU D 357 82.95 36.35 -56.38
CA LEU D 357 83.29 37.00 -57.64
C LEU D 357 83.56 38.49 -57.47
N ARG D 358 82.74 39.18 -56.68
CA ARG D 358 83.06 40.58 -56.41
C ARG D 358 84.15 40.71 -55.35
N PHE D 359 84.41 39.64 -54.59
CA PHE D 359 85.41 39.66 -53.53
C PHE D 359 86.79 40.04 -54.04
N PHE D 360 87.13 39.60 -55.27
CA PHE D 360 88.45 39.94 -55.81
C PHE D 360 88.56 41.39 -56.26
N TRP D 361 87.45 42.11 -56.39
CA TRP D 361 87.52 43.48 -56.86
C TRP D 361 87.00 44.48 -55.83
N ASP D 362 86.51 44.02 -54.70
CA ASP D 362 85.95 44.91 -53.69
C ASP D 362 87.06 45.31 -52.72
N ASN D 363 87.84 46.32 -53.13
CA ASN D 363 88.91 46.78 -52.26
C ASN D 363 88.36 47.41 -51.00
N LYS D 364 87.10 47.86 -51.03
CA LYS D 364 86.51 48.50 -49.85
C LYS D 364 86.35 47.49 -48.73
N PHE D 365 86.03 46.24 -49.06
CA PHE D 365 85.92 45.21 -48.04
C PHE D 365 87.26 44.91 -47.41
N ASP D 366 88.33 44.82 -48.23
CA ASP D 366 89.65 44.61 -47.67
C ASP D 366 90.05 45.77 -46.79
N HIS D 367 89.75 46.99 -47.23
CA HIS D 367 90.02 48.17 -46.41
C HIS D 367 89.17 48.16 -45.16
N ALA D 368 87.93 47.67 -45.26
CA ALA D 368 87.06 47.61 -44.10
C ALA D 368 87.62 46.66 -43.04
N MET D 369 88.16 45.52 -43.46
CA MET D 369 88.75 44.60 -42.49
C MET D 369 89.97 45.23 -41.82
N VAL D 370 90.78 45.95 -42.58
CA VAL D 370 91.93 46.64 -42.00
C VAL D 370 91.46 47.74 -41.06
N ALA D 371 90.41 48.45 -41.46
CA ALA D 371 89.87 49.53 -40.61
C ALA D 371 89.35 48.97 -39.29
N PHE D 372 88.74 47.79 -39.32
CA PHE D 372 88.32 47.16 -38.08
C PHE D 372 89.52 46.85 -37.22
N LEU D 373 90.59 46.32 -37.84
CA LEU D 373 91.80 46.04 -37.10
C LEU D 373 92.37 47.33 -36.51
N ASP D 374 92.25 48.43 -37.24
CA ASP D 374 92.65 49.73 -36.70
C ASP D 374 91.86 50.07 -35.45
N CYS D 375 90.56 49.78 -35.46
CA CYS D 375 89.75 50.04 -34.28
C CYS D 375 90.22 49.17 -33.13
N VAL D 376 90.54 47.91 -33.41
CA VAL D 376 91.04 47.02 -32.36
C VAL D 376 92.38 47.50 -31.84
N GLN D 377 93.23 48.02 -32.72
CA GLN D 377 94.51 48.57 -32.27
C GLN D 377 94.28 49.79 -31.40
N GLN D 378 93.35 50.66 -31.79
CA GLN D 378 93.03 51.82 -30.97
C GLN D 378 92.50 51.38 -29.62
N PHE D 379 91.66 50.34 -29.61
CA PHE D 379 91.17 49.78 -28.35
C PHE D 379 92.30 49.22 -27.52
N LYS D 380 93.26 48.54 -28.15
CA LYS D 380 94.41 48.02 -27.43
C LYS D 380 95.17 49.15 -26.74
N GLU D 381 95.43 50.24 -27.48
CA GLU D 381 96.14 51.37 -26.91
C GLU D 381 95.37 51.98 -25.74
N GLU D 382 94.04 52.01 -25.85
CA GLU D 382 93.22 52.54 -24.76
C GLU D 382 93.21 51.58 -23.58
N VAL D 383 93.22 50.28 -23.84
CA VAL D 383 93.22 49.31 -22.75
C VAL D 383 94.55 49.35 -22.01
N GLU D 384 95.65 49.55 -22.74
CA GLU D 384 96.95 49.55 -22.09
C GLU D 384 97.29 50.90 -21.47
N LYS D 385 96.60 51.97 -21.88
CA LYS D 385 96.86 53.28 -21.29
C LYS D 385 96.47 53.32 -19.81
N GLY D 386 95.45 52.57 -19.43
CA GLY D 386 95.04 52.55 -18.04
C GLY D 386 95.86 51.55 -17.24
N GLU D 387 95.93 50.33 -17.74
CA GLU D 387 96.75 49.26 -17.17
C GLU D 387 97.72 48.82 -18.25
N THR D 388 99.01 49.05 -18.02
CA THR D 388 100.05 48.66 -18.97
C THR D 388 100.53 47.23 -18.76
N ARG D 389 100.20 46.62 -17.64
CA ARG D 389 100.57 45.23 -17.38
C ARG D 389 99.86 44.26 -18.32
N PHE D 390 98.78 44.69 -18.99
CA PHE D 390 98.05 43.87 -19.93
C PHE D 390 98.33 44.33 -21.36
N CYS D 391 98.66 43.36 -22.22
CA CYS D 391 98.92 43.58 -23.64
C CYS D 391 98.15 42.51 -24.42
N LEU D 392 97.57 42.91 -25.55
CA LEU D 392 96.83 41.94 -26.36
C LEU D 392 97.79 40.89 -26.92
N PRO D 393 97.34 39.64 -27.03
CA PRO D 393 98.25 38.57 -27.48
C PRO D 393 98.80 38.77 -28.88
N TYR D 394 98.00 39.25 -29.82
CA TYR D 394 98.41 39.38 -31.20
C TYR D 394 98.62 40.86 -31.52
N ARG D 395 99.75 41.16 -32.15
CA ARG D 395 100.03 42.52 -32.57
C ARG D 395 99.24 42.85 -33.83
N MET D 396 98.86 44.11 -33.96
CA MET D 396 98.11 44.59 -35.12
C MET D 396 98.90 45.73 -35.73
N ASP D 397 99.27 45.58 -37.00
CA ASP D 397 99.97 46.62 -37.75
C ASP D 397 98.93 47.28 -38.66
N VAL D 398 98.38 48.40 -38.21
CA VAL D 398 97.31 49.04 -38.96
C VAL D 398 97.80 49.59 -40.29
N GLU D 399 99.04 50.10 -40.33
CA GLU D 399 99.56 50.69 -41.56
C GLU D 399 99.72 49.65 -42.67
N LYS D 400 100.01 48.40 -42.32
CA LYS D 400 100.13 47.34 -43.32
C LYS D 400 98.93 46.41 -43.37
N GLY D 401 98.04 46.48 -42.40
CA GLY D 401 96.90 45.58 -42.33
C GLY D 401 97.29 44.14 -42.09
N LYS D 402 98.28 43.90 -41.24
CA LYS D 402 98.76 42.56 -40.96
C LYS D 402 98.71 42.32 -39.47
N ILE D 403 98.44 41.08 -39.08
CA ILE D 403 98.42 40.66 -37.69
C ILE D 403 99.64 39.78 -37.46
N GLU D 404 100.42 40.10 -36.44
CA GLU D 404 101.63 39.35 -36.14
C GLU D 404 101.35 38.39 -35.00
N ASP D 405 101.62 37.11 -35.21
CA ASP D 405 101.45 36.10 -34.18
C ASP D 405 102.67 36.18 -33.27
N THR D 406 102.60 37.08 -32.29
CA THR D 406 103.72 37.24 -31.37
C THR D 406 103.98 35.97 -30.57
N GLY D 407 102.92 35.24 -30.23
CA GLY D 407 103.10 34.01 -29.48
C GLY D 407 103.66 32.87 -30.33
N GLY D 408 103.28 32.82 -31.60
CA GLY D 408 103.78 31.79 -32.48
C GLY D 408 105.15 32.11 -33.02
N SER D 409 105.31 32.06 -34.34
CA SER D 409 106.61 32.29 -34.97
C SER D 409 106.79 33.71 -35.47
N GLY D 410 105.97 34.65 -34.99
CA GLY D 410 106.08 36.01 -35.46
C GLY D 410 105.60 36.23 -36.87
N GLY D 411 104.89 35.28 -37.46
CA GLY D 411 104.42 35.46 -38.82
C GLY D 411 103.29 36.47 -38.89
N SER D 412 103.32 37.29 -39.93
CA SER D 412 102.32 38.33 -40.14
C SER D 412 101.33 37.85 -41.21
N TYR D 413 100.05 37.83 -40.85
CA TYR D 413 98.98 37.38 -41.72
C TYR D 413 98.13 38.60 -42.06
N SER D 414 97.85 38.79 -43.33
CA SER D 414 97.09 39.96 -43.76
C SER D 414 95.60 39.73 -43.59
N ILE D 415 94.90 40.78 -43.14
CA ILE D 415 93.44 40.74 -43.04
C ILE D 415 92.77 41.03 -44.37
N LYS D 416 93.53 41.42 -45.38
CA LYS D 416 92.98 41.67 -46.70
C LYS D 416 92.86 40.35 -47.46
N THR D 417 91.83 40.27 -48.31
CA THR D 417 91.60 39.07 -49.10
C THR D 417 92.33 39.11 -50.43
N GLN D 418 92.59 40.29 -50.97
CA GLN D 418 93.32 40.39 -52.22
C GLN D 418 94.75 39.94 -52.00
N PHE D 419 95.26 39.11 -52.92
CA PHE D 419 96.63 38.59 -52.85
C PHE D 419 96.93 37.91 -51.51
N ASN D 420 95.91 37.37 -50.86
CA ASN D 420 96.06 36.69 -49.58
C ASN D 420 95.38 35.33 -49.67
N SER D 421 95.97 34.34 -49.04
CA SER D 421 95.40 32.99 -49.05
C SER D 421 94.22 32.88 -48.09
N GLU D 422 93.28 32.00 -48.45
CA GLU D 422 92.12 31.77 -47.60
C GLU D 422 92.53 31.22 -46.24
N GLU D 423 93.61 30.43 -46.19
CA GLU D 423 94.09 29.91 -44.93
C GLU D 423 94.67 31.02 -44.06
N GLN D 424 95.53 31.85 -44.64
CA GLN D 424 96.12 32.95 -43.89
C GLN D 424 95.07 33.96 -43.46
N TRP D 425 94.06 34.18 -44.32
CA TRP D 425 92.96 35.07 -43.96
C TRP D 425 92.18 34.52 -42.77
N THR D 426 91.84 33.23 -42.83
CA THR D 426 91.13 32.62 -41.70
C THR D 426 91.99 32.64 -40.45
N LYS D 427 93.30 32.38 -40.60
CA LYS D 427 94.21 32.41 -39.46
C LYS D 427 94.26 33.80 -38.84
N ALA D 428 94.35 34.83 -39.68
CA ALA D 428 94.35 36.20 -39.18
C ALA D 428 93.07 36.50 -38.40
N LEU D 429 91.93 36.06 -38.93
CA LEU D 429 90.68 36.28 -38.21
C LEU D 429 90.68 35.54 -36.90
N LYS D 430 91.21 34.32 -36.88
CA LYS D 430 91.31 33.57 -35.62
C LYS D 430 92.18 34.30 -34.60
N PHE D 431 93.30 34.86 -35.05
CA PHE D 431 94.16 35.59 -34.13
C PHE D 431 93.47 36.85 -33.63
N MET D 432 92.75 37.54 -34.51
CA MET D 432 92.03 38.75 -34.11
C MET D 432 91.00 38.44 -33.04
N LEU D 433 90.24 37.37 -33.23
CA LEU D 433 89.24 36.99 -32.23
C LEU D 433 89.89 36.69 -30.89
N THR D 434 91.08 36.10 -30.89
CA THR D 434 91.75 35.83 -29.61
C THR D 434 92.08 37.12 -28.87
N ASN D 435 92.59 38.13 -29.58
CA ASN D 435 92.85 39.41 -28.95
C ASN D 435 91.56 40.03 -28.40
N LEU D 436 90.48 39.98 -29.18
CA LEU D 436 89.21 40.54 -28.73
C LEU D 436 88.70 39.85 -27.47
N LYS D 437 88.90 38.53 -27.38
CA LYS D 437 88.47 37.81 -26.19
C LYS D 437 89.25 38.31 -24.98
N TRP D 438 90.55 38.51 -25.13
CA TRP D 438 91.34 39.03 -24.02
C TRP D 438 90.88 40.44 -23.65
N GLY D 439 90.56 41.25 -24.66
CA GLY D 439 90.07 42.58 -24.38
C GLY D 439 88.78 42.55 -23.58
N LEU D 440 87.88 41.66 -23.94
CA LEU D 440 86.65 41.50 -23.16
C LEU D 440 86.99 41.09 -21.73
N ALA D 441 87.94 40.16 -21.58
CA ALA D 441 88.36 39.74 -20.24
C ALA D 441 88.92 40.91 -19.45
N TRP D 442 89.59 41.85 -20.11
CA TRP D 442 90.10 43.01 -19.41
C TRP D 442 88.97 43.94 -19.00
N VAL D 443 88.08 44.27 -19.95
CA VAL D 443 86.95 45.13 -19.62
C VAL D 443 86.12 44.47 -18.52
N SER D 444 85.95 43.16 -18.61
CA SER D 444 85.21 42.43 -17.59
C SER D 444 85.90 42.49 -16.24
N SER D 445 87.23 42.43 -16.24
CA SER D 445 87.97 42.51 -14.98
C SER D 445 87.90 43.90 -14.37
N GLN D 446 87.96 44.94 -15.21
CA GLN D 446 87.91 46.29 -14.70
C GLN D 446 86.51 46.65 -14.20
N PHE D 447 85.48 46.18 -14.90
CA PHE D 447 84.10 46.50 -14.59
C PHE D 447 83.35 45.35 -13.93
N TYR D 448 84.05 44.29 -13.52
CA TYR D 448 83.37 43.16 -12.89
C TYR D 448 82.62 43.57 -11.63
N ASN D 449 83.00 44.68 -11.01
CA ASN D 449 82.30 45.21 -9.85
C ASN D 449 81.57 46.52 -10.15
N LYS D 450 81.63 47.00 -11.39
CA LYS D 450 81.00 48.27 -11.75
C LYS D 450 79.69 48.05 -12.48
N MET E 22 48.36 -28.15 -30.14
CA MET E 22 49.34 -27.47 -29.30
C MET E 22 48.68 -26.37 -28.48
N SER E 23 49.19 -26.14 -27.27
CA SER E 23 48.70 -25.07 -26.41
C SER E 23 49.77 -24.74 -25.38
N SER E 24 49.58 -23.59 -24.73
CA SER E 24 50.49 -23.16 -23.68
C SER E 24 50.30 -24.02 -22.43
N MET E 25 51.42 -24.43 -21.84
CA MET E 25 51.42 -25.27 -20.64
C MET E 25 52.54 -24.81 -19.72
N ASN E 26 52.49 -25.28 -18.47
CA ASN E 26 53.41 -24.78 -17.47
C ASN E 26 54.18 -25.93 -16.83
N PRO E 27 55.47 -25.73 -16.51
CA PRO E 27 56.24 -26.82 -15.90
C PRO E 27 55.92 -27.06 -14.44
N GLU E 28 55.32 -26.08 -13.76
CA GLU E 28 55.01 -26.21 -12.34
C GLU E 28 53.94 -27.26 -12.06
N TYR E 29 53.10 -27.55 -13.06
CA TYR E 29 52.08 -28.57 -12.93
C TYR E 29 51.68 -29.02 -14.32
N ASP E 30 51.75 -30.32 -14.57
CA ASP E 30 51.26 -30.85 -15.84
C ASP E 30 49.73 -30.85 -15.88
N TYR E 31 49.09 -31.03 -14.73
CA TYR E 31 47.64 -30.88 -14.63
C TYR E 31 47.33 -30.18 -13.32
N LEU E 32 46.23 -29.42 -13.33
CA LEU E 32 45.71 -28.77 -12.14
C LEU E 32 44.34 -29.35 -11.86
N PHE E 33 44.18 -30.00 -10.71
CA PHE E 33 42.92 -30.60 -10.34
C PHE E 33 42.30 -29.75 -9.23
N LYS E 34 41.13 -29.19 -9.51
CA LYS E 34 40.32 -28.56 -8.47
C LYS E 34 39.65 -29.67 -7.67
N LEU E 35 40.08 -29.86 -6.44
CA LEU E 35 39.36 -30.71 -5.51
C LEU E 35 38.41 -29.85 -4.69
N LEU E 36 37.50 -30.49 -3.98
CA LEU E 36 36.46 -29.76 -3.26
C LEU E 36 35.94 -30.61 -2.13
N LEU E 37 36.08 -30.16 -0.90
CA LEU E 37 35.62 -30.88 0.28
C LEU E 37 34.24 -30.34 0.65
N ILE E 38 33.28 -31.23 0.83
CA ILE E 38 31.91 -30.87 1.19
C ILE E 38 31.37 -31.95 2.11
N GLY E 39 30.32 -31.63 2.84
CA GLY E 39 29.87 -32.44 3.94
C GLY E 39 29.39 -31.60 5.11
N ASP E 40 28.52 -32.19 5.91
CA ASP E 40 27.87 -31.46 7.00
C ASP E 40 28.90 -30.83 7.93
N SER E 41 28.39 -29.96 8.82
CA SER E 41 29.27 -29.32 9.80
C SER E 41 29.96 -30.38 10.64
N GLY E 42 31.10 -30.00 11.21
CA GLY E 42 31.76 -30.83 12.20
C GLY E 42 32.08 -32.23 11.74
N VAL E 43 32.14 -32.47 10.44
CA VAL E 43 32.53 -33.80 9.96
C VAL E 43 34.04 -33.95 9.89
N GLY E 44 34.75 -32.91 9.51
CA GLY E 44 36.20 -32.99 9.43
C GLY E 44 36.74 -32.43 8.14
N LYS E 45 35.93 -31.63 7.45
CA LYS E 45 36.35 -31.12 6.16
C LYS E 45 37.59 -30.25 6.26
N SER E 46 37.64 -29.35 7.25
CA SER E 46 38.83 -28.53 7.47
C SER E 46 40.07 -29.36 7.82
N CYS E 47 39.95 -30.30 8.77
CA CYS E 47 41.09 -31.08 9.22
C CYS E 47 41.67 -31.96 8.13
N LEU E 48 40.82 -32.52 7.26
CA LEU E 48 41.32 -33.19 6.08
C LEU E 48 42.21 -32.27 5.24
N LEU E 49 41.76 -31.04 5.01
CA LEU E 49 42.56 -30.11 4.21
C LEU E 49 43.87 -29.78 4.91
N LEU E 50 43.81 -29.48 6.20
CA LEU E 50 45.01 -29.17 6.96
C LEU E 50 45.96 -30.36 7.04
N ARG E 51 45.41 -31.57 7.24
CA ARG E 51 46.25 -32.76 7.33
C ARG E 51 46.91 -33.11 6.01
N PHE E 52 46.26 -32.84 4.88
CA PHE E 52 46.87 -33.11 3.59
C PHE E 52 47.85 -32.01 3.19
N ALA E 53 47.36 -30.77 3.13
CA ALA E 53 48.14 -29.68 2.56
C ALA E 53 49.29 -29.23 3.44
N ASP E 54 49.08 -29.21 4.76
CA ASP E 54 50.04 -28.58 5.67
C ASP E 54 50.55 -29.50 6.76
N ASP E 55 50.27 -30.80 6.68
CA ASP E 55 50.57 -31.78 7.72
C ASP E 55 50.30 -31.22 9.11
N THR E 56 49.13 -30.61 9.24
CA THR E 56 48.74 -29.83 10.40
C THR E 56 47.50 -30.44 11.02
N TYR E 57 47.40 -30.34 12.35
CA TYR E 57 46.19 -30.75 13.04
C TYR E 57 46.03 -29.88 14.27
N THR E 58 44.79 -29.71 14.70
CA THR E 58 44.50 -29.12 16.00
C THR E 58 43.13 -29.58 16.44
N GLU E 59 42.91 -29.60 17.75
CA GLU E 59 41.57 -29.82 18.28
C GLU E 59 40.71 -28.57 18.23
N SER E 60 41.32 -27.40 18.09
CA SER E 60 40.58 -26.14 18.09
C SER E 60 39.77 -25.98 16.81
N TYR E 61 38.46 -25.83 16.94
CA TYR E 61 37.55 -25.83 15.80
C TYR E 61 37.17 -24.38 15.51
N ILE E 62 37.50 -23.90 14.32
CA ILE E 62 36.92 -22.68 13.76
C ILE E 62 36.03 -23.11 12.60
N SER E 63 34.73 -22.85 12.73
CA SER E 63 33.79 -23.28 11.70
C SER E 63 34.06 -22.57 10.38
N THR E 64 34.42 -23.36 9.37
CA THR E 64 34.70 -22.82 8.06
C THR E 64 33.52 -22.00 7.59
N ILE E 65 33.81 -20.87 6.97
CA ILE E 65 32.81 -20.02 6.34
C ILE E 65 33.30 -19.79 4.93
N GLY E 66 32.37 -19.58 4.01
CA GLY E 66 32.77 -19.22 2.67
C GLY E 66 33.62 -20.24 1.96
N VAL E 67 34.91 -19.95 1.77
CA VAL E 67 35.82 -20.81 1.02
C VAL E 67 37.23 -20.70 1.59
N ASP E 68 38.03 -21.73 1.34
CA ASP E 68 39.43 -21.82 1.72
C ASP E 68 40.13 -22.54 0.59
N PHE E 69 41.43 -22.31 0.43
CA PHE E 69 42.05 -22.77 -0.81
C PHE E 69 43.53 -23.06 -0.58
N LYS E 70 43.81 -24.21 0.02
CA LYS E 70 45.18 -24.66 0.21
C LYS E 70 45.70 -25.30 -1.08
N ILE E 71 47.02 -25.40 -1.17
CA ILE E 71 47.67 -25.98 -2.35
C ILE E 71 48.66 -27.05 -1.90
N ARG E 72 48.69 -28.15 -2.65
CA ARG E 72 49.79 -29.10 -2.61
C ARG E 72 50.05 -29.54 -4.04
N THR E 73 51.32 -29.61 -4.41
CA THR E 73 51.75 -30.06 -5.73
C THR E 73 52.33 -31.46 -5.60
N ILE E 74 51.90 -32.36 -6.47
CA ILE E 74 52.28 -33.77 -6.38
C ILE E 74 52.73 -34.24 -7.74
N GLU E 75 53.45 -35.35 -7.77
CA GLU E 75 53.73 -36.08 -9.00
C GLU E 75 53.05 -37.44 -8.92
N LEU E 76 52.30 -37.78 -9.97
CA LEU E 76 51.65 -39.06 -10.10
C LEU E 76 51.92 -39.62 -11.48
N ASP E 77 52.38 -40.87 -11.56
CA ASP E 77 52.82 -41.50 -12.80
C ASP E 77 53.82 -40.64 -13.57
N GLY E 78 54.68 -39.95 -12.84
CA GLY E 78 55.68 -39.07 -13.42
C GLY E 78 55.11 -37.76 -13.95
N LYS E 79 53.81 -37.74 -14.23
CA LYS E 79 53.13 -36.50 -14.53
C LYS E 79 52.92 -35.70 -13.24
N THR E 80 52.96 -34.38 -13.37
CA THR E 80 52.90 -33.50 -12.21
C THR E 80 51.49 -32.94 -12.11
N ILE E 81 50.88 -33.10 -10.94
CA ILE E 81 49.52 -32.63 -10.70
C ILE E 81 49.61 -31.64 -9.55
N LYS E 82 49.17 -30.41 -9.79
CA LYS E 82 48.92 -29.44 -8.74
C LYS E 82 47.49 -29.62 -8.26
N LEU E 83 47.33 -30.16 -7.06
CA LEU E 83 46.02 -30.16 -6.42
C LEU E 83 45.73 -28.80 -5.83
N GLN E 84 44.48 -28.36 -5.99
CA GLN E 84 43.97 -27.12 -5.41
C GLN E 84 42.72 -27.51 -4.64
N ILE E 85 42.81 -27.59 -3.30
CA ILE E 85 41.90 -28.41 -2.52
C ILE E 85 41.00 -27.51 -1.69
N TRP E 86 39.91 -27.05 -2.31
CA TRP E 86 38.99 -26.10 -1.67
C TRP E 86 38.27 -26.76 -0.50
N ASP E 87 38.23 -26.06 0.62
CA ASP E 87 37.25 -26.37 1.64
C ASP E 87 35.90 -25.80 1.22
N THR E 88 34.89 -25.97 2.06
CA THR E 88 33.60 -25.34 1.85
C THR E 88 32.93 -25.22 3.21
N ALA E 89 31.91 -24.38 3.29
CA ALA E 89 31.16 -24.27 4.54
C ALA E 89 30.35 -25.51 4.84
N GLY E 90 30.42 -25.97 6.09
CA GLY E 90 29.56 -27.03 6.56
C GLY E 90 28.39 -26.61 7.43
N LEU E 91 28.42 -25.40 7.97
CA LEU E 91 27.25 -24.86 8.63
C LEU E 91 26.21 -24.52 7.59
N GLU E 92 24.94 -24.63 7.97
CA GLU E 92 23.88 -24.35 7.01
C GLU E 92 23.77 -22.86 6.75
N ARG E 93 23.99 -22.05 7.79
CA ARG E 93 23.81 -20.61 7.72
C ARG E 93 24.79 -19.94 6.78
N PHE E 94 25.78 -20.67 6.26
CA PHE E 94 26.69 -20.19 5.23
C PHE E 94 26.44 -20.85 3.90
N ARG E 95 25.26 -21.45 3.72
CA ARG E 95 24.96 -22.36 2.63
C ARG E 95 23.67 -21.93 1.97
N THR E 96 23.54 -22.25 0.68
CA THR E 96 22.46 -21.74 -0.16
C THR E 96 22.07 -22.83 -1.15
N ILE E 97 20.85 -22.71 -1.69
CA ILE E 97 20.31 -23.76 -2.56
C ILE E 97 21.16 -23.87 -3.82
N THR E 98 21.32 -22.75 -4.53
CA THR E 98 22.40 -22.64 -5.50
C THR E 98 23.73 -22.71 -4.75
N SER E 99 24.75 -23.28 -5.39
CA SER E 99 26.10 -23.09 -4.90
C SER E 99 27.06 -23.12 -6.10
N SER E 100 27.71 -22.00 -6.34
CA SER E 100 28.65 -21.86 -7.45
C SER E 100 29.99 -22.52 -7.19
N TYR E 101 30.27 -22.93 -5.95
CA TYR E 101 31.56 -23.52 -5.64
C TYR E 101 31.80 -24.79 -6.44
N TYR E 102 30.75 -25.55 -6.70
CA TYR E 102 30.90 -26.79 -7.47
C TYR E 102 31.31 -26.53 -8.91
N ARG E 103 30.96 -25.35 -9.42
CA ARG E 103 31.25 -25.02 -10.81
C ARG E 103 32.73 -25.18 -11.13
N GLY E 104 33.01 -25.86 -12.24
CA GLY E 104 34.37 -26.10 -12.67
C GLY E 104 35.17 -27.05 -11.81
N ALA E 105 34.57 -27.64 -10.77
CA ALA E 105 35.30 -28.60 -9.96
C ALA E 105 35.64 -29.83 -10.79
N HIS E 106 36.86 -30.33 -10.62
CA HIS E 106 37.29 -31.55 -11.27
C HIS E 106 37.07 -32.79 -10.41
N GLY E 107 37.17 -32.64 -9.10
CA GLY E 107 36.86 -33.72 -8.19
C GLY E 107 36.05 -33.19 -7.03
N ILE E 108 35.26 -34.07 -6.41
CA ILE E 108 34.48 -33.69 -5.24
C ILE E 108 34.69 -34.76 -4.20
N ILE E 109 34.94 -34.34 -2.96
CA ILE E 109 35.17 -35.24 -1.84
C ILE E 109 34.06 -35.01 -0.83
N VAL E 110 33.26 -36.04 -0.57
CA VAL E 110 32.16 -35.96 0.37
C VAL E 110 32.64 -36.62 1.65
N VAL E 111 32.45 -35.95 2.78
CA VAL E 111 33.04 -36.35 4.05
C VAL E 111 31.93 -36.56 5.05
N TYR E 112 32.06 -37.57 5.90
CA TYR E 112 31.17 -37.74 7.02
C TYR E 112 32.01 -38.09 8.24
N ASP E 113 31.42 -37.92 9.41
CA ASP E 113 32.09 -38.25 10.66
C ASP E 113 31.55 -39.58 11.18
N VAL E 114 32.41 -40.57 11.31
CA VAL E 114 32.00 -41.91 11.67
C VAL E 114 31.35 -41.97 13.05
N THR E 115 31.44 -40.90 13.84
CA THR E 115 30.77 -40.86 15.13
C THR E 115 29.43 -40.13 15.10
N ASP E 116 29.04 -39.61 13.94
CA ASP E 116 27.86 -38.75 13.78
C ASP E 116 26.92 -39.34 12.73
N GLN E 117 25.99 -40.19 13.17
CA GLN E 117 25.07 -40.86 12.25
C GLN E 117 24.35 -39.86 11.35
N GLU E 118 23.91 -38.73 11.91
CA GLU E 118 23.25 -37.71 11.11
C GLU E 118 24.15 -37.27 9.96
N SER E 119 25.42 -36.99 10.26
CA SER E 119 26.38 -36.61 9.24
C SER E 119 26.59 -37.73 8.23
N PHE E 120 26.37 -38.98 8.63
CA PHE E 120 26.44 -40.08 7.68
C PHE E 120 25.21 -40.09 6.76
N ASN E 121 24.02 -40.03 7.35
CA ASN E 121 22.78 -40.11 6.58
C ASN E 121 22.74 -39.04 5.50
N ASN E 122 23.19 -37.82 5.82
CA ASN E 122 23.14 -36.71 4.89
C ASN E 122 24.01 -36.90 3.67
N VAL E 123 24.88 -37.92 3.64
CA VAL E 123 25.74 -38.14 2.48
C VAL E 123 24.93 -38.19 1.19
N LYS E 124 23.73 -38.78 1.25
CA LYS E 124 22.90 -38.82 0.05
C LYS E 124 22.48 -37.43 -0.40
N GLN E 125 22.26 -36.53 0.56
CA GLN E 125 21.89 -35.16 0.23
C GLN E 125 23.03 -34.43 -0.46
N TRP E 126 24.28 -34.68 -0.04
CA TRP E 126 25.42 -34.11 -0.74
C TRP E 126 25.54 -34.65 -2.16
N LEU E 127 25.30 -35.94 -2.35
CA LEU E 127 25.33 -36.49 -3.70
C LEU E 127 24.23 -35.90 -4.55
N GLN E 128 23.10 -35.53 -3.93
CA GLN E 128 22.11 -34.73 -4.63
C GLN E 128 22.68 -33.38 -5.04
N GLU E 129 23.45 -32.74 -4.16
CA GLU E 129 24.09 -31.47 -4.52
C GLU E 129 25.09 -31.64 -5.64
N ILE E 130 25.99 -32.64 -5.53
CA ILE E 130 27.01 -32.83 -6.56
C ILE E 130 26.38 -33.05 -7.93
N ASP E 131 25.38 -33.93 -7.98
CA ASP E 131 24.71 -34.24 -9.25
C ASP E 131 23.96 -33.07 -9.84
N ARG E 132 23.57 -32.09 -9.03
CA ARG E 132 22.86 -30.94 -9.58
C ARG E 132 23.81 -29.90 -10.15
N TYR E 133 24.95 -29.68 -9.50
CA TYR E 133 25.80 -28.53 -9.82
C TYR E 133 27.14 -28.91 -10.40
N ALA E 134 27.72 -30.03 -10.00
CA ALA E 134 29.11 -30.30 -10.34
C ALA E 134 29.25 -30.64 -11.82
N SER E 135 30.50 -30.66 -12.27
CA SER E 135 30.86 -31.17 -13.58
C SER E 135 30.31 -32.58 -13.77
N GLU E 136 29.84 -32.86 -14.99
CA GLU E 136 29.04 -34.05 -15.22
C GLU E 136 29.83 -35.33 -15.00
N ASN E 137 31.16 -35.26 -15.06
CA ASN E 137 32.02 -36.42 -14.89
C ASN E 137 32.76 -36.41 -13.55
N VAL E 138 32.30 -35.60 -12.59
CA VAL E 138 33.11 -35.33 -11.41
C VAL E 138 33.37 -36.62 -10.65
N ASN E 139 34.63 -36.83 -10.28
CA ASN E 139 35.04 -37.98 -9.48
C ASN E 139 34.65 -37.70 -8.03
N LYS E 140 33.65 -38.40 -7.52
CA LYS E 140 33.36 -38.31 -6.11
C LYS E 140 34.36 -39.16 -5.33
N LEU E 141 34.35 -39.01 -4.01
CA LEU E 141 35.10 -39.91 -3.15
C LEU E 141 34.55 -39.72 -1.74
N LEU E 142 33.89 -40.73 -1.22
CA LEU E 142 33.42 -40.68 0.15
C LEU E 142 34.61 -40.92 1.06
N VAL E 143 34.79 -40.05 2.03
CA VAL E 143 35.88 -40.17 2.99
C VAL E 143 35.24 -40.20 4.35
N GLY E 144 35.39 -41.31 5.05
CA GLY E 144 34.94 -41.42 6.41
C GLY E 144 35.91 -40.83 7.39
N ASN E 145 35.86 -39.52 7.59
CA ASN E 145 36.74 -38.89 8.56
C ASN E 145 36.34 -39.30 9.97
N LYS E 146 37.17 -38.86 10.92
CA LYS E 146 37.05 -39.22 12.33
C LYS E 146 37.14 -40.73 12.54
N CYS E 147 37.80 -41.42 11.61
CA CYS E 147 38.01 -42.86 11.70
C CYS E 147 38.98 -43.23 12.82
N ASP E 148 39.58 -42.25 13.49
CA ASP E 148 40.28 -42.50 14.73
C ASP E 148 39.33 -42.79 15.87
N LEU E 149 38.07 -42.41 15.74
CA LEU E 149 37.08 -42.58 16.80
C LEU E 149 36.50 -43.99 16.81
N THR E 150 37.34 -45.02 16.78
CA THR E 150 36.83 -46.39 16.78
C THR E 150 35.97 -46.66 18.01
N THR E 151 36.23 -45.96 19.12
CA THR E 151 35.39 -46.04 20.30
C THR E 151 33.96 -45.55 20.04
N LYS E 152 33.75 -44.76 18.98
CA LYS E 152 32.46 -44.17 18.68
C LYS E 152 32.03 -44.33 17.22
N LYS E 153 32.66 -45.23 16.47
CA LYS E 153 32.25 -45.43 15.08
C LYS E 153 30.85 -46.02 15.04
N VAL E 154 29.98 -45.38 14.26
CA VAL E 154 28.60 -45.82 14.10
C VAL E 154 28.22 -46.08 12.65
N VAL E 155 28.99 -45.60 11.68
CA VAL E 155 28.84 -46.02 10.29
C VAL E 155 30.09 -46.84 9.99
N ASP E 156 29.89 -48.13 9.71
CA ASP E 156 31.01 -49.06 9.56
C ASP E 156 31.28 -49.38 8.10
N TYR E 157 32.44 -50.02 7.86
CA TYR E 157 33.01 -50.08 6.53
C TYR E 157 32.01 -50.66 5.53
N THR E 158 31.44 -51.82 5.84
CA THR E 158 30.48 -52.44 4.93
C THR E 158 29.26 -51.55 4.73
N THR E 159 28.79 -50.94 5.82
CA THR E 159 27.62 -50.05 5.74
C THR E 159 27.86 -48.95 4.72
N ALA E 160 29.04 -48.37 4.73
CA ALA E 160 29.37 -47.36 3.73
C ALA E 160 29.74 -47.99 2.40
N LYS E 161 30.41 -49.14 2.43
CA LYS E 161 30.95 -49.71 1.20
C LYS E 161 29.83 -50.18 0.28
N GLU E 162 28.76 -50.75 0.84
CA GLU E 162 27.59 -51.06 0.02
C GLU E 162 27.05 -49.81 -0.67
N PHE E 163 26.90 -48.71 0.08
CA PHE E 163 26.45 -47.46 -0.51
C PHE E 163 27.44 -46.92 -1.53
N ALA E 164 28.70 -46.80 -1.12
CA ALA E 164 29.73 -46.28 -2.01
C ALA E 164 29.87 -47.14 -3.25
N ASP E 165 29.88 -48.46 -3.09
CA ASP E 165 29.96 -49.34 -4.25
C ASP E 165 28.68 -49.31 -5.07
N SER E 166 27.54 -49.07 -4.43
CA SER E 166 26.31 -48.90 -5.19
C SER E 166 26.37 -47.70 -6.13
N LEU E 167 27.08 -46.64 -5.74
CA LEU E 167 27.35 -45.54 -6.65
C LEU E 167 28.61 -45.72 -7.48
N GLY E 168 29.50 -46.62 -7.07
CA GLY E 168 30.79 -46.74 -7.72
C GLY E 168 31.75 -45.61 -7.40
N ILE E 169 31.48 -44.85 -6.34
CA ILE E 169 32.38 -43.78 -5.91
C ILE E 169 33.51 -44.45 -5.13
N PRO E 170 34.76 -44.05 -5.34
CA PRO E 170 35.84 -44.43 -4.42
C PRO E 170 35.47 -44.22 -2.95
N PHE E 171 36.11 -44.94 -2.05
CA PHE E 171 35.77 -44.86 -0.64
C PHE E 171 37.07 -45.02 0.13
N LEU E 172 37.10 -44.42 1.32
CA LEU E 172 38.16 -44.68 2.29
C LEU E 172 37.63 -44.31 3.67
N GLU E 173 38.32 -44.78 4.69
CA GLU E 173 38.13 -44.27 6.04
C GLU E 173 39.45 -43.68 6.48
N THR E 174 39.39 -42.55 7.18
CA THR E 174 40.56 -41.74 7.45
C THR E 174 40.44 -41.12 8.82
N SER E 175 41.58 -40.72 9.38
CA SER E 175 41.59 -39.79 10.49
C SER E 175 42.64 -38.70 10.19
N ALA E 176 42.24 -37.44 10.33
CA ALA E 176 43.22 -36.38 10.33
C ALA E 176 43.92 -36.25 11.68
N LYS E 177 43.33 -36.82 12.74
CA LYS E 177 43.99 -36.89 14.04
C LYS E 177 45.10 -37.94 14.02
N ASN E 178 44.74 -39.18 13.67
CA ASN E 178 45.67 -40.28 13.48
C ASN E 178 45.92 -40.33 11.99
N ALA E 179 46.84 -39.47 11.55
CA ALA E 179 46.84 -38.91 10.20
C ALA E 179 46.68 -39.96 9.11
N THR E 180 47.44 -41.05 9.21
CA THR E 180 47.87 -41.81 8.04
C THR E 180 46.75 -42.09 7.03
N ASN E 181 45.54 -42.37 7.49
CA ASN E 181 44.47 -42.64 6.54
C ASN E 181 44.26 -41.47 5.60
N VAL E 182 44.43 -40.24 6.11
CA VAL E 182 44.16 -39.01 5.34
C VAL E 182 44.99 -38.98 4.06
N GLU E 183 46.27 -39.32 4.15
CA GLU E 183 47.13 -39.28 2.96
C GLU E 183 46.52 -40.07 1.82
N GLN E 184 46.12 -41.30 2.09
CA GLN E 184 45.55 -42.14 1.05
C GLN E 184 44.26 -41.56 0.49
N SER E 185 43.52 -40.81 1.30
CA SER E 185 42.32 -40.16 0.79
C SER E 185 42.64 -39.15 -0.31
N PHE E 186 43.66 -38.33 -0.11
CA PHE E 186 44.01 -37.37 -1.16
C PHE E 186 44.72 -38.05 -2.33
N MET E 187 45.56 -39.04 -2.07
CA MET E 187 46.14 -39.84 -3.15
C MET E 187 45.08 -40.53 -3.99
N THR E 188 44.04 -41.07 -3.33
CA THR E 188 42.97 -41.72 -4.07
C THR E 188 42.26 -40.74 -4.99
N MET E 189 41.89 -39.57 -4.46
CA MET E 189 41.23 -38.55 -5.28
C MET E 189 42.09 -38.18 -6.48
N ALA E 190 43.37 -37.93 -6.24
CA ALA E 190 44.26 -37.61 -7.36
C ALA E 190 44.31 -38.75 -8.37
N ALA E 191 44.38 -39.99 -7.89
CA ALA E 191 44.40 -41.12 -8.81
C ALA E 191 43.15 -41.16 -9.67
N GLU E 192 41.98 -41.08 -9.03
CA GLU E 192 40.72 -41.17 -9.77
C GLU E 192 40.54 -39.99 -10.71
N ILE E 193 41.08 -38.83 -10.35
CA ILE E 193 41.11 -37.70 -11.27
C ILE E 193 42.02 -37.99 -12.45
N LYS E 194 43.23 -38.50 -12.17
CA LYS E 194 44.17 -38.76 -13.26
C LYS E 194 43.58 -39.75 -14.25
N LYS E 195 42.89 -40.78 -13.76
CA LYS E 195 42.22 -41.75 -14.64
C LYS E 195 41.20 -41.07 -15.55
N ARG E 196 40.56 -40.00 -15.09
CA ARG E 196 39.69 -39.23 -15.98
C ARG E 196 40.50 -38.29 -16.88
N MET E 197 41.49 -37.62 -16.33
CA MET E 197 42.41 -36.83 -17.15
C MET E 197 43.39 -37.73 -17.90
PG GTP F . -44.00 18.09 -9.00
O1G GTP F . -42.63 17.48 -9.07
O2G GTP F . -44.13 19.06 -7.85
O3G GTP F . -44.28 18.86 -10.26
O3B GTP F . -45.11 16.94 -8.84
PB GTP F . -44.96 15.68 -7.83
O1B GTP F . -43.65 15.76 -7.10
O2B GTP F . -46.12 15.69 -6.88
O3A GTP F . -44.99 14.37 -8.77
PA GTP F . -43.97 14.07 -9.98
O1A GTP F . -44.30 14.96 -11.16
O2A GTP F . -42.52 14.26 -9.59
O5' GTP F . -44.30 12.55 -10.37
C5' GTP F . -43.37 11.47 -10.43
C4' GTP F . -43.61 10.41 -9.34
O4' GTP F . -42.55 9.46 -9.32
C3' GTP F . -43.63 10.97 -7.93
O3' GTP F . -44.24 10.05 -7.06
C2' GTP F . -42.17 11.04 -7.62
O2' GTP F . -41.97 10.93 -6.24
C1' GTP F . -41.68 9.76 -8.26
N9 GTP F . -40.29 9.89 -8.68
C8 GTP F . -39.77 10.86 -9.50
N7 GTP F . -38.45 10.62 -9.65
C5 GTP F . -38.11 9.54 -8.92
C6 GTP F . -36.91 8.88 -8.72
O6 GTP F . -35.88 9.27 -9.26
N1 GTP F . -36.89 7.77 -7.91
C2 GTP F . -38.04 7.32 -7.31
N2 GTP F . -38.00 6.24 -6.53
N3 GTP F . -39.23 7.98 -7.51
C4 GTP F . -39.25 9.07 -8.30
MG MG G . -43.65 15.60 -9.40
MG MG H . 36.42 -28.96 8.65
PG GTP I . 33.19 -26.86 9.20
O1G GTP I . 32.47 -25.97 10.16
O2G GTP I . 32.38 -27.10 7.97
O3G GTP I . 34.53 -26.33 8.77
O3B GTP I . 33.51 -28.24 9.90
PB GTP I . 34.24 -29.29 8.94
O1B GTP I . 33.25 -30.17 8.24
O2B GTP I . 35.10 -28.53 7.98
O3A GTP I . 35.09 -30.08 10.03
PA GTP I . 36.54 -29.50 10.27
O1A GTP I . 37.40 -29.85 9.10
O2A GTP I . 36.46 -28.01 10.47
O5' GTP I . 37.03 -30.23 11.59
C5' GTP I . 36.32 -29.77 12.71
C4' GTP I . 36.75 -30.48 13.97
O4' GTP I . 36.41 -31.85 14.01
C3' GTP I . 38.24 -30.38 14.24
O3' GTP I . 38.58 -29.19 14.89
C2' GTP I . 38.43 -31.55 15.15
O2' GTP I . 37.93 -31.17 16.40
C1' GTP I . 37.44 -32.56 14.68
N9 GTP I . 38.10 -33.50 13.77
C8 GTP I . 38.42 -33.31 12.46
N7 GTP I . 39.03 -34.42 11.99
C5 GTP I . 39.12 -35.30 13.01
C6 GTP I . 39.65 -36.57 13.08
O6 GTP I . 40.16 -37.05 12.08
N1 GTP I . 39.61 -37.27 14.26
C2 GTP I . 39.03 -36.69 15.36
N2 GTP I . 38.98 -37.36 16.50
N3 GTP I . 38.50 -35.43 15.30
C4 GTP I . 38.55 -34.74 14.13
#